data_8ARP
#
_entry.id   8ARP
#
_cell.length_a   145.939
_cell.length_b   168.843
_cell.length_c   168.870
_cell.angle_alpha   90.000
_cell.angle_beta   90.000
_cell.angle_gamma   90.000
#
_symmetry.space_group_name_H-M   'P 21 21 21'
#
loop_
_entity.id
_entity.type
_entity.pdbx_description
1 polymer 'ATP-dependent RNA helicase DBP2'
2 non-polymer "ADENOSINE-5'-DIPHOSPHATE"
3 non-polymer 'SULFATE ION'
4 non-polymer 'MAGNESIUM ION'
#
_entity_poly.entity_id   1
_entity_poly.type   'polypeptide(L)'
_entity_poly.pdbx_seq_one_letter_code
;MTYGGRDQQYNKTNYKSRGGDFRGGRNSDRNSYNDRPQGGNYRGGFGGRSNYNQPQELIKPNWDEELPKLPTFEKNFYVE
HESVRDRSDSEIAQFRKENEMTISGHDIPKPITTFDEAGFPDYVLNEVKAEGFDKPTGIQCQGWPMALSGRDMVGIAATG
SGKTLSYCLPGIVHINAQPLLAPGDGPIVLVLAPTRELAVQIQTECSKFGHSSRIRNTCVYGGVPKSQQIRDLSRGSEIV
IATPGRLIDMLEIGKTNLKRVTYLVLDEADRMLDMGFEPQIRKIVDQIRPDRQTLMWSATWPKEVKQLAADYLNDPIQVQ
VGSLELSASHNITQIVEVVSDFEKRDRLNKYLETASQDNEYKTLIFASTKRMCDDITKYLREDGWPALAIHGDKDQRERD
WVLQEFRNGRSPIMVATDVAARGIDVKGINYVINYDMPGNIEDYVHRIGRTGRAGATGTAISFFTEQNKGLGAKLISIMR
EANQNIPPELLKYDRRSYGGGHPRYGGGRGGRGGYGRRGGYGGGRGGYGGNRQRDGGWGNRGRSNY
;
_entity_poly.pdbx_strand_id   A,B,C,D,E,F
#
# COMPACT_ATOMS: atom_id res chain seq x y z
N ASN A 53 19.47 0.80 6.31
CA ASN A 53 20.48 0.57 5.28
C ASN A 53 20.94 -0.87 5.33
N GLN A 54 21.87 -1.25 4.45
CA GLN A 54 22.35 -2.63 4.34
C GLN A 54 23.87 -2.66 4.14
N PRO A 55 24.63 -2.07 5.06
CA PRO A 55 26.05 -1.78 4.82
C PRO A 55 27.10 -2.81 5.25
N GLN A 56 28.32 -2.49 4.83
CA GLN A 56 29.71 -2.73 5.22
C GLN A 56 30.32 -4.12 4.96
N GLU A 57 29.59 -5.12 4.46
CA GLU A 57 29.60 -5.85 3.20
C GLU A 57 30.80 -6.74 2.84
N LEU A 58 31.91 -6.83 3.61
CA LEU A 58 32.79 -7.99 3.33
C LEU A 58 33.37 -8.75 4.53
N ILE A 59 33.11 -8.37 5.77
CA ILE A 59 34.20 -8.57 6.75
C ILE A 59 34.74 -9.99 6.81
N LYS A 60 36.05 -10.12 6.56
CA LYS A 60 36.76 -11.41 6.63
C LYS A 60 37.08 -11.76 8.07
N PRO A 61 36.61 -12.89 8.59
CA PRO A 61 36.96 -13.26 9.97
C PRO A 61 38.39 -13.77 10.06
N ASN A 62 38.88 -13.81 11.30
CA ASN A 62 40.19 -14.38 11.62
C ASN A 62 39.98 -15.77 12.18
N TRP A 63 39.95 -16.77 11.29
CA TRP A 63 39.66 -18.14 11.73
C TRP A 63 40.74 -18.69 12.65
N ASP A 64 41.96 -18.14 12.59
CA ASP A 64 43.07 -18.73 13.32
C ASP A 64 42.93 -18.61 14.82
N GLU A 65 42.05 -17.72 15.32
CA GLU A 65 41.85 -17.58 16.75
C GLU A 65 40.38 -17.62 17.16
N GLU A 66 39.44 -17.60 16.22
CA GLU A 66 38.02 -17.66 16.53
C GLU A 66 37.40 -19.02 16.23
N LEU A 67 38.15 -19.92 15.61
CA LEU A 67 37.78 -21.33 15.45
C LEU A 67 37.80 -22.06 16.80
N PRO A 68 38.67 -21.71 17.74
CA PRO A 68 38.62 -22.35 19.07
C PRO A 68 37.49 -21.85 19.96
N LYS A 69 36.56 -21.06 19.42
CA LYS A 69 35.41 -20.59 20.17
C LYS A 69 34.11 -21.11 19.58
N LEU A 70 34.17 -21.96 18.57
CA LEU A 70 33.02 -22.55 17.92
C LEU A 70 32.90 -24.02 18.30
N PRO A 71 31.69 -24.57 18.32
CA PRO A 71 31.53 -25.97 18.75
C PRO A 71 32.20 -26.94 17.80
N THR A 72 32.36 -28.17 18.28
CA THR A 72 33.00 -29.22 17.53
C THR A 72 31.96 -30.12 16.88
N PHE A 73 32.31 -30.63 15.70
CA PHE A 73 31.41 -31.47 14.93
C PHE A 73 32.18 -32.63 14.32
N GLU A 74 31.45 -33.68 13.97
CA GLU A 74 32.01 -34.87 13.36
C GLU A 74 31.48 -35.03 11.94
N LYS A 75 32.35 -35.49 11.04
CA LYS A 75 32.03 -35.59 9.62
C LYS A 75 31.87 -37.02 9.13
N ASN A 76 32.50 -37.99 9.78
CA ASN A 76 32.49 -39.37 9.32
C ASN A 76 31.35 -40.12 10.01
N PHE A 77 30.46 -40.70 9.22
CA PHE A 77 29.28 -41.40 9.74
C PHE A 77 29.08 -42.77 9.10
N TYR A 78 29.91 -43.16 8.14
CA TYR A 78 29.73 -44.43 7.43
C TYR A 78 30.42 -45.57 8.18
N VAL A 79 29.71 -46.68 8.27
CA VAL A 79 30.24 -47.93 8.84
C VAL A 79 30.05 -49.01 7.79
N GLU A 80 31.17 -49.54 7.29
CA GLU A 80 31.13 -50.49 6.20
C GLU A 80 30.35 -51.74 6.62
N HIS A 81 29.56 -52.27 5.69
CA HIS A 81 28.65 -53.35 5.99
C HIS A 81 29.25 -54.71 5.63
N GLU A 82 28.54 -55.77 6.02
CA GLU A 82 29.08 -57.12 5.92
C GLU A 82 29.37 -57.52 4.48
N SER A 83 28.46 -57.21 3.55
CA SER A 83 28.63 -57.65 2.18
C SER A 83 29.58 -56.77 1.39
N VAL A 84 29.87 -55.57 1.90
CA VAL A 84 30.73 -54.65 1.18
C VAL A 84 32.20 -55.03 1.34
N ARG A 85 32.60 -55.42 2.54
CA ARG A 85 33.97 -55.83 2.82
C ARG A 85 33.95 -57.28 3.29
N ASP A 86 34.62 -58.16 2.56
CA ASP A 86 35.27 -57.78 1.32
C ASP A 86 34.83 -58.75 0.23
N ARG A 87 35.17 -58.48 -1.03
CA ARG A 87 34.62 -59.24 -2.15
C ARG A 87 35.62 -60.13 -2.89
N SER A 88 36.81 -59.68 -3.31
CA SER A 88 37.44 -58.39 -3.06
C SER A 88 38.47 -58.05 -4.11
N ASP A 89 38.51 -56.77 -4.49
CA ASP A 89 39.53 -56.16 -5.34
C ASP A 89 39.42 -56.65 -6.77
N SER A 90 38.49 -57.56 -7.06
CA SER A 90 38.13 -57.93 -8.42
C SER A 90 36.68 -57.60 -8.72
N GLU A 91 35.76 -57.95 -7.83
CA GLU A 91 34.36 -57.59 -8.05
C GLU A 91 34.16 -56.09 -7.92
N ILE A 92 34.92 -55.44 -7.04
CA ILE A 92 34.84 -53.99 -6.97
C ILE A 92 35.69 -53.36 -8.07
N ALA A 93 36.75 -54.04 -8.50
CA ALA A 93 37.54 -53.56 -9.63
C ALA A 93 36.69 -53.53 -10.88
N GLN A 94 36.16 -54.69 -11.29
CA GLN A 94 35.34 -54.74 -12.49
C GLN A 94 34.08 -53.89 -12.36
N PHE A 95 33.44 -53.89 -11.19
CA PHE A 95 32.17 -53.18 -11.06
C PHE A 95 32.34 -51.70 -11.34
N ARG A 96 33.48 -51.13 -10.94
CA ARG A 96 33.78 -49.77 -11.35
C ARG A 96 33.99 -49.68 -12.86
N LYS A 97 34.42 -50.77 -13.50
CA LYS A 97 34.65 -50.75 -14.94
C LYS A 97 33.42 -51.07 -15.78
N GLU A 98 32.41 -51.74 -15.24
CA GLU A 98 31.17 -51.90 -15.99
C GLU A 98 30.21 -50.74 -15.78
N ASN A 99 30.58 -49.76 -14.96
CA ASN A 99 29.80 -48.54 -14.78
C ASN A 99 30.61 -47.30 -15.14
N GLU A 100 31.68 -47.47 -15.91
CA GLU A 100 32.50 -46.37 -16.45
C GLU A 100 33.08 -45.51 -15.33
N MET A 101 33.41 -46.12 -14.19
CA MET A 101 33.91 -45.35 -13.06
C MET A 101 35.41 -45.10 -13.17
N THR A 102 35.83 -43.94 -12.66
CA THR A 102 37.24 -43.56 -12.58
C THR A 102 37.45 -42.81 -11.28
N ILE A 103 38.18 -43.43 -10.35
CA ILE A 103 38.45 -42.87 -9.04
C ILE A 103 39.85 -42.28 -9.02
N SER A 104 40.05 -41.28 -8.15
CA SER A 104 41.37 -40.70 -7.95
C SER A 104 41.42 -40.10 -6.55
N GLY A 105 42.22 -40.66 -5.67
CA GLY A 105 42.39 -40.07 -4.36
C GLY A 105 43.17 -40.98 -3.44
N HIS A 106 42.97 -40.77 -2.14
CA HIS A 106 43.56 -41.58 -1.09
C HIS A 106 42.46 -42.23 -0.25
N ASP A 107 42.66 -43.50 0.11
CA ASP A 107 41.74 -44.24 0.98
C ASP A 107 40.31 -44.24 0.41
N ILE A 108 40.18 -44.70 -0.82
CA ILE A 108 38.87 -44.71 -1.49
C ILE A 108 38.10 -45.94 -1.01
N PRO A 109 36.89 -45.75 -0.47
CA PRO A 109 36.15 -46.89 0.08
C PRO A 109 35.62 -47.83 -1.00
N LYS A 110 35.05 -48.92 -0.53
CA LYS A 110 34.38 -49.88 -1.41
C LYS A 110 33.03 -49.29 -1.85
N PRO A 111 32.68 -49.38 -3.13
CA PRO A 111 31.37 -48.89 -3.56
C PRO A 111 30.23 -49.77 -3.06
N ILE A 112 29.05 -49.16 -2.99
CA ILE A 112 27.84 -49.82 -2.52
C ILE A 112 27.16 -50.53 -3.70
N THR A 113 26.28 -51.49 -3.39
CA THR A 113 25.48 -52.13 -4.43
C THR A 113 23.99 -51.96 -4.23
N THR A 114 23.49 -52.01 -2.99
CA THR A 114 22.07 -51.84 -2.71
C THR A 114 21.89 -50.76 -1.66
N PHE A 115 20.64 -50.33 -1.48
CA PHE A 115 20.38 -49.22 -0.55
C PHE A 115 20.81 -49.55 0.87
N ASP A 116 20.50 -50.76 1.35
CA ASP A 116 20.76 -51.06 2.74
C ASP A 116 22.22 -51.39 3.02
N GLU A 117 23.07 -51.45 1.99
CA GLU A 117 24.50 -51.60 2.21
C GLU A 117 25.18 -50.31 2.62
N ALA A 118 24.46 -49.19 2.57
CA ALA A 118 25.00 -47.91 2.97
C ALA A 118 24.71 -47.66 4.45
N GLY A 119 25.61 -46.92 5.10
CA GLY A 119 25.49 -46.67 6.52
C GLY A 119 24.44 -45.63 6.84
N PHE A 120 23.25 -45.80 6.27
CA PHE A 120 22.15 -44.88 6.50
C PHE A 120 21.28 -45.37 7.65
N PRO A 121 20.75 -44.47 8.45
CA PRO A 121 19.79 -44.88 9.48
C PRO A 121 18.50 -45.36 8.85
N ASP A 122 17.57 -45.86 9.67
CA ASP A 122 16.36 -46.44 9.11
C ASP A 122 15.30 -45.41 8.77
N TYR A 123 15.34 -44.23 9.39
CA TYR A 123 14.30 -43.24 9.13
C TYR A 123 14.51 -42.52 7.81
N VAL A 124 15.73 -42.52 7.27
CA VAL A 124 15.94 -42.03 5.92
C VAL A 124 15.87 -43.16 4.89
N LEU A 125 16.14 -44.39 5.31
CA LEU A 125 16.01 -45.52 4.39
C LEU A 125 14.56 -45.76 4.03
N ASN A 126 13.66 -45.65 5.01
CA ASN A 126 12.24 -45.79 4.75
C ASN A 126 11.68 -44.63 3.92
N GLU A 127 12.52 -43.67 3.53
CA GLU A 127 12.12 -42.60 2.64
C GLU A 127 12.34 -42.98 1.18
N VAL A 128 13.50 -43.57 0.89
CA VAL A 128 13.72 -44.14 -0.43
C VAL A 128 12.79 -45.33 -0.64
N LYS A 129 12.45 -46.04 0.43
CA LYS A 129 11.47 -47.13 0.34
C LYS A 129 10.14 -46.63 -0.22
N ALA A 130 9.57 -45.60 0.40
CA ALA A 130 8.31 -45.04 -0.08
C ALA A 130 8.47 -44.38 -1.45
N GLU A 131 9.67 -43.92 -1.77
CA GLU A 131 9.89 -43.33 -3.09
C GLU A 131 9.97 -44.38 -4.19
N GLY A 132 10.06 -45.65 -3.84
CA GLY A 132 10.12 -46.72 -4.81
C GLY A 132 11.23 -46.54 -5.83
N PHE A 133 12.48 -46.59 -5.37
CA PHE A 133 13.63 -46.44 -6.26
C PHE A 133 14.39 -47.75 -6.34
N ASP A 134 14.88 -48.04 -7.54
CA ASP A 134 15.54 -49.30 -7.86
C ASP A 134 17.04 -49.10 -8.02
N LYS A 135 17.84 -49.81 -7.21
CA LYS A 135 19.24 -50.02 -7.60
C LYS A 135 20.01 -48.73 -7.81
N PRO A 136 20.27 -47.96 -6.75
CA PRO A 136 20.74 -46.57 -6.91
C PRO A 136 21.89 -46.41 -7.90
N THR A 137 21.98 -45.19 -8.45
CA THR A 137 22.90 -44.88 -9.53
C THR A 137 24.35 -45.20 -9.13
N GLY A 138 25.20 -45.44 -10.13
CA GLY A 138 26.61 -45.70 -9.85
C GLY A 138 27.27 -44.60 -9.05
N ILE A 139 27.02 -43.34 -9.43
CA ILE A 139 27.56 -42.22 -8.65
C ILE A 139 27.03 -42.27 -7.22
N GLN A 140 25.83 -42.84 -7.03
CA GLN A 140 25.33 -43.08 -5.69
C GLN A 140 25.97 -44.31 -5.07
N CYS A 141 26.36 -45.28 -5.89
CA CYS A 141 26.92 -46.53 -5.36
C CYS A 141 28.29 -46.30 -4.74
N GLN A 142 29.04 -45.30 -5.22
CA GLN A 142 30.29 -44.94 -4.59
C GLN A 142 30.30 -43.52 -4.03
N GLY A 143 29.47 -42.63 -4.55
CA GLY A 143 29.45 -41.27 -4.01
C GLY A 143 28.96 -41.22 -2.58
N TRP A 144 28.07 -42.14 -2.20
CA TRP A 144 27.54 -42.11 -0.83
C TRP A 144 28.62 -42.44 0.20
N PRO A 145 29.30 -43.60 0.15
CA PRO A 145 30.23 -43.92 1.24
C PRO A 145 31.40 -42.96 1.35
N MET A 146 31.74 -42.25 0.26
CA MET A 146 32.78 -41.24 0.35
C MET A 146 32.27 -40.02 1.11
N ALA A 147 31.04 -39.59 0.82
CA ALA A 147 30.48 -38.44 1.53
C ALA A 147 30.15 -38.80 2.98
N LEU A 148 29.64 -40.00 3.22
CA LEU A 148 29.35 -40.42 4.59
C LEU A 148 30.61 -40.57 5.43
N SER A 149 31.79 -40.59 4.80
CA SER A 149 33.04 -40.75 5.52
C SER A 149 33.69 -39.42 5.89
N GLY A 150 33.00 -38.31 5.67
CA GLY A 150 33.58 -37.03 6.04
C GLY A 150 34.67 -36.53 5.13
N ARG A 151 34.74 -37.02 3.89
CA ARG A 151 35.80 -36.68 2.96
C ARG A 151 35.31 -35.66 1.94
N ASP A 152 36.17 -34.69 1.63
CA ASP A 152 35.90 -33.79 0.51
C ASP A 152 36.03 -34.59 -0.78
N MET A 153 35.02 -34.48 -1.66
CA MET A 153 34.97 -35.30 -2.87
C MET A 153 34.46 -34.49 -4.05
N VAL A 154 34.81 -34.95 -5.24
CA VAL A 154 34.32 -34.37 -6.48
C VAL A 154 33.58 -35.46 -7.25
N GLY A 155 32.39 -35.14 -7.74
CA GLY A 155 31.61 -36.08 -8.51
C GLY A 155 31.30 -35.57 -9.90
N ILE A 156 31.76 -36.27 -10.93
CA ILE A 156 31.55 -35.89 -12.31
C ILE A 156 30.64 -36.93 -12.95
N ALA A 157 29.54 -36.46 -13.53
CA ALA A 157 28.54 -37.31 -14.16
C ALA A 157 27.61 -36.43 -14.97
N ALA A 158 26.79 -37.06 -15.80
CA ALA A 158 25.83 -36.30 -16.59
C ALA A 158 24.78 -35.70 -15.68
N THR A 159 24.17 -34.61 -16.14
CA THR A 159 23.27 -33.86 -15.28
C THR A 159 21.96 -34.61 -15.13
N GLY A 160 21.84 -35.40 -14.06
CA GLY A 160 20.61 -36.11 -13.83
C GLY A 160 20.74 -37.56 -13.39
N SER A 161 21.96 -38.10 -13.31
CA SER A 161 22.02 -39.52 -13.02
C SER A 161 21.87 -39.82 -11.53
N GLY A 162 22.77 -39.31 -10.71
CA GLY A 162 22.56 -39.40 -9.27
C GLY A 162 22.99 -38.23 -8.41
N LYS A 163 23.40 -37.10 -9.01
CA LYS A 163 24.29 -36.21 -8.27
C LYS A 163 23.58 -35.50 -7.13
N THR A 164 22.32 -35.10 -7.32
CA THR A 164 21.67 -34.24 -6.34
C THR A 164 21.56 -34.93 -4.98
N LEU A 165 20.85 -36.05 -4.93
CA LEU A 165 20.68 -36.81 -3.70
C LEU A 165 21.95 -37.50 -3.24
N SER A 166 23.03 -37.47 -4.03
CA SER A 166 24.28 -38.07 -3.59
C SER A 166 24.86 -37.32 -2.39
N TYR A 167 24.47 -36.06 -2.19
CA TYR A 167 24.88 -35.30 -1.03
C TYR A 167 23.72 -34.89 -0.13
N CYS A 168 22.48 -35.08 -0.58
CA CYS A 168 21.34 -34.71 0.26
C CYS A 168 21.14 -35.73 1.38
N LEU A 169 21.13 -37.02 1.04
CA LEU A 169 20.95 -38.04 2.06
C LEU A 169 22.10 -38.07 3.06
N PRO A 170 23.38 -38.01 2.66
CA PRO A 170 24.43 -37.86 3.66
C PRO A 170 24.43 -36.51 4.34
N GLY A 171 23.82 -35.49 3.72
CA GLY A 171 23.71 -34.20 4.36
C GLY A 171 22.70 -34.18 5.48
N ILE A 172 21.72 -35.09 5.43
CA ILE A 172 20.69 -35.12 6.45
C ILE A 172 21.21 -35.79 7.72
N VAL A 173 21.94 -36.90 7.57
CA VAL A 173 22.53 -37.53 8.74
C VAL A 173 23.58 -36.61 9.36
N HIS A 174 24.15 -35.72 8.56
CA HIS A 174 25.02 -34.68 9.12
C HIS A 174 24.22 -33.69 9.96
N ILE A 175 22.96 -33.47 9.60
CA ILE A 175 22.14 -32.49 10.30
C ILE A 175 21.65 -33.04 11.64
N ASN A 176 21.14 -34.28 11.63
CA ASN A 176 20.52 -34.83 12.82
C ASN A 176 21.53 -35.15 13.92
N ALA A 177 22.83 -35.05 13.64
CA ALA A 177 23.88 -35.28 14.61
C ALA A 177 24.23 -34.05 15.42
N GLN A 178 23.60 -32.91 15.15
CA GLN A 178 23.93 -31.65 15.81
C GLN A 178 22.76 -31.16 16.65
N PRO A 179 23.03 -30.28 17.63
CA PRO A 179 21.94 -29.70 18.42
C PRO A 179 21.00 -28.86 17.57
N LEU A 180 19.92 -28.42 18.20
CA LEU A 180 18.90 -27.64 17.52
C LEU A 180 19.44 -26.26 17.15
N LEU A 181 18.71 -25.58 16.27
CA LEU A 181 19.24 -24.41 15.57
C LEU A 181 19.32 -23.14 16.41
N ALA A 182 18.67 -23.08 17.58
CA ALA A 182 18.87 -21.91 18.45
C ALA A 182 18.63 -20.59 17.71
N PRO A 183 17.37 -20.25 17.35
CA PRO A 183 17.10 -19.27 16.29
C PRO A 183 17.96 -18.01 16.31
N GLY A 184 18.32 -17.57 15.11
CA GLY A 184 19.43 -16.65 14.87
C GLY A 184 20.72 -17.33 14.49
N ASP A 185 20.75 -18.66 14.44
CA ASP A 185 21.82 -19.43 13.81
C ASP A 185 21.43 -19.77 12.39
N GLY A 186 22.39 -19.68 11.48
CA GLY A 186 22.15 -20.00 10.09
C GLY A 186 22.14 -21.50 9.86
N PRO A 187 22.27 -21.90 8.60
CA PRO A 187 22.09 -23.31 8.25
C PRO A 187 23.35 -24.13 8.49
N ILE A 188 23.14 -25.44 8.60
CA ILE A 188 24.24 -26.38 8.71
C ILE A 188 24.74 -26.79 7.33
N VAL A 189 23.81 -26.94 6.39
CA VAL A 189 24.12 -27.27 5.01
C VAL A 189 23.96 -26.02 4.17
N LEU A 190 24.93 -25.78 3.28
CA LEU A 190 24.87 -24.67 2.35
C LEU A 190 25.12 -25.22 0.96
N VAL A 191 24.16 -25.01 0.08
CA VAL A 191 24.23 -25.50 -1.29
C VAL A 191 24.30 -24.29 -2.22
N LEU A 192 25.19 -24.35 -3.19
CA LEU A 192 25.38 -23.25 -4.13
C LEU A 192 25.04 -23.74 -5.52
N ALA A 193 24.09 -23.05 -6.16
CA ALA A 193 23.67 -23.35 -7.51
C ALA A 193 23.77 -22.09 -8.36
N PRO A 194 24.01 -22.22 -9.66
CA PRO A 194 24.21 -21.00 -10.48
C PRO A 194 22.93 -20.25 -10.78
N THR A 195 21.81 -20.93 -10.97
CA THR A 195 20.59 -20.31 -11.42
C THR A 195 19.43 -20.62 -10.49
N ARG A 196 18.39 -19.79 -10.60
CA ARG A 196 17.17 -20.01 -9.83
C ARG A 196 16.51 -21.33 -10.20
N GLU A 197 16.47 -21.64 -11.50
CA GLU A 197 15.76 -22.83 -11.96
C GLU A 197 16.47 -24.10 -11.51
N LEU A 198 17.79 -24.02 -11.27
CA LEU A 198 18.54 -25.15 -10.74
C LEU A 198 18.49 -25.21 -9.23
N ALA A 199 18.57 -24.06 -8.56
CA ALA A 199 18.53 -24.04 -7.11
C ALA A 199 17.19 -24.52 -6.57
N VAL A 200 16.11 -24.27 -7.31
CA VAL A 200 14.79 -24.73 -6.88
C VAL A 200 14.73 -26.25 -6.87
N GLN A 201 15.24 -26.88 -7.93
CA GLN A 201 15.17 -28.35 -8.01
C GLN A 201 15.95 -29.02 -6.89
N ILE A 202 17.06 -28.42 -6.46
CA ILE A 202 17.79 -28.95 -5.31
C ILE A 202 16.90 -28.94 -4.08
N GLN A 203 16.23 -27.80 -3.84
CA GLN A 203 15.30 -27.72 -2.72
C GLN A 203 14.07 -28.59 -2.94
N THR A 204 13.64 -28.73 -4.19
CA THR A 204 12.47 -29.55 -4.45
C THR A 204 12.73 -31.02 -4.11
N GLU A 205 13.99 -31.45 -4.18
CA GLU A 205 14.32 -32.81 -3.80
C GLU A 205 14.89 -32.95 -2.40
N CYS A 206 15.40 -31.87 -1.81
CA CYS A 206 15.77 -31.95 -0.40
C CYS A 206 14.55 -31.94 0.49
N SER A 207 13.47 -31.30 0.03
CA SER A 207 12.19 -31.31 0.71
C SER A 207 11.43 -32.62 0.55
N LYS A 208 12.06 -33.62 -0.07
CA LYS A 208 11.42 -34.92 -0.27
C LYS A 208 11.93 -35.98 0.69
N PHE A 209 13.08 -35.76 1.33
CA PHE A 209 13.63 -36.70 2.29
C PHE A 209 13.87 -36.07 3.66
N GLY A 210 13.33 -34.88 3.91
CA GLY A 210 13.59 -34.18 5.15
C GLY A 210 12.36 -33.95 6.00
N HIS A 211 11.38 -34.84 5.89
CA HIS A 211 10.18 -34.75 6.73
C HIS A 211 10.12 -35.80 7.83
N SER A 212 10.69 -36.99 7.61
CA SER A 212 10.83 -37.93 8.71
C SER A 212 11.71 -37.32 9.80
N SER A 213 12.95 -36.98 9.45
CA SER A 213 13.76 -36.06 10.23
C SER A 213 13.29 -34.66 9.88
N ARG A 214 12.41 -34.08 10.72
CA ARG A 214 11.91 -32.74 10.43
C ARG A 214 13.06 -31.82 10.08
N ILE A 215 13.01 -31.26 8.86
CA ILE A 215 14.11 -30.47 8.32
C ILE A 215 13.54 -29.45 7.35
N ARG A 216 14.07 -28.24 7.40
CA ARG A 216 13.64 -27.13 6.56
C ARG A 216 14.76 -26.72 5.61
N ASN A 217 14.38 -26.31 4.40
CA ASN A 217 15.33 -25.83 3.41
C ASN A 217 14.76 -24.63 2.66
N THR A 218 15.64 -23.73 2.24
CA THR A 218 15.26 -22.46 1.64
C THR A 218 16.08 -22.21 0.38
N CYS A 219 15.50 -21.44 -0.54
CA CYS A 219 16.18 -20.96 -1.74
C CYS A 219 16.22 -19.45 -1.73
N VAL A 220 17.41 -18.89 -1.93
CA VAL A 220 17.62 -17.45 -2.06
C VAL A 220 18.29 -17.19 -3.40
N TYR A 221 17.72 -16.28 -4.18
CA TYR A 221 18.11 -16.09 -5.56
C TYR A 221 17.62 -14.74 -6.07
N GLY A 222 18.32 -14.22 -7.09
CA GLY A 222 18.05 -12.88 -7.58
C GLY A 222 16.84 -12.78 -8.48
N GLY A 223 16.53 -11.54 -8.85
CA GLY A 223 15.40 -11.26 -9.71
C GLY A 223 14.06 -11.22 -9.01
N VAL A 224 14.02 -11.42 -7.69
CA VAL A 224 12.77 -11.54 -6.95
C VAL A 224 12.92 -10.75 -5.66
N PRO A 225 11.82 -10.18 -5.15
CA PRO A 225 11.93 -9.51 -3.84
C PRO A 225 12.42 -10.44 -2.76
N LYS A 226 13.21 -9.88 -1.85
CA LYS A 226 13.82 -10.64 -0.77
C LYS A 226 12.99 -10.63 0.51
N SER A 227 11.91 -9.84 0.57
CA SER A 227 11.12 -9.76 1.79
C SER A 227 10.59 -11.12 2.20
N GLN A 228 9.99 -11.86 1.26
CA GLN A 228 9.51 -13.20 1.58
C GLN A 228 10.66 -14.18 1.78
N GLN A 229 11.80 -13.94 1.13
CA GLN A 229 12.95 -14.84 1.32
C GLN A 229 13.57 -14.67 2.68
N ILE A 230 13.29 -13.56 3.37
CA ILE A 230 13.77 -13.39 4.73
C ILE A 230 12.75 -13.93 5.74
N ARG A 231 11.45 -13.87 5.42
CA ARG A 231 10.46 -14.39 6.35
C ARG A 231 10.47 -15.91 6.45
N ASP A 232 11.15 -16.60 5.54
CA ASP A 232 11.41 -18.03 5.71
C ASP A 232 12.71 -18.28 6.46
N LEU A 233 13.72 -17.43 6.22
CA LEU A 233 14.93 -17.50 7.03
C LEU A 233 14.64 -17.08 8.46
N SER A 234 13.62 -16.24 8.65
CA SER A 234 13.16 -15.93 10.01
C SER A 234 12.78 -17.19 10.76
N ARG A 235 12.26 -18.20 10.06
CA ARG A 235 11.90 -19.45 10.69
C ARG A 235 13.10 -20.34 10.97
N GLY A 236 14.27 -20.02 10.43
CA GLY A 236 15.41 -20.90 10.63
C GLY A 236 15.36 -22.06 9.67
N SER A 237 16.51 -22.48 9.15
CA SER A 237 16.54 -23.59 8.22
C SER A 237 17.87 -24.32 8.31
N GLU A 238 17.79 -25.65 8.32
CA GLU A 238 18.98 -26.49 8.36
C GLU A 238 19.75 -26.40 7.03
N ILE A 239 19.03 -26.35 5.92
CA ILE A 239 19.60 -26.39 4.58
C ILE A 239 19.19 -25.12 3.85
N VAL A 240 20.13 -24.56 3.11
CA VAL A 240 19.82 -23.45 2.21
C VAL A 240 20.49 -23.73 0.87
N ILE A 241 19.76 -23.48 -0.21
CA ILE A 241 20.28 -23.60 -1.57
C ILE A 241 20.34 -22.17 -2.09
N ALA A 242 21.54 -21.68 -2.36
CA ALA A 242 21.75 -20.26 -2.55
C ALA A 242 22.41 -19.96 -3.88
N THR A 243 21.94 -18.91 -4.52
CA THR A 243 22.59 -18.28 -5.65
C THR A 243 23.67 -17.32 -5.13
N PRO A 244 24.85 -17.31 -5.72
CA PRO A 244 25.91 -16.41 -5.20
C PRO A 244 25.48 -14.96 -5.11
N GLY A 245 24.74 -14.46 -6.10
CA GLY A 245 24.37 -13.05 -6.08
C GLY A 245 23.49 -12.69 -4.90
N ARG A 246 22.39 -13.42 -4.72
CA ARG A 246 21.47 -13.11 -3.62
C ARG A 246 22.00 -13.60 -2.28
N LEU A 247 22.97 -14.52 -2.27
CA LEU A 247 23.56 -14.94 -1.00
C LEU A 247 24.53 -13.90 -0.46
N ILE A 248 25.34 -13.30 -1.34
CA ILE A 248 26.25 -12.25 -0.91
C ILE A 248 25.48 -11.08 -0.33
N ASP A 249 24.25 -10.87 -0.81
CA ASP A 249 23.53 -9.67 -0.39
C ASP A 249 22.94 -9.83 1.00
N MET A 250 22.28 -10.96 1.27
CA MET A 250 21.66 -11.14 2.58
C MET A 250 22.68 -11.28 3.69
N LEU A 251 23.91 -11.67 3.37
CA LEU A 251 24.97 -11.66 4.38
C LEU A 251 25.43 -10.25 4.68
N GLU A 252 25.39 -9.36 3.69
CA GLU A 252 25.79 -7.98 3.91
C GLU A 252 24.71 -7.19 4.65
N ILE A 253 23.46 -7.65 4.58
CA ILE A 253 22.36 -7.02 5.29
C ILE A 253 22.09 -7.71 6.62
N GLY A 254 22.83 -8.75 6.94
CA GLY A 254 22.75 -9.43 8.23
C GLY A 254 21.45 -10.17 8.48
N LYS A 255 20.90 -10.83 7.46
CA LYS A 255 19.69 -11.61 7.63
C LYS A 255 19.96 -13.11 7.65
N THR A 256 21.22 -13.52 7.70
CA THR A 256 21.62 -14.91 7.90
C THR A 256 23.12 -14.91 8.18
N ASN A 257 23.60 -16.03 8.73
CA ASN A 257 25.01 -16.19 9.04
C ASN A 257 25.46 -17.59 8.64
N LEU A 258 26.74 -17.70 8.25
CA LEU A 258 27.32 -18.97 7.87
C LEU A 258 28.17 -19.58 8.98
N LYS A 259 27.79 -19.35 10.24
CA LYS A 259 28.57 -19.89 11.34
C LYS A 259 28.23 -21.34 11.66
N ARG A 260 27.04 -21.81 11.30
CA ARG A 260 26.69 -23.20 11.51
C ARG A 260 26.94 -24.06 10.28
N VAL A 261 27.41 -23.47 9.18
CA VAL A 261 27.66 -24.24 7.96
C VAL A 261 28.93 -25.05 8.17
N THR A 262 28.79 -26.37 8.24
CA THR A 262 29.92 -27.27 8.31
C THR A 262 29.99 -28.24 7.14
N TYR A 263 29.00 -28.26 6.26
CA TYR A 263 28.90 -29.25 5.20
C TYR A 263 28.49 -28.49 3.94
N LEU A 264 29.48 -28.19 3.11
CA LEU A 264 29.34 -27.28 1.97
C LEU A 264 29.24 -28.06 0.67
N VAL A 265 28.31 -27.66 -0.19
CA VAL A 265 28.11 -28.31 -1.47
C VAL A 265 28.22 -27.26 -2.57
N LEU A 266 28.92 -27.62 -3.65
CA LEU A 266 29.11 -26.75 -4.81
C LEU A 266 28.64 -27.54 -6.03
N ASP A 267 27.35 -27.45 -6.34
CA ASP A 267 26.78 -28.14 -7.48
C ASP A 267 26.91 -27.28 -8.74
N GLU A 268 27.05 -27.95 -9.88
CA GLU A 268 27.15 -27.31 -11.19
C GLU A 268 28.32 -26.33 -11.22
N ALA A 269 29.51 -26.85 -10.91
CA ALA A 269 30.70 -26.01 -10.85
C ALA A 269 31.04 -25.43 -12.21
N ASP A 270 30.85 -26.20 -13.28
CA ASP A 270 31.18 -25.71 -14.61
C ASP A 270 30.30 -24.54 -15.01
N ARG A 271 29.04 -24.53 -14.56
CA ARG A 271 28.18 -23.38 -14.83
C ARG A 271 28.70 -22.12 -14.12
N MET A 272 29.09 -22.26 -12.85
CA MET A 272 29.49 -21.10 -12.07
C MET A 272 30.74 -20.45 -12.63
N LEU A 273 31.69 -21.24 -13.11
CA LEU A 273 32.89 -20.66 -13.69
C LEU A 273 32.59 -19.97 -15.01
N ASP A 274 31.59 -20.47 -15.75
CA ASP A 274 31.19 -19.81 -16.99
C ASP A 274 30.44 -18.51 -16.74
N MET A 275 29.84 -18.36 -15.56
CA MET A 275 29.09 -17.16 -15.22
C MET A 275 29.87 -16.20 -14.33
N GLY A 276 31.16 -16.40 -14.17
CA GLY A 276 31.96 -15.49 -13.36
C GLY A 276 31.60 -15.47 -11.89
N PHE A 277 31.20 -16.63 -11.34
CA PHE A 277 30.76 -16.70 -9.96
C PHE A 277 31.89 -16.95 -8.97
N GLU A 278 33.08 -17.30 -9.45
CA GLU A 278 34.19 -17.59 -8.54
C GLU A 278 34.51 -16.44 -7.60
N PRO A 279 34.70 -15.20 -8.05
CA PRO A 279 35.03 -14.13 -7.08
C PRO A 279 33.94 -13.90 -6.06
N GLN A 280 32.69 -14.28 -6.36
CA GLN A 280 31.64 -14.20 -5.34
C GLN A 280 31.67 -15.41 -4.44
N ILE A 281 32.04 -16.57 -4.99
CA ILE A 281 32.15 -17.78 -4.18
C ILE A 281 33.33 -17.66 -3.22
N ARG A 282 34.45 -17.11 -3.71
CA ARG A 282 35.62 -16.96 -2.85
C ARG A 282 35.28 -16.14 -1.62
N LYS A 283 34.37 -15.16 -1.76
CA LYS A 283 33.92 -14.41 -0.60
C LYS A 283 32.96 -15.20 0.28
N ILE A 284 32.19 -16.13 -0.30
CA ILE A 284 31.24 -16.90 0.50
C ILE A 284 31.97 -17.86 1.43
N VAL A 285 33.01 -18.54 0.92
CA VAL A 285 33.75 -19.48 1.76
C VAL A 285 34.69 -18.77 2.71
N ASP A 286 34.88 -17.46 2.54
CA ASP A 286 35.65 -16.72 3.53
C ASP A 286 34.93 -16.65 4.86
N GLN A 287 33.62 -16.89 4.86
CA GLN A 287 32.81 -16.82 6.07
C GLN A 287 32.42 -18.20 6.59
N ILE A 288 33.04 -19.26 6.09
CA ILE A 288 32.78 -20.62 6.57
C ILE A 288 34.03 -21.15 7.22
N ARG A 289 33.85 -21.94 8.27
CA ARG A 289 34.97 -22.51 8.99
C ARG A 289 35.79 -23.42 8.07
N PRO A 290 37.12 -23.37 8.14
CA PRO A 290 37.94 -24.15 7.19
C PRO A 290 37.85 -25.65 7.38
N ASP A 291 37.44 -26.14 8.56
CA ASP A 291 37.31 -27.57 8.77
C ASP A 291 35.96 -28.10 8.31
N ARG A 292 35.27 -27.32 7.49
CA ARG A 292 34.06 -27.73 6.82
C ARG A 292 34.32 -28.93 5.92
N GLN A 293 33.23 -29.58 5.50
CA GLN A 293 33.30 -30.65 4.51
C GLN A 293 32.69 -30.08 3.24
N THR A 294 33.53 -29.93 2.22
CA THR A 294 33.11 -29.34 0.96
C THR A 294 32.92 -30.44 -0.08
N LEU A 295 31.84 -30.35 -0.84
CA LEU A 295 31.49 -31.36 -1.83
C LEU A 295 31.23 -30.67 -3.17
N MET A 296 32.04 -31.00 -4.16
CA MET A 296 31.92 -30.40 -5.49
C MET A 296 31.25 -31.38 -6.44
N TRP A 297 30.45 -30.84 -7.35
CA TRP A 297 29.68 -31.64 -8.30
C TRP A 297 29.61 -30.88 -9.62
N SER A 298 29.76 -31.60 -10.73
CA SER A 298 29.81 -30.96 -12.03
C SER A 298 29.40 -31.98 -13.10
N ALA A 299 29.31 -31.49 -14.34
CA ALA A 299 29.01 -32.33 -15.49
C ALA A 299 30.23 -32.55 -16.39
N THR A 300 31.12 -31.58 -16.49
CA THR A 300 32.33 -31.64 -17.30
C THR A 300 33.54 -31.55 -16.38
N TRP A 301 34.73 -31.61 -16.96
CA TRP A 301 35.98 -31.58 -16.21
C TRP A 301 37.05 -30.83 -16.99
N PRO A 302 36.87 -29.52 -17.17
CA PRO A 302 37.93 -28.71 -17.78
C PRO A 302 38.95 -28.31 -16.73
N LYS A 303 39.92 -27.51 -17.18
CA LYS A 303 41.07 -27.15 -16.37
C LYS A 303 40.74 -26.13 -15.28
N GLU A 304 39.63 -25.41 -15.41
CA GLU A 304 39.22 -24.46 -14.40
C GLU A 304 38.38 -25.08 -13.29
N VAL A 305 37.66 -26.17 -13.57
CA VAL A 305 36.94 -26.85 -12.50
C VAL A 305 37.92 -27.58 -11.58
N LYS A 306 38.95 -28.21 -12.15
CA LYS A 306 39.86 -28.97 -11.33
C LYS A 306 40.93 -28.09 -10.69
N GLN A 307 41.08 -26.86 -11.18
CA GLN A 307 41.84 -25.88 -10.43
C GLN A 307 41.05 -25.40 -9.23
N LEU A 308 39.74 -25.26 -9.40
CA LEU A 308 38.88 -24.82 -8.30
C LEU A 308 38.78 -25.89 -7.23
N ALA A 309 38.89 -27.17 -7.61
CA ALA A 309 38.83 -28.23 -6.60
C ALA A 309 40.09 -28.24 -5.75
N ALA A 310 41.25 -28.00 -6.37
CA ALA A 310 42.50 -27.99 -5.63
C ALA A 310 42.63 -26.77 -4.73
N ASP A 311 41.95 -25.67 -5.04
CA ASP A 311 42.08 -24.47 -4.24
C ASP A 311 41.23 -24.49 -2.98
N TYR A 312 40.16 -25.29 -2.95
CA TYR A 312 39.23 -25.29 -1.83
C TYR A 312 39.10 -26.61 -1.10
N LEU A 313 39.48 -27.74 -1.69
CA LEU A 313 39.30 -29.03 -1.05
C LEU A 313 40.57 -29.48 -0.34
N ASN A 314 40.39 -30.15 0.79
CA ASN A 314 41.49 -30.72 1.56
C ASN A 314 41.50 -32.23 1.35
N ASP A 315 42.56 -32.73 0.70
CA ASP A 315 42.72 -34.13 0.35
C ASP A 315 41.45 -34.66 -0.32
N PRO A 316 41.15 -34.22 -1.54
CA PRO A 316 39.93 -34.65 -2.21
C PRO A 316 40.11 -35.98 -2.92
N ILE A 317 39.01 -36.71 -3.03
CA ILE A 317 38.97 -38.00 -3.71
C ILE A 317 37.98 -37.88 -4.87
N GLN A 318 38.51 -37.82 -6.09
CA GLN A 318 37.70 -37.69 -7.29
C GLN A 318 37.02 -39.00 -7.66
N VAL A 319 35.85 -38.88 -8.27
CA VAL A 319 35.15 -40.01 -8.86
C VAL A 319 34.51 -39.56 -10.17
N GLN A 320 34.87 -40.24 -11.25
CA GLN A 320 34.32 -39.96 -12.57
C GLN A 320 33.47 -41.16 -12.99
N VAL A 321 32.24 -40.90 -13.44
CA VAL A 321 31.28 -41.96 -13.75
C VAL A 321 30.82 -41.89 -15.20
N GLY A 322 30.46 -40.70 -15.68
CA GLY A 322 29.80 -40.57 -16.95
C GLY A 322 30.70 -40.91 -18.13
N SER A 323 30.18 -40.63 -19.32
CA SER A 323 30.87 -40.91 -20.56
C SER A 323 31.50 -39.68 -21.19
N LEU A 324 31.03 -38.49 -20.84
CA LEU A 324 31.64 -37.20 -21.17
C LEU A 324 31.42 -36.80 -22.62
N GLU A 325 30.78 -37.62 -23.44
CA GLU A 325 30.69 -37.40 -24.87
C GLU A 325 29.22 -37.20 -25.26
N LEU A 326 28.99 -36.27 -26.19
CA LEU A 326 27.66 -35.86 -26.62
C LEU A 326 27.50 -36.26 -28.08
N SER A 327 26.81 -37.37 -28.33
CA SER A 327 26.83 -37.96 -29.66
C SER A 327 25.87 -37.29 -30.65
N ALA A 328 24.89 -36.51 -30.19
CA ALA A 328 24.09 -35.65 -31.07
C ALA A 328 23.42 -36.43 -32.21
N SER A 329 22.55 -37.37 -31.82
CA SER A 329 21.96 -38.33 -32.76
C SER A 329 21.52 -37.67 -34.06
N HIS A 330 21.78 -38.35 -35.18
CA HIS A 330 21.79 -37.72 -36.49
C HIS A 330 20.45 -37.74 -37.22
N ASN A 331 19.38 -38.24 -36.62
CA ASN A 331 18.09 -38.24 -37.32
C ASN A 331 17.22 -37.06 -36.94
N ILE A 332 17.84 -35.96 -36.50
CA ILE A 332 17.18 -34.70 -36.23
C ILE A 332 17.87 -33.61 -37.04
N THR A 333 17.10 -32.88 -37.83
CA THR A 333 17.65 -31.78 -38.63
C THR A 333 17.74 -30.54 -37.76
N GLN A 334 18.95 -30.02 -37.58
CA GLN A 334 19.21 -28.93 -36.64
C GLN A 334 19.31 -27.63 -37.42
N ILE A 335 18.27 -26.81 -37.33
CA ILE A 335 18.20 -25.50 -37.99
C ILE A 335 18.44 -24.42 -36.94
N VAL A 336 19.44 -23.58 -37.17
CA VAL A 336 19.80 -22.51 -36.25
C VAL A 336 19.68 -21.18 -37.00
N GLU A 337 18.99 -20.21 -36.38
CA GLU A 337 18.77 -18.91 -36.97
C GLU A 337 19.36 -17.84 -36.07
N VAL A 338 20.36 -17.11 -36.57
CA VAL A 338 21.01 -16.04 -35.83
C VAL A 338 20.10 -14.82 -35.90
N VAL A 339 19.35 -14.58 -34.82
CA VAL A 339 18.38 -13.51 -34.74
C VAL A 339 18.62 -12.71 -33.47
N SER A 340 17.77 -11.71 -33.24
CA SER A 340 17.73 -10.93 -32.01
C SER A 340 16.40 -11.19 -31.30
N ASP A 341 16.23 -10.60 -30.12
CA ASP A 341 15.13 -11.00 -29.24
C ASP A 341 13.77 -10.46 -29.67
N PHE A 342 13.75 -9.44 -30.53
CA PHE A 342 12.50 -8.82 -30.97
C PHE A 342 11.89 -9.49 -32.19
N GLU A 343 12.62 -10.38 -32.84
CA GLU A 343 12.11 -11.18 -33.96
C GLU A 343 11.60 -12.55 -33.50
N LYS A 344 11.94 -12.97 -32.28
CA LYS A 344 11.69 -14.33 -31.85
C LYS A 344 10.20 -14.67 -31.87
N ARG A 345 9.34 -13.73 -31.48
CA ARG A 345 7.92 -14.03 -31.44
C ARG A 345 7.30 -14.04 -32.83
N ASP A 346 7.80 -13.20 -33.73
CA ASP A 346 7.30 -13.22 -35.10
C ASP A 346 7.65 -14.52 -35.81
N ARG A 347 8.87 -15.01 -35.61
CA ARG A 347 9.28 -16.22 -36.32
C ARG A 347 8.74 -17.47 -35.64
N LEU A 348 8.49 -17.41 -34.34
CA LEU A 348 7.80 -18.50 -33.68
C LEU A 348 6.39 -18.64 -34.25
N ASN A 349 5.70 -17.51 -34.45
CA ASN A 349 4.39 -17.54 -35.07
C ASN A 349 4.45 -18.06 -36.51
N LYS A 350 5.58 -17.87 -37.18
CA LYS A 350 5.71 -18.36 -38.55
C LYS A 350 6.20 -19.80 -38.61
N TYR A 351 6.98 -20.25 -37.61
CA TYR A 351 7.31 -21.67 -37.53
C TYR A 351 6.15 -22.48 -36.96
N LEU A 352 5.26 -21.86 -36.17
CA LEU A 352 4.12 -22.58 -35.64
C LEU A 352 3.03 -22.77 -36.69
N GLU A 353 2.87 -21.80 -37.58
CA GLU A 353 1.94 -21.98 -38.69
C GLU A 353 2.48 -22.98 -39.70
N THR A 354 3.79 -23.21 -39.69
CA THR A 354 4.35 -24.27 -40.52
C THR A 354 4.05 -25.64 -39.92
N ALA A 355 4.19 -25.77 -38.59
CA ALA A 355 3.77 -27.00 -37.92
C ALA A 355 2.27 -27.17 -37.97
N SER A 356 1.52 -26.06 -37.98
CA SER A 356 0.06 -26.13 -38.03
C SER A 356 -0.45 -26.86 -39.26
N GLN A 357 0.37 -26.97 -40.31
CA GLN A 357 -0.04 -27.62 -41.53
C GLN A 357 -0.09 -29.13 -41.39
N ASP A 358 0.65 -29.70 -40.43
CA ASP A 358 0.62 -31.13 -40.18
C ASP A 358 -0.65 -31.53 -39.44
N ASN A 359 -0.90 -32.84 -39.40
CA ASN A 359 -2.07 -33.38 -38.71
C ASN A 359 -1.69 -34.72 -38.09
N GLU A 360 -1.35 -34.69 -36.80
CA GLU A 360 -1.26 -33.46 -36.05
C GLU A 360 0.08 -33.28 -35.35
N TYR A 361 0.68 -32.13 -35.61
CA TYR A 361 1.97 -31.75 -35.04
C TYR A 361 1.93 -31.73 -33.51
N LYS A 362 3.11 -31.74 -32.93
CA LYS A 362 3.28 -31.66 -31.47
C LYS A 362 4.63 -31.02 -31.23
N THR A 363 4.63 -29.74 -30.89
CA THR A 363 5.86 -28.97 -30.76
C THR A 363 6.18 -28.71 -29.29
N LEU A 364 7.47 -28.47 -29.04
CA LEU A 364 7.96 -28.20 -27.69
C LEU A 364 8.88 -26.99 -27.75
N ILE A 365 8.40 -25.85 -27.27
CA ILE A 365 9.20 -24.64 -27.20
C ILE A 365 10.00 -24.67 -25.91
N PHE A 366 11.25 -24.22 -25.97
CA PHE A 366 12.17 -24.29 -24.83
C PHE A 366 12.61 -22.91 -24.40
N ALA A 367 12.52 -22.66 -23.09
CA ALA A 367 13.08 -21.48 -22.46
C ALA A 367 13.96 -21.94 -21.31
N SER A 368 14.80 -21.03 -20.82
CA SER A 368 15.74 -21.38 -19.76
C SER A 368 15.19 -21.11 -18.38
N THR A 369 14.38 -20.07 -18.21
CA THR A 369 13.90 -19.64 -16.91
C THR A 369 12.38 -19.75 -16.82
N LYS A 370 11.88 -19.60 -15.60
CA LYS A 370 10.44 -19.61 -15.36
C LYS A 370 9.78 -18.35 -15.92
N ARG A 371 10.48 -17.21 -15.86
CA ARG A 371 9.81 -15.94 -16.17
C ARG A 371 9.48 -15.81 -17.65
N MET A 372 10.40 -16.22 -18.53
CA MET A 372 10.08 -16.16 -19.95
C MET A 372 9.24 -17.35 -20.39
N CYS A 373 9.45 -18.52 -19.77
CA CYS A 373 8.51 -19.62 -20.00
C CYS A 373 7.09 -19.18 -19.69
N ASP A 374 6.91 -18.31 -18.69
CA ASP A 374 5.61 -17.68 -18.48
C ASP A 374 5.31 -16.64 -19.54
N ASP A 375 6.35 -15.94 -20.03
CA ASP A 375 6.13 -14.95 -21.09
C ASP A 375 5.71 -15.62 -22.38
N ILE A 376 6.45 -16.66 -22.79
CA ILE A 376 6.19 -17.30 -24.08
C ILE A 376 4.77 -17.83 -24.14
N THR A 377 4.34 -18.56 -23.10
CA THR A 377 3.00 -19.12 -23.14
C THR A 377 1.94 -18.04 -22.92
N LYS A 378 2.28 -16.96 -22.22
CA LYS A 378 1.39 -15.80 -22.17
C LYS A 378 1.18 -15.22 -23.56
N TYR A 379 2.24 -15.14 -24.35
CA TYR A 379 2.20 -14.48 -25.64
C TYR A 379 1.56 -15.36 -26.70
N LEU A 380 1.77 -16.67 -26.63
CA LEU A 380 1.12 -17.58 -27.59
C LEU A 380 -0.39 -17.54 -27.45
N ARG A 381 -0.89 -17.54 -26.21
CA ARG A 381 -2.33 -17.55 -25.98
C ARG A 381 -2.97 -16.28 -26.51
N GLU A 382 -2.24 -15.16 -26.49
CA GLU A 382 -2.79 -13.93 -27.02
C GLU A 382 -2.64 -13.83 -28.53
N ASP A 383 -1.74 -14.61 -29.12
CA ASP A 383 -1.66 -14.69 -30.57
C ASP A 383 -2.65 -15.67 -31.16
N GLY A 384 -3.39 -16.40 -30.33
CA GLY A 384 -4.35 -17.37 -30.81
C GLY A 384 -3.88 -18.80 -30.80
N TRP A 385 -2.88 -19.13 -29.98
CA TRP A 385 -2.28 -20.45 -30.01
C TRP A 385 -2.61 -21.22 -28.74
N PRO A 386 -2.79 -22.54 -28.84
CA PRO A 386 -2.98 -23.36 -27.63
C PRO A 386 -1.62 -23.57 -26.96
N ALA A 387 -1.55 -23.25 -25.67
CA ALA A 387 -0.26 -23.27 -25.00
C ALA A 387 -0.39 -23.82 -23.59
N LEU A 388 0.60 -24.64 -23.21
CA LEU A 388 0.78 -25.11 -21.85
C LEU A 388 2.22 -24.85 -21.45
N ALA A 389 2.46 -24.71 -20.14
CA ALA A 389 3.80 -24.45 -19.66
C ALA A 389 4.11 -25.33 -18.46
N ILE A 390 5.39 -25.62 -18.26
CA ILE A 390 5.86 -26.35 -17.09
C ILE A 390 7.22 -25.80 -16.69
N HIS A 391 7.36 -25.42 -15.42
CA HIS A 391 8.62 -24.92 -14.87
C HIS A 391 8.76 -25.48 -13.45
N GLY A 392 9.77 -25.01 -12.73
CA GLY A 392 10.10 -25.56 -11.44
C GLY A 392 9.52 -24.89 -10.21
N ASP A 393 9.56 -23.54 -10.17
CA ASP A 393 9.13 -22.83 -8.96
C ASP A 393 7.68 -23.19 -8.62
N LYS A 394 6.78 -23.07 -9.58
CA LYS A 394 5.43 -23.59 -9.46
C LYS A 394 5.40 -25.02 -9.99
N ASP A 395 4.20 -25.58 -10.14
CA ASP A 395 4.00 -26.82 -10.90
C ASP A 395 4.83 -27.99 -10.38
N GLN A 396 4.57 -28.38 -9.14
CA GLN A 396 5.15 -29.64 -8.66
C GLN A 396 4.38 -30.84 -9.17
N ARG A 397 3.09 -30.92 -8.86
CA ARG A 397 2.25 -32.03 -9.30
C ARG A 397 1.27 -31.63 -10.39
N GLU A 398 0.88 -30.36 -10.45
CA GLU A 398 0.17 -29.85 -11.62
C GLU A 398 1.05 -29.88 -12.85
N ARG A 399 2.36 -29.99 -12.64
CA ARG A 399 3.30 -30.16 -13.76
C ARG A 399 3.01 -31.43 -14.53
N ASP A 400 2.42 -32.43 -13.87
CA ASP A 400 2.23 -33.74 -14.49
C ASP A 400 0.88 -33.86 -15.17
N TRP A 401 -0.08 -33.01 -14.82
CA TRP A 401 -1.30 -32.93 -15.61
C TRP A 401 -1.03 -32.34 -16.99
N VAL A 402 -0.06 -31.43 -17.08
CA VAL A 402 0.33 -30.88 -18.37
C VAL A 402 0.95 -31.95 -19.27
N LEU A 403 1.88 -32.74 -18.72
CA LEU A 403 2.45 -33.83 -19.51
C LEU A 403 1.38 -34.81 -19.97
N GLN A 404 0.32 -34.98 -19.19
CA GLN A 404 -0.73 -35.91 -19.55
C GLN A 404 -1.62 -35.37 -20.67
N GLU A 405 -1.77 -34.06 -20.77
CA GLU A 405 -2.56 -33.49 -21.86
C GLU A 405 -1.71 -33.33 -23.12
N PHE A 406 -0.40 -33.24 -22.95
CA PHE A 406 0.50 -33.09 -24.08
C PHE A 406 0.78 -34.43 -24.77
N ARG A 407 0.78 -35.54 -24.02
CA ARG A 407 1.05 -36.84 -24.62
C ARG A 407 -0.07 -37.27 -25.55
N ASN A 408 -1.31 -36.93 -25.22
CA ASN A 408 -2.48 -37.45 -25.91
C ASN A 408 -2.97 -36.53 -27.02
N GLY A 409 -2.26 -35.46 -27.30
CA GLY A 409 -2.71 -34.51 -28.29
C GLY A 409 -3.83 -33.61 -27.83
N ARG A 410 -4.10 -33.56 -26.52
CA ARG A 410 -5.07 -32.61 -25.99
C ARG A 410 -4.66 -31.19 -26.36
N SER A 411 -3.37 -30.90 -26.31
CA SER A 411 -2.80 -29.62 -26.68
C SER A 411 -1.56 -29.96 -27.50
N PRO A 412 -1.40 -29.37 -28.68
CA PRO A 412 -0.25 -29.69 -29.53
C PRO A 412 1.02 -28.95 -29.15
N ILE A 413 0.93 -27.93 -28.30
CA ILE A 413 2.07 -27.08 -27.99
C ILE A 413 2.28 -27.04 -26.48
N MET A 414 3.54 -27.19 -26.05
CA MET A 414 3.90 -27.10 -24.64
C MET A 414 5.22 -26.35 -24.50
N VAL A 415 5.26 -25.40 -23.58
CA VAL A 415 6.46 -24.66 -23.24
C VAL A 415 7.03 -25.24 -21.95
N ALA A 416 8.35 -25.22 -21.83
CA ALA A 416 9.00 -25.80 -20.66
C ALA A 416 10.36 -25.18 -20.45
N THR A 417 10.90 -25.40 -19.26
CA THR A 417 12.28 -25.06 -18.95
C THR A 417 13.13 -26.32 -19.08
N ASP A 418 14.45 -26.14 -18.96
CA ASP A 418 15.34 -27.28 -19.08
C ASP A 418 15.18 -28.22 -17.89
N VAL A 419 15.02 -27.66 -16.69
CA VAL A 419 14.85 -28.49 -15.50
C VAL A 419 13.49 -29.17 -15.50
N ALA A 420 12.45 -28.47 -15.98
CA ALA A 420 11.10 -29.01 -15.91
C ALA A 420 10.91 -30.20 -16.85
N ALA A 421 11.63 -30.23 -17.97
CA ALA A 421 11.52 -31.29 -18.95
C ALA A 421 12.56 -32.38 -18.76
N ARG A 422 13.04 -32.57 -17.54
CA ARG A 422 14.11 -33.53 -17.27
C ARG A 422 13.51 -34.93 -17.18
N GLY A 423 14.01 -35.84 -18.01
CA GLY A 423 13.61 -37.23 -17.97
C GLY A 423 12.16 -37.48 -18.31
N ILE A 424 11.69 -36.94 -19.44
CA ILE A 424 10.35 -37.22 -19.93
C ILE A 424 10.48 -37.81 -21.33
N ASP A 425 10.04 -39.06 -21.48
CA ASP A 425 10.02 -39.72 -22.78
C ASP A 425 8.63 -39.57 -23.41
N VAL A 426 8.28 -38.32 -23.72
CA VAL A 426 7.00 -38.02 -24.34
C VAL A 426 7.22 -38.11 -25.85
N LYS A 427 7.09 -39.33 -26.38
CA LYS A 427 7.37 -39.52 -27.80
C LYS A 427 6.23 -38.95 -28.63
N GLY A 428 6.59 -38.36 -29.77
CA GLY A 428 5.62 -37.76 -30.65
C GLY A 428 6.01 -36.35 -31.00
N ILE A 429 7.21 -35.98 -30.60
CA ILE A 429 7.67 -34.60 -30.71
C ILE A 429 8.30 -34.40 -32.08
N ASN A 430 7.62 -33.62 -32.91
CA ASN A 430 8.26 -32.94 -34.02
C ASN A 430 8.41 -31.46 -33.66
N TYR A 431 9.36 -30.80 -34.31
CA TYR A 431 9.51 -29.35 -34.19
C TYR A 431 9.72 -28.90 -32.74
N VAL A 432 10.81 -29.37 -32.12
CA VAL A 432 11.21 -28.82 -30.83
C VAL A 432 11.97 -27.52 -31.09
N ILE A 433 11.42 -26.42 -30.60
CA ILE A 433 11.96 -25.09 -30.89
C ILE A 433 12.69 -24.57 -29.67
N ASN A 434 13.97 -24.23 -29.86
CA ASN A 434 14.77 -23.62 -28.80
C ASN A 434 14.58 -22.10 -28.90
N TYR A 435 13.49 -21.63 -28.29
CA TYR A 435 13.27 -20.19 -28.25
C TYR A 435 14.39 -19.50 -27.49
N ASP A 436 14.92 -20.15 -26.46
CA ASP A 436 16.13 -19.72 -25.80
C ASP A 436 17.26 -20.68 -26.12
N MET A 437 18.48 -20.25 -25.80
CA MET A 437 19.61 -21.14 -25.84
C MET A 437 20.23 -21.20 -24.45
N PRO A 438 20.61 -22.38 -23.98
CA PRO A 438 21.13 -22.46 -22.61
C PRO A 438 22.54 -21.91 -22.51
N GLY A 439 23.13 -21.99 -21.33
CA GLY A 439 24.51 -21.58 -21.18
C GLY A 439 25.49 -22.67 -21.50
N ASN A 440 25.01 -23.91 -21.56
CA ASN A 440 25.84 -25.07 -21.77
C ASN A 440 25.22 -25.91 -22.89
N ILE A 441 26.05 -26.75 -23.51
CA ILE A 441 25.60 -27.54 -24.65
C ILE A 441 25.00 -28.89 -24.26
N GLU A 442 25.33 -29.39 -23.06
CA GLU A 442 24.74 -30.67 -22.63
C GLU A 442 23.23 -30.58 -22.54
N ASP A 443 22.69 -29.40 -22.22
CA ASP A 443 21.25 -29.25 -22.20
C ASP A 443 20.68 -29.09 -23.59
N TYR A 444 21.43 -28.45 -24.50
CA TYR A 444 21.00 -28.36 -25.88
C TYR A 444 20.80 -29.74 -26.50
N VAL A 445 21.79 -30.62 -26.31
CA VAL A 445 21.69 -31.97 -26.85
C VAL A 445 20.50 -32.69 -26.25
N HIS A 446 20.25 -32.48 -24.95
CA HIS A 446 19.08 -33.10 -24.33
C HIS A 446 17.80 -32.39 -24.75
N ARG A 447 17.86 -31.08 -24.98
CA ARG A 447 16.72 -30.35 -25.49
C ARG A 447 16.30 -30.88 -26.85
N ILE A 448 17.23 -30.88 -27.81
CA ILE A 448 16.92 -31.39 -29.13
C ILE A 448 16.79 -32.91 -29.15
N GLY A 449 17.32 -33.61 -28.14
CA GLY A 449 17.28 -35.07 -28.13
C GLY A 449 15.89 -35.66 -28.03
N ARG A 450 14.86 -34.83 -27.83
CA ARG A 450 13.48 -35.29 -27.66
C ARG A 450 12.75 -35.50 -28.98
N THR A 451 13.45 -35.63 -30.10
CA THR A 451 12.79 -35.65 -31.41
C THR A 451 13.34 -36.81 -32.25
N GLY A 452 12.51 -37.86 -32.35
CA GLY A 452 12.75 -39.02 -33.18
C GLY A 452 13.28 -40.17 -32.36
N ARG A 453 12.43 -41.16 -32.07
CA ARG A 453 12.87 -42.35 -31.35
C ARG A 453 12.79 -43.62 -32.19
N ALA A 454 11.62 -43.90 -32.78
CA ALA A 454 11.41 -45.07 -33.62
C ALA A 454 11.38 -44.70 -35.11
N GLY A 455 10.54 -43.73 -35.48
CA GLY A 455 10.51 -43.27 -36.86
C GLY A 455 11.81 -42.62 -37.29
N ALA A 456 12.59 -42.12 -36.33
CA ALA A 456 13.93 -41.61 -36.58
C ALA A 456 13.92 -40.46 -37.59
N THR A 457 13.18 -39.42 -37.22
CA THR A 457 13.05 -38.22 -38.04
C THR A 457 12.56 -37.09 -37.16
N GLY A 458 13.02 -35.87 -37.44
CA GLY A 458 12.62 -34.74 -36.63
C GLY A 458 13.28 -33.46 -37.09
N THR A 459 12.81 -32.35 -36.50
CA THR A 459 13.30 -31.02 -36.81
C THR A 459 13.54 -30.24 -35.51
N ALA A 460 14.53 -29.35 -35.54
CA ALA A 460 14.88 -28.53 -34.39
C ALA A 460 15.24 -27.13 -34.88
N ILE A 461 14.44 -26.14 -34.50
CA ILE A 461 14.67 -24.75 -34.90
C ILE A 461 15.17 -23.98 -33.68
N SER A 462 16.40 -23.50 -33.75
CA SER A 462 17.02 -22.75 -32.68
C SER A 462 17.08 -21.26 -33.02
N PHE A 463 17.00 -20.44 -31.97
CA PHE A 463 17.04 -18.98 -32.08
C PHE A 463 18.29 -18.50 -31.35
N PHE A 464 19.27 -18.03 -32.11
CA PHE A 464 20.60 -17.73 -31.61
C PHE A 464 20.86 -16.24 -31.71
N THR A 465 21.44 -15.68 -30.65
CA THR A 465 21.66 -14.24 -30.52
C THR A 465 23.11 -13.99 -30.12
N GLU A 466 23.49 -12.71 -30.14
CA GLU A 466 24.85 -12.33 -29.75
C GLU A 466 25.14 -12.72 -28.31
N GLN A 467 24.11 -12.78 -27.46
CA GLN A 467 24.28 -13.14 -26.07
C GLN A 467 24.62 -14.62 -25.88
N ASN A 468 24.53 -15.43 -26.94
CA ASN A 468 24.81 -16.84 -26.86
C ASN A 468 26.17 -17.19 -27.44
N LYS A 469 27.06 -16.22 -27.59
CA LYS A 469 28.35 -16.47 -28.25
C LYS A 469 29.17 -17.52 -27.52
N GLY A 470 28.99 -17.64 -26.21
CA GLY A 470 29.80 -18.56 -25.42
C GLY A 470 29.60 -20.02 -25.78
N LEU A 471 28.52 -20.35 -26.48
CA LEU A 471 28.23 -21.73 -26.82
C LEU A 471 28.31 -22.00 -28.31
N GLY A 472 28.55 -20.98 -29.13
CA GLY A 472 28.58 -21.19 -30.56
C GLY A 472 29.69 -22.15 -30.96
N ALA A 473 30.85 -22.03 -30.32
CA ALA A 473 31.97 -22.91 -30.66
C ALA A 473 31.59 -24.37 -30.46
N LYS A 474 30.87 -24.67 -29.39
CA LYS A 474 30.44 -26.02 -29.13
C LYS A 474 29.09 -26.35 -29.77
N LEU A 475 28.35 -25.35 -30.26
CA LEU A 475 27.12 -25.63 -30.99
C LEU A 475 27.41 -26.19 -32.37
N ILE A 476 28.33 -25.57 -33.11
CA ILE A 476 28.66 -26.06 -34.45
C ILE A 476 29.50 -27.33 -34.36
N SER A 477 30.23 -27.53 -33.26
CA SER A 477 31.07 -28.71 -33.15
C SER A 477 30.23 -29.98 -33.16
N ILE A 478 29.01 -29.93 -32.62
CA ILE A 478 28.12 -31.07 -32.70
C ILE A 478 27.26 -31.03 -33.97
N MET A 479 26.94 -29.83 -34.48
CA MET A 479 26.12 -29.76 -35.69
C MET A 479 26.82 -30.36 -36.90
N ARG A 480 28.16 -30.29 -36.94
CA ARG A 480 28.90 -30.95 -37.99
C ARG A 480 29.22 -32.40 -37.67
N GLU A 481 29.24 -32.75 -36.37
CA GLU A 481 29.33 -34.16 -36.00
C GLU A 481 28.09 -34.91 -36.45
N ALA A 482 26.92 -34.29 -36.29
CA ALA A 482 25.67 -34.82 -36.83
C ALA A 482 25.56 -34.59 -38.34
N ASN A 483 26.56 -33.94 -38.94
CA ASN A 483 26.60 -33.65 -40.36
C ASN A 483 25.33 -32.95 -40.83
N GLN A 484 24.92 -31.93 -40.08
CA GLN A 484 23.89 -31.02 -40.53
C GLN A 484 24.54 -29.75 -41.03
N ASN A 485 23.93 -29.14 -42.04
CA ASN A 485 24.53 -27.97 -42.66
C ASN A 485 24.42 -26.75 -41.74
N ILE A 486 25.44 -25.92 -41.77
CA ILE A 486 25.57 -24.76 -40.89
C ILE A 486 25.33 -23.50 -41.72
N PRO A 487 24.46 -22.60 -41.30
CA PRO A 487 24.29 -21.34 -42.01
C PRO A 487 25.41 -20.38 -41.62
N PRO A 488 25.79 -19.47 -42.53
CA PRO A 488 27.00 -18.67 -42.30
C PRO A 488 26.93 -17.69 -41.15
N GLU A 489 25.74 -17.39 -40.61
CA GLU A 489 25.63 -16.27 -39.69
C GLU A 489 26.23 -16.54 -38.32
N LEU A 490 26.37 -17.80 -37.92
CA LEU A 490 26.98 -18.11 -36.64
C LEU A 490 28.43 -18.57 -36.77
N LEU A 491 29.03 -18.39 -37.95
CA LEU A 491 30.46 -18.67 -38.09
C LEU A 491 31.30 -17.59 -37.44
N LYS A 492 30.69 -16.45 -37.14
CA LYS A 492 31.34 -15.43 -36.31
C LYS A 492 31.70 -15.98 -34.93
N TYR A 493 30.90 -16.91 -34.41
CA TYR A 493 30.99 -17.35 -33.04
C TYR A 493 31.71 -18.69 -32.87
N ASP A 494 32.56 -19.07 -33.83
CA ASP A 494 33.33 -20.30 -33.70
C ASP A 494 34.61 -20.04 -32.93
N ARG A 495 34.97 -21.00 -32.06
CA ARG A 495 36.12 -20.92 -31.16
C ARG A 495 36.13 -19.60 -30.39
N ASN B 53 9.22 20.97 -6.72
CA ASN B 53 10.66 21.15 -6.66
C ASN B 53 11.37 19.88 -6.18
N GLN B 54 11.82 19.02 -7.10
CA GLN B 54 12.80 17.99 -6.76
C GLN B 54 13.95 17.91 -7.78
N PRO B 55 14.58 19.06 -8.15
CA PRO B 55 15.88 19.00 -8.84
C PRO B 55 17.03 18.97 -7.84
N GLN B 56 18.26 18.95 -8.36
CA GLN B 56 19.41 19.29 -7.54
C GLN B 56 19.56 20.81 -7.51
N GLU B 57 20.12 21.30 -6.41
CA GLU B 57 19.97 22.69 -5.98
C GLU B 57 21.04 22.98 -4.94
N LEU B 58 20.93 24.15 -4.31
CA LEU B 58 21.98 24.79 -3.51
C LEU B 58 23.23 25.11 -4.34
N ILE B 59 23.01 25.90 -5.37
CA ILE B 59 24.07 26.71 -5.94
C ILE B 59 24.32 27.89 -5.01
N LYS B 60 25.59 28.27 -4.84
CA LYS B 60 25.96 29.32 -3.90
C LYS B 60 25.24 30.63 -4.22
N PRO B 61 24.59 31.26 -3.25
CA PRO B 61 23.99 32.58 -3.48
C PRO B 61 25.03 33.69 -3.37
N ASN B 62 24.64 34.85 -3.91
CA ASN B 62 25.50 36.03 -4.01
C ASN B 62 25.14 36.96 -2.85
N TRP B 63 25.83 36.80 -1.71
CA TRP B 63 25.45 37.55 -0.52
C TRP B 63 25.86 39.01 -0.54
N ASP B 64 26.92 39.39 -1.26
CA ASP B 64 27.26 40.81 -1.33
C ASP B 64 26.16 41.63 -2.01
N GLU B 65 25.34 41.00 -2.85
CA GLU B 65 24.29 41.67 -3.58
C GLU B 65 22.89 41.30 -3.11
N GLU B 66 22.73 40.20 -2.38
CA GLU B 66 21.40 39.79 -1.93
C GLU B 66 21.15 40.06 -0.45
N LEU B 67 22.14 40.50 0.31
CA LEU B 67 21.95 40.75 1.73
C LEU B 67 21.16 42.04 2.00
N PRO B 68 21.40 43.12 1.24
CA PRO B 68 20.59 44.34 1.46
C PRO B 68 19.11 44.16 1.18
N LYS B 69 18.69 43.08 0.54
CA LYS B 69 17.29 42.89 0.18
C LYS B 69 16.52 42.07 1.22
N LEU B 70 17.19 41.57 2.30
CA LEU B 70 16.45 40.82 3.32
C LEU B 70 16.15 41.70 4.51
N PRO B 71 15.09 41.41 5.27
CA PRO B 71 14.82 42.18 6.49
C PRO B 71 15.93 41.96 7.50
N THR B 72 15.90 42.76 8.56
CA THR B 72 17.04 42.83 9.47
C THR B 72 16.67 42.31 10.85
N PHE B 73 17.68 41.77 11.54
CA PHE B 73 17.59 41.27 12.91
C PHE B 73 18.74 41.86 13.71
N GLU B 74 18.51 42.07 15.00
CA GLU B 74 19.60 42.40 15.91
C GLU B 74 19.87 41.23 16.83
N LYS B 75 21.14 41.10 17.23
CA LYS B 75 21.62 39.99 18.02
C LYS B 75 21.90 40.30 19.49
N ASN B 76 22.13 41.55 19.86
CA ASN B 76 22.45 41.91 21.23
C ASN B 76 21.19 42.11 22.07
N PHE B 77 21.04 41.29 23.13
CA PHE B 77 19.93 41.45 24.07
C PHE B 77 20.33 41.44 25.53
N TYR B 78 21.61 41.22 25.86
CA TYR B 78 22.02 41.11 27.26
C TYR B 78 22.03 42.48 27.93
N VAL B 79 21.65 42.50 29.21
CA VAL B 79 21.46 43.77 29.92
C VAL B 79 22.44 43.97 31.07
N GLU B 80 23.13 42.92 31.55
CA GLU B 80 24.19 43.10 32.53
C GLU B 80 23.65 43.80 33.80
N HIS B 81 22.70 43.13 34.46
CA HIS B 81 22.06 43.75 35.62
C HIS B 81 23.10 44.25 36.60
N GLU B 82 22.73 45.27 37.38
CA GLU B 82 23.70 46.31 37.73
C GLU B 82 24.82 45.78 38.60
N SER B 83 24.49 45.06 39.67
CA SER B 83 25.54 44.71 40.61
C SER B 83 26.44 43.57 40.13
N VAL B 84 26.21 43.03 38.93
CA VAL B 84 27.23 42.15 38.34
C VAL B 84 28.53 42.92 38.17
N ARG B 85 28.43 44.21 37.87
CA ARG B 85 29.53 45.15 37.92
C ARG B 85 29.26 46.16 39.04
N ASP B 86 30.19 46.34 39.96
CA ASP B 86 31.52 45.77 39.89
C ASP B 86 31.76 44.76 41.02
N ARG B 87 32.84 43.98 40.91
CA ARG B 87 33.23 43.05 41.95
C ARG B 87 34.52 43.45 42.66
N SER B 88 35.66 43.70 41.98
CA SER B 88 35.97 43.55 40.55
C SER B 88 37.44 43.35 40.27
N ASP B 89 37.70 42.53 39.24
CA ASP B 89 38.98 42.27 38.61
C ASP B 89 39.87 41.39 39.46
N SER B 90 39.45 41.04 40.67
CA SER B 90 40.10 39.99 41.43
C SER B 90 39.11 38.92 41.89
N GLU B 91 37.88 39.32 42.20
CA GLU B 91 36.85 38.34 42.57
C GLU B 91 36.23 37.69 41.35
N ILE B 92 36.34 38.33 40.19
CA ILE B 92 36.13 37.58 38.96
C ILE B 92 37.30 36.64 38.73
N ALA B 93 38.52 37.09 39.00
CA ALA B 93 39.71 36.27 38.79
C ALA B 93 39.69 35.01 39.62
N GLN B 94 39.12 35.07 40.83
CA GLN B 94 38.95 33.85 41.62
C GLN B 94 37.79 33.01 41.10
N PHE B 95 36.81 33.65 40.47
CA PHE B 95 35.68 32.92 39.91
C PHE B 95 36.11 32.08 38.70
N ARG B 96 37.05 32.60 37.90
CA ARG B 96 37.42 31.95 36.65
C ARG B 96 37.87 30.50 36.88
N LYS B 97 38.93 30.30 37.65
CA LYS B 97 39.51 28.97 37.71
C LYS B 97 39.01 28.16 38.89
N GLU B 98 38.07 28.67 39.69
CA GLU B 98 37.26 27.78 40.51
C GLU B 98 36.43 26.87 39.61
N ASN B 99 35.95 27.41 38.50
CA ASN B 99 35.25 26.64 37.47
C ASN B 99 36.12 26.38 36.25
N GLU B 100 37.43 26.57 36.36
CA GLU B 100 38.39 26.16 35.33
C GLU B 100 38.18 26.90 34.00
N MET B 101 37.92 28.21 34.07
CA MET B 101 37.68 28.99 32.86
C MET B 101 38.97 29.29 32.11
N THR B 102 38.88 29.26 30.78
CA THR B 102 39.97 29.69 29.90
C THR B 102 39.39 30.62 28.85
N ILE B 103 39.74 31.91 28.91
CA ILE B 103 39.19 32.93 28.02
C ILE B 103 40.29 33.44 27.10
N SER B 104 39.93 33.75 25.85
CA SER B 104 40.84 34.42 24.92
C SER B 104 39.99 35.20 23.91
N GLY B 105 39.94 36.51 24.07
CA GLY B 105 39.21 37.34 23.12
C GLY B 105 39.36 38.81 23.40
N HIS B 106 38.43 39.59 22.84
CA HIS B 106 38.37 41.03 22.99
C HIS B 106 37.04 41.44 23.61
N ASP B 107 37.10 42.35 24.59
CA ASP B 107 35.91 42.92 25.21
C ASP B 107 35.02 41.84 25.80
N ILE B 108 35.58 41.11 26.76
CA ILE B 108 34.94 39.91 27.30
C ILE B 108 33.98 40.30 28.41
N PRO B 109 32.74 39.85 28.37
CA PRO B 109 31.78 40.17 29.42
C PRO B 109 32.06 39.44 30.72
N LYS B 110 31.24 39.69 31.75
CA LYS B 110 31.52 39.03 33.01
C LYS B 110 30.50 37.92 33.25
N PRO B 111 30.92 36.82 33.87
CA PRO B 111 30.00 35.68 34.06
C PRO B 111 28.89 35.88 35.06
N ILE B 112 28.04 34.86 35.19
CA ILE B 112 26.84 34.90 36.00
C ILE B 112 27.07 34.07 37.26
N THR B 113 26.25 34.32 38.28
CA THR B 113 26.29 33.57 39.53
C THR B 113 25.03 32.75 39.77
N THR B 114 23.85 33.36 39.62
CA THR B 114 22.57 32.70 39.80
C THR B 114 21.72 32.93 38.56
N PHE B 115 20.60 32.20 38.48
CA PHE B 115 19.70 32.38 37.33
C PHE B 115 19.16 33.80 37.27
N ASP B 116 18.81 34.37 38.43
CA ASP B 116 18.30 35.73 38.48
C ASP B 116 19.32 36.76 38.01
N GLU B 117 20.59 36.37 37.94
CA GLU B 117 21.68 37.29 37.62
C GLU B 117 21.85 37.51 36.12
N ALA B 118 21.15 36.74 35.29
CA ALA B 118 21.25 36.88 33.84
C ALA B 118 20.18 37.82 33.30
N GLY B 119 20.52 38.51 32.21
CA GLY B 119 19.61 39.45 31.57
C GLY B 119 18.54 38.79 30.73
N PHE B 120 17.87 37.79 31.30
CA PHE B 120 16.80 36.93 30.82
C PHE B 120 15.44 37.54 31.16
N PRO B 121 14.45 37.40 30.28
CA PRO B 121 13.09 37.81 30.63
C PRO B 121 12.48 36.90 31.69
N ASP B 122 11.25 37.21 32.13
CA ASP B 122 10.63 36.43 33.19
C ASP B 122 9.91 35.20 32.65
N TYR B 123 9.47 35.25 31.39
CA TYR B 123 8.77 34.13 30.78
C TYR B 123 9.67 32.92 30.55
N VAL B 124 10.99 33.11 30.49
CA VAL B 124 11.92 32.01 30.33
C VAL B 124 12.43 31.55 31.71
N LEU B 125 12.49 32.48 32.66
CA LEU B 125 13.01 32.16 33.99
C LEU B 125 12.05 31.38 34.86
N ASN B 126 10.78 31.42 34.56
CA ASN B 126 9.85 30.69 35.38
C ASN B 126 9.90 29.18 35.12
N GLU B 127 10.70 28.72 34.16
CA GLU B 127 10.83 27.29 33.91
C GLU B 127 12.12 26.71 34.46
N VAL B 128 13.21 27.49 34.48
CA VAL B 128 14.39 27.04 35.21
C VAL B 128 14.05 26.84 36.67
N LYS B 129 13.07 27.60 37.17
CA LYS B 129 12.51 27.36 38.50
C LYS B 129 11.63 26.11 38.50
N ALA B 130 10.89 25.89 37.41
CA ALA B 130 9.96 24.77 37.36
C ALA B 130 10.66 23.43 37.30
N GLU B 131 11.89 23.38 36.76
CA GLU B 131 12.64 22.13 36.83
C GLU B 131 13.19 21.90 38.23
N GLY B 132 13.28 22.95 39.05
CA GLY B 132 13.65 22.84 40.44
C GLY B 132 15.14 22.88 40.74
N PHE B 133 15.99 23.13 39.76
CA PHE B 133 17.42 23.23 40.01
C PHE B 133 17.89 24.70 40.00
N ASP B 134 18.83 24.99 40.89
CA ASP B 134 19.48 26.29 41.06
C ASP B 134 20.91 26.24 40.51
N LYS B 135 21.59 27.40 40.56
CA LYS B 135 23.03 27.47 40.32
C LYS B 135 23.43 26.92 38.95
N PRO B 136 23.07 27.61 37.86
CA PRO B 136 23.47 27.11 36.53
C PRO B 136 24.95 26.79 36.45
N THR B 137 25.31 25.95 35.48
CA THR B 137 26.66 25.41 35.40
C THR B 137 27.67 26.48 35.03
N GLY B 138 28.93 26.22 35.41
CA GLY B 138 30.00 27.17 35.14
C GLY B 138 30.06 27.62 33.69
N ILE B 139 29.82 26.69 32.76
CA ILE B 139 29.79 27.07 31.35
C ILE B 139 28.54 27.90 31.06
N GLN B 140 27.44 27.63 31.76
CA GLN B 140 26.27 28.49 31.62
C GLN B 140 26.47 29.82 32.33
N CYS B 141 27.43 29.90 33.25
CA CYS B 141 27.63 31.16 33.96
C CYS B 141 28.31 32.21 33.10
N GLN B 142 29.06 31.83 32.07
CA GLN B 142 29.59 32.78 31.10
C GLN B 142 29.03 32.61 29.69
N GLY B 143 28.53 31.43 29.34
CA GLY B 143 28.08 31.24 27.97
C GLY B 143 26.87 32.08 27.63
N TRP B 144 26.01 32.35 28.63
CA TRP B 144 24.82 33.15 28.37
C TRP B 144 25.15 34.60 28.01
N PRO B 145 25.96 35.34 28.77
CA PRO B 145 26.26 36.73 28.36
C PRO B 145 27.01 36.81 27.03
N MET B 146 27.78 35.77 26.68
CA MET B 146 28.41 35.72 25.37
C MET B 146 27.37 35.59 24.26
N ALA B 147 26.43 34.66 24.43
CA ALA B 147 25.42 34.42 23.40
C ALA B 147 24.33 35.48 23.42
N LEU B 148 23.98 36.00 24.60
CA LEU B 148 22.95 37.02 24.65
C LEU B 148 23.44 38.39 24.17
N SER B 149 24.75 38.57 24.00
CA SER B 149 25.26 39.80 23.42
C SER B 149 25.47 39.68 21.92
N GLY B 150 25.16 38.52 21.34
CA GLY B 150 25.18 38.32 19.91
C GLY B 150 26.56 38.21 19.30
N ARG B 151 27.58 37.85 20.07
CA ARG B 151 28.92 37.71 19.53
C ARG B 151 29.26 36.25 19.30
N ASP B 152 30.06 36.00 18.26
CA ASP B 152 30.41 34.64 17.88
C ASP B 152 31.34 34.04 18.92
N MET B 153 30.97 32.86 19.42
CA MET B 153 31.62 32.30 20.60
C MET B 153 31.63 30.78 20.53
N VAL B 154 32.67 30.19 21.12
CA VAL B 154 32.80 28.74 21.24
C VAL B 154 33.02 28.39 22.70
N GLY B 155 32.31 27.37 23.17
CA GLY B 155 32.44 26.90 24.54
C GLY B 155 32.76 25.42 24.59
N ILE B 156 33.78 25.05 25.34
CA ILE B 156 34.20 23.65 25.45
C ILE B 156 34.04 23.20 26.88
N ALA B 157 33.43 22.01 27.04
CA ALA B 157 33.15 21.40 28.33
C ALA B 157 32.87 19.92 28.08
N ALA B 158 32.76 19.16 29.15
CA ALA B 158 32.43 17.75 29.03
C ALA B 158 30.97 17.59 28.61
N THR B 159 30.68 16.52 27.90
CA THR B 159 29.35 16.29 27.35
C THR B 159 28.48 15.79 28.48
N GLY B 160 27.72 16.69 29.07
CA GLY B 160 27.06 16.35 30.34
C GLY B 160 27.13 17.55 31.24
N SER B 161 27.92 18.52 30.82
CA SER B 161 28.06 19.80 31.52
C SER B 161 26.85 20.63 31.12
N GLY B 162 26.84 21.91 31.46
CA GLY B 162 25.69 22.71 31.09
C GLY B 162 25.87 23.34 29.72
N LYS B 163 26.57 22.63 28.83
CA LYS B 163 26.82 23.16 27.49
C LYS B 163 25.52 23.35 26.72
N THR B 164 24.50 22.57 27.05
CA THR B 164 23.24 22.64 26.32
C THR B 164 22.53 23.96 26.55
N LEU B 165 22.25 24.30 27.80
CA LEU B 165 21.41 25.46 28.04
C LEU B 165 22.14 26.77 27.77
N SER B 166 23.42 26.73 27.40
CA SER B 166 24.10 27.97 27.03
C SER B 166 23.64 28.49 25.67
N TYR B 167 22.96 27.65 24.89
CA TYR B 167 22.47 28.01 23.56
C TYR B 167 20.96 27.93 23.41
N CYS B 168 20.26 27.16 24.24
CA CYS B 168 18.80 27.02 24.06
C CYS B 168 18.06 28.29 24.47
N LEU B 169 18.39 28.83 25.64
CA LEU B 169 17.67 30.00 26.13
C LEU B 169 18.02 31.30 25.41
N PRO B 170 19.29 31.58 25.08
CA PRO B 170 19.56 32.80 24.30
C PRO B 170 19.03 32.71 22.88
N GLY B 171 18.73 31.51 22.39
CA GLY B 171 18.14 31.38 21.07
C GLY B 171 16.68 31.76 21.01
N ILE B 172 15.96 31.63 22.12
CA ILE B 172 14.52 31.89 22.08
C ILE B 172 14.24 33.38 22.21
N VAL B 173 15.01 34.10 23.02
CA VAL B 173 14.82 35.54 23.10
C VAL B 173 15.19 36.19 21.78
N HIS B 174 16.15 35.60 21.07
CA HIS B 174 16.48 36.06 19.72
C HIS B 174 15.30 35.88 18.79
N ILE B 175 14.47 34.86 19.03
CA ILE B 175 13.28 34.64 18.21
C ILE B 175 12.24 35.70 18.52
N ASN B 176 11.99 35.93 19.82
CA ASN B 176 10.89 36.77 20.27
C ASN B 176 11.03 38.22 19.86
N ALA B 177 12.19 38.63 19.37
CA ALA B 177 12.34 39.98 18.83
C ALA B 177 11.88 40.07 17.39
N GLN B 178 11.46 38.95 16.79
CA GLN B 178 11.12 38.92 15.39
C GLN B 178 9.64 38.61 15.17
N PRO B 179 9.06 39.03 14.03
CA PRO B 179 7.64 38.79 13.76
C PRO B 179 7.32 37.32 13.57
N LEU B 180 6.03 37.03 13.41
CA LEU B 180 5.56 35.67 13.26
C LEU B 180 6.06 35.07 11.93
N LEU B 181 5.94 33.75 11.82
CA LEU B 181 6.75 33.01 10.85
C LEU B 181 6.32 33.21 9.41
N ALA B 182 5.07 33.65 9.15
CA ALA B 182 4.70 33.98 7.77
C ALA B 182 4.92 32.79 6.85
N PRO B 183 4.13 31.70 7.00
CA PRO B 183 4.50 30.39 6.45
C PRO B 183 5.06 30.42 5.03
N GLY B 184 6.01 29.51 4.79
CA GLY B 184 6.93 29.58 3.68
C GLY B 184 8.24 30.27 4.02
N ASP B 185 8.39 30.72 5.26
CA ASP B 185 9.67 31.15 5.81
C ASP B 185 10.27 30.01 6.61
N GLY B 186 11.58 29.83 6.48
CA GLY B 186 12.26 28.80 7.23
C GLY B 186 12.59 29.27 8.63
N PRO B 187 13.44 28.52 9.31
CA PRO B 187 13.71 28.81 10.73
C PRO B 187 14.67 29.98 10.90
N ILE B 188 14.67 30.50 12.13
CA ILE B 188 15.62 31.52 12.53
C ILE B 188 16.80 30.90 13.27
N VAL B 189 16.52 29.92 14.11
CA VAL B 189 17.53 29.22 14.89
C VAL B 189 17.75 27.86 14.24
N LEU B 190 19.00 27.58 13.88
CA LEU B 190 19.39 26.30 13.31
C LEU B 190 20.61 25.81 14.06
N VAL B 191 20.52 24.63 14.64
CA VAL B 191 21.65 23.99 15.27
C VAL B 191 21.93 22.70 14.52
N LEU B 192 23.20 22.38 14.33
CA LEU B 192 23.59 21.19 13.59
C LEU B 192 24.12 20.15 14.56
N ALA B 193 23.69 18.91 14.40
CA ALA B 193 24.14 17.82 15.25
C ALA B 193 24.67 16.69 14.38
N PRO B 194 25.63 15.91 14.90
CA PRO B 194 26.22 14.84 14.08
C PRO B 194 25.35 13.60 13.93
N THR B 195 24.60 13.22 14.95
CA THR B 195 23.90 11.95 14.96
C THR B 195 22.40 12.14 15.17
N ARG B 196 21.63 11.18 14.65
CA ARG B 196 20.19 11.12 14.90
C ARG B 196 19.89 11.14 16.39
N GLU B 197 20.59 10.32 17.16
CA GLU B 197 20.25 10.14 18.57
C GLU B 197 20.70 11.31 19.43
N LEU B 198 21.65 12.10 18.95
CA LEU B 198 22.01 13.35 19.63
C LEU B 198 21.11 14.49 19.19
N ALA B 199 20.63 14.45 17.95
CA ALA B 199 19.70 15.46 17.45
C ALA B 199 18.37 15.40 18.19
N VAL B 200 17.91 14.19 18.54
CA VAL B 200 16.63 14.09 19.24
C VAL B 200 16.81 14.47 20.71
N GLN B 201 18.01 14.29 21.25
CA GLN B 201 18.24 14.65 22.65
C GLN B 201 18.11 16.15 22.86
N ILE B 202 18.59 16.95 21.91
CA ILE B 202 18.48 18.41 22.03
C ILE B 202 17.08 18.90 21.70
N GLN B 203 16.35 18.23 20.79
CA GLN B 203 15.01 18.70 20.46
C GLN B 203 14.02 18.29 21.53
N THR B 204 14.26 17.15 22.19
CA THR B 204 13.54 16.82 23.40
C THR B 204 13.99 17.72 24.55
N GLU B 205 15.14 18.37 24.41
CA GLU B 205 15.64 19.30 25.42
C GLU B 205 15.25 20.74 25.10
N CYS B 206 14.83 21.00 23.86
CA CYS B 206 14.26 22.30 23.52
C CYS B 206 12.78 22.35 23.83
N SER B 207 12.14 21.19 24.02
CA SER B 207 10.75 21.10 24.41
C SER B 207 10.52 21.43 25.87
N LYS B 208 11.56 21.87 26.59
CA LYS B 208 11.40 22.19 28.00
C LYS B 208 11.27 23.68 28.27
N PHE B 209 11.77 24.54 27.38
CA PHE B 209 11.81 25.97 27.66
C PHE B 209 11.21 26.83 26.55
N GLY B 210 10.60 26.25 25.53
CA GLY B 210 10.01 27.02 24.45
C GLY B 210 8.50 26.95 24.35
N HIS B 211 7.81 26.39 25.34
CA HIS B 211 6.36 26.34 25.30
C HIS B 211 5.73 27.68 25.67
N SER B 212 6.21 28.32 26.75
CA SER B 212 5.60 29.55 27.24
C SER B 212 5.61 30.64 26.17
N SER B 213 6.79 31.05 25.74
CA SER B 213 6.94 31.80 24.50
C SER B 213 6.89 30.76 23.39
N ARG B 214 5.72 30.57 22.81
CA ARG B 214 5.50 29.41 21.96
C ARG B 214 6.48 29.41 20.82
N ILE B 215 7.31 28.38 20.77
CA ILE B 215 8.27 28.19 19.71
C ILE B 215 8.19 26.72 19.35
N ARG B 216 8.06 26.44 18.08
CA ARG B 216 7.95 25.07 17.63
C ARG B 216 9.33 24.63 17.20
N ASN B 217 9.64 23.36 17.45
CA ASN B 217 10.96 22.87 17.15
C ASN B 217 10.80 21.47 16.56
N THR B 218 11.55 21.23 15.50
CA THR B 218 11.47 19.97 14.78
C THR B 218 12.87 19.42 14.63
N CYS B 219 12.97 18.11 14.48
CA CYS B 219 14.23 17.42 14.32
C CYS B 219 14.18 16.69 12.98
N VAL B 220 15.14 16.98 12.10
CA VAL B 220 15.21 16.34 10.80
C VAL B 220 16.56 15.64 10.71
N TYR B 221 16.52 14.35 10.38
CA TYR B 221 17.68 13.48 10.49
C TYR B 221 17.55 12.32 9.51
N GLY B 222 18.70 11.79 9.09
CA GLY B 222 18.71 10.78 8.06
C GLY B 222 18.37 9.40 8.57
N GLY B 223 18.35 8.46 7.63
CA GLY B 223 18.07 7.07 7.93
C GLY B 223 16.62 6.75 8.18
N VAL B 224 15.72 7.72 7.98
CA VAL B 224 14.29 7.56 8.23
C VAL B 224 13.51 8.11 7.04
N PRO B 225 12.29 7.62 6.78
CA PRO B 225 11.50 8.21 5.70
C PRO B 225 11.26 9.69 5.93
N LYS B 226 11.40 10.45 4.85
CA LYS B 226 11.28 11.91 4.87
C LYS B 226 9.84 12.40 4.83
N SER B 227 8.85 11.50 4.69
CA SER B 227 7.48 11.92 4.50
C SER B 227 6.85 12.50 5.76
N GLN B 228 7.39 12.19 6.94
CA GLN B 228 6.94 12.83 8.17
C GLN B 228 7.84 13.99 8.57
N GLN B 229 9.04 14.08 7.98
CA GLN B 229 9.94 15.18 8.25
C GLN B 229 9.51 16.47 7.56
N ILE B 230 8.77 16.36 6.46
CA ILE B 230 8.34 17.55 5.72
C ILE B 230 7.03 18.09 6.28
N ARG B 231 6.24 17.24 6.92
CA ARG B 231 4.90 17.60 7.34
C ARG B 231 4.90 18.27 8.70
N ASP B 232 5.99 18.12 9.46
CA ASP B 232 6.23 18.93 10.64
C ASP B 232 6.94 20.23 10.27
N LEU B 233 7.75 20.21 9.21
CA LEU B 233 8.30 21.45 8.67
C LEU B 233 7.22 22.27 7.99
N SER B 234 6.17 21.60 7.48
CA SER B 234 5.01 22.31 6.97
C SER B 234 4.32 23.10 8.08
N ARG B 235 4.45 22.64 9.33
CA ARG B 235 3.92 23.38 10.46
C ARG B 235 4.72 24.65 10.72
N GLY B 236 5.94 24.73 10.21
CA GLY B 236 6.77 25.86 10.50
C GLY B 236 7.41 25.68 11.86
N SER B 237 8.66 26.06 12.01
CA SER B 237 9.33 25.90 13.29
C SER B 237 10.48 26.90 13.36
N GLU B 238 10.52 27.66 14.45
CA GLU B 238 11.57 28.64 14.65
C GLU B 238 12.90 27.94 14.92
N ILE B 239 12.83 26.74 15.48
CA ILE B 239 14.00 25.92 15.77
C ILE B 239 13.85 24.62 15.01
N VAL B 240 14.86 24.25 14.23
CA VAL B 240 14.88 22.96 13.56
C VAL B 240 16.21 22.29 13.87
N ILE B 241 16.16 20.99 14.16
CA ILE B 241 17.31 20.22 14.57
C ILE B 241 17.69 19.35 13.38
N ALA B 242 18.88 19.55 12.84
CA ALA B 242 19.24 18.89 11.59
C ALA B 242 20.63 18.27 11.67
N THR B 243 20.76 17.11 11.05
CA THR B 243 21.98 16.42 10.68
C THR B 243 22.46 16.92 9.32
N PRO B 244 23.76 17.08 9.12
CA PRO B 244 24.25 17.55 7.81
C PRO B 244 23.78 16.68 6.65
N GLY B 245 23.59 15.38 6.88
CA GLY B 245 23.17 14.51 5.78
C GLY B 245 21.76 14.80 5.31
N ARG B 246 20.81 14.90 6.24
CA ARG B 246 19.41 15.04 5.88
C ARG B 246 18.99 16.50 5.67
N LEU B 247 19.83 17.47 6.03
CA LEU B 247 19.45 18.87 5.82
C LEU B 247 19.54 19.26 4.34
N ILE B 248 20.64 18.89 3.67
CA ILE B 248 20.77 19.17 2.24
C ILE B 248 19.69 18.45 1.44
N ASP B 249 19.17 17.34 1.97
CA ASP B 249 18.14 16.61 1.27
C ASP B 249 16.79 17.28 1.38
N MET B 250 16.64 18.26 2.27
CA MET B 250 15.41 19.03 2.35
C MET B 250 15.53 20.39 1.67
N LEU B 251 16.76 20.85 1.42
CA LEU B 251 16.96 22.09 0.66
C LEU B 251 16.87 21.86 -0.84
N GLU B 252 17.19 20.64 -1.31
CA GLU B 252 17.12 20.36 -2.74
C GLU B 252 15.69 20.06 -3.19
N ILE B 253 14.82 19.63 -2.27
CA ILE B 253 13.41 19.45 -2.60
C ILE B 253 12.61 20.70 -2.28
N GLY B 254 13.21 21.71 -1.68
CA GLY B 254 12.56 22.99 -1.48
C GLY B 254 11.37 22.98 -0.54
N LYS B 255 11.47 22.24 0.57
CA LYS B 255 10.42 22.27 1.58
C LYS B 255 10.93 22.86 2.89
N THR B 256 12.06 23.59 2.83
CA THR B 256 12.53 24.45 3.89
C THR B 256 13.56 25.38 3.28
N ASN B 257 13.74 26.54 3.89
CA ASN B 257 14.64 27.54 3.34
C ASN B 257 15.54 28.09 4.43
N LEU B 258 16.76 28.47 4.04
CA LEU B 258 17.77 28.99 4.94
C LEU B 258 17.95 30.50 4.76
N LYS B 259 16.85 31.20 4.48
CA LYS B 259 16.92 32.62 4.20
C LYS B 259 16.80 33.44 5.47
N ARG B 260 16.20 32.88 6.51
CA ARG B 260 15.98 33.59 7.75
C ARG B 260 16.88 33.12 8.87
N VAL B 261 17.78 32.17 8.64
CA VAL B 261 18.58 31.65 9.74
C VAL B 261 19.52 32.76 10.21
N THR B 262 19.31 33.22 11.45
CA THR B 262 20.16 34.24 12.05
C THR B 262 20.97 33.72 13.24
N TYR B 263 20.68 32.52 13.73
CA TYR B 263 21.26 31.98 14.95
C TYR B 263 21.67 30.54 14.66
N LEU B 264 22.92 30.35 14.25
CA LEU B 264 23.45 29.03 13.95
C LEU B 264 24.27 28.52 15.14
N VAL B 265 24.08 27.25 15.48
CA VAL B 265 24.85 26.61 16.53
C VAL B 265 25.48 25.34 15.97
N LEU B 266 26.74 25.10 16.33
CA LEU B 266 27.45 23.87 15.96
C LEU B 266 27.78 23.12 17.24
N ASP B 267 26.85 22.27 17.69
CA ASP B 267 27.07 21.47 18.88
C ASP B 267 27.86 20.22 18.54
N GLU B 268 28.86 19.91 19.37
CA GLU B 268 29.73 18.75 19.18
C GLU B 268 30.33 18.77 17.78
N ALA B 269 31.02 19.87 17.49
CA ALA B 269 31.66 20.04 16.19
C ALA B 269 32.87 19.12 16.03
N ASP B 270 33.43 18.64 17.13
CA ASP B 270 34.56 17.74 17.05
C ASP B 270 34.14 16.38 16.47
N ARG B 271 33.14 15.75 17.08
CA ARG B 271 32.65 14.48 16.56
C ARG B 271 32.07 14.63 15.16
N MET B 272 31.49 15.80 14.85
CA MET B 272 30.98 16.04 13.52
C MET B 272 32.10 16.12 12.50
N LEU B 273 33.25 16.67 12.89
CA LEU B 273 34.39 16.76 11.98
C LEU B 273 34.99 15.39 11.70
N ASP B 274 34.92 14.47 12.66
CA ASP B 274 35.50 13.14 12.47
C ASP B 274 34.68 12.28 11.52
N MET B 275 33.43 12.67 11.24
CA MET B 275 32.55 11.92 10.35
C MET B 275 32.47 12.52 8.96
N GLY B 276 33.39 13.43 8.61
CA GLY B 276 33.45 13.99 7.28
C GLY B 276 32.27 14.87 6.90
N PHE B 277 31.72 15.60 7.85
CA PHE B 277 30.60 16.49 7.59
C PHE B 277 31.02 17.91 7.22
N GLU B 278 32.29 18.27 7.40
CA GLU B 278 32.72 19.64 7.12
C GLU B 278 32.47 20.08 5.70
N PRO B 279 32.73 19.28 4.64
CA PRO B 279 32.40 19.74 3.29
C PRO B 279 30.93 20.04 3.10
N GLN B 280 30.07 19.48 3.96
CA GLN B 280 28.64 19.66 3.83
C GLN B 280 28.13 20.88 4.57
N ILE B 281 28.77 21.29 5.66
CA ILE B 281 28.30 22.49 6.36
C ILE B 281 28.78 23.75 5.64
N ARG B 282 29.98 23.72 5.06
CA ARG B 282 30.40 24.82 4.17
C ARG B 282 29.42 24.95 3.01
N LYS B 283 28.79 23.85 2.60
CA LYS B 283 27.67 23.92 1.68
C LYS B 283 26.45 24.57 2.33
N ILE B 284 26.27 24.37 3.64
CA ILE B 284 25.08 24.85 4.33
C ILE B 284 25.26 26.28 4.80
N VAL B 285 26.44 26.62 5.32
CA VAL B 285 26.66 27.96 5.85
C VAL B 285 26.82 28.98 4.73
N ASP B 286 26.98 28.53 3.49
CA ASP B 286 26.99 29.44 2.37
C ASP B 286 25.60 29.69 1.80
N GLN B 287 24.57 29.06 2.36
CA GLN B 287 23.20 29.30 1.96
C GLN B 287 22.44 30.14 2.97
N ILE B 288 23.14 30.69 3.96
CA ILE B 288 22.56 31.47 5.03
C ILE B 288 23.21 32.85 5.04
N ARG B 289 22.47 33.82 5.57
CA ARG B 289 22.96 35.19 5.66
C ARG B 289 24.33 35.22 6.35
N PRO B 290 25.31 35.93 5.79
CA PRO B 290 26.64 35.97 6.44
C PRO B 290 26.67 36.74 7.75
N ASP B 291 25.67 37.55 8.05
CA ASP B 291 25.67 38.36 9.26
C ASP B 291 25.11 37.62 10.47
N ARG B 292 24.94 36.31 10.38
CA ARG B 292 24.37 35.55 11.49
C ARG B 292 25.34 35.51 12.66
N GLN B 293 24.84 34.96 13.77
CA GLN B 293 25.63 34.72 14.97
C GLN B 293 25.78 33.22 15.13
N THR B 294 27.03 32.75 15.20
CA THR B 294 27.33 31.33 15.24
C THR B 294 27.86 30.93 16.61
N LEU B 295 27.47 29.75 17.06
CA LEU B 295 27.80 29.25 18.41
C LEU B 295 28.31 27.82 18.29
N MET B 296 29.60 27.63 18.48
CA MET B 296 30.19 26.29 18.41
C MET B 296 30.31 25.69 19.81
N TRP B 297 30.16 24.37 19.89
CA TRP B 297 30.26 23.65 21.15
C TRP B 297 30.89 22.29 20.89
N SER B 298 31.81 21.88 21.76
CA SER B 298 32.53 20.62 21.61
C SER B 298 33.21 20.31 22.94
N ALA B 299 33.76 19.10 23.03
CA ALA B 299 34.53 18.68 24.19
C ALA B 299 36.04 18.65 23.94
N THR B 300 36.48 18.38 22.72
CA THR B 300 37.89 18.27 22.38
C THR B 300 38.36 19.52 21.65
N TRP B 301 39.63 19.88 21.86
CA TRP B 301 40.25 21.05 21.25
C TRP B 301 41.39 20.62 20.33
N PRO B 302 41.08 20.06 19.16
CA PRO B 302 42.14 19.76 18.20
C PRO B 302 42.49 21.02 17.41
N LYS B 303 43.50 20.91 16.56
CA LYS B 303 43.85 22.01 15.69
C LYS B 303 42.79 22.27 14.62
N GLU B 304 41.95 21.26 14.34
CA GLU B 304 40.96 21.41 13.28
C GLU B 304 39.71 22.14 13.75
N VAL B 305 39.41 22.08 15.05
CA VAL B 305 38.25 22.79 15.58
C VAL B 305 38.48 24.30 15.56
N LYS B 306 39.71 24.74 15.84
CA LYS B 306 39.99 26.17 15.87
C LYS B 306 40.14 26.75 14.48
N GLN B 307 40.79 26.01 13.55
CA GLN B 307 40.79 26.43 12.17
C GLN B 307 39.38 26.39 11.58
N LEU B 308 38.49 25.61 12.18
CA LEU B 308 37.08 25.61 11.82
C LEU B 308 36.38 26.86 12.35
N ALA B 309 36.84 27.38 13.50
CA ALA B 309 36.21 28.58 14.06
C ALA B 309 36.62 29.82 13.28
N ALA B 310 37.88 29.90 12.85
CA ALA B 310 38.34 31.06 12.11
C ALA B 310 37.72 31.16 10.72
N ASP B 311 37.25 30.03 10.17
CA ASP B 311 36.66 30.04 8.83
C ASP B 311 35.18 30.41 8.83
N TYR B 312 34.47 30.18 9.94
CA TYR B 312 33.04 30.46 10.00
C TYR B 312 32.65 31.56 10.97
N LEU B 313 33.39 31.77 12.04
CA LEU B 313 33.02 32.78 13.02
C LEU B 313 33.69 34.10 12.68
N ASN B 314 32.98 35.20 12.93
CA ASN B 314 33.46 36.54 12.66
C ASN B 314 33.88 37.16 13.99
N ASP B 315 35.18 37.44 14.13
CA ASP B 315 35.75 37.93 15.38
C ASP B 315 35.29 37.04 16.54
N PRO B 316 35.76 35.80 16.60
CA PRO B 316 35.24 34.88 17.61
C PRO B 316 35.90 35.08 18.96
N ILE B 317 35.14 34.77 20.00
CA ILE B 317 35.59 34.86 21.38
C ILE B 317 35.54 33.46 21.98
N GLN B 318 36.57 33.11 22.74
CA GLN B 318 36.80 31.74 23.16
C GLN B 318 36.71 31.62 24.68
N VAL B 319 36.03 30.58 25.14
CA VAL B 319 35.98 30.23 26.56
C VAL B 319 36.00 28.71 26.69
N GLN B 320 36.73 28.23 27.69
CA GLN B 320 36.68 26.84 28.12
C GLN B 320 36.32 26.83 29.59
N VAL B 321 35.72 25.74 30.06
CA VAL B 321 35.30 25.63 31.45
C VAL B 321 35.91 24.43 32.17
N GLY B 322 36.58 23.53 31.47
CA GLY B 322 37.03 22.28 32.06
C GLY B 322 38.52 22.08 31.91
N SER B 323 39.17 21.61 32.98
CA SER B 323 40.55 21.19 32.90
C SER B 323 40.61 19.77 32.32
N LEU B 324 40.14 19.69 31.07
CA LEU B 324 40.14 18.49 30.26
C LEU B 324 39.73 17.18 30.92
N GLU B 325 40.72 16.45 31.39
CA GLU B 325 40.93 15.08 30.98
C GLU B 325 39.95 14.08 31.62
N LEU B 326 39.80 12.97 30.90
CA LEU B 326 38.99 11.82 31.28
C LEU B 326 39.97 10.75 31.77
N SER B 327 40.01 10.51 33.08
CA SER B 327 41.02 9.62 33.62
C SER B 327 40.42 8.31 34.10
N ALA B 328 39.26 7.95 33.57
CA ALA B 328 38.71 6.59 33.65
C ALA B 328 38.88 5.99 35.03
N SER B 329 38.30 6.65 36.04
CA SER B 329 38.40 6.18 37.41
C SER B 329 38.20 4.68 37.44
N HIS B 330 39.16 3.99 38.05
CA HIS B 330 39.45 2.59 37.72
C HIS B 330 38.76 1.69 38.74
N ASN B 331 37.59 1.15 38.37
CA ASN B 331 37.06 0.06 39.18
C ASN B 331 36.46 -1.09 38.35
N ILE B 332 36.74 -1.18 37.05
CA ILE B 332 36.02 -2.11 36.19
C ILE B 332 37.00 -3.05 35.50
N THR B 333 36.73 -4.36 35.60
CA THR B 333 37.48 -5.34 34.81
C THR B 333 37.07 -5.21 33.35
N GLN B 334 37.99 -4.74 32.52
CA GLN B 334 37.73 -4.50 31.11
C GLN B 334 38.23 -5.70 30.31
N ILE B 335 37.32 -6.42 29.68
CA ILE B 335 37.66 -7.57 28.84
C ILE B 335 37.28 -7.23 27.41
N VAL B 336 38.26 -6.84 26.62
CA VAL B 336 38.07 -6.50 25.22
C VAL B 336 38.19 -7.75 24.38
N GLU B 337 37.31 -7.90 23.41
CA GLU B 337 37.27 -9.08 22.54
C GLU B 337 37.10 -8.62 21.10
N VAL B 338 38.16 -8.78 20.30
CA VAL B 338 38.14 -8.37 18.90
C VAL B 338 37.23 -9.34 18.16
N VAL B 339 36.07 -8.85 17.74
CA VAL B 339 34.97 -9.66 17.27
C VAL B 339 34.51 -9.10 15.92
N SER B 340 33.57 -9.79 15.27
CA SER B 340 32.94 -9.32 14.05
C SER B 340 31.43 -9.35 14.26
N ASP B 341 30.65 -9.10 13.22
CA ASP B 341 29.24 -8.80 13.44
C ASP B 341 28.39 -10.04 13.70
N PHE B 342 28.74 -11.21 13.16
CA PHE B 342 27.81 -12.32 13.17
C PHE B 342 27.88 -13.21 14.40
N GLU B 343 28.84 -13.02 15.31
CA GLU B 343 28.94 -13.88 16.48
C GLU B 343 28.47 -13.24 17.77
N LYS B 344 28.21 -11.94 17.78
CA LYS B 344 27.96 -11.23 19.03
C LYS B 344 26.71 -11.72 19.75
N ARG B 345 25.73 -12.25 19.02
CA ARG B 345 24.52 -12.72 19.69
C ARG B 345 24.79 -13.95 20.55
N ASP B 346 25.60 -14.89 20.04
CA ASP B 346 25.97 -16.05 20.84
C ASP B 346 26.97 -15.66 21.92
N ARG B 347 27.81 -14.66 21.65
CA ARG B 347 28.82 -14.24 22.61
C ARG B 347 28.16 -13.59 23.82
N LEU B 348 27.11 -12.81 23.61
CA LEU B 348 26.40 -12.22 24.74
C LEU B 348 25.63 -13.29 25.52
N ASN B 349 25.06 -14.27 24.83
CA ASN B 349 24.33 -15.33 25.51
C ASN B 349 25.24 -16.11 26.46
N LYS B 350 26.47 -16.40 26.03
CA LYS B 350 27.39 -17.09 26.92
C LYS B 350 27.76 -16.21 28.11
N TYR B 351 27.90 -14.91 27.88
CA TYR B 351 28.13 -13.99 28.99
C TYR B 351 26.86 -13.79 29.81
N LEU B 352 25.69 -14.13 29.27
CA LEU B 352 24.48 -14.09 30.07
C LEU B 352 24.36 -15.33 30.94
N GLU B 353 24.79 -16.48 30.44
CA GLU B 353 24.81 -17.67 31.27
C GLU B 353 25.83 -17.53 32.39
N THR B 354 26.89 -16.77 32.14
CA THR B 354 27.87 -16.48 33.16
C THR B 354 27.32 -15.51 34.20
N ALA B 355 26.53 -14.52 33.76
CA ALA B 355 25.90 -13.62 34.71
C ALA B 355 24.69 -14.29 35.38
N SER B 356 23.91 -15.05 34.63
CA SER B 356 22.71 -15.68 35.16
C SER B 356 23.01 -16.64 36.31
N GLN B 357 24.24 -17.16 36.38
CA GLN B 357 24.59 -18.05 37.47
C GLN B 357 24.63 -17.29 38.78
N ASP B 358 25.11 -16.03 38.74
CA ASP B 358 25.10 -15.18 39.91
C ASP B 358 23.65 -14.81 40.23
N ASN B 359 23.42 -14.43 41.48
CA ASN B 359 22.09 -14.03 41.92
C ASN B 359 22.24 -13.02 43.05
N GLU B 360 21.63 -11.86 42.90
CA GLU B 360 20.86 -11.58 41.69
C GLU B 360 21.66 -10.68 40.76
N TYR B 361 21.99 -11.20 39.58
CA TYR B 361 22.77 -10.45 38.61
C TYR B 361 21.96 -9.28 38.05
N LYS B 362 22.68 -8.29 37.54
CA LYS B 362 22.06 -7.09 36.99
C LYS B 362 23.02 -6.53 35.95
N THR B 363 22.70 -6.77 34.68
CA THR B 363 23.59 -6.40 33.58
C THR B 363 22.98 -5.29 32.72
N LEU B 364 23.86 -4.45 32.16
CA LEU B 364 23.45 -3.31 31.35
C LEU B 364 24.14 -3.37 30.00
N ILE B 365 23.35 -3.58 28.93
CA ILE B 365 23.85 -3.59 27.57
C ILE B 365 23.76 -2.18 26.99
N PHE B 366 24.77 -1.80 26.21
CA PHE B 366 24.85 -0.48 25.61
C PHE B 366 24.91 -0.58 24.10
N ALA B 367 24.15 0.29 23.44
CA ALA B 367 24.16 0.43 22.00
C ALA B 367 24.30 1.90 21.66
N SER B 368 24.63 2.19 20.41
CA SER B 368 24.84 3.57 19.99
C SER B 368 23.70 4.13 19.16
N THR B 369 22.88 3.28 18.55
CA THR B 369 21.75 3.72 17.75
C THR B 369 20.45 3.17 18.35
N LYS B 370 19.35 3.89 18.12
CA LYS B 370 18.04 3.43 18.55
C LYS B 370 17.61 2.18 17.79
N ARG B 371 17.92 2.14 16.49
CA ARG B 371 17.42 1.06 15.64
C ARG B 371 18.19 -0.23 15.88
N MET B 372 19.47 -0.15 16.21
CA MET B 372 20.22 -1.33 16.60
C MET B 372 20.10 -1.62 18.09
N CYS B 373 19.29 -0.85 18.82
CA CYS B 373 19.00 -1.13 20.21
C CYS B 373 17.66 -1.85 20.39
N ASP B 374 16.72 -1.63 19.46
CA ASP B 374 15.53 -2.45 19.42
C ASP B 374 15.84 -3.83 18.83
N ASP B 375 16.91 -3.95 18.05
CA ASP B 375 17.28 -5.25 17.52
C ASP B 375 17.86 -6.11 18.62
N ILE B 376 18.77 -5.56 19.41
CA ILE B 376 19.35 -6.28 20.54
C ILE B 376 18.26 -6.66 21.52
N THR B 377 17.34 -5.75 21.80
CA THR B 377 16.35 -6.00 22.85
C THR B 377 15.44 -7.17 22.46
N LYS B 378 14.77 -7.06 21.32
CA LYS B 378 14.05 -8.24 20.83
C LYS B 378 14.89 -9.10 19.88
N TYR B 379 16.09 -9.50 20.30
CA TYR B 379 16.76 -10.64 19.68
C TYR B 379 17.15 -11.68 20.72
N LEU B 380 17.55 -11.24 21.92
CA LEU B 380 17.76 -12.16 23.02
C LEU B 380 16.43 -12.58 23.63
N ARG B 381 15.41 -11.72 23.56
CA ARG B 381 14.08 -12.13 23.99
C ARG B 381 13.60 -13.34 23.21
N GLU B 382 14.11 -13.53 21.99
CA GLU B 382 13.87 -14.76 21.25
C GLU B 382 14.74 -15.89 21.77
N ASP B 383 15.84 -15.57 22.44
CA ASP B 383 16.68 -16.57 23.09
C ASP B 383 16.17 -16.96 24.46
N GLY B 384 15.17 -16.25 24.97
CA GLY B 384 14.62 -16.50 26.28
C GLY B 384 15.10 -15.58 27.37
N TRP B 385 15.65 -14.41 27.03
CA TRP B 385 16.20 -13.49 28.01
C TRP B 385 15.32 -12.26 28.11
N PRO B 386 14.81 -11.92 29.31
CA PRO B 386 14.01 -10.69 29.47
C PRO B 386 14.89 -9.45 29.38
N ALA B 387 14.55 -8.55 28.45
CA ALA B 387 15.31 -7.33 28.22
C ALA B 387 14.39 -6.13 28.07
N LEU B 388 14.83 -5.00 28.62
CA LEU B 388 14.14 -3.73 28.47
C LEU B 388 15.11 -2.71 27.90
N ALA B 389 14.59 -1.70 27.22
CA ALA B 389 15.40 -0.76 26.46
C ALA B 389 15.07 0.68 26.80
N ILE B 390 16.05 1.55 26.58
CA ILE B 390 15.90 3.00 26.75
C ILE B 390 16.58 3.69 25.57
N HIS B 391 15.84 4.54 24.87
CA HIS B 391 16.39 5.29 23.75
C HIS B 391 15.81 6.70 23.77
N GLY B 392 16.26 7.51 22.81
CA GLY B 392 15.92 8.92 22.81
C GLY B 392 14.63 9.33 22.13
N ASP B 393 14.28 8.68 21.01
CA ASP B 393 13.05 9.05 20.30
C ASP B 393 11.83 8.85 21.19
N LYS B 394 11.67 7.64 21.67
CA LYS B 394 10.46 7.17 22.35
C LYS B 394 10.76 6.92 23.82
N ASP B 395 9.74 6.41 24.52
CA ASP B 395 9.79 6.13 25.96
C ASP B 395 10.05 7.39 26.79
N GLN B 396 9.16 8.38 26.65
CA GLN B 396 9.34 9.65 27.32
C GLN B 396 9.47 9.48 28.84
N ARG B 397 8.49 8.83 29.47
CA ARG B 397 8.58 8.51 30.89
C ARG B 397 8.76 7.04 31.18
N GLU B 398 8.35 6.15 30.27
CA GLU B 398 8.66 4.75 30.44
C GLU B 398 10.16 4.47 30.40
N ARG B 399 10.97 5.43 29.93
CA ARG B 399 12.40 5.39 30.20
C ARG B 399 12.65 5.29 31.71
N ASP B 400 11.76 5.87 32.51
CA ASP B 400 11.93 5.92 33.95
C ASP B 400 11.27 4.75 34.66
N TRP B 401 10.19 4.20 34.08
CA TRP B 401 9.56 3.03 34.68
C TRP B 401 10.41 1.79 34.49
N VAL B 402 11.03 1.64 33.32
CA VAL B 402 11.96 0.52 33.13
C VAL B 402 13.14 0.67 34.06
N LEU B 403 13.57 1.91 34.32
CA LEU B 403 14.68 2.13 35.23
C LEU B 403 14.32 1.76 36.66
N GLN B 404 13.05 1.94 37.06
CA GLN B 404 12.68 1.54 38.42
C GLN B 404 12.57 0.03 38.53
N GLU B 405 12.16 -0.65 37.46
CA GLU B 405 12.08 -2.10 37.49
C GLU B 405 13.45 -2.75 37.38
N PHE B 406 14.46 -1.98 36.97
CA PHE B 406 15.79 -2.54 36.79
C PHE B 406 16.53 -2.69 38.12
N ARG B 407 16.32 -1.76 39.06
CA ARG B 407 17.05 -1.86 40.34
C ARG B 407 16.37 -2.81 41.32
N ASN B 408 15.04 -2.82 41.34
CA ASN B 408 14.34 -3.70 42.27
C ASN B 408 14.36 -5.15 41.82
N GLY B 409 15.00 -5.44 40.69
CA GLY B 409 15.19 -6.80 40.23
C GLY B 409 13.95 -7.49 39.70
N ARG B 410 13.03 -6.74 39.08
CA ARG B 410 11.95 -7.39 38.36
C ARG B 410 12.40 -7.85 36.99
N SER B 411 13.42 -7.18 36.45
CA SER B 411 14.11 -7.59 35.23
C SER B 411 15.60 -7.35 35.44
N PRO B 412 16.43 -8.39 35.26
CA PRO B 412 17.87 -8.23 35.49
C PRO B 412 18.63 -7.64 34.31
N ILE B 413 18.04 -7.64 33.12
CA ILE B 413 18.73 -7.25 31.89
C ILE B 413 18.10 -5.99 31.34
N MET B 414 18.93 -5.05 30.90
CA MET B 414 18.44 -3.83 30.26
C MET B 414 19.42 -3.37 29.19
N VAL B 415 18.91 -3.17 27.99
CA VAL B 415 19.68 -2.59 26.90
C VAL B 415 19.49 -1.09 26.93
N ALA B 416 20.55 -0.33 26.61
CA ALA B 416 20.49 1.11 26.72
C ALA B 416 21.26 1.76 25.57
N THR B 417 20.92 3.02 25.31
CA THR B 417 21.66 3.84 24.37
C THR B 417 22.54 4.81 25.15
N ASP B 418 23.37 5.56 24.41
CA ASP B 418 24.31 6.46 25.07
C ASP B 418 23.59 7.64 25.71
N VAL B 419 22.71 8.31 24.96
CA VAL B 419 22.07 9.51 25.48
C VAL B 419 21.03 9.16 26.53
N ALA B 420 20.34 8.03 26.37
CA ALA B 420 19.26 7.69 27.29
C ALA B 420 19.79 7.28 28.66
N ALA B 421 21.04 6.83 28.75
CA ALA B 421 21.63 6.36 30.00
C ALA B 421 22.71 7.31 30.51
N ARG B 422 22.50 8.62 30.35
CA ARG B 422 23.47 9.63 30.76
C ARG B 422 22.94 10.37 31.98
N GLY B 423 23.75 10.39 33.03
CA GLY B 423 23.42 10.99 34.32
C GLY B 423 22.28 10.28 35.03
N ILE B 424 22.47 8.98 35.26
CA ILE B 424 21.57 8.15 36.05
C ILE B 424 22.39 7.47 37.14
N ASP B 425 21.81 7.32 38.32
CA ASP B 425 22.45 6.57 39.41
C ASP B 425 21.66 5.27 39.55
N VAL B 426 22.11 4.25 38.84
CA VAL B 426 21.42 2.98 38.69
C VAL B 426 22.31 1.89 39.29
N LYS B 427 23.11 2.29 40.28
CA LYS B 427 24.16 1.42 40.80
C LYS B 427 23.59 0.12 41.37
N GLY B 428 24.43 -0.91 41.35
CA GLY B 428 24.10 -2.27 41.76
C GLY B 428 24.29 -3.15 40.54
N ILE B 429 24.86 -2.55 39.50
CA ILE B 429 25.03 -3.18 38.20
C ILE B 429 26.46 -3.67 38.05
N ASN B 430 26.63 -4.97 37.87
CA ASN B 430 27.83 -5.54 37.31
C ASN B 430 27.55 -5.90 35.85
N TYR B 431 28.56 -6.43 35.15
CA TYR B 431 28.37 -7.03 33.83
C TYR B 431 27.77 -6.05 32.81
N VAL B 432 28.48 -4.97 32.53
CA VAL B 432 28.06 -4.07 31.47
C VAL B 432 28.78 -4.44 30.19
N ILE B 433 28.01 -4.81 29.17
CA ILE B 433 28.54 -5.24 27.88
C ILE B 433 28.34 -4.12 26.88
N ASN B 434 29.44 -3.68 26.27
CA ASN B 434 29.37 -2.67 25.21
C ASN B 434 29.27 -3.39 23.88
N TYR B 435 28.04 -3.78 23.55
CA TYR B 435 27.79 -4.51 22.31
C TYR B 435 28.14 -3.65 21.10
N ASP B 436 27.87 -2.35 21.20
CA ASP B 436 28.40 -1.35 20.27
C ASP B 436 29.50 -0.56 20.97
N MET B 437 30.25 0.19 20.16
CA MET B 437 31.28 1.10 20.64
C MET B 437 30.98 2.51 20.17
N PRO B 438 31.27 3.53 20.98
CA PRO B 438 30.95 4.91 20.58
C PRO B 438 31.93 5.41 19.52
N GLY B 439 31.72 6.66 19.10
CA GLY B 439 32.58 7.27 18.11
C GLY B 439 33.82 7.90 18.70
N ASN B 440 33.77 8.17 20.00
CA ASN B 440 34.89 8.75 20.73
C ASN B 440 35.10 7.96 22.02
N ILE B 441 36.21 8.26 22.70
CA ILE B 441 36.52 7.53 23.93
C ILE B 441 35.98 8.23 25.18
N GLU B 442 35.28 9.35 25.02
CA GLU B 442 34.70 10.01 26.18
C GLU B 442 33.37 9.38 26.59
N ASP B 443 32.61 8.86 25.62
CA ASP B 443 31.36 8.20 25.97
C ASP B 443 31.61 6.84 26.58
N TYR B 444 32.62 6.12 26.09
CA TYR B 444 32.89 4.76 26.56
C TYR B 444 33.33 4.77 28.03
N VAL B 445 34.17 5.73 28.41
CA VAL B 445 34.58 5.84 29.81
C VAL B 445 33.36 6.02 30.70
N HIS B 446 32.39 6.80 30.25
CA HIS B 446 31.16 6.90 31.01
C HIS B 446 30.30 5.66 30.85
N ARG B 447 30.32 5.03 29.67
CA ARG B 447 29.55 3.80 29.47
C ARG B 447 29.97 2.74 30.48
N ILE B 448 31.26 2.45 30.58
CA ILE B 448 31.76 1.51 31.58
C ILE B 448 31.73 2.08 32.99
N GLY B 449 31.63 3.40 33.14
CA GLY B 449 31.63 4.01 34.46
C GLY B 449 30.47 3.62 35.35
N ARG B 450 29.49 2.90 34.82
CA ARG B 450 28.29 2.50 35.55
C ARG B 450 28.52 1.28 36.43
N THR B 451 29.76 0.85 36.64
CA THR B 451 30.03 -0.43 37.30
C THR B 451 31.05 -0.24 38.41
N GLY B 452 30.53 -0.03 39.62
CA GLY B 452 31.26 -0.06 40.86
C GLY B 452 31.65 1.33 41.33
N ARG B 453 30.96 1.83 42.35
CA ARG B 453 31.34 3.07 43.04
C ARG B 453 31.69 2.82 44.50
N ALA B 454 30.81 2.13 45.22
CA ALA B 454 31.01 1.78 46.62
C ALA B 454 31.64 0.40 46.75
N GLY B 455 30.99 -0.62 46.17
CA GLY B 455 31.42 -2.00 46.35
C GLY B 455 32.80 -2.29 45.81
N ALA B 456 33.30 -1.45 44.90
CA ALA B 456 34.67 -1.54 44.38
C ALA B 456 34.94 -2.88 43.68
N THR B 457 34.09 -3.16 42.69
CA THR B 457 34.28 -4.30 41.79
C THR B 457 33.30 -4.16 40.64
N GLY B 458 33.71 -4.62 39.47
CA GLY B 458 32.88 -4.49 38.30
C GLY B 458 33.51 -5.13 37.09
N THR B 459 32.67 -5.38 36.08
CA THR B 459 33.11 -5.98 34.82
C THR B 459 32.63 -5.13 33.64
N ALA B 460 33.42 -5.15 32.57
CA ALA B 460 33.09 -4.43 31.34
C ALA B 460 33.52 -5.29 30.16
N ILE B 461 32.54 -5.84 29.44
CA ILE B 461 32.77 -6.66 28.26
C ILE B 461 32.57 -5.79 27.03
N SER B 462 33.63 -5.59 26.26
CA SER B 462 33.57 -4.74 25.08
C SER B 462 33.76 -5.58 23.81
N PHE B 463 32.99 -5.24 22.78
CA PHE B 463 33.00 -5.94 21.49
C PHE B 463 33.57 -4.98 20.45
N PHE B 464 34.78 -5.26 19.98
CA PHE B 464 35.48 -4.37 19.07
C PHE B 464 35.59 -5.04 17.70
N THR B 465 35.37 -4.24 16.65
CA THR B 465 35.35 -4.67 15.25
C THR B 465 36.12 -3.63 14.44
N GLU B 466 36.53 -4.01 13.22
CA GLU B 466 37.21 -3.04 12.38
C GLU B 466 36.31 -1.89 11.99
N GLN B 467 35.01 -2.01 12.22
CA GLN B 467 34.13 -0.85 12.21
C GLN B 467 34.43 0.14 13.34
N ASN B 468 35.33 -0.23 14.26
CA ASN B 468 35.66 0.61 15.41
C ASN B 468 37.18 0.84 15.52
N LYS B 469 37.93 0.55 14.46
CA LYS B 469 39.39 0.65 14.54
C LYS B 469 39.86 2.07 14.77
N GLY B 470 39.04 3.07 14.44
CA GLY B 470 39.39 4.45 14.69
C GLY B 470 39.55 4.78 16.16
N LEU B 471 39.01 3.93 17.04
CA LEU B 471 39.10 4.14 18.48
C LEU B 471 40.05 3.15 19.15
N GLY B 472 40.58 2.17 18.41
CA GLY B 472 41.47 1.19 19.01
C GLY B 472 42.75 1.78 19.57
N ALA B 473 43.28 2.82 18.90
CA ALA B 473 44.56 3.38 19.31
C ALA B 473 44.52 3.88 20.75
N LYS B 474 43.48 4.64 21.11
CA LYS B 474 43.36 5.21 22.44
C LYS B 474 42.64 4.28 23.42
N LEU B 475 42.02 3.20 22.93
CA LEU B 475 41.42 2.23 23.82
C LEU B 475 42.47 1.53 24.68
N ILE B 476 43.65 1.27 24.10
CA ILE B 476 44.68 0.53 24.82
C ILE B 476 45.29 1.40 25.90
N SER B 477 45.54 2.68 25.59
CA SER B 477 46.16 3.55 26.57
C SER B 477 45.23 3.84 27.75
N ILE B 478 43.93 3.70 27.55
CA ILE B 478 43.01 3.77 28.69
C ILE B 478 43.04 2.45 29.45
N MET B 479 43.16 1.33 28.75
CA MET B 479 43.30 0.04 29.41
C MET B 479 44.70 -0.14 29.97
N ARG B 480 45.71 0.45 29.31
CA ARG B 480 47.07 0.36 29.80
C ARG B 480 47.28 1.25 31.02
N GLU B 481 46.52 2.35 31.12
CA GLU B 481 46.56 3.16 32.32
C GLU B 481 45.70 2.57 33.43
N ALA B 482 44.62 1.89 33.07
CA ALA B 482 43.87 1.10 34.04
C ALA B 482 44.51 -0.25 34.30
N ASN B 483 45.67 -0.49 33.72
CA ASN B 483 46.43 -1.74 33.81
C ASN B 483 45.52 -2.95 33.72
N GLN B 484 44.74 -2.99 32.65
CA GLN B 484 43.94 -4.16 32.34
C GLN B 484 44.75 -5.00 31.37
N ASN B 485 44.50 -6.31 31.37
CA ASN B 485 45.17 -7.16 30.40
C ASN B 485 44.62 -6.84 29.01
N ILE B 486 45.50 -6.91 28.01
CA ILE B 486 45.19 -6.48 26.65
C ILE B 486 45.23 -7.70 25.75
N PRO B 487 44.21 -7.91 24.91
CA PRO B 487 44.25 -9.05 24.01
C PRO B 487 45.29 -8.86 22.93
N PRO B 488 45.90 -9.95 22.44
CA PRO B 488 46.88 -9.82 21.37
C PRO B 488 46.32 -9.28 20.05
N GLU B 489 45.02 -9.42 19.81
CA GLU B 489 44.46 -9.13 18.50
C GLU B 489 44.05 -7.68 18.30
N LEU B 490 43.98 -6.88 19.36
CA LEU B 490 43.56 -5.49 19.26
C LEU B 490 44.73 -4.55 19.07
N LEU B 491 45.95 -5.01 19.30
CA LEU B 491 47.16 -4.23 19.05
C LEU B 491 47.37 -3.92 17.57
N LYS B 492 46.49 -4.41 16.69
CA LYS B 492 46.61 -4.21 15.25
C LYS B 492 46.24 -2.81 14.82
N TYR B 493 45.47 -2.07 15.63
CA TYR B 493 44.84 -0.83 15.21
C TYR B 493 45.30 0.33 16.09
N ASP B 494 46.60 0.41 16.40
CA ASP B 494 47.06 1.37 17.39
C ASP B 494 47.90 2.51 16.84
N ARG B 495 48.91 2.24 16.03
CA ARG B 495 49.81 3.31 15.62
C ARG B 495 49.79 3.46 14.10
N ARG B 496 50.53 4.45 13.61
CA ARG B 496 50.59 4.80 12.19
C ARG B 496 49.19 4.96 11.58
N TYR C 52 4.98 -6.78 -11.67
CA TYR C 52 6.14 -6.70 -12.56
C TYR C 52 7.36 -6.07 -11.90
N ASN C 53 8.54 -6.47 -12.39
CA ASN C 53 9.78 -5.75 -12.17
C ASN C 53 10.86 -6.34 -13.07
N GLN C 54 11.72 -5.47 -13.59
CA GLN C 54 12.91 -5.79 -14.37
C GLN C 54 13.73 -4.51 -14.40
N PRO C 55 15.04 -4.55 -14.14
CA PRO C 55 15.82 -3.30 -14.17
C PRO C 55 16.55 -2.92 -15.45
N GLN C 56 16.65 -3.76 -16.48
CA GLN C 56 17.68 -3.49 -17.47
C GLN C 56 17.36 -4.02 -18.86
N GLU C 57 17.88 -3.29 -19.86
CA GLU C 57 18.37 -3.78 -21.15
C GLU C 57 18.96 -2.59 -21.90
N LEU C 58 19.82 -2.89 -22.88
CA LEU C 58 20.61 -1.89 -23.57
C LEU C 58 20.59 -1.96 -25.09
N ILE C 59 20.09 -3.04 -25.70
CA ILE C 59 20.47 -3.45 -27.04
C ILE C 59 20.46 -2.29 -28.04
N LYS C 60 21.57 -2.14 -28.76
CA LYS C 60 21.68 -1.28 -29.93
C LYS C 60 21.69 -2.17 -31.16
N PRO C 61 20.70 -2.12 -32.05
CA PRO C 61 20.69 -3.06 -33.17
C PRO C 61 21.54 -2.56 -34.33
N ASN C 62 21.90 -3.51 -35.20
CA ASN C 62 22.72 -3.26 -36.37
C ASN C 62 21.78 -3.20 -37.58
N TRP C 63 21.30 -2.00 -37.89
CA TRP C 63 20.25 -1.87 -38.88
C TRP C 63 20.71 -2.16 -40.31
N ASP C 64 22.01 -2.07 -40.58
CA ASP C 64 22.49 -2.45 -41.91
C ASP C 64 22.21 -3.91 -42.22
N GLU C 65 21.96 -4.72 -41.20
CA GLU C 65 21.70 -6.15 -41.37
C GLU C 65 20.25 -6.54 -41.15
N GLU C 66 19.44 -5.69 -40.53
CA GLU C 66 18.08 -6.04 -40.16
C GLU C 66 17.02 -5.39 -41.04
N LEU C 67 17.41 -4.57 -42.01
CA LEU C 67 16.43 -3.89 -42.85
C LEU C 67 15.71 -4.82 -43.82
N PRO C 68 16.38 -5.77 -44.49
CA PRO C 68 15.65 -6.66 -45.40
C PRO C 68 14.61 -7.55 -44.71
N LYS C 69 14.63 -7.64 -43.39
CA LYS C 69 13.70 -8.48 -42.63
C LYS C 69 12.48 -7.72 -42.14
N LEU C 70 12.40 -6.39 -42.41
CA LEU C 70 11.31 -5.53 -41.94
C LEU C 70 10.24 -5.37 -43.02
N PRO C 71 8.98 -5.15 -42.62
CA PRO C 71 7.91 -4.94 -43.60
C PRO C 71 8.07 -3.61 -44.33
N THR C 72 7.28 -3.45 -45.38
CA THR C 72 7.33 -2.29 -46.25
C THR C 72 6.21 -1.32 -45.90
N PHE C 73 6.50 -0.02 -45.99
CA PHE C 73 5.53 1.01 -45.65
C PHE C 73 5.69 2.19 -46.61
N GLU C 74 4.62 2.98 -46.70
CA GLU C 74 4.60 4.18 -47.51
C GLU C 74 4.59 5.41 -46.62
N LYS C 75 5.33 6.45 -47.03
CA LYS C 75 5.34 7.72 -46.31
C LYS C 75 4.73 8.87 -47.09
N ASN C 76 4.76 8.82 -48.43
CA ASN C 76 4.26 9.88 -49.29
C ASN C 76 2.78 9.61 -49.59
N PHE C 77 1.94 10.64 -49.43
CA PHE C 77 0.52 10.52 -49.79
C PHE C 77 -0.12 11.65 -50.60
N TYR C 78 0.55 12.79 -50.79
CA TYR C 78 -0.14 14.04 -51.19
C TYR C 78 -0.19 14.22 -52.70
N VAL C 79 -1.34 14.73 -53.19
CA VAL C 79 -1.69 14.62 -54.61
C VAL C 79 -2.05 15.97 -55.27
N GLU C 80 -1.74 17.11 -54.64
CA GLU C 80 -1.82 18.41 -55.33
C GLU C 80 -3.21 18.73 -55.91
N HIS C 81 -4.19 18.86 -55.01
CA HIS C 81 -5.59 19.03 -55.41
C HIS C 81 -5.79 20.30 -56.25
N GLU C 82 -7.00 20.43 -56.83
CA GLU C 82 -7.20 21.15 -58.08
C GLU C 82 -6.56 22.53 -58.13
N SER C 83 -6.92 23.41 -57.19
CA SER C 83 -6.51 24.81 -57.30
C SER C 83 -5.02 25.03 -57.09
N VAL C 84 -4.29 24.04 -56.57
CA VAL C 84 -2.87 24.22 -56.33
C VAL C 84 -2.12 24.37 -57.65
N ARG C 85 -2.50 23.57 -58.65
CA ARG C 85 -1.85 23.51 -59.96
C ARG C 85 -2.86 23.88 -61.04
N ASP C 86 -2.55 24.94 -61.82
CA ASP C 86 -1.32 25.70 -61.72
C ASP C 86 -1.63 27.19 -61.84
N ARG C 87 -0.63 28.02 -61.59
CA ARG C 87 -0.87 29.44 -61.35
C ARG C 87 -0.29 30.39 -62.41
N SER C 88 0.96 30.24 -62.85
CA SER C 88 1.98 29.26 -62.48
C SER C 88 3.28 29.92 -61.98
N ASP C 89 3.60 29.75 -60.71
CA ASP C 89 4.84 30.24 -60.09
C ASP C 89 4.96 31.76 -60.15
N SER C 90 3.89 32.45 -60.53
CA SER C 90 3.79 33.90 -60.40
C SER C 90 2.99 34.28 -59.18
N GLU C 91 1.87 33.60 -58.95
CA GLU C 91 1.10 33.79 -57.74
C GLU C 91 1.88 33.37 -56.51
N ILE C 92 2.57 32.22 -56.58
CA ILE C 92 3.31 31.73 -55.43
C ILE C 92 4.41 32.68 -55.02
N ALA C 93 5.02 33.37 -56.01
CA ALA C 93 6.23 34.15 -55.76
C ALA C 93 6.07 35.08 -54.57
N GLN C 94 5.02 35.89 -54.57
CA GLN C 94 4.81 36.84 -53.49
C GLN C 94 3.85 36.34 -52.42
N PHE C 95 3.15 35.21 -52.67
CA PHE C 95 2.42 34.60 -51.56
C PHE C 95 3.38 34.02 -50.54
N ARG C 96 4.57 33.59 -50.99
CA ARG C 96 5.62 33.19 -50.07
C ARG C 96 5.92 34.31 -49.09
N LYS C 97 6.20 35.52 -49.60
CA LYS C 97 6.53 36.65 -48.75
C LYS C 97 5.30 37.37 -48.22
N GLU C 98 4.12 37.07 -48.76
CA GLU C 98 2.89 37.46 -48.08
C GLU C 98 2.76 36.69 -46.77
N ASN C 99 3.01 35.38 -46.84
CA ASN C 99 3.09 34.54 -45.66
C ASN C 99 4.53 34.35 -45.21
N GLU C 100 5.46 35.11 -45.81
CA GLU C 100 6.86 35.22 -45.37
C GLU C 100 7.51 33.86 -45.12
N MET C 101 7.10 32.85 -45.89
CA MET C 101 7.66 31.51 -45.79
C MET C 101 8.86 31.37 -46.71
N THR C 102 9.90 30.70 -46.20
CA THR C 102 11.17 30.54 -46.92
C THR C 102 11.47 29.06 -47.06
N ILE C 103 11.48 28.57 -48.29
CA ILE C 103 11.78 27.18 -48.60
C ILE C 103 13.17 27.11 -49.24
N SER C 104 13.88 26.02 -48.95
CA SER C 104 15.16 25.77 -49.60
C SER C 104 15.38 24.26 -49.62
N GLY C 105 15.19 23.67 -50.79
CA GLY C 105 15.34 22.24 -50.97
C GLY C 105 15.31 21.92 -52.44
N HIS C 106 15.01 20.67 -52.75
CA HIS C 106 14.83 20.25 -54.13
C HIS C 106 13.44 19.63 -54.30
N ASP C 107 12.74 20.06 -55.34
CA ASP C 107 11.39 19.60 -55.68
C ASP C 107 10.49 19.64 -54.45
N ILE C 108 10.37 20.83 -53.88
CA ILE C 108 9.45 21.07 -52.78
C ILE C 108 8.05 21.26 -53.35
N PRO C 109 7.03 20.62 -52.79
CA PRO C 109 5.67 20.78 -53.35
C PRO C 109 5.19 22.21 -53.15
N LYS C 110 4.04 22.48 -53.71
CA LYS C 110 3.64 23.87 -53.66
C LYS C 110 2.51 24.07 -52.65
N PRO C 111 2.45 25.24 -52.03
CA PRO C 111 1.55 25.43 -50.89
C PRO C 111 0.08 25.30 -51.26
N ILE C 112 -0.72 25.05 -50.24
CA ILE C 112 -2.17 24.97 -50.37
C ILE C 112 -2.78 26.21 -49.73
N THR C 113 -4.02 26.50 -50.08
CA THR C 113 -4.75 27.61 -49.50
C THR C 113 -6.03 27.20 -48.78
N THR C 114 -6.71 26.18 -49.28
CA THR C 114 -7.94 25.68 -48.67
C THR C 114 -7.65 24.40 -47.91
N PHE C 115 -8.58 24.04 -47.02
CA PHE C 115 -8.52 22.71 -46.40
C PHE C 115 -8.75 21.62 -47.43
N ASP C 116 -9.70 21.86 -48.35
CA ASP C 116 -9.99 20.93 -49.43
C ASP C 116 -8.80 20.79 -50.37
N GLU C 117 -7.82 21.70 -50.31
CA GLU C 117 -6.66 21.60 -51.16
C GLU C 117 -5.60 20.65 -50.61
N ALA C 118 -5.76 20.19 -49.38
CA ALA C 118 -4.86 19.21 -48.82
C ALA C 118 -5.36 17.82 -49.16
N GLY C 119 -4.43 16.89 -49.31
CA GLY C 119 -4.83 15.52 -49.63
C GLY C 119 -5.35 14.80 -48.42
N PHE C 120 -6.26 15.44 -47.68
CA PHE C 120 -6.90 14.84 -46.51
C PHE C 120 -8.19 14.14 -46.93
N PRO C 121 -8.45 12.95 -46.41
CA PRO C 121 -9.75 12.31 -46.70
C PRO C 121 -10.89 13.05 -46.05
N ASP C 122 -12.13 12.61 -46.27
CA ASP C 122 -13.27 13.36 -45.79
C ASP C 122 -13.59 13.01 -44.34
N TYR C 123 -13.19 11.83 -43.90
CA TYR C 123 -13.42 11.43 -42.52
C TYR C 123 -12.59 12.24 -41.54
N VAL C 124 -11.48 12.83 -42.01
CA VAL C 124 -10.70 13.73 -41.18
C VAL C 124 -11.03 15.17 -41.58
N LEU C 125 -11.40 15.38 -42.85
CA LEU C 125 -11.74 16.73 -43.27
C LEU C 125 -13.11 17.15 -42.75
N ASN C 126 -13.95 16.19 -42.38
CA ASN C 126 -15.18 16.54 -41.69
C ASN C 126 -14.95 16.82 -40.22
N GLU C 127 -13.72 16.69 -39.73
CA GLU C 127 -13.43 17.01 -38.35
C GLU C 127 -12.84 18.41 -38.16
N VAL C 128 -12.05 18.90 -39.12
CA VAL C 128 -11.66 20.30 -39.09
C VAL C 128 -12.90 21.18 -39.24
N LYS C 129 -13.92 20.66 -39.93
CA LYS C 129 -15.18 21.38 -40.05
C LYS C 129 -15.92 21.43 -38.73
N ALA C 130 -15.92 20.32 -37.99
CA ALA C 130 -16.54 20.33 -36.67
C ALA C 130 -15.76 21.18 -35.69
N GLU C 131 -14.46 21.36 -35.92
CA GLU C 131 -13.69 22.32 -35.14
C GLU C 131 -13.89 23.76 -35.60
N GLY C 132 -14.49 23.95 -36.78
CA GLY C 132 -14.86 25.27 -37.25
C GLY C 132 -13.76 26.06 -37.90
N PHE C 133 -12.61 25.45 -38.17
CA PHE C 133 -11.48 26.19 -38.70
C PHE C 133 -11.64 26.48 -40.18
N ASP C 134 -11.24 27.68 -40.58
CA ASP C 134 -11.09 28.05 -41.99
C ASP C 134 -9.67 28.58 -42.19
N LYS C 135 -9.24 28.64 -43.46
CA LYS C 135 -7.96 29.25 -43.85
C LYS C 135 -6.82 28.70 -43.01
N PRO C 136 -6.43 27.43 -43.20
CA PRO C 136 -5.38 26.83 -42.36
C PRO C 136 -4.11 27.66 -42.25
N THR C 137 -3.32 27.39 -41.20
CA THR C 137 -2.20 28.25 -40.84
C THR C 137 -1.15 28.26 -41.94
N GLY C 138 -0.41 29.36 -42.03
CA GLY C 138 0.57 29.54 -43.09
C GLY C 138 1.56 28.40 -43.21
N ILE C 139 2.05 27.91 -42.07
CA ILE C 139 3.02 26.81 -42.11
C ILE C 139 2.30 25.51 -42.44
N GLN C 140 1.05 25.36 -42.04
CA GLN C 140 0.29 24.18 -42.46
C GLN C 140 -0.04 24.23 -43.93
N CYS C 141 0.00 25.42 -44.55
CA CYS C 141 -0.29 25.52 -45.97
C CYS C 141 0.86 25.06 -46.85
N GLN C 142 2.09 25.08 -46.34
CA GLN C 142 3.24 24.52 -47.03
C GLN C 142 3.80 23.27 -46.39
N GLY C 143 3.67 23.15 -45.06
CA GLY C 143 4.18 21.98 -44.38
C GLY C 143 3.38 20.74 -44.68
N TRP C 144 2.08 20.89 -44.93
CA TRP C 144 1.26 19.72 -45.24
C TRP C 144 1.66 19.10 -46.57
N PRO C 145 1.84 19.85 -47.67
CA PRO C 145 2.32 19.20 -48.90
C PRO C 145 3.67 18.53 -48.73
N MET C 146 4.55 19.09 -47.90
CA MET C 146 5.85 18.47 -47.65
C MET C 146 5.71 17.21 -46.82
N ALA C 147 4.97 17.30 -45.70
CA ALA C 147 4.89 16.20 -44.77
C ALA C 147 4.01 15.07 -45.30
N LEU C 148 2.93 15.42 -46.01
CA LEU C 148 2.08 14.40 -46.59
C LEU C 148 2.72 13.75 -47.80
N SER C 149 3.81 14.31 -48.30
CA SER C 149 4.58 13.74 -49.40
C SER C 149 5.72 12.86 -48.92
N GLY C 150 5.81 12.59 -47.63
CA GLY C 150 6.77 11.61 -47.16
C GLY C 150 8.20 12.07 -47.16
N ARG C 151 8.45 13.38 -47.12
CA ARG C 151 9.81 13.88 -47.09
C ARG C 151 10.19 14.22 -45.65
N ASP C 152 11.47 14.04 -45.33
CA ASP C 152 11.96 14.53 -44.06
C ASP C 152 12.04 16.04 -44.10
N MET C 153 11.54 16.69 -43.05
CA MET C 153 11.47 18.15 -43.06
C MET C 153 11.71 18.70 -41.66
N VAL C 154 12.13 19.95 -41.62
CA VAL C 154 12.22 20.74 -40.40
C VAL C 154 11.41 22.01 -40.61
N GLY C 155 10.61 22.36 -39.61
CA GLY C 155 9.80 23.56 -39.69
C GLY C 155 10.02 24.46 -38.50
N ILE C 156 10.38 25.72 -38.76
CA ILE C 156 10.63 26.69 -37.71
C ILE C 156 9.61 27.82 -37.84
N ALA C 157 8.91 28.11 -36.76
CA ALA C 157 7.93 29.18 -36.72
C ALA C 157 7.67 29.54 -35.27
N ALA C 158 6.98 30.65 -35.06
CA ALA C 158 6.60 31.05 -33.72
C ALA C 158 5.57 30.08 -33.16
N THR C 159 5.60 29.88 -31.84
CA THR C 159 4.61 29.00 -31.24
C THR C 159 3.29 29.74 -31.09
N GLY C 160 2.78 30.17 -32.24
CA GLY C 160 1.44 30.69 -32.38
C GLY C 160 0.89 30.15 -33.69
N SER C 161 1.72 29.34 -34.34
CA SER C 161 1.41 28.75 -35.63
C SER C 161 0.73 27.41 -35.40
N GLY C 162 0.55 26.64 -36.46
CA GLY C 162 -0.08 25.34 -36.34
C GLY C 162 0.94 24.23 -36.39
N LYS C 163 2.10 24.43 -35.75
CA LYS C 163 3.18 23.45 -35.84
C LYS C 163 2.72 22.07 -35.42
N THR C 164 1.87 21.99 -34.40
CA THR C 164 1.42 20.70 -33.89
C THR C 164 0.57 19.97 -34.93
N LEU C 165 -0.48 20.62 -35.40
CA LEU C 165 -1.39 19.98 -36.35
C LEU C 165 -0.81 19.90 -37.76
N SER C 166 0.37 20.49 -38.00
CA SER C 166 0.99 20.38 -39.32
C SER C 166 1.64 19.03 -39.52
N TYR C 167 1.88 18.30 -38.42
CA TYR C 167 2.38 16.93 -38.45
C TYR C 167 1.44 15.92 -37.82
N CYS C 168 0.48 16.37 -37.01
CA CYS C 168 -0.50 15.45 -36.44
C CYS C 168 -1.50 14.98 -37.50
N LEU C 169 -1.92 15.88 -38.37
CA LEU C 169 -2.91 15.53 -39.37
C LEU C 169 -2.30 14.62 -40.43
N PRO C 170 -1.08 14.87 -40.91
CA PRO C 170 -0.47 13.90 -41.84
C PRO C 170 -0.13 12.59 -41.19
N GLY C 171 -0.05 12.53 -39.86
CA GLY C 171 0.29 11.29 -39.20
C GLY C 171 -0.84 10.29 -39.13
N ILE C 172 -2.09 10.75 -39.21
CA ILE C 172 -3.20 9.82 -39.08
C ILE C 172 -3.39 9.03 -40.37
N VAL C 173 -3.22 9.68 -41.53
CA VAL C 173 -3.30 8.95 -42.79
C VAL C 173 -2.15 7.98 -42.90
N HIS C 174 -1.00 8.32 -42.31
CA HIS C 174 0.12 7.40 -42.24
C HIS C 174 -0.24 6.17 -41.43
N ILE C 175 -1.05 6.35 -40.39
CA ILE C 175 -1.45 5.23 -39.54
C ILE C 175 -2.43 4.33 -40.27
N ASN C 176 -3.46 4.93 -40.86
CA ASN C 176 -4.54 4.16 -41.46
C ASN C 176 -4.10 3.41 -42.71
N ALA C 177 -2.91 3.71 -43.25
CA ALA C 177 -2.36 2.97 -44.37
C ALA C 177 -1.64 1.70 -43.94
N GLN C 178 -1.53 1.44 -42.65
CA GLN C 178 -0.84 0.28 -42.11
C GLN C 178 -1.82 -0.70 -41.49
N PRO C 179 -1.46 -1.98 -41.41
CA PRO C 179 -2.38 -2.98 -40.85
C PRO C 179 -2.62 -2.74 -39.37
N LEU C 180 -3.53 -3.54 -38.83
CA LEU C 180 -3.94 -3.43 -37.43
C LEU C 180 -2.76 -3.70 -36.49
N LEU C 181 -2.92 -3.26 -35.25
CA LEU C 181 -1.79 -3.15 -34.35
C LEU C 181 -1.29 -4.48 -33.82
N ALA C 182 -2.02 -5.59 -33.97
CA ALA C 182 -1.32 -6.88 -33.81
C ALA C 182 -0.62 -7.03 -32.47
N PRO C 183 -1.38 -7.16 -31.36
CA PRO C 183 -0.86 -6.86 -30.02
C PRO C 183 0.53 -7.36 -29.69
N GLY C 184 1.23 -6.56 -28.89
CA GLY C 184 2.66 -6.63 -28.72
C GLY C 184 3.44 -5.82 -29.72
N ASP C 185 2.76 -5.10 -30.60
CA ASP C 185 3.38 -4.11 -31.47
C ASP C 185 3.26 -2.73 -30.85
N GLY C 186 4.32 -1.94 -30.95
CA GLY C 186 4.33 -0.61 -30.41
C GLY C 186 3.68 0.39 -31.35
N PRO C 187 3.98 1.67 -31.15
CA PRO C 187 3.34 2.72 -31.94
C PRO C 187 3.94 2.83 -33.34
N ILE C 188 3.19 3.47 -34.22
CA ILE C 188 3.64 3.76 -35.57
C ILE C 188 4.14 5.19 -35.69
N VAL C 189 3.49 6.13 -35.01
CA VAL C 189 3.94 7.51 -34.95
C VAL C 189 4.53 7.74 -33.57
N LEU C 190 5.71 8.36 -33.52
CA LEU C 190 6.34 8.76 -32.28
C LEU C 190 6.63 10.25 -32.36
N VAL C 191 6.10 10.99 -31.40
CA VAL C 191 6.36 12.42 -31.27
C VAL C 191 7.15 12.62 -29.98
N LEU C 192 8.22 13.39 -30.04
CA LEU C 192 9.07 13.61 -28.90
C LEU C 192 8.95 15.07 -28.46
N ALA C 193 8.73 15.27 -27.17
CA ALA C 193 8.51 16.60 -26.62
C ALA C 193 9.45 16.82 -25.43
N PRO C 194 9.77 18.07 -25.13
CA PRO C 194 10.72 18.32 -24.04
C PRO C 194 10.15 18.05 -22.66
N THR C 195 8.90 18.43 -22.39
CA THR C 195 8.38 18.37 -21.03
C THR C 195 6.96 17.81 -21.04
N ARG C 196 6.55 17.34 -19.85
CA ARG C 196 5.21 16.78 -19.60
C ARG C 196 4.09 17.60 -20.25
N GLU C 197 4.09 18.91 -20.03
CA GLU C 197 2.93 19.70 -20.39
C GLU C 197 2.92 20.12 -21.84
N LEU C 198 4.03 20.01 -22.55
CA LEU C 198 3.99 20.19 -24.00
C LEU C 198 3.51 18.93 -24.70
N ALA C 199 3.84 17.76 -24.14
CA ALA C 199 3.41 16.51 -24.72
C ALA C 199 1.89 16.34 -24.64
N VAL C 200 1.27 16.80 -23.56
CA VAL C 200 -0.17 16.55 -23.45
C VAL C 200 -0.96 17.47 -24.37
N GLN C 201 -0.44 18.66 -24.66
CA GLN C 201 -1.05 19.46 -25.72
C GLN C 201 -0.95 18.73 -27.04
N ILE C 202 0.15 18.02 -27.27
CA ILE C 202 0.26 17.19 -28.45
C ILE C 202 -0.76 16.07 -28.39
N GLN C 203 -1.06 15.59 -27.19
CA GLN C 203 -2.04 14.52 -27.04
C GLN C 203 -3.46 15.04 -27.15
N THR C 204 -3.68 16.32 -26.80
CA THR C 204 -5.01 16.90 -26.91
C THR C 204 -5.35 17.31 -28.33
N GLU C 205 -4.35 17.41 -29.21
CA GLU C 205 -4.63 17.67 -30.61
C GLU C 205 -4.70 16.40 -31.43
N CYS C 206 -4.10 15.31 -30.94
CA CYS C 206 -4.26 14.01 -31.57
C CYS C 206 -5.51 13.28 -31.10
N SER C 207 -6.07 13.68 -29.94
CA SER C 207 -7.28 13.04 -29.46
C SER C 207 -8.50 13.55 -30.22
N LYS C 208 -8.51 14.84 -30.55
CA LYS C 208 -9.64 15.45 -31.24
C LYS C 208 -9.77 15.01 -32.68
N PHE C 209 -8.76 14.33 -33.25
CA PHE C 209 -8.81 13.95 -34.66
C PHE C 209 -8.67 12.45 -34.89
N GLY C 210 -8.71 11.63 -33.85
CA GLY C 210 -8.59 10.19 -34.04
C GLY C 210 -9.82 9.36 -33.77
N HIS C 211 -11.01 9.97 -33.64
CA HIS C 211 -12.20 9.18 -33.41
C HIS C 211 -12.68 8.48 -34.69
N SER C 212 -12.67 9.19 -35.81
CA SER C 212 -13.12 8.61 -37.08
C SER C 212 -12.35 7.34 -37.40
N SER C 213 -11.02 7.43 -37.39
CA SER C 213 -10.14 6.29 -37.63
C SER C 213 -9.95 5.42 -36.39
N ARG C 214 -10.57 5.78 -35.27
CA ARG C 214 -10.43 5.09 -33.99
C ARG C 214 -8.97 4.99 -33.56
N ILE C 215 -8.16 5.99 -33.92
CA ILE C 215 -6.75 5.97 -33.56
C ILE C 215 -6.61 6.20 -32.06
N ARG C 216 -5.86 5.33 -31.40
CA ARG C 216 -5.56 5.45 -29.98
C ARG C 216 -4.19 6.10 -29.85
N ASN C 217 -4.04 6.95 -28.83
CA ASN C 217 -2.78 7.60 -28.59
C ASN C 217 -2.50 7.62 -27.11
N THR C 218 -1.24 7.43 -26.75
CA THR C 218 -0.81 7.45 -25.37
C THR C 218 0.26 8.53 -25.21
N CYS C 219 0.33 9.09 -24.00
CA CYS C 219 1.36 10.06 -23.66
C CYS C 219 2.09 9.56 -22.42
N VAL C 220 3.40 9.40 -22.53
CA VAL C 220 4.23 8.86 -21.45
C VAL C 220 5.29 9.91 -21.10
N TYR C 221 5.37 10.24 -19.82
CA TYR C 221 6.14 11.39 -19.36
C TYR C 221 6.65 11.14 -17.96
N GLY C 222 7.77 11.79 -17.64
CA GLY C 222 8.48 11.55 -16.40
C GLY C 222 7.86 12.24 -15.21
N GLY C 223 8.46 11.98 -14.06
CA GLY C 223 8.02 12.60 -12.83
C GLY C 223 6.77 12.03 -12.20
N VAL C 224 6.24 10.93 -12.73
CA VAL C 224 4.98 10.37 -12.22
C VAL C 224 5.13 8.86 -12.06
N PRO C 225 4.36 8.21 -11.19
CA PRO C 225 4.43 6.75 -11.09
C PRO C 225 4.08 6.10 -12.43
N LYS C 226 4.87 5.09 -12.79
CA LYS C 226 4.69 4.39 -14.05
C LYS C 226 3.44 3.51 -14.08
N SER C 227 2.77 3.33 -12.93
CA SER C 227 1.80 2.25 -12.77
C SER C 227 0.55 2.40 -13.63
N GLN C 228 0.21 3.59 -14.13
CA GLN C 228 -1.00 3.71 -14.94
C GLN C 228 -0.75 3.89 -16.43
N GLN C 229 0.38 4.45 -16.83
CA GLN C 229 0.66 4.51 -18.27
C GLN C 229 1.08 3.16 -18.83
N ILE C 230 1.48 2.20 -18.00
CA ILE C 230 1.85 0.90 -18.55
C ILE C 230 0.60 0.14 -18.97
N ARG C 231 -0.51 0.38 -18.28
CA ARG C 231 -1.76 -0.31 -18.56
C ARG C 231 -2.47 0.27 -19.77
N ASP C 232 -2.10 1.48 -20.17
CA ASP C 232 -2.59 2.05 -21.42
C ASP C 232 -1.70 1.74 -22.61
N LEU C 233 -0.41 1.49 -22.37
CA LEU C 233 0.45 1.03 -23.47
C LEU C 233 0.11 -0.39 -23.88
N SER C 234 -0.26 -1.22 -22.92
CA SER C 234 -0.57 -2.61 -23.22
C SER C 234 -1.84 -2.76 -24.05
N ARG C 235 -2.80 -1.83 -23.90
CA ARG C 235 -3.98 -1.91 -24.78
C ARG C 235 -3.68 -1.50 -26.21
N GLY C 236 -2.46 -1.18 -26.55
CA GLY C 236 -2.16 -0.73 -27.91
C GLY C 236 -2.42 0.75 -28.08
N SER C 237 -1.54 1.41 -28.81
CA SER C 237 -1.74 2.82 -29.15
C SER C 237 -0.92 3.11 -30.39
N GLU C 238 -1.58 3.66 -31.41
CA GLU C 238 -0.90 3.89 -32.68
C GLU C 238 0.04 5.08 -32.61
N ILE C 239 -0.25 6.05 -31.75
CA ILE C 239 0.58 7.22 -31.56
C ILE C 239 1.05 7.23 -30.12
N VAL C 240 2.35 7.45 -29.92
CA VAL C 240 2.92 7.65 -28.61
C VAL C 240 3.61 9.01 -28.59
N ILE C 241 3.31 9.81 -27.58
CA ILE C 241 3.95 11.09 -27.35
C ILE C 241 4.72 10.96 -26.05
N ALA C 242 6.04 11.08 -26.13
CA ALA C 242 6.89 10.71 -25.02
C ALA C 242 7.92 11.78 -24.73
N THR C 243 8.25 11.92 -23.45
CA THR C 243 9.47 12.67 -23.21
C THR C 243 10.66 11.73 -23.28
N PRO C 244 11.78 12.16 -23.86
CA PRO C 244 12.95 11.28 -23.92
C PRO C 244 13.37 10.76 -22.55
N GLY C 245 13.08 11.51 -21.48
CA GLY C 245 13.54 11.10 -20.17
C GLY C 245 12.90 9.81 -19.68
N ARG C 246 11.57 9.71 -19.79
CA ARG C 246 10.94 8.43 -19.44
C ARG C 246 10.84 7.48 -20.61
N LEU C 247 11.01 7.94 -21.86
CA LEU C 247 10.77 7.02 -22.97
C LEU C 247 11.81 5.90 -22.96
N ILE C 248 13.08 6.25 -22.73
CA ILE C 248 14.09 5.21 -22.59
C ILE C 248 13.82 4.37 -21.36
N ASP C 249 13.19 4.95 -20.35
CA ASP C 249 12.97 4.26 -19.09
C ASP C 249 11.84 3.24 -19.17
N MET C 250 11.12 3.17 -20.27
CA MET C 250 10.16 2.10 -20.48
C MET C 250 10.64 1.08 -21.50
N LEU C 251 11.67 1.40 -22.28
CA LEU C 251 12.33 0.40 -23.11
C LEU C 251 13.29 -0.47 -22.33
N GLU C 252 13.74 -0.04 -21.15
CA GLU C 252 14.67 -0.86 -20.38
C GLU C 252 13.94 -1.92 -19.57
N ILE C 253 12.68 -1.66 -19.19
CA ILE C 253 11.83 -2.69 -18.59
C ILE C 253 10.82 -3.25 -19.58
N GLY C 254 10.78 -2.72 -20.80
CA GLY C 254 10.12 -3.39 -21.92
C GLY C 254 8.61 -3.55 -21.99
N LYS C 255 7.84 -2.46 -21.91
CA LYS C 255 6.42 -2.53 -22.21
C LYS C 255 6.09 -1.87 -23.54
N THR C 256 7.09 -1.63 -24.37
CA THR C 256 6.88 -0.99 -25.66
C THR C 256 8.11 -1.24 -26.52
N ASN C 257 7.89 -1.23 -27.83
CA ASN C 257 8.95 -1.38 -28.81
C ASN C 257 8.85 -0.26 -29.84
N LEU C 258 9.97 0.09 -30.44
CA LEU C 258 10.00 1.10 -31.48
C LEU C 258 10.22 0.49 -32.87
N LYS C 259 9.67 -0.71 -33.10
CA LYS C 259 9.89 -1.41 -34.36
C LYS C 259 8.79 -1.20 -35.38
N ARG C 260 7.63 -0.66 -35.01
CA ARG C 260 6.66 -0.20 -35.99
C ARG C 260 6.69 1.30 -36.18
N VAL C 261 7.62 1.99 -35.53
CA VAL C 261 7.69 3.45 -35.68
C VAL C 261 8.21 3.76 -37.06
N THR C 262 7.35 4.30 -37.92
CA THR C 262 7.75 4.71 -39.25
C THR C 262 7.68 6.23 -39.44
N TYR C 263 7.07 6.95 -38.50
CA TYR C 263 6.80 8.37 -38.67
C TYR C 263 7.14 9.06 -37.35
N LEU C 264 8.37 9.55 -37.26
CA LEU C 264 8.93 10.12 -36.04
C LEU C 264 8.87 11.65 -36.10
N VAL C 265 8.49 12.26 -34.98
CA VAL C 265 8.40 13.72 -34.88
C VAL C 265 9.18 14.18 -33.66
N LEU C 266 9.91 15.28 -33.81
CA LEU C 266 10.66 15.91 -32.72
C LEU C 266 10.14 17.34 -32.59
N ASP C 267 9.24 17.56 -31.63
CA ASP C 267 8.70 18.89 -31.39
C ASP C 267 9.56 19.65 -30.40
N GLU C 268 9.80 20.93 -30.71
CA GLU C 268 10.60 21.83 -29.88
C GLU C 268 11.98 21.24 -29.61
N ALA C 269 12.70 20.98 -30.70
CA ALA C 269 14.02 20.39 -30.57
C ALA C 269 15.03 21.37 -30.01
N ASP C 270 14.78 22.66 -30.18
CA ASP C 270 15.66 23.68 -29.61
C ASP C 270 15.61 23.66 -28.09
N ARG C 271 14.40 23.80 -27.52
CA ARG C 271 14.26 23.74 -26.06
C ARG C 271 14.57 22.35 -25.53
N MET C 272 14.22 21.32 -26.29
CA MET C 272 14.54 19.96 -25.87
C MET C 272 16.04 19.75 -25.78
N LEU C 273 16.80 20.39 -26.67
CA LEU C 273 18.25 20.32 -26.62
C LEU C 273 18.82 21.12 -25.46
N ASP C 274 18.11 22.13 -24.98
CA ASP C 274 18.62 22.99 -23.93
C ASP C 274 18.67 22.31 -22.58
N MET C 275 17.95 21.20 -22.41
CA MET C 275 17.93 20.48 -21.15
C MET C 275 18.82 19.23 -21.16
N GLY C 276 19.71 19.12 -22.13
CA GLY C 276 20.59 17.96 -22.20
C GLY C 276 19.89 16.65 -22.50
N PHE C 277 18.87 16.68 -23.36
CA PHE C 277 18.14 15.47 -23.73
C PHE C 277 18.74 14.75 -24.93
N GLU C 278 19.69 15.37 -25.63
CA GLU C 278 20.31 14.72 -26.78
C GLU C 278 21.02 13.41 -26.42
N PRO C 279 21.74 13.29 -25.30
CA PRO C 279 22.34 11.99 -24.96
C PRO C 279 21.32 10.88 -24.84
N GLN C 280 20.06 11.23 -24.56
CA GLN C 280 18.97 10.26 -24.50
C GLN C 280 18.31 10.09 -25.86
N ILE C 281 18.35 11.11 -26.71
CA ILE C 281 17.80 10.98 -28.06
C ILE C 281 18.69 10.09 -28.92
N ARG C 282 19.99 10.01 -28.59
CA ARG C 282 20.85 9.04 -29.28
C ARG C 282 20.33 7.63 -29.13
N LYS C 283 19.79 7.31 -27.95
CA LYS C 283 19.35 5.95 -27.66
C LYS C 283 18.03 5.64 -28.33
N ILE C 284 17.17 6.64 -28.52
CA ILE C 284 15.85 6.40 -29.08
C ILE C 284 15.92 6.28 -30.60
N VAL C 285 16.74 7.10 -31.24
CA VAL C 285 16.86 7.01 -32.69
C VAL C 285 17.72 5.82 -33.11
N ASP C 286 18.48 5.23 -32.20
CA ASP C 286 19.26 4.05 -32.56
C ASP C 286 18.43 2.77 -32.55
N GLN C 287 17.16 2.84 -32.15
CA GLN C 287 16.28 1.68 -32.14
C GLN C 287 15.10 1.84 -33.07
N ILE C 288 15.13 2.82 -33.96
CA ILE C 288 14.08 3.04 -34.94
C ILE C 288 14.68 2.80 -36.31
N ARG C 289 13.86 2.26 -37.20
CA ARG C 289 14.29 1.96 -38.56
C ARG C 289 14.93 3.21 -39.17
N PRO C 290 16.12 3.12 -39.74
CA PRO C 290 16.74 4.31 -40.33
C PRO C 290 16.01 4.84 -41.54
N ASP C 291 15.11 4.07 -42.15
CA ASP C 291 14.35 4.50 -43.31
C ASP C 291 13.03 5.17 -42.95
N ARG C 292 12.80 5.49 -41.68
CA ARG C 292 11.59 6.18 -41.28
C ARG C 292 11.57 7.59 -41.85
N GLN C 293 10.46 8.27 -41.63
CA GLN C 293 10.27 9.65 -42.05
C GLN C 293 10.29 10.51 -40.80
N THR C 294 11.24 11.44 -40.74
CA THR C 294 11.41 12.29 -39.58
C THR C 294 10.98 13.71 -39.93
N LEU C 295 10.27 14.35 -39.01
CA LEU C 295 9.76 15.71 -39.19
C LEU C 295 10.12 16.52 -37.96
N MET C 296 11.05 17.46 -38.12
CA MET C 296 11.49 18.28 -37.00
C MET C 296 10.71 19.59 -36.96
N TRP C 297 10.49 20.08 -35.75
CA TRP C 297 9.72 21.30 -35.55
C TRP C 297 10.27 22.01 -34.32
N SER C 298 10.46 23.33 -34.44
CA SER C 298 10.92 24.13 -33.32
C SER C 298 10.67 25.61 -33.63
N ALA C 299 10.94 26.44 -32.64
CA ALA C 299 10.63 27.87 -32.72
C ALA C 299 11.83 28.78 -32.95
N THR C 300 13.03 28.37 -32.55
CA THR C 300 14.13 29.32 -32.42
C THR C 300 15.05 29.37 -33.63
N TRP C 301 15.06 28.33 -34.48
CA TRP C 301 16.02 28.20 -35.56
C TRP C 301 17.45 28.54 -35.12
N PRO C 302 18.07 27.74 -34.23
CA PRO C 302 19.52 27.88 -34.05
C PRO C 302 20.20 27.33 -35.31
N LYS C 303 21.51 27.06 -35.46
CA LYS C 303 22.70 27.07 -34.59
C LYS C 303 22.81 25.89 -33.59
N GLU C 304 21.80 25.03 -33.48
CA GLU C 304 22.01 23.61 -33.25
C GLU C 304 21.18 22.70 -34.14
N VAL C 305 20.07 23.19 -34.68
CA VAL C 305 19.23 22.37 -35.55
C VAL C 305 19.98 22.00 -36.82
N LYS C 306 20.53 23.02 -37.49
CA LYS C 306 21.32 22.84 -38.70
C LYS C 306 22.30 21.69 -38.53
N GLN C 307 22.95 21.61 -37.38
CA GLN C 307 23.74 20.42 -37.06
C GLN C 307 22.87 19.19 -36.92
N LEU C 308 21.91 19.22 -35.99
CA LEU C 308 21.10 18.03 -35.71
C LEU C 308 20.28 17.63 -36.93
N ALA C 309 19.65 18.61 -37.60
CA ALA C 309 18.83 18.31 -38.78
C ALA C 309 19.59 17.49 -39.81
N ALA C 310 20.89 17.73 -39.93
CA ALA C 310 21.72 17.02 -40.91
C ALA C 310 22.46 15.86 -40.29
N ASP C 311 22.17 15.54 -39.03
CA ASP C 311 22.64 14.31 -38.42
C ASP C 311 21.55 13.25 -38.34
N TYR C 312 20.28 13.64 -38.41
CA TYR C 312 19.18 12.69 -38.35
C TYR C 312 18.25 12.72 -39.55
N LEU C 313 18.08 13.84 -40.23
CA LEU C 313 17.21 13.89 -41.40
C LEU C 313 17.99 13.54 -42.65
N ASN C 314 17.36 12.77 -43.54
CA ASN C 314 17.96 12.31 -44.78
C ASN C 314 17.32 13.10 -45.92
N ASP C 315 18.12 13.93 -46.58
CA ASP C 315 17.64 14.87 -47.60
C ASP C 315 16.50 15.70 -47.04
N PRO C 316 16.76 16.57 -46.06
CA PRO C 316 15.66 17.31 -45.43
C PRO C 316 15.25 18.52 -46.27
N ILE C 317 14.03 18.97 -46.01
CA ILE C 317 13.45 20.16 -46.63
C ILE C 317 13.02 21.09 -45.51
N GLN C 318 13.61 22.27 -45.44
CA GLN C 318 13.29 23.22 -44.39
C GLN C 318 12.35 24.29 -44.93
N VAL C 319 11.44 24.74 -44.07
CA VAL C 319 10.59 25.88 -44.37
C VAL C 319 10.52 26.75 -43.11
N GLN C 320 10.82 28.03 -43.26
CA GLN C 320 10.72 28.98 -42.17
C GLN C 320 9.64 29.98 -42.53
N VAL C 321 8.71 30.22 -41.60
CA VAL C 321 7.65 31.18 -41.81
C VAL C 321 7.84 32.41 -40.93
N GLY C 322 8.28 32.22 -39.69
CA GLY C 322 8.47 33.33 -38.78
C GLY C 322 9.58 34.27 -39.21
N SER C 323 9.74 35.31 -38.40
CA SER C 323 10.77 36.32 -38.60
C SER C 323 10.85 37.16 -37.32
N LEU C 324 12.07 37.44 -36.89
CA LEU C 324 12.31 38.13 -35.62
C LEU C 324 11.91 39.61 -35.64
N GLU C 325 11.34 40.10 -36.73
CA GLU C 325 11.15 41.54 -36.96
C GLU C 325 9.66 41.88 -37.04
N LEU C 326 9.05 42.20 -35.89
CA LEU C 326 7.69 42.73 -35.89
C LEU C 326 7.35 43.21 -34.47
N SER C 327 6.18 43.84 -34.35
CA SER C 327 5.56 44.37 -33.14
C SER C 327 6.52 44.99 -32.14
N ALA C 328 6.95 44.23 -31.14
CA ALA C 328 7.80 44.74 -30.08
C ALA C 328 7.13 45.92 -29.38
N SER C 329 5.89 45.70 -28.95
CA SER C 329 4.96 46.74 -28.50
C SER C 329 5.61 47.70 -27.51
N HIS C 330 5.63 48.97 -27.88
CA HIS C 330 6.23 50.02 -27.07
C HIS C 330 5.27 50.59 -26.04
N ASN C 331 4.01 50.16 -26.04
CA ASN C 331 2.98 50.75 -25.19
C ASN C 331 2.87 50.04 -23.84
N ILE C 332 3.88 49.27 -23.48
CA ILE C 332 3.93 48.56 -22.21
C ILE C 332 5.24 48.91 -21.53
N THR C 333 5.15 49.39 -20.30
CA THR C 333 6.36 49.71 -19.54
C THR C 333 6.92 48.40 -19.00
N GLN C 334 8.07 47.98 -19.52
CA GLN C 334 8.66 46.70 -19.19
C GLN C 334 9.77 46.98 -18.18
N ILE C 335 9.67 46.35 -17.02
CA ILE C 335 10.44 46.76 -15.86
C ILE C 335 11.37 45.67 -15.35
N VAL C 336 11.84 44.80 -16.23
CA VAL C 336 12.45 43.56 -15.75
C VAL C 336 13.80 43.92 -15.13
N GLU C 337 13.86 43.89 -13.79
CA GLU C 337 15.10 44.18 -13.08
C GLU C 337 15.41 43.27 -11.90
N VAL C 338 14.56 42.30 -11.56
CA VAL C 338 14.66 41.60 -10.29
C VAL C 338 15.51 40.34 -10.44
N VAL C 339 16.59 40.26 -9.66
CA VAL C 339 17.51 39.11 -9.76
C VAL C 339 16.77 37.81 -9.46
N SER C 340 16.02 37.77 -8.37
CA SER C 340 14.95 36.79 -8.15
C SER C 340 15.40 35.38 -7.83
N ASP C 341 16.69 35.13 -7.57
CA ASP C 341 17.19 33.75 -7.50
C ASP C 341 16.25 32.84 -6.74
N PHE C 342 15.90 33.23 -5.52
CA PHE C 342 14.88 32.56 -4.73
C PHE C 342 13.96 33.55 -4.01
N GLU C 343 14.13 34.85 -4.24
CA GLU C 343 13.23 35.89 -3.74
C GLU C 343 11.81 35.76 -4.28
N LYS C 344 11.66 35.08 -5.43
CA LYS C 344 10.52 35.25 -6.33
C LYS C 344 9.17 35.40 -5.63
N ARG C 345 8.88 34.55 -4.64
CA ARG C 345 7.62 34.70 -3.92
C ARG C 345 7.58 35.99 -3.10
N ASP C 346 8.72 36.44 -2.56
CA ASP C 346 8.71 37.62 -1.70
C ASP C 346 8.41 38.89 -2.50
N ARG C 347 8.97 39.01 -3.71
CA ARG C 347 8.66 40.17 -4.53
C ARG C 347 7.24 40.12 -5.07
N LEU C 348 6.74 38.90 -5.33
CA LEU C 348 5.41 38.77 -5.93
C LEU C 348 4.33 39.28 -4.97
N ASN C 349 4.45 38.99 -3.67
CA ASN C 349 3.50 39.59 -2.75
C ASN C 349 3.66 41.10 -2.75
N LYS C 350 4.89 41.59 -2.82
CA LYS C 350 5.13 43.02 -2.82
C LYS C 350 4.71 43.65 -4.14
N TYR C 351 4.92 42.96 -5.26
CA TYR C 351 4.44 43.49 -6.52
C TYR C 351 2.93 43.34 -6.68
N LEU C 352 2.31 42.42 -5.93
CA LEU C 352 0.86 42.36 -5.91
C LEU C 352 0.28 43.33 -4.91
N GLU C 353 0.99 43.60 -3.81
CA GLU C 353 0.54 44.61 -2.86
C GLU C 353 0.48 45.99 -3.50
N THR C 354 1.39 46.29 -4.44
CA THR C 354 1.27 47.53 -5.18
C THR C 354 0.15 47.45 -6.22
N ALA C 355 -0.03 46.28 -6.83
CA ALA C 355 -1.12 46.13 -7.80
C ALA C 355 -2.48 46.09 -7.11
N SER C 356 -2.55 45.49 -5.93
CA SER C 356 -3.81 45.41 -5.19
C SER C 356 -4.39 46.78 -4.87
N GLN C 357 -3.57 47.84 -4.87
CA GLN C 357 -4.07 49.15 -4.46
C GLN C 357 -5.06 49.71 -5.48
N ASP C 358 -4.78 49.56 -6.77
CA ASP C 358 -5.77 49.91 -7.75
C ASP C 358 -6.90 48.88 -7.72
N ASN C 359 -8.06 49.27 -8.23
CA ASN C 359 -9.19 48.36 -8.20
C ASN C 359 -10.18 48.75 -9.27
N GLU C 360 -10.66 47.76 -10.02
CA GLU C 360 -10.19 46.41 -9.80
C GLU C 360 -9.05 46.07 -10.73
N TYR C 361 -7.90 45.80 -10.12
CA TYR C 361 -6.76 45.33 -10.87
C TYR C 361 -7.05 43.93 -11.41
N LYS C 362 -6.30 43.54 -12.43
CA LYS C 362 -6.48 42.25 -13.10
C LYS C 362 -5.10 41.78 -13.51
N THR C 363 -4.56 40.83 -12.74
CA THR C 363 -3.17 40.43 -12.85
C THR C 363 -3.05 39.07 -13.52
N LEU C 364 -1.99 38.90 -14.32
CA LEU C 364 -1.74 37.66 -15.03
C LEU C 364 -0.32 37.20 -14.73
N ILE C 365 -0.22 36.10 -13.99
CA ILE C 365 1.06 35.46 -13.67
C ILE C 365 1.37 34.42 -14.73
N PHE C 366 2.64 34.33 -15.13
CA PHE C 366 3.06 33.39 -16.15
C PHE C 366 4.12 32.46 -15.58
N ALA C 367 3.98 31.17 -15.91
CA ALA C 367 4.92 30.12 -15.58
C ALA C 367 5.24 29.35 -16.85
N SER C 368 6.26 28.49 -16.77
CA SER C 368 6.63 27.67 -17.91
C SER C 368 6.24 26.21 -17.74
N THR C 369 6.07 25.72 -16.51
CA THR C 369 5.65 24.36 -16.24
C THR C 369 4.32 24.37 -15.48
N LYS C 370 3.62 23.24 -15.56
CA LYS C 370 2.39 23.05 -14.77
C LYS C 370 2.69 22.75 -13.31
N ARG C 371 3.75 22.00 -13.05
CA ARG C 371 4.09 21.63 -11.68
C ARG C 371 4.58 22.82 -10.90
N MET C 372 5.04 23.86 -11.58
CA MET C 372 5.30 25.14 -10.93
C MET C 372 4.14 26.11 -11.14
N CYS C 373 3.17 25.78 -11.99
CA CYS C 373 1.98 26.62 -12.14
C CYS C 373 0.86 26.22 -11.19
N ASP C 374 0.75 24.94 -10.85
CA ASP C 374 -0.08 24.56 -9.72
C ASP C 374 0.54 25.04 -8.42
N ASP C 375 1.85 25.30 -8.43
CA ASP C 375 2.58 25.74 -7.26
C ASP C 375 2.30 27.21 -6.95
N ILE C 376 2.45 28.09 -7.95
CA ILE C 376 2.32 29.52 -7.72
C ILE C 376 0.96 29.83 -7.12
N THR C 377 -0.10 29.21 -7.65
CA THR C 377 -1.41 29.33 -7.01
C THR C 377 -1.39 28.72 -5.63
N LYS C 378 -0.67 27.61 -5.46
CA LYS C 378 -0.55 26.98 -4.15
C LYS C 378 0.27 27.82 -3.18
N TYR C 379 1.05 28.79 -3.68
CA TYR C 379 1.88 29.55 -2.75
C TYR C 379 1.19 30.82 -2.29
N LEU C 380 0.54 31.53 -3.20
CA LEU C 380 -0.03 32.81 -2.82
C LEU C 380 -1.38 32.66 -2.15
N ARG C 381 -2.19 31.69 -2.57
CA ARG C 381 -3.50 31.49 -1.95
C ARG C 381 -3.39 31.23 -0.46
N GLU C 382 -2.29 30.63 -0.01
CA GLU C 382 -2.13 30.43 1.43
C GLU C 382 -1.69 31.70 2.14
N ASP C 383 -1.17 32.69 1.42
CA ASP C 383 -0.91 33.99 2.03
C ASP C 383 -2.15 34.87 2.06
N GLY C 384 -3.23 34.44 1.41
CA GLY C 384 -4.46 35.20 1.39
C GLY C 384 -4.74 35.91 0.08
N TRP C 385 -4.19 35.43 -1.02
CA TRP C 385 -4.40 36.06 -2.31
C TRP C 385 -5.36 35.24 -3.14
N PRO C 386 -6.38 35.83 -3.77
CA PRO C 386 -7.25 35.05 -4.64
C PRO C 386 -6.51 34.66 -5.91
N ALA C 387 -6.42 33.36 -6.18
CA ALA C 387 -5.73 32.89 -7.35
C ALA C 387 -6.54 31.79 -8.05
N LEU C 388 -6.42 31.78 -9.36
CA LEU C 388 -6.91 30.70 -10.20
C LEU C 388 -5.75 30.20 -11.04
N ALA C 389 -5.81 28.95 -11.47
CA ALA C 389 -4.69 28.34 -12.18
C ALA C 389 -5.16 27.82 -13.53
N ILE C 390 -4.27 27.92 -14.52
CA ILE C 390 -4.57 27.52 -15.89
C ILE C 390 -3.33 26.87 -16.47
N HIS C 391 -3.44 25.59 -16.85
CA HIS C 391 -2.35 24.92 -17.55
C HIS C 391 -2.94 23.94 -18.55
N GLY C 392 -2.06 23.27 -19.29
CA GLY C 392 -2.47 22.39 -20.36
C GLY C 392 -2.83 20.98 -19.97
N ASP C 393 -2.13 20.44 -18.96
CA ASP C 393 -2.31 19.03 -18.60
C ASP C 393 -3.75 18.76 -18.14
N LYS C 394 -4.19 19.42 -17.07
CA LYS C 394 -5.57 19.37 -16.65
C LYS C 394 -6.36 20.46 -17.39
N ASP C 395 -7.60 20.67 -16.96
CA ASP C 395 -8.42 21.79 -17.39
C ASP C 395 -8.59 21.82 -18.91
N GLN C 396 -9.20 20.78 -19.47
CA GLN C 396 -9.49 20.89 -20.90
C GLN C 396 -10.68 21.82 -21.13
N ARG C 397 -11.82 21.49 -20.53
CA ARG C 397 -12.97 22.40 -20.52
C ARG C 397 -12.98 23.32 -19.31
N GLU C 398 -12.26 22.95 -18.24
CA GLU C 398 -12.27 23.72 -17.01
C GLU C 398 -11.66 25.11 -17.19
N ARG C 399 -10.66 25.25 -18.06
CA ARG C 399 -10.01 26.55 -18.22
C ARG C 399 -10.91 27.59 -18.85
N ASP C 400 -12.02 27.20 -19.47
CA ASP C 400 -12.91 28.22 -20.00
C ASP C 400 -13.78 28.79 -18.91
N TRP C 401 -14.02 28.03 -17.84
CA TRP C 401 -14.72 28.57 -16.68
C TRP C 401 -13.84 29.53 -15.91
N VAL C 402 -12.55 29.21 -15.81
CA VAL C 402 -11.62 30.12 -15.15
C VAL C 402 -11.43 31.38 -15.98
N LEU C 403 -11.40 31.24 -17.31
CA LEU C 403 -11.39 32.42 -18.17
C LEU C 403 -12.70 33.19 -18.06
N GLN C 404 -13.80 32.48 -17.79
CA GLN C 404 -15.08 33.14 -17.60
C GLN C 404 -15.10 33.96 -16.32
N GLU C 405 -14.43 33.47 -15.28
CA GLU C 405 -14.35 34.20 -14.03
C GLU C 405 -13.26 35.27 -14.05
N PHE C 406 -12.39 35.22 -15.05
CA PHE C 406 -11.39 36.25 -15.23
C PHE C 406 -11.98 37.45 -15.98
N ARG C 407 -12.97 37.19 -16.84
CA ARG C 407 -13.67 38.29 -17.50
C ARG C 407 -14.73 38.88 -16.58
N ASN C 408 -15.41 38.04 -15.82
CA ASN C 408 -16.45 38.50 -14.89
C ASN C 408 -15.88 39.14 -13.64
N GLY C 409 -14.56 39.24 -13.53
CA GLY C 409 -13.93 39.89 -12.39
C GLY C 409 -14.10 39.15 -11.08
N ARG C 410 -14.16 37.82 -11.11
CA ARG C 410 -14.39 37.07 -9.88
C ARG C 410 -13.11 36.89 -9.09
N SER C 411 -11.96 36.88 -9.76
CA SER C 411 -10.66 36.84 -9.12
C SER C 411 -9.75 37.72 -9.96
N PRO C 412 -8.98 38.61 -9.35
CA PRO C 412 -8.10 39.50 -10.13
C PRO C 412 -6.80 38.85 -10.57
N ILE C 413 -6.42 37.73 -9.97
CA ILE C 413 -5.15 37.08 -10.24
C ILE C 413 -5.38 35.73 -10.90
N MET C 414 -4.56 35.40 -11.89
CA MET C 414 -4.62 34.12 -12.56
C MET C 414 -3.21 33.72 -12.98
N VAL C 415 -2.78 32.54 -12.56
CA VAL C 415 -1.51 32.00 -13.01
C VAL C 415 -1.77 31.13 -14.23
N ALA C 416 -0.90 31.23 -15.22
CA ALA C 416 -1.05 30.51 -16.47
C ALA C 416 0.32 30.15 -17.02
N THR C 417 0.35 29.13 -17.86
CA THR C 417 1.57 28.79 -18.57
C THR C 417 1.42 29.18 -20.04
N ASP C 418 2.53 29.09 -20.78
CA ASP C 418 2.54 29.59 -22.14
C ASP C 418 1.63 28.77 -23.03
N VAL C 419 1.60 27.46 -22.82
CA VAL C 419 0.74 26.59 -23.63
C VAL C 419 -0.72 26.85 -23.32
N ALA C 420 -1.03 27.16 -22.06
CA ALA C 420 -2.41 27.41 -21.67
C ALA C 420 -2.94 28.77 -22.13
N ALA C 421 -2.08 29.78 -22.22
CA ALA C 421 -2.51 31.12 -22.60
C ALA C 421 -2.38 31.31 -24.12
N ARG C 422 -3.09 30.44 -24.84
CA ARG C 422 -3.06 30.41 -26.30
C ARG C 422 -4.37 30.95 -26.86
N GLY C 423 -4.28 32.08 -27.57
CA GLY C 423 -5.40 32.68 -28.27
C GLY C 423 -6.57 33.04 -27.37
N ILE C 424 -6.31 33.94 -26.43
CA ILE C 424 -7.32 34.49 -25.55
C ILE C 424 -7.36 35.99 -25.76
N ASP C 425 -8.58 36.55 -25.78
CA ASP C 425 -8.73 38.00 -25.76
C ASP C 425 -9.51 38.32 -24.48
N VAL C 426 -8.74 38.48 -23.42
CA VAL C 426 -9.25 38.74 -22.08
C VAL C 426 -8.66 40.06 -21.62
N LYS C 427 -8.39 40.95 -22.58
CA LYS C 427 -7.53 42.08 -22.28
C LYS C 427 -8.24 43.10 -21.40
N GLY C 428 -7.41 43.91 -20.74
CA GLY C 428 -7.83 44.77 -19.65
C GLY C 428 -6.93 44.42 -18.49
N ILE C 429 -5.83 43.74 -18.81
CA ILE C 429 -4.94 43.14 -17.83
C ILE C 429 -3.82 44.12 -17.49
N ASN C 430 -3.79 44.58 -16.24
CA ASN C 430 -2.66 45.31 -15.72
C ASN C 430 -1.62 44.35 -15.16
N TYR C 431 -0.36 44.79 -15.13
CA TYR C 431 0.68 44.15 -14.32
C TYR C 431 0.86 42.67 -14.64
N VAL C 432 1.26 42.39 -15.88
CA VAL C 432 1.56 41.02 -16.29
C VAL C 432 2.94 40.66 -15.77
N ILE C 433 3.03 39.60 -14.95
CA ILE C 433 4.29 39.20 -14.32
C ILE C 433 4.79 37.90 -14.95
N ASN C 434 6.04 37.92 -15.40
CA ASN C 434 6.74 36.71 -15.85
C ASN C 434 7.56 36.17 -14.69
N TYR C 435 6.89 35.39 -13.84
CA TYR C 435 7.54 34.79 -12.68
C TYR C 435 8.60 33.76 -13.11
N ASP C 436 8.31 32.98 -14.15
CA ASP C 436 9.34 32.32 -14.93
C ASP C 436 9.48 32.99 -16.29
N MET C 437 10.57 32.65 -16.99
CA MET C 437 10.81 33.21 -18.31
C MET C 437 10.77 32.12 -19.37
N PRO C 438 10.32 32.43 -20.58
CA PRO C 438 10.21 31.42 -21.64
C PRO C 438 11.58 31.08 -22.22
N GLY C 439 11.56 30.20 -23.22
CA GLY C 439 12.77 29.79 -23.89
C GLY C 439 13.20 30.67 -25.05
N ASN C 440 12.27 31.44 -25.60
CA ASN C 440 12.54 32.29 -26.75
C ASN C 440 12.01 33.70 -26.50
N ILE C 441 12.29 34.60 -27.44
CA ILE C 441 11.85 35.98 -27.32
C ILE C 441 10.50 36.21 -28.00
N GLU C 442 9.93 35.18 -28.62
CA GLU C 442 8.59 35.29 -29.19
C GLU C 442 7.50 34.90 -28.19
N ASP C 443 7.82 34.05 -27.22
CA ASP C 443 6.85 33.76 -26.16
C ASP C 443 6.78 34.90 -25.16
N TYR C 444 7.92 35.55 -24.90
CA TYR C 444 7.93 36.71 -24.02
C TYR C 444 7.06 37.83 -24.57
N VAL C 445 7.23 38.14 -25.86
CA VAL C 445 6.46 39.22 -26.47
C VAL C 445 4.98 38.92 -26.41
N HIS C 446 4.60 37.66 -26.59
CA HIS C 446 3.19 37.30 -26.51
C HIS C 446 2.71 37.19 -25.07
N ARG C 447 3.60 36.84 -24.14
CA ARG C 447 3.25 36.93 -22.72
C ARG C 447 2.84 38.35 -22.35
N ILE C 448 3.70 39.32 -22.65
CA ILE C 448 3.40 40.71 -22.35
C ILE C 448 2.44 41.34 -23.35
N GLY C 449 2.29 40.76 -24.54
CA GLY C 449 1.50 41.38 -25.60
C GLY C 449 0.01 41.49 -25.32
N ARG C 450 -0.48 40.83 -24.28
CA ARG C 450 -1.92 40.82 -23.98
C ARG C 450 -2.33 41.97 -23.07
N THR C 451 -1.55 43.03 -23.00
CA THR C 451 -1.88 44.18 -22.16
C THR C 451 -1.64 45.48 -22.92
N GLY C 452 -2.51 46.46 -22.68
CA GLY C 452 -2.28 47.82 -23.14
C GLY C 452 -2.35 48.09 -24.63
N ARG C 453 -3.53 47.93 -25.22
CA ARG C 453 -3.75 48.23 -26.63
C ARG C 453 -4.68 49.42 -26.85
N ALA C 454 -5.87 49.40 -26.25
CA ALA C 454 -6.81 50.50 -26.43
C ALA C 454 -6.50 51.65 -25.49
N GLY C 455 -6.48 51.38 -24.18
CA GLY C 455 -6.10 52.40 -23.21
C GLY C 455 -4.71 52.95 -23.42
N ALA C 456 -3.86 52.24 -24.16
CA ALA C 456 -2.52 52.69 -24.52
C ALA C 456 -1.65 52.93 -23.29
N THR C 457 -1.54 51.91 -22.45
CA THR C 457 -0.63 51.88 -21.31
C THR C 457 -0.60 50.46 -20.77
N GLY C 458 0.53 50.08 -20.19
CA GLY C 458 0.66 48.76 -19.61
C GLY C 458 2.00 48.60 -18.91
N THR C 459 2.07 47.59 -18.06
CA THR C 459 3.28 47.27 -17.31
C THR C 459 3.57 45.78 -17.45
N ALA C 460 4.86 45.43 -17.38
CA ALA C 460 5.29 44.04 -17.52
C ALA C 460 6.47 43.79 -16.58
N ILE C 461 6.23 42.98 -15.55
CA ILE C 461 7.24 42.65 -14.55
C ILE C 461 7.76 41.24 -14.83
N SER C 462 9.03 41.11 -15.18
CA SER C 462 9.60 39.78 -15.35
C SER C 462 10.73 39.55 -14.35
N PHE C 463 10.96 38.28 -14.01
CA PHE C 463 11.98 37.85 -13.06
C PHE C 463 13.03 37.06 -13.84
N PHE C 464 14.21 37.65 -14.05
CA PHE C 464 15.24 37.02 -14.86
C PHE C 464 16.42 36.64 -13.99
N THR C 465 17.01 35.48 -14.28
CA THR C 465 18.02 34.86 -13.44
C THR C 465 18.94 34.05 -14.35
N GLU C 466 20.07 33.57 -13.81
CA GLU C 466 21.08 32.91 -14.63
C GLU C 466 20.58 31.63 -15.28
N GLN C 467 19.47 31.06 -14.81
CA GLN C 467 19.01 29.81 -15.40
C GLN C 467 18.43 30.01 -16.79
N ASN C 468 18.33 31.26 -17.25
CA ASN C 468 17.86 31.57 -18.60
C ASN C 468 18.72 32.65 -19.24
N LYS C 469 19.97 32.81 -18.79
CA LYS C 469 20.84 33.89 -19.27
C LYS C 469 21.09 33.82 -20.78
N GLY C 470 20.90 32.65 -21.40
CA GLY C 470 21.06 32.53 -22.83
C GLY C 470 20.15 33.44 -23.64
N LEU C 471 19.09 33.97 -23.01
CA LEU C 471 18.17 34.88 -23.67
C LEU C 471 18.38 36.34 -23.27
N GLY C 472 19.30 36.61 -22.34
CA GLY C 472 19.58 38.00 -21.97
C GLY C 472 20.03 38.83 -23.15
N ALA C 473 20.82 38.23 -24.05
CA ALA C 473 21.28 38.95 -25.24
C ALA C 473 20.11 39.40 -26.10
N LYS C 474 19.09 38.55 -26.26
CA LYS C 474 18.01 38.86 -27.18
C LYS C 474 16.93 39.76 -26.59
N LEU C 475 16.81 39.85 -25.27
CA LEU C 475 15.70 40.63 -24.74
C LEU C 475 16.00 42.12 -24.82
N ILE C 476 17.25 42.52 -24.60
CA ILE C 476 17.59 43.93 -24.75
C ILE C 476 17.49 44.34 -26.21
N SER C 477 17.68 43.40 -27.14
CA SER C 477 17.52 43.75 -28.54
C SER C 477 16.09 44.12 -28.84
N ILE C 478 15.15 43.60 -28.06
CA ILE C 478 13.78 44.08 -28.09
C ILE C 478 13.59 45.20 -27.08
N MET C 479 14.29 45.14 -25.94
CA MET C 479 14.14 46.18 -24.95
C MET C 479 14.78 47.50 -25.41
N ARG C 480 15.90 47.45 -26.15
CA ARG C 480 16.53 48.70 -26.56
C ARG C 480 15.77 49.35 -27.70
N GLU C 481 15.08 48.55 -28.50
CA GLU C 481 14.07 49.09 -29.40
C GLU C 481 12.88 49.61 -28.61
N ALA C 482 12.61 49.02 -27.45
CA ALA C 482 11.48 49.35 -26.58
C ALA C 482 11.77 50.51 -25.63
N ASN C 483 12.80 51.32 -25.90
CA ASN C 483 13.21 52.40 -25.00
C ASN C 483 13.53 51.84 -23.61
N GLN C 484 14.54 50.98 -23.59
CA GLN C 484 14.87 50.08 -22.50
C GLN C 484 15.16 50.80 -21.17
N ASN C 485 15.11 50.01 -20.10
CA ASN C 485 15.52 50.30 -18.73
C ASN C 485 17.04 50.14 -18.61
N ILE C 486 17.58 50.12 -17.41
CA ILE C 486 19.00 49.90 -17.18
C ILE C 486 19.17 48.43 -16.84
N PRO C 487 20.06 47.70 -17.51
CA PRO C 487 20.43 46.35 -17.07
C PRO C 487 21.59 46.32 -16.07
N PRO C 488 21.43 46.72 -14.81
CA PRO C 488 22.54 46.51 -13.87
C PRO C 488 22.79 45.05 -13.58
N GLU C 489 21.81 44.17 -13.79
CA GLU C 489 21.99 42.75 -13.54
C GLU C 489 22.14 41.93 -14.82
N LEU C 490 21.83 42.49 -15.99
CA LEU C 490 22.08 41.83 -17.26
C LEU C 490 23.46 42.14 -17.83
N LEU C 491 24.23 43.00 -17.15
CA LEU C 491 25.58 43.35 -17.59
C LEU C 491 26.33 42.13 -18.10
N LYS C 492 26.24 41.04 -17.35
CA LYS C 492 26.95 39.80 -17.65
C LYS C 492 26.47 39.12 -18.93
N TYR C 493 25.26 39.43 -19.41
CA TYR C 493 24.59 38.60 -20.41
C TYR C 493 24.28 39.38 -21.70
N ASP C 494 25.21 40.24 -22.13
CA ASP C 494 25.04 40.94 -23.40
C ASP C 494 26.20 40.75 -24.37
N ARG C 495 27.40 40.49 -23.87
CA ARG C 495 28.57 40.50 -24.74
C ARG C 495 28.58 39.30 -25.68
N ARG C 496 29.30 39.47 -26.79
CA ARG C 496 29.52 38.48 -27.85
C ARG C 496 28.45 37.39 -27.96
N ASN D 53 -12.52 -10.43 -8.05
CA ASN D 53 -13.92 -10.02 -8.14
C ASN D 53 -14.61 -10.42 -6.85
N GLN D 54 -15.90 -10.08 -6.71
CA GLN D 54 -16.69 -10.55 -5.58
C GLN D 54 -18.10 -10.92 -6.03
N PRO D 55 -18.34 -12.24 -6.27
CA PRO D 55 -19.68 -12.78 -6.56
C PRO D 55 -20.56 -13.19 -5.36
N GLN D 56 -21.75 -13.72 -5.70
CA GLN D 56 -22.88 -14.11 -4.87
C GLN D 56 -22.84 -15.62 -4.51
N GLU D 57 -23.91 -16.11 -3.88
CA GLU D 57 -23.97 -17.42 -3.22
C GLU D 57 -25.44 -17.87 -3.15
N LEU D 58 -25.71 -18.92 -2.35
CA LEU D 58 -26.95 -19.70 -2.16
C LEU D 58 -27.25 -20.74 -3.23
N ILE D 59 -26.31 -21.01 -4.14
CA ILE D 59 -26.40 -22.16 -5.04
C ILE D 59 -26.78 -23.44 -4.28
N LYS D 60 -27.72 -24.20 -4.86
CA LYS D 60 -28.15 -25.50 -4.33
C LYS D 60 -28.47 -26.42 -5.50
N PRO D 61 -27.82 -27.58 -5.61
CA PRO D 61 -28.12 -28.51 -6.72
C PRO D 61 -29.20 -29.53 -6.39
N ASN D 62 -29.76 -30.09 -7.47
CA ASN D 62 -30.77 -31.15 -7.37
C ASN D 62 -30.06 -32.48 -7.49
N TRP D 63 -29.73 -33.09 -6.35
CA TRP D 63 -28.93 -34.32 -6.37
C TRP D 63 -29.70 -35.53 -6.87
N ASP D 64 -31.04 -35.50 -6.84
CA ASP D 64 -31.81 -36.67 -7.27
C ASP D 64 -31.62 -36.97 -8.75
N GLU D 65 -31.33 -35.96 -9.57
CA GLU D 65 -31.19 -36.15 -11.00
C GLU D 65 -29.79 -35.84 -11.54
N GLU D 66 -28.93 -35.18 -10.76
CA GLU D 66 -27.62 -34.83 -11.25
C GLU D 66 -26.49 -35.64 -10.62
N LEU D 67 -26.78 -36.47 -9.64
CA LEU D 67 -25.77 -37.43 -9.19
C LEU D 67 -25.65 -38.56 -10.21
N PRO D 68 -26.74 -39.06 -10.82
CA PRO D 68 -26.59 -39.96 -11.97
C PRO D 68 -25.83 -39.33 -13.13
N LYS D 69 -25.57 -38.03 -13.08
CA LYS D 69 -24.70 -37.36 -14.04
C LYS D 69 -23.25 -37.28 -13.56
N LEU D 70 -22.97 -37.76 -12.34
CA LEU D 70 -21.57 -37.76 -11.97
C LEU D 70 -20.98 -39.16 -12.08
N PRO D 71 -19.69 -39.28 -12.41
CA PRO D 71 -19.09 -40.60 -12.55
C PRO D 71 -19.02 -41.33 -11.22
N THR D 72 -18.64 -42.59 -11.30
CA THR D 72 -18.51 -43.42 -10.11
C THR D 72 -17.05 -43.60 -9.74
N PHE D 73 -16.83 -43.87 -8.46
CA PHE D 73 -15.52 -43.96 -7.86
C PHE D 73 -15.46 -45.22 -7.01
N GLU D 74 -14.25 -45.72 -6.79
CA GLU D 74 -14.10 -46.91 -5.97
C GLU D 74 -13.82 -46.50 -4.53
N LYS D 75 -14.45 -47.20 -3.60
CA LYS D 75 -14.34 -46.88 -2.18
C LYS D 75 -13.63 -47.96 -1.37
N ASN D 76 -13.72 -49.22 -1.77
CA ASN D 76 -13.11 -50.32 -1.02
C ASN D 76 -11.70 -50.54 -1.57
N PHE D 77 -10.71 -50.45 -0.68
CA PHE D 77 -9.32 -50.71 -1.04
C PHE D 77 -8.70 -51.75 -0.11
N TYR D 78 -9.48 -52.26 0.84
CA TYR D 78 -9.07 -53.32 1.75
C TYR D 78 -9.34 -54.68 1.11
N VAL D 79 -8.37 -55.58 1.20
CA VAL D 79 -8.49 -56.84 0.48
C VAL D 79 -8.90 -57.97 1.42
N GLU D 80 -8.06 -58.22 2.44
CA GLU D 80 -8.17 -59.22 3.51
C GLU D 80 -6.84 -59.93 3.68
N HIS D 81 -6.11 -59.68 4.77
CA HIS D 81 -4.88 -60.41 4.99
C HIS D 81 -5.18 -61.89 5.26
N GLU D 82 -4.11 -62.68 5.32
CA GLU D 82 -4.23 -64.12 5.56
C GLU D 82 -3.69 -64.53 6.92
N SER D 83 -3.30 -63.57 7.74
CA SER D 83 -2.93 -63.80 9.13
C SER D 83 -4.01 -63.27 10.05
N VAL D 84 -5.08 -62.76 9.47
CA VAL D 84 -6.19 -62.17 10.20
C VAL D 84 -7.29 -63.20 10.47
N ARG D 85 -7.77 -63.91 9.45
CA ARG D 85 -8.66 -65.06 9.63
C ARG D 85 -7.98 -66.24 8.96
N ASP D 86 -7.83 -67.35 9.69
CA ASP D 86 -8.52 -67.60 10.96
C ASP D 86 -7.80 -67.03 12.18
N ARG D 87 -8.58 -66.54 13.14
CA ARG D 87 -8.05 -65.96 14.37
C ARG D 87 -8.42 -66.75 15.62
N SER D 88 -9.69 -67.10 15.89
CA SER D 88 -10.91 -66.75 15.13
C SER D 88 -12.13 -66.64 16.04
N ASP D 89 -12.69 -65.43 16.11
CA ASP D 89 -13.96 -65.05 16.73
C ASP D 89 -13.94 -65.11 18.25
N SER D 90 -12.84 -65.55 18.86
CA SER D 90 -12.67 -65.48 20.31
C SER D 90 -11.36 -64.77 20.61
N GLU D 91 -10.37 -65.00 19.75
CA GLU D 91 -9.04 -64.46 19.99
C GLU D 91 -9.05 -62.94 19.92
N ILE D 92 -9.84 -62.39 19.00
CA ILE D 92 -10.01 -60.94 18.90
C ILE D 92 -11.05 -60.44 19.88
N ALA D 93 -11.99 -61.30 20.31
CA ALA D 93 -13.16 -60.86 21.06
C ALA D 93 -12.79 -60.03 22.27
N GLN D 94 -11.86 -60.51 23.11
CA GLN D 94 -11.45 -59.70 24.24
C GLN D 94 -10.33 -58.73 23.90
N PHE D 95 -9.65 -58.94 22.76
CA PHE D 95 -8.75 -57.92 22.24
C PHE D 95 -9.51 -56.62 22.02
N ARG D 96 -10.75 -56.73 21.55
CA ARG D 96 -11.65 -55.58 21.48
C ARG D 96 -11.77 -54.91 22.86
N LYS D 97 -11.98 -55.71 23.90
CA LYS D 97 -12.17 -55.15 25.23
C LYS D 97 -10.86 -54.90 25.95
N GLU D 98 -9.76 -55.49 25.47
CA GLU D 98 -8.44 -55.08 25.95
C GLU D 98 -8.16 -53.65 25.53
N ASN D 99 -8.60 -53.27 24.33
CA ASN D 99 -8.47 -51.90 23.83
C ASN D 99 -9.77 -51.12 23.96
N GLU D 100 -10.68 -51.58 24.82
CA GLU D 100 -11.91 -50.87 25.16
C GLU D 100 -12.83 -50.68 23.94
N MET D 101 -12.78 -51.59 22.98
CA MET D 101 -13.61 -51.49 21.79
C MET D 101 -15.03 -51.99 22.04
N THR D 102 -16.01 -51.28 21.51
CA THR D 102 -17.40 -51.75 21.51
C THR D 102 -17.95 -51.52 20.10
N ILE D 103 -18.35 -52.61 19.44
CA ILE D 103 -18.83 -52.57 18.06
C ILE D 103 -20.36 -52.51 18.05
N SER D 104 -20.89 -51.78 17.06
CA SER D 104 -22.33 -51.81 16.78
C SER D 104 -22.51 -51.47 15.30
N GLY D 105 -22.77 -52.49 14.49
CA GLY D 105 -23.01 -52.28 13.09
C GLY D 105 -23.36 -53.57 12.38
N HIS D 106 -23.17 -53.56 11.06
CA HIS D 106 -23.41 -54.72 10.21
C HIS D 106 -22.16 -55.03 9.39
N ASP D 107 -21.79 -56.32 9.34
CA ASP D 107 -20.65 -56.78 8.55
C ASP D 107 -19.38 -56.06 8.98
N ILE D 108 -19.03 -56.26 10.25
CA ILE D 108 -17.95 -55.53 10.93
C ILE D 108 -16.60 -56.11 10.54
N PRO D 109 -15.60 -55.29 10.23
CA PRO D 109 -14.27 -55.84 9.95
C PRO D 109 -13.66 -56.39 11.23
N LYS D 110 -12.52 -57.01 11.07
CA LYS D 110 -11.84 -57.55 12.24
C LYS D 110 -10.54 -56.81 12.50
N PRO D 111 -10.13 -56.68 13.76
CA PRO D 111 -9.02 -55.78 14.10
C PRO D 111 -7.70 -56.20 13.44
N ILE D 112 -6.78 -55.26 13.40
CA ILE D 112 -5.45 -55.45 12.85
C ILE D 112 -4.43 -55.39 13.99
N THR D 113 -3.25 -55.96 13.75
CA THR D 113 -2.20 -56.04 14.74
C THR D 113 -1.01 -55.16 14.43
N THR D 114 -0.52 -55.18 13.19
CA THR D 114 0.67 -54.42 12.82
C THR D 114 0.35 -53.53 11.63
N PHE D 115 1.21 -52.54 11.41
CA PHE D 115 1.12 -51.73 10.20
C PHE D 115 1.35 -52.58 8.96
N ASP D 116 2.33 -53.48 9.02
CA ASP D 116 2.90 -54.10 7.83
C ASP D 116 1.86 -54.76 6.93
N GLU D 117 0.68 -55.03 7.45
CA GLU D 117 -0.47 -55.18 6.55
C GLU D 117 -1.71 -54.67 7.26
N ALA D 118 -2.01 -53.41 6.97
CA ALA D 118 -3.33 -52.80 6.97
C ALA D 118 -3.39 -52.30 5.54
N GLY D 119 -4.42 -52.66 4.79
CA GLY D 119 -4.16 -52.96 3.40
C GLY D 119 -3.85 -51.77 2.52
N PHE D 120 -2.80 -51.03 2.92
CA PHE D 120 -2.11 -49.87 2.39
C PHE D 120 -0.99 -50.30 1.45
N PRO D 121 -0.82 -49.57 0.35
CA PRO D 121 0.34 -49.77 -0.52
C PRO D 121 1.65 -49.45 0.21
N ASP D 122 2.77 -49.73 -0.46
CA ASP D 122 4.06 -49.57 0.21
C ASP D 122 4.56 -48.13 0.19
N TYR D 123 4.15 -47.31 -0.78
CA TYR D 123 4.59 -45.92 -0.74
C TYR D 123 3.98 -45.17 0.42
N VAL D 124 2.84 -45.63 0.93
CA VAL D 124 2.26 -45.07 2.15
C VAL D 124 2.68 -45.88 3.37
N LEU D 125 2.91 -47.18 3.21
CA LEU D 125 3.29 -48.03 4.33
C LEU D 125 4.76 -47.89 4.70
N ASN D 126 5.61 -47.47 3.76
CA ASN D 126 7.02 -47.27 4.07
C ASN D 126 7.31 -45.92 4.71
N GLU D 127 6.29 -45.08 4.86
CA GLU D 127 6.43 -43.80 5.54
C GLU D 127 6.01 -43.88 7.00
N VAL D 128 5.03 -44.73 7.30
CA VAL D 128 4.66 -44.98 8.68
C VAL D 128 5.83 -45.59 9.42
N LYS D 129 6.66 -46.36 8.73
CA LYS D 129 7.87 -46.90 9.31
C LYS D 129 8.95 -45.83 9.49
N ALA D 130 9.04 -44.88 8.55
CA ALA D 130 10.07 -43.85 8.67
C ALA D 130 9.80 -42.90 9.81
N GLU D 131 8.54 -42.82 10.26
CA GLU D 131 8.22 -42.03 11.44
C GLU D 131 8.75 -42.69 12.72
N GLY D 132 9.01 -43.99 12.68
CA GLY D 132 9.67 -44.68 13.77
C GLY D 132 8.80 -45.19 14.90
N PHE D 133 7.48 -45.17 14.76
CA PHE D 133 6.59 -45.62 15.81
C PHE D 133 5.94 -46.96 15.46
N ASP D 134 5.78 -47.80 16.49
CA ASP D 134 5.22 -49.14 16.39
C ASP D 134 3.82 -49.19 17.01
N LYS D 135 3.20 -50.39 16.97
CA LYS D 135 1.98 -50.67 17.72
C LYS D 135 0.84 -49.71 17.37
N PRO D 136 0.28 -49.78 16.16
CA PRO D 136 -0.82 -48.86 15.80
C PRO D 136 -1.92 -48.83 16.85
N THR D 137 -2.65 -47.71 16.88
CA THR D 137 -3.60 -47.44 17.96
C THR D 137 -4.82 -48.36 17.86
N GLY D 138 -5.43 -48.64 19.01
CA GLY D 138 -6.60 -49.50 19.05
C GLY D 138 -7.70 -49.08 18.09
N ILE D 139 -7.93 -47.77 17.96
CA ILE D 139 -8.88 -47.28 16.96
C ILE D 139 -8.30 -47.46 15.58
N GLN D 140 -6.98 -47.32 15.47
CA GLN D 140 -6.27 -47.40 14.21
C GLN D 140 -6.21 -48.84 13.72
N CYS D 141 -6.36 -49.80 14.63
CA CYS D 141 -6.40 -51.22 14.28
C CYS D 141 -7.76 -51.61 13.70
N GLN D 142 -8.81 -50.86 13.98
CA GLN D 142 -10.13 -51.09 13.42
C GLN D 142 -10.59 -49.99 12.48
N GLY D 143 -10.14 -48.75 12.68
CA GLY D 143 -10.60 -47.67 11.84
C GLY D 143 -10.08 -47.77 10.42
N TRP D 144 -8.89 -48.34 10.23
CA TRP D 144 -8.36 -48.49 8.88
C TRP D 144 -9.15 -49.49 8.05
N PRO D 145 -9.41 -50.73 8.51
CA PRO D 145 -10.30 -51.61 7.71
C PRO D 145 -11.68 -51.02 7.56
N MET D 146 -12.10 -50.22 8.54
CA MET D 146 -13.40 -49.58 8.51
C MET D 146 -13.46 -48.54 7.39
N ALA D 147 -12.42 -47.71 7.28
CA ALA D 147 -12.36 -46.69 6.23
C ALA D 147 -11.98 -47.28 4.88
N LEU D 148 -11.06 -48.25 4.86
CA LEU D 148 -10.69 -48.88 3.60
C LEU D 148 -11.80 -49.76 3.05
N SER D 149 -12.88 -49.94 3.80
CA SER D 149 -14.06 -50.62 3.30
C SER D 149 -15.01 -49.67 2.58
N GLY D 150 -14.68 -48.38 2.55
CA GLY D 150 -15.54 -47.40 1.90
C GLY D 150 -16.84 -47.17 2.61
N ARG D 151 -16.94 -47.57 3.87
CA ARG D 151 -18.18 -47.54 4.62
C ARG D 151 -18.18 -46.29 5.49
N ASP D 152 -19.35 -45.66 5.63
CA ASP D 152 -19.44 -44.47 6.47
C ASP D 152 -19.31 -44.86 7.94
N MET D 153 -18.54 -44.09 8.70
CA MET D 153 -18.18 -44.49 10.05
C MET D 153 -18.27 -43.33 11.02
N VAL D 154 -18.44 -43.67 12.30
CA VAL D 154 -18.32 -42.73 13.40
C VAL D 154 -17.21 -43.24 14.32
N GLY D 155 -16.32 -42.34 14.71
CA GLY D 155 -15.24 -42.71 15.61
C GLY D 155 -15.10 -41.79 16.81
N ILE D 156 -15.04 -42.36 18.01
CA ILE D 156 -14.84 -41.58 19.23
C ILE D 156 -13.52 -42.01 19.88
N ALA D 157 -12.87 -41.07 20.55
CA ALA D 157 -11.69 -41.35 21.35
C ALA D 157 -11.28 -40.09 22.08
N ALA D 158 -10.42 -40.26 23.08
CA ALA D 158 -9.86 -39.12 23.79
C ALA D 158 -8.88 -38.39 22.89
N THR D 159 -8.77 -37.07 23.08
CA THR D 159 -7.93 -36.27 22.19
C THR D 159 -6.46 -36.39 22.62
N GLY D 160 -6.00 -37.65 22.67
CA GLY D 160 -4.60 -37.98 22.79
C GLY D 160 -4.30 -39.16 21.88
N SER D 161 -5.34 -39.58 21.17
CA SER D 161 -5.32 -40.79 20.35
C SER D 161 -4.83 -40.46 18.95
N GLY D 162 -4.94 -41.41 18.03
CA GLY D 162 -4.57 -41.22 16.65
C GLY D 162 -5.75 -41.16 15.68
N LYS D 163 -6.85 -40.52 16.09
CA LYS D 163 -8.05 -40.46 15.25
C LYS D 163 -7.78 -39.81 13.90
N THR D 164 -6.79 -38.92 13.82
CA THR D 164 -6.50 -38.25 12.57
C THR D 164 -5.98 -39.23 11.53
N LEU D 165 -4.99 -40.04 11.90
CA LEU D 165 -4.40 -41.00 10.98
C LEU D 165 -5.33 -42.17 10.65
N SER D 166 -6.51 -42.24 11.27
CA SER D 166 -7.48 -43.28 10.96
C SER D 166 -8.25 -42.98 9.68
N TYR D 167 -8.25 -41.72 9.25
CA TYR D 167 -8.91 -41.28 8.04
C TYR D 167 -7.99 -40.62 7.03
N CYS D 168 -6.81 -40.15 7.45
CA CYS D 168 -5.85 -39.56 6.52
C CYS D 168 -5.16 -40.62 5.68
N LEU D 169 -4.73 -41.71 6.32
CA LEU D 169 -3.99 -42.75 5.61
C LEU D 169 -4.95 -43.52 4.70
N PRO D 170 -6.19 -43.79 5.12
CA PRO D 170 -7.17 -44.26 4.15
C PRO D 170 -7.59 -43.19 3.17
N GLY D 171 -7.44 -41.91 3.53
CA GLY D 171 -7.78 -40.85 2.60
C GLY D 171 -6.79 -40.66 1.48
N ILE D 172 -5.55 -41.09 1.68
CA ILE D 172 -4.54 -40.92 0.62
C ILE D 172 -4.70 -42.01 -0.43
N VAL D 173 -4.99 -43.25 0.00
CA VAL D 173 -5.19 -44.32 -0.98
C VAL D 173 -6.46 -44.05 -1.79
N HIS D 174 -7.45 -43.38 -1.20
CA HIS D 174 -8.64 -43.02 -1.93
C HIS D 174 -8.34 -42.03 -3.05
N ILE D 175 -7.41 -41.13 -2.82
CA ILE D 175 -7.07 -40.13 -3.83
C ILE D 175 -6.29 -40.77 -4.96
N ASN D 176 -5.28 -41.57 -4.63
CA ASN D 176 -4.39 -42.13 -5.64
C ASN D 176 -5.10 -43.10 -6.58
N ALA D 177 -6.33 -43.49 -6.29
CA ALA D 177 -7.13 -44.29 -7.20
C ALA D 177 -7.86 -43.46 -8.24
N GLN D 178 -7.78 -42.13 -8.15
CA GLN D 178 -8.48 -41.21 -9.02
C GLN D 178 -7.51 -40.41 -9.87
N PRO D 179 -7.96 -39.95 -11.04
CA PRO D 179 -7.07 -39.21 -11.95
C PRO D 179 -6.62 -37.88 -11.38
N LEU D 180 -5.70 -37.24 -12.10
CA LEU D 180 -5.10 -35.99 -11.67
C LEU D 180 -6.14 -34.87 -11.67
N LEU D 181 -5.77 -33.78 -11.00
CA LEU D 181 -6.75 -32.80 -10.55
C LEU D 181 -7.39 -31.98 -11.66
N ALA D 182 -6.85 -31.98 -12.88
CA ALA D 182 -7.55 -31.29 -13.97
C ALA D 182 -7.93 -29.86 -13.59
N PRO D 183 -6.94 -28.95 -13.47
CA PRO D 183 -7.17 -27.67 -12.75
C PRO D 183 -8.48 -26.98 -13.08
N GLY D 184 -9.05 -26.35 -12.05
CA GLY D 184 -10.43 -25.94 -12.02
C GLY D 184 -11.34 -26.96 -11.39
N ASP D 185 -10.79 -28.09 -10.94
CA ASP D 185 -11.47 -29.06 -10.09
C ASP D 185 -11.09 -28.81 -8.63
N GLY D 186 -12.06 -28.92 -7.74
CA GLY D 186 -11.78 -28.77 -6.33
C GLY D 186 -11.31 -30.08 -5.74
N PRO D 187 -11.34 -30.19 -4.42
CA PRO D 187 -10.80 -31.38 -3.76
C PRO D 187 -11.74 -32.56 -3.84
N ILE D 188 -11.19 -33.74 -3.63
CA ILE D 188 -11.97 -34.97 -3.61
C ILE D 188 -12.20 -35.39 -2.16
N VAL D 189 -11.24 -35.12 -1.29
CA VAL D 189 -11.35 -35.38 0.14
C VAL D 189 -11.52 -34.05 0.87
N LEU D 190 -12.48 -33.99 1.79
CA LEU D 190 -12.77 -32.78 2.56
C LEU D 190 -12.73 -33.09 4.05
N VAL D 191 -11.89 -32.36 4.78
CA VAL D 191 -11.82 -32.45 6.23
C VAL D 191 -12.24 -31.10 6.80
N LEU D 192 -13.12 -31.12 7.80
CA LEU D 192 -13.60 -29.91 8.44
C LEU D 192 -13.18 -29.89 9.90
N ALA D 193 -12.63 -28.77 10.34
CA ALA D 193 -12.18 -28.58 11.71
C ALA D 193 -12.76 -27.30 12.28
N PRO D 194 -12.93 -27.22 13.61
CA PRO D 194 -13.56 -26.02 14.19
C PRO D 194 -12.66 -24.80 14.26
N THR D 195 -11.37 -24.98 14.50
CA THR D 195 -10.46 -23.89 14.80
C THR D 195 -9.30 -23.86 13.82
N ARG D 196 -8.73 -22.67 13.66
CA ARG D 196 -7.47 -22.51 12.94
C ARG D 196 -6.43 -23.49 13.48
N GLU D 197 -6.31 -23.56 14.80
CA GLU D 197 -5.26 -24.35 15.43
C GLU D 197 -5.56 -25.84 15.40
N LEU D 198 -6.82 -26.23 15.20
CA LEU D 198 -7.14 -27.63 14.99
C LEU D 198 -7.04 -28.04 13.53
N ALA D 199 -7.32 -27.11 12.62
CA ALA D 199 -7.26 -27.42 11.19
C ALA D 199 -5.83 -27.71 10.73
N VAL D 200 -4.85 -27.02 11.31
CA VAL D 200 -3.48 -27.17 10.83
C VAL D 200 -2.84 -28.45 11.34
N GLN D 201 -3.28 -28.96 12.50
CA GLN D 201 -2.72 -30.21 12.99
C GLN D 201 -3.10 -31.36 12.08
N ILE D 202 -4.29 -31.29 11.49
CA ILE D 202 -4.67 -32.25 10.46
C ILE D 202 -3.82 -32.02 9.22
N GLN D 203 -3.50 -30.76 8.94
CA GLN D 203 -2.70 -30.41 7.77
C GLN D 203 -1.21 -30.58 8.04
N THR D 204 -0.76 -30.44 9.29
CA THR D 204 0.63 -30.68 9.63
C THR D 204 0.99 -32.17 9.67
N GLU D 205 0.00 -33.05 9.76
CA GLU D 205 0.26 -34.49 9.77
C GLU D 205 0.01 -35.13 8.41
N CYS D 206 -0.69 -34.46 7.51
CA CYS D 206 -0.78 -34.95 6.15
C CYS D 206 0.42 -34.54 5.31
N SER D 207 1.20 -33.58 5.79
CA SER D 207 2.41 -33.14 5.10
C SER D 207 3.57 -34.08 5.31
N LYS D 208 3.44 -35.05 6.22
CA LYS D 208 4.48 -36.02 6.49
C LYS D 208 4.17 -37.39 5.90
N PHE D 209 2.92 -37.63 5.48
CA PHE D 209 2.53 -38.90 4.90
C PHE D 209 2.03 -38.77 3.47
N GLY D 210 2.06 -37.58 2.89
CA GLY D 210 1.64 -37.42 1.51
C GLY D 210 2.74 -36.91 0.60
N HIS D 211 3.98 -36.92 1.08
CA HIS D 211 5.09 -36.45 0.27
C HIS D 211 5.43 -37.43 -0.85
N SER D 212 5.59 -38.71 -0.52
CA SER D 212 5.83 -39.71 -1.55
C SER D 212 4.67 -39.77 -2.53
N SER D 213 3.44 -39.77 -2.02
CA SER D 213 2.29 -39.78 -2.89
C SER D 213 2.13 -38.40 -3.55
N ARG D 214 1.16 -38.32 -4.46
CA ARG D 214 0.90 -37.10 -5.20
C ARG D 214 -0.17 -36.25 -4.50
N ILE D 215 0.12 -35.87 -3.26
CA ILE D 215 -0.87 -35.25 -2.40
C ILE D 215 -0.39 -33.86 -1.99
N ARG D 216 -1.23 -32.87 -2.28
CA ARG D 216 -1.07 -31.50 -1.79
C ARG D 216 -2.23 -31.20 -0.84
N ASN D 217 -1.94 -30.45 0.22
CA ASN D 217 -2.96 -30.18 1.22
C ASN D 217 -2.92 -28.72 1.63
N THR D 218 -4.10 -28.12 1.75
CA THR D 218 -4.24 -26.72 2.10
C THR D 218 -5.19 -26.60 3.28
N CYS D 219 -4.99 -25.56 4.08
CA CYS D 219 -5.86 -25.26 5.21
C CYS D 219 -6.41 -23.85 5.05
N VAL D 220 -7.73 -23.73 5.07
CA VAL D 220 -8.43 -22.46 4.91
C VAL D 220 -9.23 -22.20 6.18
N TYR D 221 -9.04 -21.02 6.75
CA TYR D 221 -9.59 -20.74 8.08
C TYR D 221 -9.77 -19.24 8.27
N GLY D 222 -10.73 -18.89 9.13
CA GLY D 222 -11.14 -17.53 9.35
C GLY D 222 -10.19 -16.72 10.20
N GLY D 223 -10.54 -15.44 10.35
CA GLY D 223 -9.78 -14.52 11.18
C GLY D 223 -8.53 -13.96 10.55
N VAL D 224 -8.24 -14.29 9.30
CA VAL D 224 -7.02 -13.84 8.63
C VAL D 224 -7.36 -13.43 7.20
N PRO D 225 -6.54 -12.57 6.60
CA PRO D 225 -6.75 -12.24 5.19
C PRO D 225 -6.82 -13.47 4.31
N LYS D 226 -7.74 -13.43 3.36
CA LYS D 226 -7.95 -14.53 2.43
C LYS D 226 -6.93 -14.56 1.31
N SER D 227 -6.13 -13.50 1.16
CA SER D 227 -5.32 -13.29 -0.03
C SER D 227 -4.10 -14.21 -0.10
N GLN D 228 -3.68 -14.81 1.00
CA GLN D 228 -2.57 -15.77 0.97
C GLN D 228 -3.07 -17.20 0.94
N GLN D 229 -4.30 -17.43 1.38
CA GLN D 229 -4.96 -18.71 1.24
C GLN D 229 -5.56 -18.91 -0.14
N ILE D 230 -5.68 -17.83 -0.93
CA ILE D 230 -6.23 -17.97 -2.27
C ILE D 230 -5.20 -18.55 -3.23
N ARG D 231 -3.91 -18.32 -3.00
CA ARG D 231 -2.90 -18.75 -3.95
C ARG D 231 -2.58 -20.23 -3.85
N ASP D 232 -2.91 -20.88 -2.74
CA ASP D 232 -2.64 -22.31 -2.64
C ASP D 232 -3.75 -23.13 -3.27
N LEU D 233 -4.99 -22.62 -3.25
CA LEU D 233 -6.06 -23.28 -3.99
C LEU D 233 -5.90 -23.07 -5.49
N SER D 234 -5.28 -21.97 -5.90
CA SER D 234 -5.05 -21.70 -7.31
C SER D 234 -4.23 -22.81 -7.96
N ARG D 235 -3.34 -23.43 -7.20
CA ARG D 235 -2.47 -24.48 -7.70
C ARG D 235 -3.12 -25.85 -7.63
N GLY D 236 -4.33 -25.94 -7.08
CA GLY D 236 -4.98 -27.23 -6.92
C GLY D 236 -4.59 -27.90 -5.62
N SER D 237 -5.53 -28.60 -4.99
CA SER D 237 -5.26 -29.32 -3.76
C SER D 237 -6.20 -30.52 -3.68
N GLU D 238 -5.62 -31.69 -3.44
CA GLU D 238 -6.39 -32.93 -3.41
C GLU D 238 -7.18 -33.04 -2.11
N ILE D 239 -6.59 -32.59 -1.02
CA ILE D 239 -7.25 -32.54 0.28
C ILE D 239 -7.17 -31.12 0.81
N VAL D 240 -8.31 -30.60 1.26
CA VAL D 240 -8.39 -29.27 1.85
C VAL D 240 -8.95 -29.42 3.25
N ILE D 241 -8.32 -28.77 4.22
CA ILE D 241 -8.77 -28.77 5.59
C ILE D 241 -9.31 -27.38 5.88
N ALA D 242 -10.59 -27.30 6.21
CA ALA D 242 -11.31 -26.04 6.22
C ALA D 242 -12.07 -25.86 7.51
N THR D 243 -12.11 -24.62 8.00
CA THR D 243 -13.08 -24.35 9.04
C THR D 243 -14.42 -24.03 8.39
N PRO D 244 -15.52 -24.51 8.96
CA PRO D 244 -16.83 -24.28 8.32
C PRO D 244 -17.12 -22.82 8.05
N GLY D 245 -16.57 -21.90 8.86
CA GLY D 245 -16.83 -20.49 8.64
C GLY D 245 -16.18 -19.98 7.37
N ARG D 246 -14.90 -20.30 7.17
CA ARG D 246 -14.17 -19.79 6.01
C ARG D 246 -14.34 -20.66 4.77
N LEU D 247 -14.82 -21.89 4.90
CA LEU D 247 -15.02 -22.71 3.71
C LEU D 247 -16.21 -22.22 2.91
N ILE D 248 -17.32 -21.90 3.58
CA ILE D 248 -18.47 -21.36 2.87
C ILE D 248 -18.14 -20.01 2.28
N ASP D 249 -17.19 -19.28 2.89
CA ASP D 249 -16.88 -17.95 2.40
C ASP D 249 -16.01 -17.96 1.15
N MET D 250 -15.42 -19.10 0.77
CA MET D 250 -14.68 -19.18 -0.47
C MET D 250 -15.47 -19.86 -1.58
N LEU D 251 -16.58 -20.53 -1.25
CA LEU D 251 -17.47 -21.02 -2.29
C LEU D 251 -18.28 -19.89 -2.91
N GLU D 252 -18.34 -18.74 -2.25
CA GLU D 252 -19.09 -17.60 -2.76
C GLU D 252 -18.32 -16.82 -3.82
N ILE D 253 -16.99 -16.96 -3.87
CA ILE D 253 -16.19 -16.29 -4.90
C ILE D 253 -16.02 -17.17 -6.14
N GLY D 254 -16.56 -18.38 -6.14
CA GLY D 254 -16.24 -19.27 -7.24
C GLY D 254 -14.78 -19.64 -7.16
N LYS D 255 -14.29 -19.94 -5.96
CA LYS D 255 -12.88 -20.03 -5.65
C LYS D 255 -12.47 -21.46 -5.30
N THR D 256 -13.43 -22.37 -5.29
CA THR D 256 -13.23 -23.80 -5.13
C THR D 256 -14.59 -24.44 -5.37
N ASN D 257 -14.59 -25.73 -5.66
CA ASN D 257 -15.83 -26.44 -5.89
C ASN D 257 -15.82 -27.77 -5.15
N LEU D 258 -16.99 -28.18 -4.69
CA LEU D 258 -17.14 -29.43 -3.96
C LEU D 258 -17.82 -30.48 -4.81
N LYS D 259 -17.58 -30.45 -6.12
CA LYS D 259 -18.24 -31.35 -7.05
C LYS D 259 -17.50 -32.65 -7.22
N ARG D 260 -16.22 -32.70 -6.88
CA ARG D 260 -15.45 -33.93 -6.90
C ARG D 260 -15.20 -34.48 -5.51
N VAL D 261 -15.75 -33.86 -4.47
CA VAL D 261 -15.52 -34.34 -3.11
C VAL D 261 -16.24 -35.67 -2.96
N THR D 262 -15.46 -36.74 -2.82
CA THR D 262 -16.00 -38.08 -2.63
C THR D 262 -15.82 -38.61 -1.22
N TYR D 263 -14.97 -37.96 -0.42
CA TYR D 263 -14.53 -38.56 0.83
C TYR D 263 -14.53 -37.46 1.89
N LEU D 264 -15.60 -37.39 2.66
CA LEU D 264 -15.89 -36.29 3.57
C LEU D 264 -15.46 -36.65 5.00
N VAL D 265 -14.78 -35.72 5.66
CA VAL D 265 -14.31 -35.91 7.04
C VAL D 265 -14.75 -34.73 7.89
N LEU D 266 -15.23 -35.01 9.10
CA LEU D 266 -15.61 -34.00 10.08
C LEU D 266 -14.96 -34.38 11.41
N ASP D 267 -13.75 -33.87 11.62
CA ASP D 267 -13.00 -34.14 12.85
C ASP D 267 -13.48 -33.22 13.97
N GLU D 268 -13.64 -33.79 15.16
CA GLU D 268 -14.10 -33.06 16.34
C GLU D 268 -15.46 -32.41 16.09
N ALA D 269 -16.43 -33.27 15.77
CA ALA D 269 -17.80 -32.81 15.53
C ALA D 269 -18.48 -32.37 16.82
N ASP D 270 -17.98 -32.82 17.97
CA ASP D 270 -18.60 -32.46 19.25
C ASP D 270 -18.46 -30.97 19.53
N ARG D 271 -17.22 -30.47 19.51
CA ARG D 271 -17.01 -29.04 19.76
C ARG D 271 -17.59 -28.18 18.65
N MET D 272 -17.59 -28.66 17.40
CA MET D 272 -18.13 -27.86 16.31
C MET D 272 -19.61 -27.58 16.52
N LEU D 273 -20.35 -28.58 17.00
CA LEU D 273 -21.74 -28.36 17.39
C LEU D 273 -21.84 -27.48 18.62
N ASP D 274 -20.78 -27.44 19.43
CA ASP D 274 -20.78 -26.63 20.63
C ASP D 274 -20.70 -25.13 20.30
N MET D 275 -20.25 -24.78 19.09
CA MET D 275 -20.25 -23.39 18.65
C MET D 275 -21.35 -23.08 17.64
N GLY D 276 -22.34 -23.96 17.51
CA GLY D 276 -23.49 -23.68 16.66
C GLY D 276 -23.21 -23.64 15.18
N PHE D 277 -22.35 -24.52 14.68
CA PHE D 277 -22.06 -24.59 13.26
C PHE D 277 -22.98 -25.53 12.49
N GLU D 278 -23.96 -26.14 13.16
CA GLU D 278 -24.87 -27.06 12.50
C GLU D 278 -25.58 -26.48 11.27
N PRO D 279 -26.04 -25.22 11.25
CA PRO D 279 -26.63 -24.70 10.00
C PRO D 279 -25.61 -24.54 8.89
N GLN D 280 -24.33 -24.42 9.24
CA GLN D 280 -23.28 -24.24 8.26
C GLN D 280 -22.74 -25.56 7.74
N ILE D 281 -22.80 -26.61 8.57
CA ILE D 281 -22.39 -27.93 8.09
C ILE D 281 -23.46 -28.48 7.14
N ARG D 282 -24.73 -28.25 7.47
CA ARG D 282 -25.81 -28.65 6.56
C ARG D 282 -25.63 -27.99 5.20
N LYS D 283 -25.12 -26.77 5.17
CA LYS D 283 -24.96 -26.05 3.91
C LYS D 283 -23.79 -26.60 3.11
N ILE D 284 -22.75 -27.11 3.78
CA ILE D 284 -21.60 -27.65 3.08
C ILE D 284 -21.90 -29.03 2.53
N VAL D 285 -22.63 -29.86 3.29
CA VAL D 285 -22.95 -31.20 2.82
C VAL D 285 -24.07 -31.17 1.78
N ASP D 286 -24.72 -30.03 1.58
CA ASP D 286 -25.69 -29.91 0.50
C ASP D 286 -25.02 -29.57 -0.82
N GLN D 287 -23.70 -29.38 -0.82
CA GLN D 287 -22.94 -29.17 -2.04
C GLN D 287 -22.05 -30.38 -2.36
N ILE D 288 -22.23 -31.48 -1.64
CA ILE D 288 -21.40 -32.67 -1.82
C ILE D 288 -22.28 -33.81 -2.30
N ARG D 289 -21.67 -34.72 -3.04
CA ARG D 289 -22.34 -35.90 -3.54
C ARG D 289 -23.00 -36.66 -2.39
N PRO D 290 -24.29 -37.00 -2.49
CA PRO D 290 -24.91 -37.80 -1.43
C PRO D 290 -24.39 -39.23 -1.36
N ASP D 291 -23.73 -39.71 -2.42
CA ASP D 291 -23.08 -41.02 -2.40
C ASP D 291 -21.65 -40.95 -1.85
N ARG D 292 -21.30 -39.84 -1.22
CA ARG D 292 -19.97 -39.64 -0.65
C ARG D 292 -19.71 -40.64 0.48
N GLN D 293 -18.46 -40.66 0.94
CA GLN D 293 -18.08 -41.45 2.10
C GLN D 293 -17.80 -40.46 3.24
N THR D 294 -18.58 -40.55 4.31
CA THR D 294 -18.50 -39.64 5.43
C THR D 294 -17.96 -40.37 6.64
N LEU D 295 -17.08 -39.71 7.38
CA LEU D 295 -16.43 -40.30 8.55
C LEU D 295 -16.49 -39.30 9.68
N MET D 296 -17.27 -39.62 10.72
CA MET D 296 -17.40 -38.71 11.85
C MET D 296 -16.38 -39.07 12.92
N TRP D 297 -15.94 -38.05 13.64
CA TRP D 297 -14.93 -38.20 14.67
C TRP D 297 -15.26 -37.26 15.82
N SER D 298 -15.10 -37.76 17.04
CA SER D 298 -15.51 -37.01 18.23
C SER D 298 -14.80 -37.58 19.44
N ALA D 299 -14.94 -36.87 20.57
CA ALA D 299 -14.46 -37.33 21.85
C ALA D 299 -15.59 -37.78 22.77
N THR D 300 -16.72 -37.10 22.72
CA THR D 300 -17.89 -37.41 23.52
C THR D 300 -18.94 -38.08 22.65
N TRP D 301 -20.10 -38.35 23.24
CA TRP D 301 -21.22 -38.94 22.51
C TRP D 301 -22.51 -38.49 23.17
N PRO D 302 -22.97 -37.29 22.84
CA PRO D 302 -24.27 -36.83 23.31
C PRO D 302 -25.40 -37.44 22.47
N LYS D 303 -26.62 -37.06 22.81
CA LYS D 303 -27.73 -37.27 21.90
C LYS D 303 -27.56 -36.42 20.64
N GLU D 304 -26.78 -35.35 20.73
CA GLU D 304 -26.62 -34.36 19.66
C GLU D 304 -25.75 -34.86 18.51
N VAL D 305 -24.79 -35.75 18.78
CA VAL D 305 -23.92 -36.23 17.70
C VAL D 305 -24.58 -37.35 16.93
N LYS D 306 -25.28 -38.25 17.62
CA LYS D 306 -26.04 -39.27 16.91
C LYS D 306 -27.23 -38.65 16.20
N GLN D 307 -27.74 -37.53 16.73
CA GLN D 307 -28.70 -36.72 16.00
C GLN D 307 -28.10 -36.25 14.69
N LEU D 308 -26.80 -35.93 14.69
CA LEU D 308 -26.09 -35.54 13.47
C LEU D 308 -25.54 -36.75 12.72
N ALA D 309 -25.24 -37.84 13.44
CA ALA D 309 -24.74 -39.04 12.77
C ALA D 309 -25.84 -39.71 11.95
N ALA D 310 -27.07 -39.76 12.48
CA ALA D 310 -28.16 -40.36 11.73
C ALA D 310 -28.56 -39.54 10.51
N ASP D 311 -28.26 -38.24 10.50
CA ASP D 311 -28.69 -37.38 9.41
C ASP D 311 -27.75 -37.37 8.21
N TYR D 312 -26.47 -37.68 8.40
CA TYR D 312 -25.50 -37.55 7.32
C TYR D 312 -24.88 -38.85 6.85
N LEU D 313 -24.78 -39.88 7.68
CA LEU D 313 -24.16 -41.12 7.24
C LEU D 313 -25.19 -42.10 6.71
N ASN D 314 -24.80 -42.83 5.67
CA ASN D 314 -25.59 -43.88 5.08
C ASN D 314 -24.99 -45.21 5.51
N ASP D 315 -25.76 -46.00 6.26
CA ASP D 315 -25.25 -47.23 6.86
C ASP D 315 -24.00 -46.88 7.67
N PRO D 316 -24.12 -46.13 8.76
CA PRO D 316 -22.94 -45.82 9.56
C PRO D 316 -22.58 -46.99 10.45
N ILE D 317 -21.30 -47.04 10.80
CA ILE D 317 -20.75 -48.10 11.65
C ILE D 317 -20.11 -47.43 12.85
N GLN D 318 -20.52 -47.85 14.04
CA GLN D 318 -20.06 -47.24 15.29
C GLN D 318 -18.98 -48.11 15.93
N VAL D 319 -17.97 -47.45 16.49
CA VAL D 319 -16.89 -48.12 17.20
C VAL D 319 -16.52 -47.26 18.40
N GLN D 320 -16.61 -47.82 19.59
CA GLN D 320 -16.34 -47.08 20.82
C GLN D 320 -15.06 -47.64 21.43
N VAL D 321 -14.07 -46.76 21.58
CA VAL D 321 -12.80 -47.10 22.19
C VAL D 321 -12.62 -46.40 23.53
N GLY D 322 -13.11 -45.18 23.66
CA GLY D 322 -12.79 -44.35 24.81
C GLY D 322 -13.27 -44.94 26.13
N SER D 323 -12.68 -44.38 27.17
CA SER D 323 -12.87 -44.67 28.59
C SER D 323 -13.45 -43.43 29.25
N LEU D 324 -14.42 -42.83 28.55
CA LEU D 324 -14.63 -41.39 28.47
C LEU D 324 -14.42 -40.63 29.77
N GLU D 325 -15.07 -41.04 30.85
CA GLU D 325 -15.05 -40.21 32.05
C GLU D 325 -13.67 -40.27 32.69
N LEU D 326 -13.06 -39.09 32.85
CA LEU D 326 -11.63 -38.93 33.10
C LEU D 326 -11.37 -38.64 34.58
N SER D 327 -10.53 -39.49 35.20
CA SER D 327 -10.25 -39.42 36.63
C SER D 327 -9.95 -38.02 37.13
N ALA D 328 -9.24 -37.20 36.34
CA ALA D 328 -8.94 -35.81 36.72
C ALA D 328 -8.20 -35.75 38.05
N SER D 329 -7.00 -36.34 38.05
CA SER D 329 -6.24 -36.65 39.27
C SER D 329 -6.29 -35.53 40.29
N HIS D 330 -6.51 -35.93 41.55
CA HIS D 330 -6.97 -35.09 42.64
C HIS D 330 -5.87 -34.29 43.32
N ASN D 331 -4.61 -34.51 42.98
CA ASN D 331 -3.50 -33.91 43.72
C ASN D 331 -3.09 -32.56 43.12
N ILE D 332 -3.99 -31.90 42.41
CA ILE D 332 -3.76 -30.55 41.92
C ILE D 332 -4.78 -29.64 42.59
N THR D 333 -4.31 -28.64 43.31
CA THR D 333 -5.21 -27.68 43.94
C THR D 333 -5.64 -26.71 42.85
N GLN D 334 -6.92 -26.75 42.48
CA GLN D 334 -7.43 -25.97 41.38
C GLN D 334 -8.08 -24.70 41.92
N ILE D 335 -7.55 -23.55 41.53
CA ILE D 335 -8.17 -22.29 41.90
C ILE D 335 -8.77 -21.63 40.65
N VAL D 336 -10.05 -21.88 40.42
CA VAL D 336 -10.79 -21.28 39.31
C VAL D 336 -11.27 -19.90 39.76
N GLU D 337 -11.13 -18.90 38.90
CA GLU D 337 -11.43 -17.53 39.26
C GLU D 337 -12.27 -16.90 38.16
N VAL D 338 -13.55 -16.70 38.42
CA VAL D 338 -14.43 -16.03 37.47
C VAL D 338 -14.02 -14.56 37.43
N VAL D 339 -13.40 -14.13 36.33
CA VAL D 339 -12.79 -12.82 36.23
C VAL D 339 -13.30 -12.09 34.99
N SER D 340 -12.93 -10.81 34.89
CA SER D 340 -13.17 -10.03 33.69
C SER D 340 -11.93 -10.11 32.81
N ASP D 341 -12.00 -9.49 31.62
CA ASP D 341 -10.94 -9.64 30.64
C ASP D 341 -9.79 -8.65 30.79
N PHE D 342 -10.00 -7.51 31.45
CA PHE D 342 -8.93 -6.52 31.53
C PHE D 342 -7.92 -6.82 32.63
N GLU D 343 -8.32 -7.60 33.62
CA GLU D 343 -7.44 -7.99 34.71
C GLU D 343 -6.58 -9.21 34.40
N LYS D 344 -6.90 -9.94 33.34
CA LYS D 344 -6.27 -11.23 33.09
C LYS D 344 -4.75 -11.11 32.96
N ARG D 345 -4.28 -10.04 32.31
CA ARG D 345 -2.84 -9.80 32.29
C ARG D 345 -2.35 -9.30 33.65
N ASP D 346 -3.17 -8.52 34.34
CA ASP D 346 -2.80 -8.02 35.66
C ASP D 346 -2.88 -9.13 36.70
N ARG D 347 -3.90 -9.99 36.57
CA ARG D 347 -4.13 -11.06 37.54
C ARG D 347 -3.09 -12.16 37.42
N LEU D 348 -2.62 -12.42 36.19
CA LEU D 348 -1.57 -13.41 35.96
C LEU D 348 -0.23 -12.93 36.51
N ASN D 349 0.08 -11.64 36.36
CA ASN D 349 1.33 -11.11 36.89
C ASN D 349 1.39 -11.26 38.40
N LYS D 350 0.23 -11.12 39.05
CA LYS D 350 0.18 -11.31 40.50
C LYS D 350 0.54 -12.73 40.89
N TYR D 351 0.03 -13.72 40.17
CA TYR D 351 0.38 -15.10 40.49
C TYR D 351 1.72 -15.54 39.90
N LEU D 352 2.24 -14.83 38.91
CA LEU D 352 3.58 -15.16 38.44
C LEU D 352 4.65 -14.53 39.32
N GLU D 353 4.41 -13.33 39.83
CA GLU D 353 5.38 -12.73 40.75
C GLU D 353 5.45 -13.50 42.06
N THR D 354 4.35 -14.14 42.47
CA THR D 354 4.38 -15.05 43.60
C THR D 354 5.17 -16.33 43.29
N ALA D 355 5.08 -16.80 42.04
CA ALA D 355 5.87 -17.96 41.64
C ALA D 355 7.36 -17.63 41.55
N SER D 356 7.70 -16.38 41.25
CA SER D 356 9.09 -15.98 41.07
C SER D 356 9.98 -16.30 42.28
N GLN D 357 9.41 -16.45 43.48
CA GLN D 357 10.22 -16.56 44.69
C GLN D 357 10.92 -17.91 44.79
N ASP D 358 10.26 -18.99 44.39
CA ASP D 358 10.93 -20.28 44.46
C ASP D 358 12.05 -20.31 43.42
N ASN D 359 12.91 -21.31 43.55
CA ASN D 359 14.14 -21.34 42.76
C ASN D 359 14.37 -22.76 42.25
N GLU D 360 14.07 -22.98 40.96
CA GLU D 360 13.43 -21.99 40.10
C GLU D 360 12.16 -22.54 39.42
N TYR D 361 11.06 -21.81 39.56
CA TYR D 361 9.76 -22.23 39.06
C TYR D 361 9.77 -22.52 37.56
N LYS D 362 8.75 -23.26 37.12
CA LYS D 362 8.52 -23.60 35.71
C LYS D 362 7.01 -23.62 35.52
N THR D 363 6.47 -22.57 34.90
CA THR D 363 5.04 -22.45 34.66
C THR D 363 4.70 -22.67 33.20
N LEU D 364 3.50 -23.21 32.96
CA LEU D 364 3.00 -23.47 31.62
C LEU D 364 1.70 -22.70 31.45
N ILE D 365 1.75 -21.66 30.64
CA ILE D 365 0.58 -20.83 30.35
C ILE D 365 -0.14 -21.43 29.16
N PHE D 366 -1.48 -21.41 29.21
CA PHE D 366 -2.30 -22.00 28.17
C PHE D 366 -3.17 -20.94 27.50
N ALA D 367 -3.28 -21.05 26.18
CA ALA D 367 -4.16 -20.22 25.39
C ALA D 367 -5.03 -21.13 24.54
N SER D 368 -6.10 -20.56 23.99
CA SER D 368 -6.98 -21.31 23.10
C SER D 368 -6.80 -20.96 21.64
N THR D 369 -6.26 -19.78 21.32
CA THR D 369 -6.04 -19.37 19.94
C THR D 369 -4.55 -19.13 19.70
N LYS D 370 -4.15 -19.26 18.44
CA LYS D 370 -2.78 -18.90 18.07
C LYS D 370 -2.54 -17.40 18.19
N ARG D 371 -3.54 -16.58 17.81
CA ARG D 371 -3.29 -15.15 17.71
C ARG D 371 -3.11 -14.53 19.09
N MET D 372 -3.86 -15.03 20.07
CA MET D 372 -3.73 -14.56 21.45
C MET D 372 -2.64 -15.31 22.21
N CYS D 373 -1.99 -16.27 21.58
CA CYS D 373 -0.89 -16.97 22.22
C CYS D 373 0.44 -16.31 21.92
N ASP D 374 0.50 -15.55 20.82
CA ASP D 374 1.61 -14.62 20.61
C ASP D 374 1.45 -13.40 21.50
N ASP D 375 0.23 -13.09 21.93
CA ASP D 375 0.01 -11.89 22.74
C ASP D 375 0.53 -12.06 24.16
N ILE D 376 0.23 -13.20 24.80
CA ILE D 376 0.79 -13.44 26.13
C ILE D 376 2.30 -13.37 26.08
N THR D 377 2.90 -13.98 25.05
CA THR D 377 4.35 -13.92 24.92
C THR D 377 4.80 -12.51 24.61
N LYS D 378 4.02 -11.78 23.81
CA LYS D 378 4.39 -10.41 23.45
C LYS D 378 4.25 -9.47 24.64
N TYR D 379 3.26 -9.68 25.50
CA TYR D 379 3.05 -8.78 26.62
C TYR D 379 3.80 -9.18 27.88
N LEU D 380 4.08 -10.48 28.06
CA LEU D 380 4.88 -10.87 29.22
C LEU D 380 6.30 -10.35 29.10
N ARG D 381 6.90 -10.45 27.90
CA ARG D 381 8.23 -9.91 27.70
C ARG D 381 8.26 -8.41 27.88
N GLU D 382 7.13 -7.73 27.67
CA GLU D 382 7.08 -6.29 27.89
C GLU D 382 6.99 -5.93 29.36
N ASP D 383 6.49 -6.83 30.20
CA ASP D 383 6.48 -6.61 31.65
C ASP D 383 7.79 -7.03 32.30
N GLY D 384 8.66 -7.70 31.57
CA GLY D 384 9.92 -8.16 32.09
C GLY D 384 9.96 -9.65 32.36
N TRP D 385 9.12 -10.44 31.68
CA TRP D 385 9.05 -11.87 31.89
C TRP D 385 9.67 -12.60 30.71
N PRO D 386 10.62 -13.50 30.94
CA PRO D 386 11.12 -14.32 29.83
C PRO D 386 10.04 -15.30 29.40
N ALA D 387 9.64 -15.22 28.14
CA ALA D 387 8.49 -15.97 27.67
C ALA D 387 8.78 -16.64 26.34
N LEU D 388 8.32 -17.88 26.20
CA LEU D 388 8.44 -18.63 24.97
C LEU D 388 7.08 -19.19 24.60
N ALA D 389 6.87 -19.43 23.31
CA ALA D 389 5.58 -19.84 22.78
C ALA D 389 5.71 -21.06 21.88
N ILE D 390 4.67 -21.88 21.87
CA ILE D 390 4.56 -23.02 20.96
C ILE D 390 3.12 -23.10 20.48
N HIS D 391 2.92 -23.10 19.17
CA HIS D 391 1.59 -23.23 18.57
C HIS D 391 1.69 -24.15 17.36
N GLY D 392 0.54 -24.38 16.72
CA GLY D 392 0.46 -25.38 15.67
C GLY D 392 0.80 -24.93 14.27
N ASP D 393 0.51 -23.68 13.93
CA ASP D 393 0.79 -23.23 12.56
C ASP D 393 2.29 -23.14 12.32
N LYS D 394 3.00 -22.42 13.19
CA LYS D 394 4.44 -22.28 13.14
C LYS D 394 5.07 -23.30 14.08
N ASP D 395 6.39 -23.19 14.26
CA ASP D 395 7.12 -23.91 15.30
C ASP D 395 6.93 -25.42 15.21
N GLN D 396 7.36 -26.02 14.09
CA GLN D 396 7.31 -27.48 14.06
C GLN D 396 8.59 -28.10 14.62
N ARG D 397 9.74 -27.72 14.05
CA ARG D 397 11.01 -28.03 14.72
C ARG D 397 11.33 -26.99 15.77
N GLU D 398 10.84 -25.76 15.61
CA GLU D 398 11.12 -24.71 16.56
C GLU D 398 10.48 -24.98 17.92
N ARG D 399 9.31 -25.63 17.92
CA ARG D 399 8.70 -26.02 19.19
C ARG D 399 9.48 -27.10 19.89
N ASP D 400 10.43 -27.74 19.20
CA ASP D 400 11.25 -28.76 19.83
C ASP D 400 12.43 -28.12 20.55
N TRP D 401 12.91 -26.98 20.07
CA TRP D 401 13.93 -26.23 20.80
C TRP D 401 13.33 -25.51 21.99
N VAL D 402 12.11 -24.99 21.84
CA VAL D 402 11.47 -24.28 22.93
C VAL D 402 11.15 -25.24 24.09
N LEU D 403 10.71 -26.45 23.76
CA LEU D 403 10.46 -27.44 24.80
C LEU D 403 11.76 -27.91 25.44
N GLN D 404 12.86 -27.87 24.69
CA GLN D 404 14.14 -28.32 25.20
C GLN D 404 14.72 -27.34 26.21
N GLU D 405 14.42 -26.06 26.06
CA GLU D 405 14.91 -25.07 27.01
C GLU D 405 14.04 -25.03 28.26
N PHE D 406 12.83 -25.56 28.18
CA PHE D 406 11.92 -25.58 29.33
C PHE D 406 12.24 -26.73 30.28
N ARG D 407 12.79 -27.84 29.78
CA ARG D 407 13.14 -28.95 30.66
C ARG D 407 14.46 -28.71 31.36
N ASN D 408 15.43 -28.12 30.65
CA ASN D 408 16.74 -27.85 31.22
C ASN D 408 16.75 -26.61 32.12
N GLY D 409 15.61 -25.97 32.30
CA GLY D 409 15.50 -24.82 33.19
C GLY D 409 16.20 -23.59 32.69
N ARG D 410 16.26 -23.40 31.38
CA ARG D 410 16.89 -22.23 30.78
C ARG D 410 15.93 -21.07 30.59
N SER D 411 14.61 -21.34 30.54
CA SER D 411 13.59 -20.30 30.52
C SER D 411 12.46 -20.78 31.43
N PRO D 412 12.01 -19.95 32.38
CA PRO D 412 11.02 -20.41 33.35
C PRO D 412 9.58 -20.36 32.87
N ILE D 413 9.28 -19.57 31.83
CA ILE D 413 7.91 -19.41 31.37
C ILE D 413 7.83 -19.90 29.93
N MET D 414 6.71 -20.57 29.63
CA MET D 414 6.43 -21.07 28.29
C MET D 414 4.94 -20.95 28.06
N VAL D 415 4.54 -20.31 26.98
CA VAL D 415 3.14 -20.24 26.59
C VAL D 415 2.89 -21.33 25.56
N ALA D 416 1.74 -21.99 25.65
CA ALA D 416 1.46 -23.11 24.77
C ALA D 416 -0.02 -23.16 24.48
N THR D 417 -0.37 -23.81 23.37
CA THR D 417 -1.75 -24.11 23.05
C THR D 417 -2.01 -25.59 23.34
N ASP D 418 -3.28 -25.98 23.27
CA ASP D 418 -3.62 -27.38 23.54
C ASP D 418 -3.13 -28.28 22.43
N VAL D 419 -3.25 -27.83 21.18
CA VAL D 419 -2.78 -28.62 20.06
C VAL D 419 -1.26 -28.72 20.06
N ALA D 420 -0.59 -27.62 20.39
CA ALA D 420 0.87 -27.66 20.45
C ALA D 420 1.38 -28.42 21.67
N ALA D 421 0.68 -28.36 22.78
CA ALA D 421 1.07 -29.11 23.98
C ALA D 421 0.42 -30.49 23.99
N ARG D 422 0.66 -31.21 22.90
CA ARG D 422 0.03 -32.50 22.64
C ARG D 422 1.07 -33.58 22.91
N GLY D 423 0.83 -34.41 23.91
CA GLY D 423 1.71 -35.52 24.22
C GLY D 423 3.17 -35.16 24.40
N ILE D 424 3.47 -34.32 25.39
CA ILE D 424 4.84 -33.87 25.65
C ILE D 424 5.25 -34.32 27.05
N ASP D 425 6.53 -34.66 27.21
CA ASP D 425 7.10 -35.00 28.50
C ASP D 425 8.09 -33.90 28.83
N VAL D 426 7.58 -32.86 29.48
CA VAL D 426 8.32 -31.68 29.91
C VAL D 426 8.17 -31.48 31.42
N LYS D 427 7.84 -32.55 32.15
CA LYS D 427 7.31 -32.41 33.49
C LYS D 427 8.37 -31.91 34.48
N GLY D 428 7.88 -31.34 35.57
CA GLY D 428 8.64 -30.59 36.56
C GLY D 428 7.97 -29.25 36.68
N ILE D 429 6.74 -29.20 36.18
CA ILE D 429 5.97 -27.97 36.01
C ILE D 429 5.06 -27.77 37.20
N ASN D 430 5.34 -26.73 37.99
CA ASN D 430 4.32 -26.19 38.90
C ASN D 430 3.59 -25.03 38.21
N TYR D 431 2.44 -24.66 38.77
CA TYR D 431 1.73 -23.43 38.40
C TYR D 431 1.38 -23.37 36.91
N VAL D 432 0.57 -24.32 36.45
CA VAL D 432 0.06 -24.24 35.08
C VAL D 432 -1.14 -23.31 35.06
N ILE D 433 -1.03 -22.23 34.29
CA ILE D 433 -2.04 -21.17 34.26
C ILE D 433 -2.87 -21.31 33.00
N ASN D 434 -4.18 -21.44 33.16
CA ASN D 434 -5.10 -21.45 32.02
C ASN D 434 -5.59 -20.03 31.80
N TYR D 435 -4.76 -19.23 31.13
CA TYR D 435 -5.14 -17.86 30.80
C TYR D 435 -6.35 -17.87 29.85
N ASP D 436 -6.40 -18.85 28.96
CA ASP D 436 -7.61 -19.17 28.22
C ASP D 436 -8.24 -20.45 28.76
N MET D 437 -9.50 -20.64 28.40
CA MET D 437 -10.15 -21.93 28.57
C MET D 437 -10.67 -22.43 27.25
N PRO D 438 -10.67 -23.73 27.02
CA PRO D 438 -11.15 -24.27 25.74
C PRO D 438 -12.67 -24.27 25.69
N GLY D 439 -13.19 -24.80 24.58
CA GLY D 439 -14.62 -24.97 24.42
C GLY D 439 -15.18 -26.25 24.98
N ASN D 440 -14.29 -27.17 25.38
CA ASN D 440 -14.67 -28.47 25.92
C ASN D 440 -13.96 -28.70 27.24
N ILE D 441 -14.39 -29.74 27.96
CA ILE D 441 -13.75 -30.09 29.22
C ILE D 441 -12.72 -31.18 29.07
N GLU D 442 -12.43 -31.62 27.84
CA GLU D 442 -11.31 -32.53 27.62
C GLU D 442 -9.98 -31.81 27.76
N ASP D 443 -9.86 -30.64 27.17
CA ASP D 443 -8.55 -30.00 27.18
C ASP D 443 -8.24 -29.43 28.55
N TYR D 444 -9.26 -28.94 29.27
CA TYR D 444 -9.02 -28.43 30.61
C TYR D 444 -8.43 -29.51 31.52
N VAL D 445 -9.08 -30.68 31.57
CA VAL D 445 -8.55 -31.77 32.38
C VAL D 445 -7.16 -32.17 31.89
N HIS D 446 -6.95 -32.13 30.57
CA HIS D 446 -5.62 -32.44 30.06
C HIS D 446 -4.64 -31.29 30.30
N ARG D 447 -5.13 -30.04 30.26
CA ARG D 447 -4.29 -28.91 30.63
C ARG D 447 -3.75 -29.06 32.04
N ILE D 448 -4.64 -29.29 33.01
CA ILE D 448 -4.20 -29.45 34.39
C ILE D 448 -3.53 -30.80 34.62
N GLY D 449 -3.80 -31.79 33.76
CA GLY D 449 -3.15 -33.08 33.89
C GLY D 449 -1.65 -33.05 33.75
N ARG D 450 -1.09 -31.90 33.38
CA ARG D 450 0.35 -31.69 33.28
C ARG D 450 1.02 -31.39 34.61
N THR D 451 0.37 -31.59 35.76
CA THR D 451 0.97 -31.17 37.03
C THR D 451 0.89 -32.28 38.09
N GLY D 452 1.98 -33.01 38.24
CA GLY D 452 2.26 -33.88 39.37
C GLY D 452 1.99 -35.34 39.08
N ARG D 453 3.04 -36.11 38.86
CA ARG D 453 2.95 -37.57 38.81
C ARG D 453 3.72 -38.24 39.94
N ALA D 454 5.01 -37.90 40.08
CA ALA D 454 5.87 -38.44 41.12
C ALA D 454 5.90 -37.53 42.35
N GLY D 455 6.27 -36.26 42.16
CA GLY D 455 6.28 -35.33 43.26
C GLY D 455 4.90 -35.07 43.82
N ALA D 456 3.87 -35.27 42.99
CA ALA D 456 2.48 -35.29 43.44
C ALA D 456 2.09 -33.97 44.11
N THR D 457 2.21 -32.88 43.35
CA THR D 457 1.87 -31.56 43.84
C THR D 457 1.62 -30.65 42.65
N GLY D 458 0.71 -29.71 42.83
CA GLY D 458 0.45 -28.74 41.78
C GLY D 458 -0.61 -27.74 42.16
N THR D 459 -0.63 -26.64 41.40
CA THR D 459 -1.66 -25.61 41.47
C THR D 459 -2.15 -25.30 40.06
N ALA D 460 -3.39 -24.84 39.95
CA ALA D 460 -4.00 -24.57 38.65
C ALA D 460 -4.84 -23.30 38.73
N ILE D 461 -4.34 -22.22 38.13
CA ILE D 461 -5.01 -20.93 38.12
C ILE D 461 -5.73 -20.78 36.78
N SER D 462 -7.05 -20.71 36.83
CA SER D 462 -7.88 -20.63 35.64
C SER D 462 -8.70 -19.34 35.62
N PHE D 463 -8.87 -18.76 34.43
CA PHE D 463 -9.55 -17.48 34.24
C PHE D 463 -10.88 -17.72 33.51
N PHE D 464 -11.99 -17.59 34.24
CA PHE D 464 -13.32 -17.88 33.74
C PHE D 464 -14.07 -16.56 33.61
N THR D 465 -14.86 -16.41 32.54
CA THR D 465 -15.51 -15.16 32.20
C THR D 465 -16.90 -15.51 31.66
N GLU D 466 -17.74 -14.48 31.49
CA GLU D 466 -19.16 -14.66 31.17
C GLU D 466 -19.40 -15.68 30.06
N GLN D 467 -18.84 -15.46 28.88
CA GLN D 467 -19.11 -16.42 27.80
C GLN D 467 -18.07 -17.54 27.78
N ASN D 468 -17.92 -18.19 28.93
CA ASN D 468 -17.48 -19.58 29.01
C ASN D 468 -18.53 -20.42 29.72
N LYS D 469 -19.77 -19.91 29.78
CA LYS D 469 -20.85 -20.57 30.51
C LYS D 469 -21.19 -21.92 29.91
N GLY D 470 -20.92 -22.13 28.63
CA GLY D 470 -21.14 -23.43 28.02
C GLY D 470 -20.30 -24.52 28.63
N LEU D 471 -19.20 -24.17 29.29
CA LEU D 471 -18.35 -25.14 29.96
C LEU D 471 -18.47 -25.09 31.48
N GLY D 472 -19.21 -24.12 32.03
CA GLY D 472 -19.31 -24.03 33.48
C GLY D 472 -19.95 -25.25 34.11
N ALA D 473 -20.95 -25.84 33.43
CA ALA D 473 -21.67 -26.97 34.00
C ALA D 473 -20.75 -28.16 34.25
N LYS D 474 -19.92 -28.50 33.26
CA LYS D 474 -19.03 -29.63 33.39
C LYS D 474 -17.74 -29.25 34.10
N LEU D 475 -17.44 -27.95 34.18
CA LEU D 475 -16.28 -27.46 34.91
C LEU D 475 -16.46 -27.67 36.41
N ILE D 476 -17.67 -27.46 36.91
CA ILE D 476 -17.95 -27.71 38.32
C ILE D 476 -17.94 -29.21 38.61
N SER D 477 -18.41 -30.02 37.66
CA SER D 477 -18.57 -31.44 37.89
C SER D 477 -17.23 -32.16 37.99
N ILE D 478 -16.19 -31.59 37.40
CA ILE D 478 -14.87 -32.21 37.52
C ILE D 478 -14.21 -31.81 38.83
N MET D 479 -14.40 -30.56 39.27
CA MET D 479 -13.99 -30.20 40.62
C MET D 479 -14.86 -30.86 41.68
N ARG D 480 -16.02 -31.37 41.30
CA ARG D 480 -16.91 -31.99 42.28
C ARG D 480 -16.40 -33.36 42.68
N GLU D 481 -15.77 -34.08 41.77
CA GLU D 481 -15.13 -35.34 42.13
C GLU D 481 -13.76 -35.12 42.76
N ALA D 482 -13.03 -34.09 42.32
CA ALA D 482 -11.75 -33.76 42.94
C ALA D 482 -11.89 -32.95 44.21
N ASN D 483 -13.13 -32.76 44.67
CA ASN D 483 -13.45 -32.09 45.93
C ASN D 483 -12.66 -30.80 46.09
N GLN D 484 -12.75 -29.96 45.07
CA GLN D 484 -12.08 -28.67 45.02
C GLN D 484 -13.02 -27.58 45.50
N ASN D 485 -12.44 -26.51 46.02
CA ASN D 485 -13.26 -25.39 46.46
C ASN D 485 -13.89 -24.74 45.24
N ILE D 486 -15.13 -24.30 45.38
CA ILE D 486 -15.92 -23.77 44.29
C ILE D 486 -16.22 -22.30 44.59
N PRO D 487 -15.93 -21.38 43.67
CA PRO D 487 -16.23 -19.98 43.96
C PRO D 487 -17.71 -19.73 43.92
N PRO D 488 -18.21 -18.76 44.71
CA PRO D 488 -19.62 -18.38 44.60
C PRO D 488 -20.00 -17.86 43.24
N GLU D 489 -19.02 -17.39 42.46
CA GLU D 489 -19.26 -16.81 41.15
C GLU D 489 -19.32 -17.86 40.05
N LEU D 490 -18.95 -19.10 40.37
CA LEU D 490 -19.10 -20.23 39.46
C LEU D 490 -20.39 -21.00 39.67
N LEU D 491 -21.07 -20.76 40.79
CA LEU D 491 -22.36 -21.39 41.07
C LEU D 491 -23.43 -21.01 40.05
N LYS D 492 -23.20 -19.93 39.30
CA LYS D 492 -24.25 -19.38 38.45
C LYS D 492 -24.36 -20.13 37.12
N TYR D 493 -23.25 -20.55 36.55
CA TYR D 493 -23.28 -21.30 35.28
C TYR D 493 -23.30 -22.81 35.52
N ASP D 494 -24.31 -23.29 36.24
CA ASP D 494 -24.33 -24.72 36.50
C ASP D 494 -25.57 -25.46 36.02
N ARG D 495 -26.76 -24.87 36.15
CA ARG D 495 -27.97 -25.64 35.97
C ARG D 495 -28.61 -25.40 34.59
N ARG D 496 -29.78 -26.00 34.41
CA ARG D 496 -30.51 -26.01 33.15
C ARG D 496 -29.61 -26.29 31.94
N ASN E 53 -10.91 -7.07 15.05
CA ASN E 53 -10.17 -7.84 16.05
C ASN E 53 -11.11 -8.27 17.18
N GLN E 54 -12.19 -8.96 16.82
CA GLN E 54 -13.14 -9.55 17.75
C GLN E 54 -13.62 -8.58 18.84
N PRO E 55 -14.43 -7.58 18.49
CA PRO E 55 -14.88 -6.61 19.49
C PRO E 55 -15.64 -7.27 20.64
N GLN E 56 -15.50 -6.68 21.82
CA GLN E 56 -16.13 -7.17 23.04
C GLN E 56 -17.57 -6.69 23.12
N GLU E 57 -18.18 -6.89 24.28
CA GLU E 57 -19.60 -6.68 24.55
C GLU E 57 -19.68 -6.06 25.94
N LEU E 58 -20.88 -5.99 26.51
CA LEU E 58 -21.11 -5.13 27.67
C LEU E 58 -20.51 -5.78 28.91
N ILE E 59 -19.23 -5.52 29.15
CA ILE E 59 -18.55 -6.02 30.34
C ILE E 59 -19.08 -5.26 31.55
N LYS E 60 -19.83 -5.94 32.42
CA LYS E 60 -20.26 -5.32 33.66
C LYS E 60 -19.56 -6.02 34.82
N PRO E 61 -18.74 -5.32 35.59
CA PRO E 61 -18.04 -5.97 36.70
C PRO E 61 -18.82 -5.87 38.00
N ASN E 62 -18.48 -6.77 38.92
CA ASN E 62 -19.10 -6.80 40.24
C ASN E 62 -18.08 -6.15 41.17
N TRP E 63 -18.27 -4.85 41.41
CA TRP E 63 -17.27 -4.06 42.13
C TRP E 63 -17.17 -4.44 43.60
N ASP E 64 -18.20 -5.07 44.16
CA ASP E 64 -18.09 -5.55 45.53
C ASP E 64 -17.05 -6.65 45.65
N GLU E 65 -16.71 -7.32 44.55
CA GLU E 65 -15.76 -8.41 44.56
C GLU E 65 -14.44 -8.11 43.87
N GLU E 66 -14.35 -7.04 43.05
CA GLU E 66 -13.11 -6.75 42.36
C GLU E 66 -12.33 -5.58 42.93
N LEU E 67 -12.95 -4.72 43.73
CA LEU E 67 -12.21 -3.62 44.32
C LEU E 67 -11.28 -4.05 45.45
N PRO E 68 -11.62 -5.02 46.31
CA PRO E 68 -10.65 -5.42 47.35
C PRO E 68 -9.36 -5.96 46.79
N LYS E 69 -9.30 -6.22 45.49
CA LYS E 69 -8.12 -6.71 44.81
C LYS E 69 -7.25 -5.59 44.27
N LEU E 70 -7.72 -4.32 44.35
CA LEU E 70 -7.06 -3.15 43.78
C LEU E 70 -6.34 -2.35 44.87
N PRO E 71 -5.29 -1.62 44.49
CA PRO E 71 -4.54 -0.84 45.47
C PRO E 71 -5.34 0.35 46.00
N THR E 72 -4.79 0.95 47.06
CA THR E 72 -5.42 2.09 47.73
C THR E 72 -4.72 3.39 47.34
N PHE E 73 -5.52 4.46 47.24
CA PHE E 73 -5.02 5.76 46.82
C PHE E 73 -5.62 6.86 47.70
N GLU E 74 -4.90 7.98 47.74
CA GLU E 74 -5.29 9.18 48.48
C GLU E 74 -5.85 10.25 47.55
N LYS E 75 -6.84 11.00 48.04
CA LYS E 75 -7.49 12.02 47.25
C LYS E 75 -7.27 13.45 47.73
N ASN E 76 -7.16 13.67 49.05
CA ASN E 76 -7.12 15.02 49.60
C ASN E 76 -5.68 15.51 49.70
N PHE E 77 -5.39 16.64 49.03
CA PHE E 77 -4.05 17.20 48.97
C PHE E 77 -4.00 18.68 49.35
N TYR E 78 -5.13 19.30 49.67
CA TYR E 78 -5.18 20.73 49.93
C TYR E 78 -4.55 21.09 51.28
N VAL E 79 -3.83 22.21 51.33
CA VAL E 79 -2.99 22.52 52.48
C VAL E 79 -3.41 23.78 53.24
N GLU E 80 -4.26 24.66 52.69
CA GLU E 80 -4.81 25.81 53.46
C GLU E 80 -3.70 26.71 54.02
N HIS E 81 -2.94 27.33 53.12
CA HIS E 81 -1.68 28.00 53.44
C HIS E 81 -1.88 29.22 54.35
N GLU E 82 -0.73 29.80 54.74
CA GLU E 82 -0.60 30.58 55.97
C GLU E 82 -1.44 31.85 55.99
N SER E 83 -1.59 32.53 54.86
CA SER E 83 -2.32 33.79 54.89
C SER E 83 -3.78 33.62 54.52
N VAL E 84 -4.16 32.44 54.00
CA VAL E 84 -5.57 32.14 53.84
C VAL E 84 -6.22 31.81 55.18
N ARG E 85 -5.44 31.33 56.16
CA ARG E 85 -6.03 31.14 57.48
C ARG E 85 -6.40 32.50 58.05
N ASP E 86 -7.49 32.50 58.80
CA ASP E 86 -8.73 33.07 58.29
C ASP E 86 -8.76 34.60 58.32
N ARG E 87 -9.92 35.12 57.90
CA ARG E 87 -10.13 36.47 57.41
C ARG E 87 -10.95 37.40 58.31
N SER E 88 -12.08 36.99 58.91
CA SER E 88 -12.67 35.65 58.91
C SER E 88 -14.19 35.63 59.01
N ASP E 89 -14.82 34.87 58.11
CA ASP E 89 -16.21 34.43 58.10
C ASP E 89 -17.16 35.57 57.73
N SER E 90 -16.66 36.79 57.56
CA SER E 90 -17.44 37.82 56.88
C SER E 90 -16.63 38.56 55.83
N GLU E 91 -15.31 38.43 55.84
CA GLU E 91 -14.52 38.90 54.71
C GLU E 91 -14.75 38.02 53.50
N ILE E 92 -14.99 36.73 53.73
CA ILE E 92 -15.40 35.85 52.65
C ILE E 92 -16.80 36.25 52.16
N ALA E 93 -17.64 36.73 53.07
CA ALA E 93 -19.02 37.05 52.74
C ALA E 93 -19.11 38.04 51.59
N GLN E 94 -18.24 39.05 51.60
CA GLN E 94 -18.29 40.06 50.55
C GLN E 94 -17.56 39.58 49.30
N PHE E 95 -16.50 38.78 49.47
CA PHE E 95 -15.75 38.31 48.31
C PHE E 95 -16.58 37.37 47.44
N ARG E 96 -17.33 36.46 48.06
CA ARG E 96 -18.11 35.48 47.29
C ARG E 96 -19.09 36.18 46.36
N LYS E 97 -19.91 37.07 46.90
CA LYS E 97 -20.95 37.65 46.06
C LYS E 97 -20.53 38.96 45.40
N GLU E 98 -19.33 39.47 45.69
CA GLU E 98 -18.73 40.46 44.80
C GLU E 98 -18.36 39.82 43.47
N ASN E 99 -17.92 38.56 43.53
CA ASN E 99 -17.69 37.74 42.35
C ASN E 99 -18.83 36.74 42.11
N GLU E 100 -19.98 36.94 42.75
CA GLU E 100 -21.22 36.19 42.51
C GLU E 100 -21.05 34.67 42.66
N MET E 101 -20.35 34.24 43.70
CA MET E 101 -20.29 32.82 44.02
C MET E 101 -21.58 32.36 44.69
N THR E 102 -22.02 31.16 44.35
CA THR E 102 -23.14 30.51 45.02
C THR E 102 -22.69 29.12 45.41
N ILE E 103 -22.52 28.90 46.71
CA ILE E 103 -22.04 27.65 47.26
C ILE E 103 -23.21 26.88 47.87
N SER E 104 -23.17 25.54 47.76
CA SER E 104 -24.18 24.70 48.40
C SER E 104 -23.56 23.35 48.75
N GLY E 105 -23.20 23.19 50.01
CA GLY E 105 -22.71 21.91 50.49
C GLY E 105 -22.46 21.98 51.99
N HIS E 106 -21.68 21.01 52.48
CA HIS E 106 -21.22 21.03 53.87
C HIS E 106 -19.72 20.78 53.90
N ASP E 107 -19.05 21.40 54.88
CA ASP E 107 -17.60 21.32 55.06
C ASP E 107 -16.88 21.75 53.78
N ILE E 108 -17.18 22.96 53.36
CA ILE E 108 -16.71 23.51 52.08
C ILE E 108 -15.44 24.31 52.28
N PRO E 109 -14.43 24.13 51.43
CA PRO E 109 -13.16 24.87 51.63
C PRO E 109 -13.31 26.36 51.38
N LYS E 110 -12.23 27.09 51.61
CA LYS E 110 -12.10 28.52 51.68
C LYS E 110 -11.49 29.09 50.41
N PRO E 111 -11.89 30.27 49.98
CA PRO E 111 -11.37 30.83 48.73
C PRO E 111 -9.92 31.28 48.88
N ILE E 112 -9.25 31.38 47.74
CA ILE E 112 -7.89 31.87 47.67
C ILE E 112 -7.90 33.20 46.93
N THR E 113 -6.83 33.96 47.08
CA THR E 113 -6.70 35.24 46.38
C THR E 113 -5.54 35.27 45.40
N THR E 114 -4.38 34.76 45.79
CA THR E 114 -3.20 34.70 44.93
C THR E 114 -2.79 33.24 44.71
N PHE E 115 -1.97 33.03 43.69
CA PHE E 115 -1.54 31.66 43.38
C PHE E 115 -0.73 31.06 44.52
N ASP E 116 0.09 31.87 45.19
CA ASP E 116 0.86 31.38 46.33
C ASP E 116 -0.03 30.89 47.47
N GLU E 117 -1.31 31.26 47.47
CA GLU E 117 -2.23 30.86 48.50
C GLU E 117 -2.90 29.52 48.24
N ALA E 118 -2.69 28.94 47.06
CA ALA E 118 -3.20 27.62 46.76
C ALA E 118 -2.17 26.57 47.14
N GLY E 119 -2.65 25.41 47.57
CA GLY E 119 -1.75 24.35 47.99
C GLY E 119 -1.12 23.61 46.82
N PHE E 120 -0.58 24.36 45.86
CA PHE E 120 0.12 23.81 44.72
C PHE E 120 1.61 23.77 44.98
N PRO E 121 2.30 22.72 44.55
CA PRO E 121 3.77 22.69 44.69
C PRO E 121 4.44 23.75 43.85
N ASP E 122 5.75 23.89 43.97
CA ASP E 122 6.46 24.96 43.29
C ASP E 122 6.84 24.60 41.86
N TYR E 123 6.98 23.31 41.57
CA TYR E 123 7.28 22.86 40.22
C TYR E 123 6.12 23.11 39.27
N VAL E 124 4.90 23.17 39.80
CA VAL E 124 3.72 23.45 38.98
C VAL E 124 3.38 24.93 39.08
N LEU E 125 3.73 25.56 40.21
CA LEU E 125 3.45 26.98 40.39
C LEU E 125 4.36 27.83 39.54
N ASN E 126 5.53 27.32 39.14
CA ASN E 126 6.40 28.07 38.26
C ASN E 126 6.00 27.93 36.80
N GLU E 127 4.97 27.13 36.49
CA GLU E 127 4.49 27.09 35.12
C GLU E 127 3.36 28.08 34.90
N VAL E 128 2.56 28.34 35.94
CA VAL E 128 1.65 29.48 35.88
C VAL E 128 2.47 30.76 35.93
N LYS E 129 3.61 30.74 36.61
CA LYS E 129 4.57 31.84 36.52
C LYS E 129 4.98 32.08 35.07
N ALA E 130 5.44 31.03 34.39
CA ALA E 130 5.91 31.18 33.01
C ALA E 130 4.78 31.54 32.06
N GLU E 131 3.56 31.12 32.38
CA GLU E 131 2.44 31.51 31.55
C GLU E 131 2.04 32.96 31.77
N GLY E 132 2.58 33.60 32.81
CA GLY E 132 2.28 34.98 33.11
C GLY E 132 0.81 35.23 33.27
N PHE E 133 0.18 34.64 34.29
CA PHE E 133 -1.26 34.77 34.48
C PHE E 133 -1.53 35.58 35.75
N ASP E 134 -2.56 36.41 35.67
CA ASP E 134 -2.88 37.38 36.69
C ASP E 134 -4.12 36.96 37.46
N LYS E 135 -3.99 36.79 38.79
CA LYS E 135 -5.18 36.82 39.63
C LYS E 135 -6.21 35.79 39.20
N PRO E 136 -5.94 34.49 39.39
CA PRO E 136 -6.77 33.45 38.76
C PRO E 136 -8.26 33.71 38.96
N THR E 137 -9.05 33.26 37.98
CA THR E 137 -10.46 33.60 37.95
C THR E 137 -11.17 33.14 39.21
N GLY E 138 -12.25 33.83 39.55
CA GLY E 138 -12.97 33.55 40.79
C GLY E 138 -13.30 32.08 40.95
N ILE E 139 -13.66 31.41 39.85
CA ILE E 139 -13.93 29.98 39.93
C ILE E 139 -12.65 29.22 40.19
N GLN E 140 -11.51 29.69 39.67
CA GLN E 140 -10.24 29.10 40.05
C GLN E 140 -9.80 29.51 41.45
N CYS E 141 -10.34 30.62 41.98
CA CYS E 141 -10.02 31.03 43.34
C CYS E 141 -10.74 30.17 44.36
N GLN E 142 -11.84 29.55 43.98
CA GLN E 142 -12.58 28.63 44.84
C GLN E 142 -12.50 27.18 44.38
N GLY E 143 -12.39 26.94 43.07
CA GLY E 143 -12.41 25.58 42.55
C GLY E 143 -11.22 24.74 42.95
N TRP E 144 -10.05 25.36 43.10
CA TRP E 144 -8.84 24.57 43.36
C TRP E 144 -8.86 23.98 44.77
N PRO E 145 -9.06 24.76 45.84
CA PRO E 145 -9.15 24.11 47.17
C PRO E 145 -10.28 23.09 47.26
N MET E 146 -11.35 23.25 46.46
CA MET E 146 -12.39 22.23 46.40
C MET E 146 -11.88 20.95 45.79
N ALA E 147 -11.17 21.07 44.65
CA ALA E 147 -10.73 19.87 43.94
C ALA E 147 -9.56 19.21 44.64
N LEU E 148 -8.65 20.01 45.23
CA LEU E 148 -7.49 19.41 45.90
C LEU E 148 -7.87 18.71 47.19
N SER E 149 -9.11 18.83 47.65
CA SER E 149 -9.57 18.08 48.81
C SER E 149 -10.14 16.72 48.45
N GLY E 150 -10.14 16.35 47.18
CA GLY E 150 -10.56 15.01 46.79
C GLY E 150 -12.05 14.75 46.88
N ARG E 151 -12.88 15.77 46.83
CA ARG E 151 -14.32 15.61 46.96
C ARG E 151 -15.00 15.63 45.60
N ASP E 152 -16.11 14.91 45.49
CA ASP E 152 -16.90 14.96 44.27
C ASP E 152 -17.50 16.36 44.14
N MET E 153 -17.39 16.95 42.96
CA MET E 153 -17.63 18.37 42.81
C MET E 153 -18.37 18.68 41.53
N VAL E 154 -19.19 19.73 41.56
CA VAL E 154 -19.84 20.28 40.39
C VAL E 154 -19.47 21.76 40.26
N GLY E 155 -19.13 22.17 39.05
CA GLY E 155 -18.79 23.56 38.80
C GLY E 155 -19.54 24.12 37.61
N ILE E 156 -20.29 25.20 37.81
CA ILE E 156 -21.09 25.81 36.76
C ILE E 156 -20.56 27.23 36.51
N ALA E 157 -20.25 27.52 35.25
CA ALA E 157 -19.80 28.86 34.85
C ALA E 157 -19.90 28.97 33.34
N ALA E 158 -19.75 30.19 32.84
CA ALA E 158 -19.72 30.43 31.41
C ALA E 158 -18.39 29.99 30.81
N THR E 159 -18.41 29.64 29.53
CA THR E 159 -17.19 29.16 28.87
C THR E 159 -16.30 30.34 28.46
N GLY E 160 -15.96 31.15 29.47
CA GLY E 160 -14.94 32.16 29.38
C GLY E 160 -14.20 32.17 30.70
N SER E 161 -14.51 31.18 31.52
CA SER E 161 -14.01 31.05 32.88
C SER E 161 -12.69 30.28 32.87
N GLY E 162 -12.21 29.91 34.05
CA GLY E 162 -11.04 29.06 34.14
C GLY E 162 -11.40 27.64 34.55
N LYS E 163 -12.53 27.14 34.02
CA LYS E 163 -13.02 25.83 34.42
C LYS E 163 -12.03 24.72 34.10
N THR E 164 -11.24 24.88 33.03
CA THR E 164 -10.29 23.82 32.67
C THR E 164 -9.17 23.71 33.69
N LEU E 165 -8.48 24.81 33.98
CA LEU E 165 -7.42 24.77 34.98
C LEU E 165 -7.93 24.57 36.39
N SER E 166 -9.25 24.55 36.58
CA SER E 166 -9.83 24.28 37.89
C SER E 166 -9.84 22.78 38.20
N TYR E 167 -9.76 21.94 37.18
CA TYR E 167 -9.70 20.49 37.33
C TYR E 167 -8.44 19.86 36.74
N CYS E 168 -7.79 20.52 35.78
CA CYS E 168 -6.57 19.98 35.22
C CYS E 168 -5.42 20.10 36.21
N LEU E 169 -5.28 21.26 36.84
CA LEU E 169 -4.13 21.56 37.67
C LEU E 169 -4.19 20.79 38.99
N PRO E 170 -5.36 20.63 39.62
CA PRO E 170 -5.46 19.64 40.71
C PRO E 170 -5.37 18.21 40.24
N GLY E 171 -5.56 17.96 38.93
CA GLY E 171 -5.45 16.61 38.42
C GLY E 171 -4.04 16.12 38.26
N ILE E 172 -3.08 17.04 38.08
CA ILE E 172 -1.69 16.63 37.86
C ILE E 172 -1.04 16.25 39.18
N VAL E 173 -1.33 16.99 40.25
CA VAL E 173 -0.81 16.63 41.56
C VAL E 173 -1.42 15.31 42.02
N HIS E 174 -2.63 15.00 41.55
CA HIS E 174 -3.23 13.70 41.82
C HIS E 174 -2.39 12.59 41.21
N ILE E 175 -1.77 12.86 40.06
CA ILE E 175 -0.88 11.89 39.42
C ILE E 175 0.38 11.70 40.24
N ASN E 176 1.01 12.80 40.64
CA ASN E 176 2.34 12.74 41.21
C ASN E 176 2.39 11.98 42.54
N ALA E 177 1.25 11.72 43.17
CA ALA E 177 1.19 10.87 44.34
C ALA E 177 1.04 9.39 44.00
N GLN E 178 0.96 9.06 42.72
CA GLN E 178 0.69 7.72 42.25
C GLN E 178 1.94 7.07 41.65
N PRO E 179 2.02 5.74 41.64
CA PRO E 179 3.17 5.07 41.02
C PRO E 179 3.19 5.28 39.52
N LEU E 180 4.29 4.85 38.91
CA LEU E 180 4.48 5.03 37.47
C LEU E 180 3.50 4.16 36.70
N LEU E 181 3.33 4.50 35.42
CA LEU E 181 2.17 4.02 34.68
C LEU E 181 2.24 2.54 34.33
N ALA E 182 3.42 1.92 34.35
CA ALA E 182 3.47 0.46 34.25
C ALA E 182 2.79 -0.05 32.98
N PRO E 183 3.36 0.21 31.77
CA PRO E 183 2.61 0.04 30.52
C PRO E 183 1.77 -1.24 30.45
N GLY E 184 0.59 -1.08 29.85
CA GLY E 184 -0.52 -2.01 30.01
C GLY E 184 -1.45 -1.65 31.14
N ASP E 185 -1.15 -0.60 31.91
CA ASP E 185 -2.09 0.05 32.80
C ASP E 185 -2.59 1.33 32.14
N GLY E 186 -3.89 1.57 32.24
CA GLY E 186 -4.47 2.74 31.62
C GLY E 186 -4.35 3.96 32.50
N PRO E 187 -5.11 5.00 32.18
CA PRO E 187 -4.98 6.26 32.91
C PRO E 187 -5.63 6.17 34.29
N ILE E 188 -5.26 7.11 35.15
CA ILE E 188 -5.95 7.27 36.42
C ILE E 188 -6.88 8.46 36.31
N VAL E 189 -6.53 9.40 35.43
CA VAL E 189 -7.37 10.56 35.13
C VAL E 189 -8.05 10.33 33.80
N LEU E 190 -9.38 10.45 33.79
CA LEU E 190 -10.17 10.36 32.57
C LEU E 190 -11.01 11.61 32.45
N VAL E 191 -10.87 12.32 31.34
CA VAL E 191 -11.66 13.50 31.05
C VAL E 191 -12.55 13.18 29.85
N LEU E 192 -13.84 13.52 29.96
CA LEU E 192 -14.79 13.28 28.90
C LEU E 192 -15.25 14.61 28.30
N ALA E 193 -15.25 14.67 26.97
CA ALA E 193 -15.76 15.82 26.24
C ALA E 193 -16.77 15.33 25.22
N PRO E 194 -17.73 16.17 24.83
CA PRO E 194 -18.77 15.70 23.90
C PRO E 194 -18.30 15.58 22.46
N THR E 195 -17.42 16.48 22.01
CA THR E 195 -17.02 16.53 20.61
C THR E 195 -15.51 16.48 20.48
N ARG E 196 -15.06 16.09 19.29
CA ARG E 196 -13.65 16.12 18.94
C ARG E 196 -13.03 17.49 19.19
N GLU E 197 -13.70 18.56 18.75
CA GLU E 197 -13.11 19.89 18.80
C GLU E 197 -13.08 20.46 20.20
N LEU E 198 -13.89 19.95 21.11
CA LEU E 198 -13.84 20.39 22.50
C LEU E 198 -12.81 19.60 23.30
N ALA E 199 -12.62 18.33 22.97
CA ALA E 199 -11.65 17.52 23.68
C ALA E 199 -10.23 18.02 23.48
N VAL E 200 -9.94 18.62 22.31
CA VAL E 200 -8.56 18.97 22.03
C VAL E 200 -8.11 20.22 22.79
N GLN E 201 -9.01 21.20 23.02
CA GLN E 201 -8.56 22.36 23.80
C GLN E 201 -8.21 21.95 25.23
N ILE E 202 -8.89 20.95 25.77
CA ILE E 202 -8.48 20.47 27.08
C ILE E 202 -7.14 19.77 26.96
N GLN E 203 -6.88 19.12 25.82
CA GLN E 203 -5.58 18.51 25.58
C GLN E 203 -4.52 19.55 25.26
N THR E 204 -4.93 20.72 24.73
CA THR E 204 -3.99 21.82 24.60
C THR E 204 -3.72 22.49 25.93
N GLU E 205 -4.58 22.29 26.93
CA GLU E 205 -4.39 22.90 28.24
C GLU E 205 -3.73 21.96 29.23
N CYS E 206 -3.68 20.66 28.93
CA CYS E 206 -2.93 19.71 29.73
C CYS E 206 -1.49 19.56 29.25
N SER E 207 -1.20 20.03 28.03
CA SER E 207 0.13 19.94 27.45
C SER E 207 1.03 21.11 27.86
N LYS E 208 0.54 22.03 28.69
CA LYS E 208 1.29 23.21 29.08
C LYS E 208 1.70 23.22 30.53
N PHE E 209 1.05 22.44 31.39
CA PHE E 209 1.36 22.43 32.81
C PHE E 209 1.79 21.07 33.32
N GLY E 210 1.94 20.08 32.47
CA GLY E 210 2.36 18.77 32.90
C GLY E 210 3.67 18.33 32.29
N HIS E 211 4.34 19.25 31.60
CA HIS E 211 5.64 18.93 31.02
C HIS E 211 6.74 18.95 32.08
N SER E 212 6.72 19.96 32.96
CA SER E 212 7.67 20.00 34.08
C SER E 212 7.51 18.76 34.95
N SER E 213 6.27 18.40 35.26
CA SER E 213 5.97 17.18 35.98
C SER E 213 5.99 16.02 34.98
N ARG E 214 5.55 14.85 35.41
CA ARG E 214 5.63 13.63 34.64
C ARG E 214 4.22 13.31 34.16
N ILE E 215 3.87 13.85 32.98
CA ILE E 215 2.50 13.78 32.48
C ILE E 215 2.50 13.58 30.97
N ARG E 216 1.77 12.56 30.52
CA ARG E 216 1.41 12.37 29.12
C ARG E 216 -0.08 12.62 28.94
N ASN E 217 -0.44 13.14 27.77
CA ASN E 217 -1.84 13.42 27.46
C ASN E 217 -2.15 13.04 26.02
N THR E 218 -3.27 12.33 25.84
CA THR E 218 -3.78 11.97 24.53
C THR E 218 -5.25 12.32 24.42
N CYS E 219 -5.70 12.52 23.20
CA CYS E 219 -7.11 12.82 22.91
C CYS E 219 -7.68 11.77 21.98
N VAL E 220 -8.81 11.21 22.37
CA VAL E 220 -9.50 10.14 21.64
C VAL E 220 -10.86 10.66 21.20
N TYR E 221 -11.14 10.56 19.90
CA TYR E 221 -12.36 11.14 19.35
C TYR E 221 -12.68 10.51 18.00
N GLY E 222 -13.97 10.50 17.67
CA GLY E 222 -14.45 9.76 16.53
C GLY E 222 -14.21 10.46 15.20
N GLY E 223 -14.58 9.75 14.14
CA GLY E 223 -14.43 10.26 12.80
C GLY E 223 -13.02 10.23 12.24
N VAL E 224 -12.09 9.61 12.95
CA VAL E 224 -10.67 9.65 12.60
C VAL E 224 -10.17 8.20 12.63
N PRO E 225 -9.16 7.83 11.85
CA PRO E 225 -8.62 6.47 11.96
C PRO E 225 -8.09 6.19 13.35
N LYS E 226 -8.41 5.00 13.87
CA LYS E 226 -8.02 4.60 15.20
C LYS E 226 -6.56 4.20 15.31
N SER E 227 -5.87 3.99 14.18
CA SER E 227 -4.55 3.38 14.23
C SER E 227 -3.46 4.33 14.73
N GLN E 228 -3.67 5.64 14.66
CA GLN E 228 -2.74 6.54 15.33
C GLN E 228 -3.22 6.89 16.73
N GLN E 229 -4.50 6.70 17.01
CA GLN E 229 -4.98 6.80 18.39
C GLN E 229 -4.49 5.64 19.24
N ILE E 230 -4.14 4.51 18.62
CA ILE E 230 -3.58 3.41 19.38
C ILE E 230 -2.09 3.62 19.60
N ARG E 231 -1.42 4.37 18.71
CA ARG E 231 0.01 4.59 18.89
C ARG E 231 0.29 5.60 19.98
N ASP E 232 -0.71 6.40 20.36
CA ASP E 232 -0.56 7.32 21.48
C ASP E 232 -0.85 6.62 22.79
N LEU E 233 -1.81 5.71 22.79
CA LEU E 233 -2.08 4.91 23.98
C LEU E 233 -1.09 3.77 24.14
N SER E 234 -0.51 3.29 23.03
CA SER E 234 0.49 2.22 23.12
C SER E 234 1.64 2.62 24.01
N ARG E 235 1.96 3.92 24.07
CA ARG E 235 3.05 4.40 24.88
C ARG E 235 2.64 4.64 26.32
N GLY E 236 1.37 4.50 26.64
CA GLY E 236 0.90 4.77 27.99
C GLY E 236 0.67 6.26 28.15
N SER E 237 -0.41 6.64 28.83
CA SER E 237 -0.70 8.05 29.04
C SER E 237 -1.55 8.20 30.30
N GLU E 238 -1.12 9.11 31.17
CA GLU E 238 -1.77 9.27 32.46
C GLU E 238 -3.13 9.96 32.34
N ILE E 239 -3.28 10.86 31.38
CA ILE E 239 -4.55 11.52 31.10
C ILE E 239 -4.96 11.24 29.66
N VAL E 240 -6.19 10.77 29.49
CA VAL E 240 -6.79 10.58 28.19
C VAL E 240 -8.08 11.39 28.15
N ILE E 241 -8.27 12.14 27.06
CA ILE E 241 -9.50 12.86 26.82
C ILE E 241 -10.21 12.15 25.68
N ALA E 242 -11.40 11.64 25.95
CA ALA E 242 -12.06 10.71 25.06
C ALA E 242 -13.49 11.16 24.75
N THR E 243 -13.92 10.88 23.52
CA THR E 243 -15.33 11.07 23.21
C THR E 243 -16.11 9.84 23.68
N PRO E 244 -17.31 10.03 24.23
CA PRO E 244 -18.02 8.88 24.81
C PRO E 244 -18.27 7.73 23.84
N GLY E 245 -18.46 8.02 22.55
CA GLY E 245 -18.81 6.95 21.63
C GLY E 245 -17.65 6.01 21.31
N ARG E 246 -16.52 6.57 20.89
CA ARG E 246 -15.39 5.77 20.43
C ARG E 246 -14.39 5.40 21.52
N LEU E 247 -14.58 5.88 22.74
CA LEU E 247 -13.80 5.32 23.84
C LEU E 247 -14.29 3.91 24.13
N ILE E 248 -15.60 3.69 24.10
CA ILE E 248 -16.14 2.35 24.22
C ILE E 248 -15.74 1.49 23.03
N ASP E 249 -15.53 2.12 21.87
CA ASP E 249 -15.19 1.36 20.68
C ASP E 249 -13.76 0.86 20.69
N MET E 250 -12.90 1.44 21.53
CA MET E 250 -11.55 0.93 21.69
C MET E 250 -11.38 0.09 22.95
N LEU E 251 -12.28 0.23 23.93
CA LEU E 251 -12.30 -0.67 25.06
C LEU E 251 -13.05 -1.96 24.73
N GLU E 252 -13.91 -1.92 23.71
CA GLU E 252 -14.52 -3.13 23.17
C GLU E 252 -13.55 -3.88 22.27
N ILE E 253 -12.47 -3.22 21.83
CA ILE E 253 -11.35 -3.90 21.20
C ILE E 253 -10.24 -4.17 22.22
N GLY E 254 -10.30 -3.54 23.39
CA GLY E 254 -9.33 -3.80 24.44
C GLY E 254 -7.94 -3.29 24.13
N LYS E 255 -7.82 -2.01 23.78
CA LYS E 255 -6.52 -1.41 23.49
C LYS E 255 -6.07 -0.47 24.60
N THR E 256 -6.76 -0.49 25.74
CA THR E 256 -6.37 0.20 26.97
C THR E 256 -7.32 -0.28 28.06
N ASN E 257 -7.04 0.12 29.30
CA ASN E 257 -7.87 -0.29 30.41
C ASN E 257 -8.28 0.90 31.25
N LEU E 258 -9.49 0.82 31.82
CA LEU E 258 -10.02 1.84 32.72
C LEU E 258 -10.05 1.33 34.16
N LYS E 259 -9.09 0.48 34.50
CA LYS E 259 -9.02 -0.12 35.82
C LYS E 259 -8.18 0.70 36.78
N ARG E 260 -7.42 1.67 36.28
CA ARG E 260 -6.62 2.52 37.14
C ARG E 260 -7.24 3.90 37.34
N VAL E 261 -8.40 4.18 36.78
CA VAL E 261 -8.95 5.53 36.77
C VAL E 261 -9.45 5.90 38.17
N THR E 262 -8.81 6.89 38.79
CA THR E 262 -9.20 7.41 40.09
C THR E 262 -9.77 8.82 40.04
N TYR E 263 -9.62 9.54 38.92
CA TYR E 263 -9.92 10.97 38.85
C TYR E 263 -10.71 11.23 37.56
N LEU E 264 -12.02 11.26 37.70
CA LEU E 264 -12.94 11.40 36.57
C LEU E 264 -13.40 12.85 36.44
N VAL E 265 -13.40 13.37 35.22
CA VAL E 265 -13.82 14.74 34.93
C VAL E 265 -14.85 14.72 33.80
N LEU E 266 -15.90 15.50 33.96
CA LEU E 266 -16.96 15.65 32.96
C LEU E 266 -17.08 17.14 32.62
N ASP E 267 -16.29 17.60 31.65
CA ASP E 267 -16.36 19.01 31.28
C ASP E 267 -17.54 19.26 30.34
N GLU E 268 -18.32 20.29 30.62
CA GLU E 268 -19.49 20.67 29.82
C GLU E 268 -20.47 19.51 29.67
N ALA E 269 -20.97 19.05 30.82
CA ALA E 269 -21.92 17.94 30.88
C ALA E 269 -23.27 18.27 30.25
N ASP E 270 -23.60 19.56 30.12
CA ASP E 270 -24.91 19.93 29.59
C ASP E 270 -25.11 19.45 28.16
N ARG E 271 -24.18 19.79 27.27
CA ARG E 271 -24.33 19.42 25.87
C ARG E 271 -24.24 17.91 25.68
N MET E 272 -23.53 17.20 26.57
CA MET E 272 -23.40 15.75 26.41
C MET E 272 -24.76 15.07 26.41
N LEU E 273 -25.67 15.49 27.30
CA LEU E 273 -27.00 14.90 27.28
C LEU E 273 -27.79 15.40 26.08
N ASP E 274 -27.46 16.58 25.56
CA ASP E 274 -28.15 17.08 24.37
C ASP E 274 -27.80 16.25 23.14
N MET E 275 -26.71 15.49 23.20
CA MET E 275 -26.31 14.59 22.13
C MET E 275 -26.68 13.14 22.43
N GLY E 276 -27.49 12.90 23.45
CA GLY E 276 -27.88 11.53 23.79
C GLY E 276 -26.72 10.67 24.25
N PHE E 277 -25.78 11.25 25.00
CA PHE E 277 -24.61 10.50 25.44
C PHE E 277 -24.80 9.79 26.77
N GLU E 278 -25.91 10.06 27.48
CA GLU E 278 -26.11 9.43 28.79
C GLU E 278 -26.12 7.90 28.73
N PRO E 279 -26.75 7.24 27.75
CA PRO E 279 -26.61 5.77 27.68
C PRO E 279 -25.17 5.32 27.48
N GLN E 280 -24.31 6.18 26.92
CA GLN E 280 -22.90 5.86 26.75
C GLN E 280 -22.07 6.30 27.95
N ILE E 281 -22.53 7.30 28.70
CA ILE E 281 -21.78 7.77 29.86
C ILE E 281 -21.86 6.75 30.98
N ARG E 282 -23.05 6.20 31.23
CA ARG E 282 -23.21 5.21 32.29
C ARG E 282 -22.42 3.93 32.00
N LYS E 283 -22.27 3.57 30.73
CA LYS E 283 -21.52 2.37 30.40
C LYS E 283 -20.03 2.55 30.61
N ILE E 284 -19.54 3.78 30.47
CA ILE E 284 -18.13 4.05 30.74
C ILE E 284 -17.87 4.11 32.23
N VAL E 285 -18.82 4.69 32.99
CA VAL E 285 -18.70 4.79 34.43
C VAL E 285 -18.97 3.44 35.10
N ASP E 286 -19.44 2.45 34.34
CA ASP E 286 -19.54 1.12 34.94
C ASP E 286 -18.23 0.36 34.91
N GLN E 287 -17.16 0.94 34.34
CA GLN E 287 -15.86 0.28 34.28
C GLN E 287 -14.81 0.94 35.18
N ILE E 288 -15.19 1.91 35.99
CA ILE E 288 -14.25 2.59 36.86
C ILE E 288 -14.68 2.38 38.31
N ARG E 289 -13.69 2.35 39.20
CA ARG E 289 -13.93 2.07 40.60
C ARG E 289 -14.96 3.03 41.20
N PRO E 290 -15.98 2.51 41.90
CA PRO E 290 -16.99 3.41 42.49
C PRO E 290 -16.46 4.32 43.57
N ASP E 291 -15.27 4.05 44.12
CA ASP E 291 -14.67 4.92 45.12
C ASP E 291 -13.87 6.04 44.49
N ARG E 292 -14.04 6.26 43.19
CA ARG E 292 -13.29 7.27 42.45
C ARG E 292 -13.69 8.67 42.91
N GLN E 293 -12.95 9.65 42.42
CA GLN E 293 -13.21 11.05 42.67
C GLN E 293 -13.63 11.68 41.35
N THR E 294 -14.88 12.18 41.30
CA THR E 294 -15.48 12.69 40.08
C THR E 294 -15.73 14.20 40.16
N LEU E 295 -15.57 14.88 39.02
CA LEU E 295 -15.72 16.32 38.92
C LEU E 295 -16.62 16.66 37.73
N MET E 296 -17.82 17.17 38.00
CA MET E 296 -18.73 17.55 36.93
C MET E 296 -18.58 19.02 36.58
N TRP E 297 -18.83 19.34 35.30
CA TRP E 297 -18.65 20.68 34.78
C TRP E 297 -19.68 20.95 33.70
N SER E 298 -20.25 22.15 33.73
CA SER E 298 -21.23 22.59 32.74
C SER E 298 -21.43 24.09 32.88
N ALA E 299 -22.14 24.67 31.92
CA ALA E 299 -22.53 26.07 31.99
C ALA E 299 -23.98 26.28 32.37
N THR E 300 -24.86 25.35 32.00
CA THR E 300 -26.27 25.40 32.34
C THR E 300 -26.55 24.41 33.46
N TRP E 301 -27.45 24.79 34.36
CA TRP E 301 -27.90 23.91 35.45
C TRP E 301 -29.39 23.61 35.30
N PRO E 302 -29.80 22.91 34.24
CA PRO E 302 -31.21 22.58 34.06
C PRO E 302 -31.58 21.33 34.86
N LYS E 303 -32.84 20.93 34.69
CA LYS E 303 -33.35 19.70 35.29
C LYS E 303 -32.59 18.46 34.84
N GLU E 304 -31.85 18.54 33.73
CA GLU E 304 -31.19 17.37 33.18
C GLU E 304 -29.86 17.10 33.88
N VAL E 305 -29.10 18.14 34.19
CA VAL E 305 -27.80 17.97 34.83
C VAL E 305 -27.94 17.79 36.33
N LYS E 306 -28.94 18.42 36.95
CA LYS E 306 -29.07 18.35 38.41
C LYS E 306 -29.46 16.95 38.86
N GLN E 307 -30.18 16.20 38.02
CA GLN E 307 -30.46 14.81 38.32
C GLN E 307 -29.24 13.93 38.05
N LEU E 308 -28.40 14.33 37.09
CA LEU E 308 -27.24 13.52 36.74
C LEU E 308 -26.14 13.60 37.78
N ALA E 309 -26.05 14.72 38.51
CA ALA E 309 -25.06 14.83 39.58
C ALA E 309 -25.41 13.91 40.74
N ALA E 310 -26.70 13.80 41.06
CA ALA E 310 -27.12 12.93 42.16
C ALA E 310 -26.95 11.46 41.81
N ASP E 311 -26.87 11.11 40.53
CA ASP E 311 -26.71 9.71 40.16
C ASP E 311 -25.26 9.27 40.23
N TYR E 312 -24.32 10.20 40.08
CA TYR E 312 -22.91 9.85 39.97
C TYR E 312 -22.04 10.39 41.11
N LEU E 313 -22.37 11.53 41.70
CA LEU E 313 -21.55 12.08 42.76
C LEU E 313 -22.08 11.60 44.12
N ASN E 314 -21.16 11.29 45.02
CA ASN E 314 -21.50 10.97 46.41
C ASN E 314 -21.02 12.11 47.28
N ASP E 315 -21.94 12.71 48.04
CA ASP E 315 -21.68 13.88 48.86
C ASP E 315 -21.00 14.97 48.03
N PRO E 316 -21.72 15.57 47.08
CA PRO E 316 -21.12 16.61 46.23
C PRO E 316 -21.17 18.00 46.86
N ILE E 317 -20.32 18.87 46.33
CA ILE E 317 -20.22 20.27 46.74
C ILE E 317 -20.41 21.13 45.50
N GLN E 318 -21.40 22.03 45.55
CA GLN E 318 -21.78 22.81 44.39
C GLN E 318 -21.20 24.22 44.45
N VAL E 319 -20.80 24.74 43.29
CA VAL E 319 -20.35 26.11 43.13
C VAL E 319 -20.90 26.61 41.81
N GLN E 320 -21.59 27.75 41.85
CA GLN E 320 -22.36 28.23 40.71
C GLN E 320 -22.00 29.68 40.41
N VAL E 321 -20.71 30.01 40.38
CA VAL E 321 -20.40 31.38 39.97
C VAL E 321 -20.71 31.48 38.48
N GLY E 322 -21.80 32.19 38.18
CA GLY E 322 -22.33 32.22 36.85
C GLY E 322 -23.55 33.11 36.82
N SER E 323 -23.89 33.57 35.62
CA SER E 323 -25.05 34.43 35.47
C SER E 323 -26.04 33.93 34.43
N LEU E 324 -25.54 33.23 33.40
CA LEU E 324 -26.32 32.84 32.23
C LEU E 324 -27.11 34.01 31.66
N GLU E 325 -26.54 35.21 31.75
CA GLU E 325 -27.08 36.39 31.09
C GLU E 325 -26.51 36.43 29.68
N LEU E 326 -27.33 36.04 28.71
CA LEU E 326 -26.92 36.04 27.31
C LEU E 326 -27.37 37.36 26.71
N SER E 327 -26.42 38.28 26.55
CA SER E 327 -26.75 39.66 26.23
C SER E 327 -27.46 39.78 24.89
N ALA E 328 -26.90 39.18 23.84
CA ALA E 328 -27.49 39.21 22.50
C ALA E 328 -27.59 40.65 21.99
N SER E 329 -26.44 41.32 21.98
CA SER E 329 -26.34 42.75 21.73
C SER E 329 -27.23 43.20 20.59
N HIS E 330 -27.93 44.32 20.82
CA HIS E 330 -29.00 44.80 19.95
C HIS E 330 -28.48 45.52 18.73
N ASN E 331 -27.17 45.68 18.60
CA ASN E 331 -26.58 46.40 17.48
C ASN E 331 -26.17 45.46 16.35
N ILE E 332 -26.69 44.24 16.36
CA ILE E 332 -26.41 43.25 15.34
C ILE E 332 -27.72 42.89 14.66
N THR E 333 -27.77 43.06 13.34
CA THR E 333 -28.92 42.61 12.57
C THR E 333 -28.78 41.11 12.37
N GLN E 334 -29.66 40.32 12.97
CA GLN E 334 -29.59 38.87 12.87
C GLN E 334 -30.61 38.43 11.85
N ILE E 335 -30.10 37.90 10.74
CA ILE E 335 -30.91 37.37 9.65
C ILE E 335 -30.53 35.90 9.51
N VAL E 336 -31.28 35.03 10.15
CA VAL E 336 -31.05 33.60 10.08
C VAL E 336 -31.78 33.06 8.87
N GLU E 337 -31.14 32.16 8.13
CA GLU E 337 -31.66 31.69 6.85
C GLU E 337 -31.67 30.16 6.87
N VAL E 338 -32.87 29.59 6.92
CA VAL E 338 -33.03 28.13 6.96
C VAL E 338 -32.66 27.57 5.60
N VAL E 339 -31.53 26.88 5.55
CA VAL E 339 -30.92 26.43 4.31
C VAL E 339 -30.78 24.91 4.30
N SER E 340 -30.28 24.39 3.19
CA SER E 340 -29.89 22.99 3.08
C SER E 340 -28.38 22.91 2.94
N ASP E 341 -27.87 21.69 2.92
CA ASP E 341 -26.43 21.49 2.98
C ASP E 341 -25.75 21.73 1.63
N PHE E 342 -26.49 21.62 0.54
CA PHE E 342 -25.97 21.81 -0.82
C PHE E 342 -25.99 23.26 -1.27
N GLU E 343 -26.82 24.11 -0.67
CA GLU E 343 -26.91 25.52 -1.06
C GLU E 343 -25.97 26.42 -0.26
N LYS E 344 -25.41 25.93 0.85
CA LYS E 344 -24.57 26.76 1.70
C LYS E 344 -23.36 27.33 0.94
N ARG E 345 -22.80 26.57 0.00
CA ARG E 345 -21.66 27.09 -0.75
C ARG E 345 -22.08 28.20 -1.71
N ASP E 346 -23.26 28.08 -2.31
CA ASP E 346 -23.71 29.12 -3.23
C ASP E 346 -24.17 30.37 -2.47
N ARG E 347 -24.81 30.18 -1.31
CA ARG E 347 -25.25 31.33 -0.52
C ARG E 347 -24.07 32.10 0.06
N LEU E 348 -22.99 31.40 0.41
CA LEU E 348 -21.83 32.11 0.96
C LEU E 348 -21.20 33.01 -0.09
N ASN E 349 -21.13 32.53 -1.34
CA ASN E 349 -20.63 33.36 -2.43
C ASN E 349 -21.53 34.57 -2.67
N LYS E 350 -22.85 34.39 -2.52
CA LYS E 350 -23.78 35.48 -2.82
C LYS E 350 -23.64 36.63 -1.84
N TYR E 351 -23.48 36.32 -0.55
CA TYR E 351 -23.30 37.40 0.42
C TYR E 351 -21.88 37.94 0.42
N LEU E 352 -20.93 37.25 -0.21
CA LEU E 352 -19.59 37.78 -0.34
C LEU E 352 -19.50 38.79 -1.48
N GLU E 353 -20.30 38.60 -2.54
CA GLU E 353 -20.36 39.59 -3.59
C GLU E 353 -20.99 40.89 -3.10
N THR E 354 -21.93 40.80 -2.15
CA THR E 354 -22.49 42.01 -1.56
C THR E 354 -21.52 42.66 -0.59
N ALA E 355 -20.77 41.86 0.16
CA ALA E 355 -19.76 42.40 1.05
C ALA E 355 -18.57 42.95 0.26
N SER E 356 -18.28 42.36 -0.90
CA SER E 356 -17.19 42.84 -1.73
C SER E 356 -17.36 44.30 -2.12
N GLN E 357 -18.59 44.81 -2.15
CA GLN E 357 -18.82 46.14 -2.69
C GLN E 357 -18.26 47.23 -1.78
N ASP E 358 -18.48 47.12 -0.47
CA ASP E 358 -17.90 48.08 0.45
C ASP E 358 -16.39 47.85 0.59
N ASN E 359 -15.71 48.88 1.12
CA ASN E 359 -14.28 48.81 1.36
C ASN E 359 -13.95 49.50 2.67
N GLU E 360 -13.19 48.84 3.52
CA GLU E 360 -12.69 47.48 3.26
C GLU E 360 -13.31 46.48 4.22
N TYR E 361 -14.10 45.55 3.67
CA TYR E 361 -14.88 44.62 4.46
C TYR E 361 -14.00 43.60 5.17
N LYS E 362 -14.56 43.01 6.22
CA LYS E 362 -13.86 42.09 7.10
C LYS E 362 -14.89 41.06 7.55
N THR E 363 -14.86 39.89 6.93
CA THR E 363 -15.88 38.87 7.16
C THR E 363 -15.26 37.69 7.91
N LEU E 364 -16.06 37.13 8.82
CA LEU E 364 -15.66 35.97 9.62
C LEU E 364 -16.76 34.92 9.46
N ILE E 365 -16.44 33.83 8.79
CA ILE E 365 -17.36 32.71 8.67
C ILE E 365 -17.07 31.74 9.81
N PHE E 366 -18.13 31.13 10.35
CA PHE E 366 -18.02 30.28 11.53
C PHE E 366 -18.44 28.86 11.21
N ALA E 367 -17.69 27.91 11.75
CA ALA E 367 -18.01 26.48 11.69
C ALA E 367 -17.88 25.91 13.10
N SER E 368 -18.43 24.71 13.28
CA SER E 368 -18.33 24.05 14.57
C SER E 368 -17.29 22.95 14.61
N THR E 369 -16.88 22.43 13.45
CA THR E 369 -15.94 21.32 13.37
C THR E 369 -14.64 21.77 12.72
N LYS E 370 -13.56 21.06 13.03
CA LYS E 370 -12.31 21.30 12.31
C LYS E 370 -12.41 20.82 10.87
N ARG E 371 -12.99 19.65 10.64
CA ARG E 371 -12.91 19.10 9.30
C ARG E 371 -13.92 19.74 8.37
N MET E 372 -15.09 20.16 8.87
CA MET E 372 -15.85 21.09 8.06
C MET E 372 -15.49 22.52 8.45
N CYS E 373 -14.18 22.79 8.43
CA CYS E 373 -13.63 24.13 8.33
C CYS E 373 -12.54 24.22 7.28
N ASP E 374 -11.91 23.10 6.91
CA ASP E 374 -11.02 23.07 5.77
C ASP E 374 -11.80 23.07 4.47
N ASP E 375 -13.04 22.61 4.49
CA ASP E 375 -13.81 22.54 3.26
C ASP E 375 -14.22 23.94 2.84
N ILE E 376 -14.73 24.74 3.78
CA ILE E 376 -15.10 26.11 3.47
C ILE E 376 -13.89 26.87 2.96
N THR E 377 -12.74 26.69 3.60
CA THR E 377 -11.53 27.35 3.13
C THR E 377 -11.08 26.83 1.78
N LYS E 378 -11.17 25.51 1.58
CA LYS E 378 -10.85 24.92 0.28
C LYS E 378 -11.95 25.15 -0.74
N TYR E 379 -13.12 25.63 -0.34
CA TYR E 379 -14.14 25.97 -1.32
C TYR E 379 -14.06 27.42 -1.74
N LEU E 380 -13.71 28.32 -0.81
CA LEU E 380 -13.52 29.71 -1.18
C LEU E 380 -12.29 29.89 -2.05
N ARG E 381 -11.20 29.23 -1.68
CA ARG E 381 -9.97 29.33 -2.47
C ARG E 381 -10.14 28.72 -3.86
N GLU E 382 -11.04 27.76 -4.02
CA GLU E 382 -11.30 27.22 -5.35
C GLU E 382 -12.21 28.13 -6.17
N ASP E 383 -13.05 28.93 -5.50
CA ASP E 383 -13.93 29.85 -6.21
C ASP E 383 -13.27 31.20 -6.50
N GLY E 384 -12.10 31.46 -5.93
CA GLY E 384 -11.40 32.70 -6.16
C GLY E 384 -11.46 33.69 -5.02
N TRP E 385 -11.70 33.23 -3.80
CA TRP E 385 -11.86 34.09 -2.63
C TRP E 385 -10.64 33.99 -1.74
N PRO E 386 -10.05 35.12 -1.34
CA PRO E 386 -8.92 35.06 -0.39
C PRO E 386 -9.42 34.62 0.98
N ALA E 387 -8.91 33.49 1.45
CA ALA E 387 -9.43 32.88 2.68
C ALA E 387 -8.30 32.43 3.60
N LEU E 388 -8.53 32.58 4.89
CA LEU E 388 -7.65 32.07 5.92
C LEU E 388 -8.47 31.26 6.92
N ALA E 389 -7.82 30.31 7.59
CA ALA E 389 -8.50 29.36 8.45
C ALA E 389 -7.83 29.25 9.81
N ILE E 390 -8.62 28.96 10.83
CA ILE E 390 -8.13 28.63 12.17
C ILE E 390 -9.09 27.61 12.78
N HIS E 391 -8.53 26.53 13.33
CA HIS E 391 -9.30 25.50 13.98
C HIS E 391 -8.53 25.00 15.20
N GLY E 392 -9.09 24.00 15.87
CA GLY E 392 -8.56 23.65 17.18
C GLY E 392 -7.41 22.66 17.21
N ASP E 393 -7.53 21.53 16.51
CA ASP E 393 -6.43 20.57 16.52
C ASP E 393 -5.42 20.82 15.40
N LYS E 394 -4.93 22.06 15.34
CA LYS E 394 -3.75 22.49 14.59
C LYS E 394 -3.43 23.91 15.04
N ASP E 395 -2.41 24.50 14.41
CA ASP E 395 -2.19 25.94 14.38
C ASP E 395 -2.07 26.56 15.77
N GLN E 396 -1.08 26.15 16.56
CA GLN E 396 -0.89 26.82 17.84
C GLN E 396 -0.35 28.23 17.65
N ARG E 397 0.83 28.36 17.03
CA ARG E 397 1.36 29.68 16.67
C ARG E 397 0.85 30.14 15.31
N GLU E 398 0.51 29.18 14.44
CA GLU E 398 -0.05 29.54 13.15
C GLU E 398 -1.39 30.26 13.30
N ARG E 399 -2.14 29.96 14.37
CA ARG E 399 -3.36 30.70 14.63
C ARG E 399 -3.10 32.16 14.99
N ASP E 400 -1.86 32.50 15.34
CA ASP E 400 -1.54 33.88 15.68
C ASP E 400 -1.04 34.68 14.49
N TRP E 401 -0.47 34.03 13.47
CA TRP E 401 0.02 34.78 12.32
C TRP E 401 -1.12 35.25 11.44
N VAL E 402 -2.18 34.44 11.32
CA VAL E 402 -3.31 34.84 10.50
C VAL E 402 -4.05 36.01 11.13
N LEU E 403 -4.16 36.04 12.45
CA LEU E 403 -4.92 37.12 13.08
C LEU E 403 -4.28 38.48 12.85
N GLN E 404 -2.95 38.55 12.75
CA GLN E 404 -2.33 39.83 12.44
C GLN E 404 -2.58 40.23 11.00
N GLU E 405 -2.65 39.26 10.09
CA GLU E 405 -2.89 39.59 8.70
C GLU E 405 -4.35 39.87 8.44
N PHE E 406 -5.22 39.43 9.35
CA PHE E 406 -6.63 39.80 9.27
C PHE E 406 -6.82 41.21 9.81
N ARG E 407 -6.01 41.60 10.79
CA ARG E 407 -5.99 42.98 11.25
C ARG E 407 -5.22 43.87 10.30
N ASN E 408 -4.17 43.35 9.66
CA ASN E 408 -3.44 44.13 8.69
C ASN E 408 -4.28 44.44 7.45
N GLY E 409 -5.51 43.92 7.38
CA GLY E 409 -6.31 44.16 6.20
C GLY E 409 -5.78 43.42 5.00
N ARG E 410 -5.15 42.27 5.21
CA ARG E 410 -4.50 41.54 4.13
C ARG E 410 -5.47 40.62 3.41
N SER E 411 -6.42 40.03 4.14
CA SER E 411 -7.42 39.20 3.56
C SER E 411 -8.70 39.55 4.30
N PRO E 412 -9.79 39.87 3.58
CA PRO E 412 -11.03 40.26 4.25
C PRO E 412 -11.79 39.07 4.81
N ILE E 413 -11.45 37.86 4.40
CA ILE E 413 -12.16 36.65 4.76
C ILE E 413 -11.28 35.79 5.65
N MET E 414 -11.88 35.21 6.68
CA MET E 414 -11.20 34.31 7.59
C MET E 414 -12.21 33.32 8.16
N VAL E 415 -11.87 32.03 8.06
CA VAL E 415 -12.71 30.97 8.59
C VAL E 415 -12.20 30.58 9.96
N ALA E 416 -13.13 30.31 10.89
CA ALA E 416 -12.78 30.04 12.27
C ALA E 416 -13.78 29.08 12.87
N THR E 417 -13.37 28.41 13.94
CA THR E 417 -14.26 27.59 14.74
C THR E 417 -14.61 28.30 16.04
N ASP E 418 -15.50 27.68 16.82
CA ASP E 418 -15.90 28.28 18.08
C ASP E 418 -14.74 28.25 19.07
N VAL E 419 -14.01 27.14 19.10
CA VAL E 419 -12.93 26.97 20.06
C VAL E 419 -11.75 27.88 19.72
N ALA E 420 -11.47 28.06 18.43
CA ALA E 420 -10.33 28.87 18.04
C ALA E 420 -10.58 30.36 18.25
N ALA E 421 -11.82 30.81 18.08
CA ALA E 421 -12.15 32.23 18.23
C ALA E 421 -12.61 32.54 19.65
N ARG E 422 -11.74 32.25 20.61
CA ARG E 422 -11.95 32.61 22.00
C ARG E 422 -10.97 33.71 22.38
N GLY E 423 -11.50 34.85 22.81
CA GLY E 423 -10.67 35.94 23.31
C GLY E 423 -9.74 36.51 22.26
N ILE E 424 -10.31 37.12 21.22
CA ILE E 424 -9.54 37.69 20.13
C ILE E 424 -9.82 39.19 20.05
N ASP E 425 -8.80 39.97 19.72
CA ASP E 425 -8.98 41.37 19.37
C ASP E 425 -8.66 41.48 17.88
N VAL E 426 -9.68 41.27 17.04
CA VAL E 426 -9.55 41.42 15.60
C VAL E 426 -10.62 42.38 15.08
N LYS E 427 -11.08 43.28 15.93
CA LYS E 427 -12.33 43.98 15.64
C LYS E 427 -12.19 44.92 14.44
N GLY E 428 -13.33 45.21 13.81
CA GLY E 428 -13.37 45.88 12.53
C GLY E 428 -14.16 45.03 11.54
N ILE E 429 -14.94 44.09 12.08
CA ILE E 429 -15.59 43.05 11.30
C ILE E 429 -16.98 43.53 10.88
N ASN E 430 -17.22 43.55 9.56
CA ASN E 430 -18.51 44.01 9.05
C ASN E 430 -19.57 42.92 9.08
N TYR E 431 -19.22 41.70 8.66
CA TYR E 431 -20.15 40.58 8.67
C TYR E 431 -19.57 39.38 9.41
N VAL E 432 -20.48 38.56 9.92
CA VAL E 432 -20.14 37.28 10.54
C VAL E 432 -21.14 36.26 10.03
N ILE E 433 -20.66 35.26 9.31
CA ILE E 433 -21.52 34.27 8.66
C ILE E 433 -21.42 32.96 9.41
N ASN E 434 -22.57 32.47 9.91
CA ASN E 434 -22.63 31.19 10.60
C ASN E 434 -22.95 30.11 9.57
N TYR E 435 -21.90 29.65 8.90
CA TYR E 435 -22.07 28.60 7.90
C TYR E 435 -22.53 27.31 8.58
N ASP E 436 -21.98 27.01 9.75
CA ASP E 436 -22.50 26.00 10.65
C ASP E 436 -23.15 26.69 11.85
N MET E 437 -23.91 25.90 12.62
CA MET E 437 -24.46 26.40 13.87
C MET E 437 -23.98 25.53 15.01
N PRO E 438 -23.71 26.11 16.18
CA PRO E 438 -23.21 25.33 17.31
C PRO E 438 -24.34 24.51 17.94
N GLY E 439 -23.98 23.80 19.01
CA GLY E 439 -24.95 23.00 19.75
C GLY E 439 -25.66 23.79 20.82
N ASN E 440 -25.08 24.92 21.21
CA ASN E 440 -25.64 25.79 22.24
C ASN E 440 -25.69 27.21 21.72
N ILE E 441 -26.47 28.05 22.41
CA ILE E 441 -26.60 29.45 22.03
C ILE E 441 -25.67 30.36 22.83
N GLU E 442 -24.81 29.79 23.67
CA GLU E 442 -23.82 30.64 24.30
C GLU E 442 -22.65 30.88 23.36
N ASP E 443 -22.35 29.92 22.49
CA ASP E 443 -21.31 30.14 21.50
C ASP E 443 -21.83 31.03 20.36
N TYR E 444 -23.10 30.84 19.98
CA TYR E 444 -23.65 31.64 18.89
C TYR E 444 -23.67 33.12 19.25
N VAL E 445 -24.13 33.44 20.47
CA VAL E 445 -24.07 34.82 20.94
C VAL E 445 -22.64 35.31 20.95
N HIS E 446 -21.70 34.42 21.28
CA HIS E 446 -20.29 34.81 21.22
C HIS E 446 -19.79 34.87 19.78
N ARG E 447 -20.35 34.03 18.90
CA ARG E 447 -20.04 34.14 17.49
C ARG E 447 -20.41 35.51 16.95
N ILE E 448 -21.66 35.92 17.13
CA ILE E 448 -22.12 37.20 16.62
C ILE E 448 -21.58 38.38 17.43
N GLY E 449 -21.12 38.14 18.66
CA GLY E 449 -20.63 39.25 19.47
C GLY E 449 -19.38 39.93 18.93
N ARG E 450 -18.78 39.36 17.88
CA ARG E 450 -17.53 39.86 17.34
C ARG E 450 -17.70 41.03 16.36
N THR E 451 -18.86 41.69 16.30
CA THR E 451 -19.06 42.77 15.33
C THR E 451 -19.72 43.98 15.98
N GLY E 452 -18.90 45.00 16.24
CA GLY E 452 -19.38 46.32 16.58
C GLY E 452 -19.36 46.68 18.05
N ARG E 453 -18.39 47.49 18.44
CA ARG E 453 -18.34 48.12 19.75
C ARG E 453 -18.44 49.64 19.65
N ALA E 454 -17.63 50.26 18.81
CA ALA E 454 -17.64 51.71 18.64
C ALA E 454 -18.57 52.13 17.50
N GLY E 455 -18.37 51.59 16.30
CA GLY E 455 -19.22 51.97 15.19
C GLY E 455 -20.68 51.61 15.38
N ALA E 456 -20.96 50.62 16.22
CA ALA E 456 -22.32 50.27 16.64
C ALA E 456 -23.21 49.91 15.44
N THR E 457 -22.77 48.88 14.70
CA THR E 457 -23.49 48.33 13.56
C THR E 457 -22.81 47.02 13.17
N GLY E 458 -23.60 46.09 12.66
CA GLY E 458 -23.05 44.81 12.24
C GLY E 458 -24.14 43.97 11.59
N THR E 459 -23.69 42.95 10.87
CA THR E 459 -24.59 42.00 10.23
C THR E 459 -24.15 40.59 10.61
N ALA E 460 -25.10 39.68 10.67
CA ALA E 460 -24.86 38.30 11.09
C ALA E 460 -25.72 37.36 10.26
N ILE E 461 -25.10 36.64 9.34
CA ILE E 461 -25.81 35.72 8.45
C ILE E 461 -25.64 34.32 9.02
N SER E 462 -26.75 33.69 9.39
CA SER E 462 -26.68 32.34 9.95
C SER E 462 -27.34 31.35 8.99
N PHE E 463 -26.74 30.16 8.90
CA PHE E 463 -27.22 29.08 8.04
C PHE E 463 -27.76 27.97 8.92
N PHE E 464 -29.08 27.83 8.96
CA PHE E 464 -29.78 26.94 9.87
C PHE E 464 -30.41 25.81 9.05
N THR E 465 -30.36 24.60 9.57
CA THR E 465 -30.84 23.41 8.89
C THR E 465 -31.57 22.52 9.89
N GLU E 466 -32.27 21.50 9.38
CA GLU E 466 -33.09 20.65 10.24
C GLU E 466 -32.27 19.91 11.29
N GLN E 467 -30.94 19.82 11.11
CA GLN E 467 -30.12 19.15 12.11
C GLN E 467 -29.88 20.02 13.33
N ASN E 468 -30.06 21.34 13.22
CA ASN E 468 -29.89 22.26 14.33
C ASN E 468 -31.19 22.53 15.06
N LYS E 469 -32.18 21.64 14.91
CA LYS E 469 -33.50 21.86 15.49
C LYS E 469 -33.47 21.93 17.01
N GLY E 470 -32.48 21.32 17.64
CA GLY E 470 -32.35 21.42 19.08
C GLY E 470 -32.06 22.82 19.58
N LEU E 471 -31.56 23.70 18.70
CA LEU E 471 -31.21 25.06 19.09
C LEU E 471 -32.19 26.13 18.65
N GLY E 472 -33.20 25.78 17.86
CA GLY E 472 -34.15 26.79 17.41
C GLY E 472 -34.89 27.44 18.57
N ALA E 473 -35.19 26.67 19.62
CA ALA E 473 -36.03 27.16 20.71
C ALA E 473 -35.43 28.40 21.36
N LYS E 474 -34.14 28.35 21.68
CA LYS E 474 -33.50 29.50 22.30
C LYS E 474 -33.00 30.50 21.26
N LEU E 475 -32.96 30.11 19.99
CA LEU E 475 -32.52 31.06 18.96
C LEU E 475 -33.56 32.16 18.77
N ILE E 476 -34.84 31.78 18.83
CA ILE E 476 -35.90 32.77 18.69
C ILE E 476 -35.98 33.67 19.90
N SER E 477 -35.68 33.15 21.09
CA SER E 477 -35.70 33.98 22.28
C SER E 477 -34.57 34.99 22.28
N ILE E 478 -33.49 34.72 21.55
CA ILE E 478 -32.42 35.69 21.39
C ILE E 478 -32.76 36.71 20.33
N MET E 479 -33.43 36.27 19.25
CA MET E 479 -33.84 37.19 18.19
C MET E 479 -35.04 38.02 18.59
N ARG E 480 -35.91 37.51 19.46
CA ARG E 480 -37.05 38.32 19.89
C ARG E 480 -36.64 39.32 20.96
N GLU E 481 -35.62 39.00 21.75
CA GLU E 481 -35.20 39.95 22.77
C GLU E 481 -34.40 41.09 22.17
N ALA E 482 -33.64 40.83 21.11
CA ALA E 482 -32.98 41.86 20.33
C ALA E 482 -33.90 42.48 19.29
N ASN E 483 -35.21 42.17 19.37
CA ASN E 483 -36.22 42.67 18.43
C ASN E 483 -35.76 42.50 16.98
N GLN E 484 -35.32 41.29 16.65
CA GLN E 484 -34.92 40.94 15.30
C GLN E 484 -36.06 40.25 14.58
N ASN E 485 -36.04 40.32 13.25
CA ASN E 485 -37.06 39.65 12.45
C ASN E 485 -36.84 38.14 12.50
N ILE E 486 -37.93 37.40 12.49
CA ILE E 486 -37.92 35.94 12.51
C ILE E 486 -38.49 35.45 11.19
N PRO E 487 -37.78 34.59 10.45
CA PRO E 487 -38.32 34.12 9.19
C PRO E 487 -39.53 33.18 9.44
N PRO E 488 -40.48 33.17 8.52
CA PRO E 488 -41.63 32.25 8.70
C PRO E 488 -41.24 30.79 8.69
N GLU E 489 -40.09 30.46 8.12
CA GLU E 489 -39.68 29.09 7.90
C GLU E 489 -38.87 28.53 9.07
N LEU E 490 -38.42 29.38 9.98
CA LEU E 490 -37.71 28.97 11.19
C LEU E 490 -38.63 28.78 12.39
N LEU E 491 -39.90 29.19 12.28
CA LEU E 491 -40.83 29.14 13.41
C LEU E 491 -41.06 27.72 13.93
N LYS E 492 -40.56 26.70 13.23
CA LYS E 492 -40.94 25.34 13.57
C LYS E 492 -40.21 24.84 14.80
N TYR E 493 -38.94 25.19 14.93
CA TYR E 493 -38.14 24.80 16.08
C TYR E 493 -38.22 25.84 17.19
N ASP E 494 -39.43 26.21 17.62
CA ASP E 494 -39.56 27.29 18.60
C ASP E 494 -39.87 26.83 20.00
N ARG E 495 -40.92 26.05 20.17
CA ARG E 495 -41.37 25.68 21.51
C ARG E 495 -41.15 24.20 21.76
N ARG E 496 -41.52 23.78 22.97
CA ARG E 496 -41.42 22.39 23.40
C ARG E 496 -39.99 21.86 23.26
N GLN F 54 -21.86 5.35 1.48
CA GLN F 54 -22.40 4.71 2.67
C GLN F 54 -22.40 5.50 3.99
N PRO F 55 -21.40 6.35 4.27
CA PRO F 55 -21.17 6.69 5.68
C PRO F 55 -22.25 7.56 6.28
N GLN F 56 -22.74 8.58 5.57
CA GLN F 56 -24.05 9.14 5.87
C GLN F 56 -24.58 9.86 4.65
N GLU F 57 -25.62 9.34 4.01
CA GLU F 57 -26.69 10.19 3.50
C GLU F 57 -27.84 9.30 3.04
N LEU F 58 -29.09 9.73 3.28
CA LEU F 58 -30.22 9.28 2.48
C LEU F 58 -31.16 10.39 2.00
N ILE F 59 -31.18 11.57 2.66
CA ILE F 59 -32.35 12.44 2.64
C ILE F 59 -32.81 12.73 1.21
N LYS F 60 -34.12 12.52 0.98
CA LYS F 60 -34.83 12.93 -0.21
C LYS F 60 -35.21 14.41 -0.09
N PRO F 61 -34.93 15.24 -1.08
CA PRO F 61 -35.29 16.66 -0.96
C PRO F 61 -36.75 16.89 -1.30
N ASN F 62 -37.26 18.02 -0.80
CA ASN F 62 -38.65 18.42 -1.00
C ASN F 62 -38.70 19.35 -2.20
N TRP F 63 -38.95 18.77 -3.37
CA TRP F 63 -38.89 19.56 -4.59
C TRP F 63 -40.03 20.55 -4.72
N ASP F 64 -41.14 20.33 -4.01
CA ASP F 64 -42.16 21.38 -3.92
C ASP F 64 -41.59 22.64 -3.30
N GLU F 65 -40.48 22.53 -2.58
CA GLU F 65 -39.86 23.64 -1.87
C GLU F 65 -38.54 24.09 -2.47
N GLU F 66 -37.89 23.25 -3.27
CA GLU F 66 -36.55 23.56 -3.78
C GLU F 66 -36.51 23.89 -5.27
N LEU F 67 -37.62 23.76 -5.99
CA LEU F 67 -37.66 24.11 -7.39
C LEU F 67 -37.57 25.62 -7.62
N PRO F 68 -38.21 26.46 -6.78
CA PRO F 68 -37.99 27.90 -6.92
C PRO F 68 -36.58 28.35 -6.56
N LYS F 69 -35.75 27.46 -6.00
CA LYS F 69 -34.39 27.81 -5.63
C LYS F 69 -33.36 27.44 -6.68
N LEU F 70 -33.76 26.76 -7.76
CA LEU F 70 -32.83 26.31 -8.78
C LEU F 70 -32.91 27.19 -10.03
N PRO F 71 -31.84 27.26 -10.81
CA PRO F 71 -31.84 28.09 -12.03
C PRO F 71 -32.76 27.54 -13.11
N THR F 72 -32.95 28.35 -14.15
CA THR F 72 -33.84 28.04 -15.26
C THR F 72 -33.05 27.48 -16.44
N PHE F 73 -33.64 26.52 -17.14
CA PHE F 73 -33.02 25.86 -18.27
C PHE F 73 -34.03 25.67 -19.38
N GLU F 74 -33.55 25.58 -20.61
CA GLU F 74 -34.39 25.32 -21.77
C GLU F 74 -34.22 23.89 -22.24
N LYS F 75 -35.32 23.26 -22.65
CA LYS F 75 -35.30 21.91 -23.18
C LYS F 75 -35.77 21.79 -24.62
N ASN F 76 -36.60 22.70 -25.11
CA ASN F 76 -37.10 22.64 -26.49
C ASN F 76 -36.16 23.40 -27.43
N PHE F 77 -35.65 22.71 -28.46
CA PHE F 77 -34.74 23.29 -29.42
C PHE F 77 -35.07 23.00 -30.89
N TYR F 78 -36.15 22.26 -31.18
CA TYR F 78 -36.37 21.74 -32.52
C TYR F 78 -36.68 22.88 -33.50
N VAL F 79 -36.27 22.68 -34.76
CA VAL F 79 -36.22 23.78 -35.73
C VAL F 79 -37.20 23.59 -36.89
N GLU F 80 -37.79 22.40 -37.06
CA GLU F 80 -38.81 22.19 -38.08
C GLU F 80 -38.31 22.68 -39.45
N HIS F 81 -37.25 22.04 -39.92
CA HIS F 81 -36.41 22.59 -40.97
C HIS F 81 -37.20 22.74 -42.27
N GLU F 82 -36.58 23.42 -43.24
CA GLU F 82 -37.26 23.87 -44.45
C GLU F 82 -38.04 22.75 -45.15
N SER F 83 -37.38 21.61 -45.41
CA SER F 83 -37.94 20.59 -46.28
C SER F 83 -39.22 19.96 -45.72
N VAL F 84 -39.19 19.57 -44.43
CA VAL F 84 -40.24 18.69 -43.87
C VAL F 84 -41.63 19.22 -44.18
N ARG F 85 -41.84 20.52 -44.01
CA ARG F 85 -43.10 21.17 -44.36
C ARG F 85 -42.83 22.06 -45.58
N ASP F 86 -43.55 21.81 -46.67
CA ASP F 86 -44.62 20.82 -46.69
C ASP F 86 -44.29 19.60 -47.54
N ARG F 87 -44.95 18.49 -47.22
CA ARG F 87 -44.89 17.26 -47.99
C ARG F 87 -46.22 16.87 -48.63
N SER F 88 -47.35 16.82 -47.90
CA SER F 88 -47.53 17.10 -46.48
C SER F 88 -48.73 16.33 -45.94
N ASP F 89 -48.52 15.54 -44.90
CA ASP F 89 -49.56 14.86 -44.13
C ASP F 89 -50.15 13.66 -44.88
N SER F 90 -49.72 13.43 -46.12
CA SER F 90 -50.13 12.26 -46.89
C SER F 90 -48.98 11.31 -47.15
N GLU F 91 -47.87 11.81 -47.70
CA GLU F 91 -46.71 10.98 -47.97
C GLU F 91 -45.94 10.66 -46.70
N ILE F 92 -46.17 11.39 -45.61
CA ILE F 92 -45.62 10.98 -44.34
C ILE F 92 -46.30 9.70 -43.87
N ALA F 93 -47.62 9.63 -44.05
CA ALA F 93 -48.38 8.44 -43.67
C ALA F 93 -47.87 7.20 -44.39
N GLN F 94 -47.58 7.32 -45.69
CA GLN F 94 -47.10 6.17 -46.43
C GLN F 94 -45.64 5.90 -46.11
N PHE F 95 -44.88 6.95 -45.80
CA PHE F 95 -43.51 6.79 -45.34
C PHE F 95 -43.49 6.26 -43.91
N ARG F 96 -44.46 6.67 -43.08
CA ARG F 96 -44.45 6.24 -41.68
C ARG F 96 -44.48 4.72 -41.57
N LYS F 97 -45.54 4.09 -42.06
CA LYS F 97 -45.60 2.65 -41.91
C LYS F 97 -44.87 1.91 -43.02
N GLU F 98 -44.23 2.64 -43.94
CA GLU F 98 -43.20 2.01 -44.75
C GLU F 98 -42.11 1.48 -43.84
N ASN F 99 -41.47 2.37 -43.09
CA ASN F 99 -40.57 1.96 -42.02
C ASN F 99 -41.34 1.97 -40.68
N GLU F 100 -42.36 1.10 -40.60
CA GLU F 100 -42.96 0.62 -39.35
C GLU F 100 -43.30 1.72 -38.32
N MET F 101 -43.63 2.93 -38.77
CA MET F 101 -43.88 4.03 -37.83
C MET F 101 -45.38 4.17 -37.57
N THR F 102 -45.74 4.34 -36.30
CA THR F 102 -47.11 4.66 -35.88
C THR F 102 -47.02 5.62 -34.72
N ILE F 103 -47.95 6.57 -34.66
CA ILE F 103 -47.91 7.66 -33.69
C ILE F 103 -49.04 7.50 -32.68
N SER F 104 -48.73 7.76 -31.41
CA SER F 104 -49.77 7.84 -30.38
C SER F 104 -49.34 8.90 -29.36
N GLY F 105 -49.83 10.12 -29.52
CA GLY F 105 -49.48 11.18 -28.61
C GLY F 105 -50.17 12.47 -28.98
N HIS F 106 -49.59 13.58 -28.54
CA HIS F 106 -50.15 14.91 -28.74
C HIS F 106 -49.11 15.81 -29.43
N ASP F 107 -49.55 16.56 -30.43
CA ASP F 107 -48.70 17.47 -31.20
C ASP F 107 -47.43 16.77 -31.68
N ILE F 108 -47.64 15.75 -32.50
CA ILE F 108 -46.54 14.96 -33.08
C ILE F 108 -45.67 15.87 -33.94
N PRO F 109 -44.35 15.90 -33.72
CA PRO F 109 -43.48 16.55 -34.72
C PRO F 109 -43.38 15.67 -35.96
N LYS F 110 -42.68 16.13 -36.97
CA LYS F 110 -42.66 15.36 -38.21
C LYS F 110 -41.31 14.68 -38.40
N PRO F 111 -41.28 13.51 -39.05
CA PRO F 111 -40.02 12.79 -39.19
C PRO F 111 -39.05 13.53 -40.11
N ILE F 112 -37.80 13.11 -40.02
CA ILE F 112 -36.73 13.66 -40.84
C ILE F 112 -36.36 12.61 -41.88
N THR F 113 -35.68 13.05 -42.94
CA THR F 113 -35.20 12.14 -43.98
C THR F 113 -33.68 12.05 -44.03
N THR F 114 -32.99 13.17 -43.98
CA THR F 114 -31.54 13.24 -44.00
C THR F 114 -31.03 13.88 -42.73
N PHE F 115 -29.72 13.74 -42.49
CA PHE F 115 -29.14 14.33 -41.28
C PHE F 115 -29.23 15.85 -41.32
N ASP F 116 -28.95 16.45 -42.48
CA ASP F 116 -28.94 17.91 -42.58
C ASP F 116 -30.33 18.52 -42.41
N GLU F 117 -31.39 17.72 -42.52
CA GLU F 117 -32.73 18.25 -42.25
C GLU F 117 -33.06 18.29 -40.77
N ALA F 118 -32.19 17.77 -39.91
CA ALA F 118 -32.40 17.85 -38.49
C ALA F 118 -31.78 19.14 -37.96
N GLY F 119 -32.38 19.70 -36.91
CA GLY F 119 -31.85 20.93 -36.38
C GLY F 119 -30.60 20.72 -35.55
N PHE F 120 -29.66 19.95 -36.08
CA PHE F 120 -28.41 19.79 -35.35
C PHE F 120 -27.41 20.86 -35.80
N PRO F 121 -26.67 21.45 -34.87
CA PRO F 121 -25.65 22.42 -35.26
C PRO F 121 -24.52 21.73 -36.02
N ASP F 122 -23.58 22.54 -36.51
CA ASP F 122 -22.58 22.02 -37.43
C ASP F 122 -21.42 21.35 -36.72
N TYR F 123 -21.17 21.69 -35.46
CA TYR F 123 -20.08 21.02 -34.76
C TYR F 123 -20.42 19.57 -34.44
N VAL F 124 -21.71 19.22 -34.39
CA VAL F 124 -22.10 17.82 -34.22
C VAL F 124 -22.45 17.23 -35.57
N LEU F 125 -22.89 18.08 -36.51
CA LEU F 125 -23.28 17.56 -37.80
C LEU F 125 -22.08 17.19 -38.66
N ASN F 126 -20.92 17.78 -38.39
CA ASN F 126 -19.71 17.38 -39.11
C ASN F 126 -19.05 16.16 -38.49
N GLU F 127 -19.59 15.64 -37.37
CA GLU F 127 -19.06 14.42 -36.80
C GLU F 127 -19.81 13.20 -37.31
N VAL F 128 -21.11 13.35 -37.60
CA VAL F 128 -21.82 12.29 -38.32
C VAL F 128 -21.16 12.10 -39.68
N LYS F 129 -20.61 13.17 -40.25
CA LYS F 129 -19.90 13.07 -41.51
C LYS F 129 -18.54 12.42 -41.31
N ALA F 130 -17.85 12.75 -40.22
CA ALA F 130 -16.56 12.14 -39.94
C ALA F 130 -16.68 10.66 -39.58
N GLU F 131 -17.84 10.23 -39.11
CA GLU F 131 -18.09 8.82 -38.81
C GLU F 131 -18.63 8.06 -40.01
N GLY F 132 -18.82 8.73 -41.14
CA GLY F 132 -19.20 8.07 -42.38
C GLY F 132 -20.63 7.57 -42.49
N PHE F 133 -21.50 7.82 -41.50
CA PHE F 133 -22.85 7.31 -41.66
C PHE F 133 -23.61 8.12 -42.70
N ASP F 134 -24.74 7.58 -43.13
CA ASP F 134 -25.77 8.34 -43.84
C ASP F 134 -27.12 7.77 -43.44
N LYS F 135 -28.20 8.38 -43.98
CA LYS F 135 -29.57 7.90 -43.86
C LYS F 135 -29.83 7.48 -42.41
N PRO F 136 -29.92 8.42 -41.46
CA PRO F 136 -30.10 8.02 -40.06
C PRO F 136 -31.22 7.02 -39.85
N THR F 137 -31.16 6.30 -38.75
CA THR F 137 -32.06 5.18 -38.56
C THR F 137 -33.50 5.66 -38.40
N GLY F 138 -34.43 4.74 -38.64
CA GLY F 138 -35.85 5.06 -38.56
C GLY F 138 -36.23 5.76 -37.26
N ILE F 139 -35.66 5.31 -36.14
CA ILE F 139 -35.95 5.98 -34.87
C ILE F 139 -35.26 7.33 -34.80
N GLN F 140 -34.09 7.47 -35.43
CA GLN F 140 -33.44 8.77 -35.45
C GLN F 140 -34.17 9.76 -36.34
N CYS F 141 -34.97 9.27 -37.29
CA CYS F 141 -35.70 10.17 -38.16
C CYS F 141 -36.94 10.75 -37.49
N GLN F 142 -37.48 10.04 -36.50
CA GLN F 142 -38.63 10.49 -35.74
C GLN F 142 -38.33 10.80 -34.29
N GLY F 143 -37.38 10.08 -33.68
CA GLY F 143 -37.05 10.33 -32.30
C GLY F 143 -36.36 11.65 -32.07
N TRP F 144 -35.54 12.09 -33.03
CA TRP F 144 -34.80 13.34 -32.82
C TRP F 144 -35.74 14.54 -32.78
N PRO F 145 -36.67 14.73 -33.71
CA PRO F 145 -37.60 15.87 -33.55
C PRO F 145 -38.38 15.80 -32.26
N MET F 146 -38.59 14.61 -31.71
CA MET F 146 -39.19 14.47 -30.39
C MET F 146 -38.26 14.98 -29.29
N ALA F 147 -36.99 14.58 -29.34
CA ALA F 147 -36.08 14.88 -28.24
C ALA F 147 -35.67 16.35 -28.25
N LEU F 148 -35.43 16.92 -29.43
CA LEU F 148 -35.05 18.32 -29.49
C LEU F 148 -36.21 19.26 -29.17
N SER F 149 -37.43 18.74 -29.11
CA SER F 149 -38.58 19.55 -28.72
C SER F 149 -38.83 19.55 -27.22
N GLY F 150 -37.96 18.92 -26.43
CA GLY F 150 -38.12 18.96 -24.99
C GLY F 150 -39.19 18.05 -24.45
N ARG F 151 -39.56 17.00 -25.17
CA ARG F 151 -40.65 16.12 -24.77
C ARG F 151 -40.12 14.87 -24.06
N ASP F 152 -40.86 14.41 -23.05
CA ASP F 152 -40.57 13.11 -22.47
C ASP F 152 -41.11 12.03 -23.40
N MET F 153 -40.28 11.01 -23.67
CA MET F 153 -40.68 10.03 -24.68
C MET F 153 -40.19 8.65 -24.30
N VAL F 154 -40.80 7.64 -24.93
CA VAL F 154 -40.40 6.25 -24.80
C VAL F 154 -39.96 5.76 -26.17
N GLY F 155 -38.81 5.08 -26.22
CA GLY F 155 -38.37 4.54 -27.50
C GLY F 155 -38.02 3.07 -27.47
N ILE F 156 -38.66 2.26 -28.30
CA ILE F 156 -38.33 0.85 -28.41
C ILE F 156 -37.95 0.56 -29.86
N ALA F 157 -36.84 -0.16 -30.04
CA ALA F 157 -36.35 -0.54 -31.36
C ALA F 157 -35.43 -1.73 -31.19
N ALA F 158 -34.97 -2.28 -32.31
CA ALA F 158 -34.06 -3.42 -32.27
C ALA F 158 -32.74 -3.04 -31.62
N THR F 159 -32.16 -3.99 -30.90
CA THR F 159 -30.86 -3.79 -30.27
C THR F 159 -29.79 -3.97 -31.34
N GLY F 160 -29.33 -2.85 -31.88
CA GLY F 160 -28.47 -2.85 -33.04
C GLY F 160 -28.86 -1.70 -33.95
N SER F 161 -29.98 -1.07 -33.63
CA SER F 161 -30.44 0.14 -34.29
C SER F 161 -29.84 1.33 -33.55
N GLY F 162 -30.28 2.54 -33.86
CA GLY F 162 -29.58 3.68 -33.28
C GLY F 162 -30.28 4.34 -32.11
N LYS F 163 -30.88 3.53 -31.22
CA LYS F 163 -31.52 4.10 -30.03
C LYS F 163 -30.53 4.92 -29.21
N THR F 164 -29.24 4.56 -29.25
CA THR F 164 -28.25 5.29 -28.46
C THR F 164 -28.11 6.72 -28.95
N LEU F 165 -27.86 6.91 -30.25
CA LEU F 165 -27.67 8.26 -30.77
C LEU F 165 -28.96 9.06 -30.81
N SER F 166 -30.10 8.44 -30.53
CA SER F 166 -31.35 9.19 -30.53
C SER F 166 -31.50 10.05 -29.29
N TYR F 167 -30.75 9.75 -28.23
CA TYR F 167 -30.68 10.61 -27.05
C TYR F 167 -29.29 11.22 -26.85
N CYS F 168 -28.24 10.64 -27.44
CA CYS F 168 -26.91 11.21 -27.24
C CYS F 168 -26.76 12.54 -27.98
N LEU F 169 -27.32 12.65 -29.17
CA LEU F 169 -27.14 13.90 -29.91
C LEU F 169 -28.00 15.04 -29.36
N PRO F 170 -29.26 14.80 -28.96
CA PRO F 170 -30.02 15.89 -28.32
C PRO F 170 -29.48 16.26 -26.96
N GLY F 171 -28.68 15.40 -26.35
CA GLY F 171 -28.06 15.74 -25.08
C GLY F 171 -26.90 16.71 -25.21
N ILE F 172 -26.30 16.78 -26.39
CA ILE F 172 -25.18 17.69 -26.58
C ILE F 172 -25.69 19.12 -26.73
N VAL F 173 -26.79 19.29 -27.48
CA VAL F 173 -27.38 20.62 -27.61
C VAL F 173 -27.96 21.07 -26.28
N HIS F 174 -28.44 20.14 -25.46
CA HIS F 174 -28.96 20.50 -24.15
C HIS F 174 -27.84 21.04 -23.26
N ILE F 175 -26.65 20.46 -23.37
CA ILE F 175 -25.54 20.87 -22.51
C ILE F 175 -25.00 22.22 -22.95
N ASN F 176 -24.74 22.38 -24.25
CA ASN F 176 -24.09 23.58 -24.75
C ASN F 176 -24.97 24.81 -24.67
N ALA F 177 -26.26 24.66 -24.38
CA ALA F 177 -27.13 25.79 -24.15
C ALA F 177 -27.08 26.27 -22.70
N GLN F 178 -26.37 25.56 -21.84
CA GLN F 178 -26.28 25.87 -20.41
C GLN F 178 -24.91 26.40 -20.06
N PRO F 179 -24.80 27.17 -18.98
CA PRO F 179 -23.51 27.79 -18.65
C PRO F 179 -22.48 26.74 -18.25
N LEU F 180 -21.27 27.22 -18.04
CA LEU F 180 -20.14 26.36 -17.72
C LEU F 180 -20.33 25.71 -16.35
N LEU F 181 -19.54 24.66 -16.13
CA LEU F 181 -19.84 23.71 -15.07
C LEU F 181 -19.53 24.22 -13.67
N ALA F 182 -18.88 25.38 -13.50
CA ALA F 182 -18.87 26.01 -12.18
C ALA F 182 -18.44 25.07 -11.06
N PRO F 183 -17.14 24.70 -10.99
CA PRO F 183 -16.71 23.46 -10.30
C PRO F 183 -17.33 23.17 -8.94
N GLY F 184 -17.53 21.88 -8.69
CA GLY F 184 -18.40 21.37 -7.66
C GLY F 184 -19.82 21.14 -8.12
N ASP F 185 -20.13 21.45 -9.38
CA ASP F 185 -21.42 21.12 -9.97
C ASP F 185 -21.33 19.76 -10.64
N GLY F 186 -22.39 18.97 -10.49
CA GLY F 186 -22.42 17.65 -11.06
C GLY F 186 -22.82 17.68 -12.52
N PRO F 187 -23.23 16.54 -13.05
CA PRO F 187 -23.53 16.46 -14.48
C PRO F 187 -24.89 17.05 -14.84
N ILE F 188 -25.03 17.34 -16.12
CA ILE F 188 -26.28 17.87 -16.66
C ILE F 188 -27.11 16.77 -17.30
N VAL F 189 -26.45 15.83 -17.96
CA VAL F 189 -27.07 14.64 -18.53
C VAL F 189 -26.69 13.44 -17.68
N LEU F 190 -27.68 12.64 -17.30
CA LEU F 190 -27.44 11.38 -16.60
C LEU F 190 -28.22 10.27 -17.29
N VAL F 191 -27.51 9.24 -17.72
CA VAL F 191 -28.11 8.04 -18.28
C VAL F 191 -27.75 6.86 -17.40
N LEU F 192 -28.74 6.03 -17.12
CA LEU F 192 -28.56 4.86 -16.25
C LEU F 192 -28.73 3.60 -17.09
N ALA F 193 -27.82 2.65 -16.91
CA ALA F 193 -27.78 1.44 -17.72
C ALA F 193 -27.83 0.21 -16.83
N PRO F 194 -28.27 -0.93 -17.38
CA PRO F 194 -28.42 -2.14 -16.55
C PRO F 194 -27.11 -2.79 -16.13
N THR F 195 -26.12 -2.88 -17.02
CA THR F 195 -24.93 -3.65 -16.72
C THR F 195 -23.69 -2.81 -16.99
N ARG F 196 -22.63 -3.21 -16.28
CA ARG F 196 -21.38 -2.47 -16.25
C ARG F 196 -20.85 -2.16 -17.64
N GLU F 197 -20.73 -3.18 -18.48
CA GLU F 197 -20.04 -3.01 -19.76
C GLU F 197 -20.93 -2.50 -20.89
N LEU F 198 -22.25 -2.48 -20.70
CA LEU F 198 -23.09 -1.78 -21.67
C LEU F 198 -23.06 -0.27 -21.43
N ALA F 199 -22.86 0.14 -20.18
CA ALA F 199 -22.63 1.55 -19.89
C ALA F 199 -21.42 2.07 -20.63
N VAL F 200 -20.42 1.22 -20.85
CA VAL F 200 -19.22 1.66 -21.55
C VAL F 200 -19.47 1.75 -23.04
N GLN F 201 -20.37 0.93 -23.59
CA GLN F 201 -20.64 1.05 -25.02
C GLN F 201 -21.28 2.40 -25.34
N ILE F 202 -22.21 2.84 -24.49
CA ILE F 202 -22.83 4.14 -24.76
C ILE F 202 -21.85 5.25 -24.40
N GLN F 203 -20.91 4.98 -23.49
CA GLN F 203 -19.95 6.00 -23.13
C GLN F 203 -18.87 6.15 -24.19
N THR F 204 -18.59 5.09 -24.95
CA THR F 204 -17.76 5.22 -26.14
C THR F 204 -18.51 5.81 -27.31
N GLU F 205 -19.84 5.89 -27.24
CA GLU F 205 -20.65 6.47 -28.30
C GLU F 205 -20.91 7.95 -28.08
N CYS F 206 -20.78 8.42 -26.83
CA CYS F 206 -20.86 9.84 -26.54
C CYS F 206 -19.53 10.54 -26.70
N SER F 207 -18.42 9.80 -26.57
CA SER F 207 -17.11 10.41 -26.78
C SER F 207 -16.84 10.65 -28.25
N LYS F 208 -17.60 9.99 -29.12
CA LYS F 208 -17.45 10.17 -30.56
C LYS F 208 -18.03 11.48 -31.07
N PHE F 209 -18.96 12.10 -30.33
CA PHE F 209 -19.60 13.33 -30.79
C PHE F 209 -19.54 14.48 -29.81
N GLY F 210 -18.82 14.36 -28.69
CA GLY F 210 -18.75 15.44 -27.74
C GLY F 210 -17.39 16.07 -27.56
N HIS F 211 -16.43 15.76 -28.43
CA HIS F 211 -15.14 16.44 -28.40
C HIS F 211 -15.23 17.84 -28.97
N SER F 212 -16.03 18.04 -30.01
CA SER F 212 -16.23 19.37 -30.58
C SER F 212 -16.64 20.37 -29.51
N SER F 213 -17.66 20.03 -28.73
CA SER F 213 -18.12 20.87 -27.63
C SER F 213 -17.26 20.74 -26.38
N ARG F 214 -16.16 19.99 -26.44
CA ARG F 214 -15.25 19.80 -25.32
C ARG F 214 -15.95 19.20 -24.11
N ILE F 215 -16.98 18.38 -24.35
CA ILE F 215 -17.78 17.84 -23.25
C ILE F 215 -17.03 16.71 -22.58
N ARG F 216 -16.96 16.77 -21.25
CA ARG F 216 -16.29 15.74 -20.47
C ARG F 216 -17.32 14.69 -20.07
N ASN F 217 -16.87 13.44 -20.03
CA ASN F 217 -17.79 12.35 -19.80
C ASN F 217 -17.17 11.36 -18.85
N THR F 218 -17.98 10.84 -17.93
CA THR F 218 -17.56 9.84 -16.98
C THR F 218 -18.50 8.64 -17.07
N CYS F 219 -17.95 7.47 -16.80
CA CYS F 219 -18.73 6.24 -16.76
C CYS F 219 -18.50 5.59 -15.41
N VAL F 220 -19.57 5.32 -14.69
CA VAL F 220 -19.51 4.80 -13.33
C VAL F 220 -20.21 3.45 -13.33
N TYR F 221 -19.47 2.40 -12.96
CA TYR F 221 -20.01 1.05 -13.08
C TYR F 221 -19.38 0.15 -12.02
N GLY F 222 -20.02 -1.00 -11.83
CA GLY F 222 -19.57 -1.97 -10.85
C GLY F 222 -18.31 -2.71 -11.25
N GLY F 223 -17.83 -3.50 -10.30
CA GLY F 223 -16.70 -4.39 -10.49
C GLY F 223 -15.33 -3.75 -10.52
N VAL F 224 -15.21 -2.45 -10.26
CA VAL F 224 -13.91 -1.77 -10.38
C VAL F 224 -13.72 -0.85 -9.19
N PRO F 225 -12.46 -0.60 -8.82
CA PRO F 225 -12.17 0.37 -7.77
C PRO F 225 -12.64 1.78 -8.15
N LYS F 226 -13.35 2.41 -7.23
CA LYS F 226 -13.91 3.73 -7.44
C LYS F 226 -12.89 4.86 -7.37
N SER F 227 -11.66 4.58 -6.91
CA SER F 227 -10.69 5.65 -6.70
C SER F 227 -10.29 6.35 -8.00
N GLN F 228 -10.59 5.74 -9.16
CA GLN F 228 -10.31 6.37 -10.44
C GLN F 228 -11.52 7.16 -10.95
N GLN F 229 -12.72 6.77 -10.54
CA GLN F 229 -13.92 7.45 -11.00
C GLN F 229 -14.20 8.71 -10.20
N ILE F 230 -13.62 8.85 -9.01
CA ILE F 230 -13.82 10.06 -8.23
C ILE F 230 -12.93 11.16 -8.78
N ARG F 231 -11.77 10.79 -9.31
CA ARG F 231 -10.84 11.74 -9.89
C ARG F 231 -11.24 12.12 -11.32
N ASP F 232 -12.16 11.38 -11.93
CA ASP F 232 -12.77 11.84 -13.16
C ASP F 232 -13.98 12.72 -12.90
N LEU F 233 -14.71 12.44 -11.82
CA LEU F 233 -15.86 13.27 -11.44
C LEU F 233 -15.44 14.59 -10.82
N SER F 234 -14.31 14.62 -10.11
CA SER F 234 -13.83 15.86 -9.52
C SER F 234 -13.40 16.86 -10.60
N ARG F 235 -12.93 16.37 -11.75
CA ARG F 235 -12.58 17.21 -12.87
C ARG F 235 -13.80 17.75 -13.60
N GLY F 236 -15.00 17.40 -13.18
CA GLY F 236 -16.21 17.85 -13.84
C GLY F 236 -16.56 16.96 -15.01
N SER F 237 -17.85 16.70 -15.20
CA SER F 237 -18.30 15.88 -16.31
C SER F 237 -19.72 16.30 -16.66
N GLU F 238 -19.93 16.66 -17.91
CA GLU F 238 -21.24 17.11 -18.36
C GLU F 238 -22.19 15.95 -18.55
N ILE F 239 -21.66 14.78 -18.92
CA ILE F 239 -22.44 13.56 -19.07
C ILE F 239 -21.89 12.52 -18.12
N VAL F 240 -22.75 11.89 -17.35
CA VAL F 240 -22.38 10.77 -16.50
C VAL F 240 -23.20 9.56 -16.90
N ILE F 241 -22.53 8.43 -17.10
CA ILE F 241 -23.18 7.15 -17.35
C ILE F 241 -22.94 6.30 -16.13
N ALA F 242 -24.01 5.89 -15.46
CA ALA F 242 -23.89 5.23 -14.17
C ALA F 242 -24.76 3.99 -14.10
N THR F 243 -24.24 2.96 -13.44
CA THR F 243 -25.15 1.89 -13.04
C THR F 243 -25.79 2.23 -11.70
N PRO F 244 -27.08 1.93 -11.51
CA PRO F 244 -27.72 2.31 -10.23
C PRO F 244 -27.01 1.77 -9.01
N GLY F 245 -26.37 0.60 -9.09
CA GLY F 245 -25.70 0.06 -7.92
C GLY F 245 -24.45 0.83 -7.55
N ARG F 246 -23.67 1.23 -8.55
CA ARG F 246 -22.42 1.94 -8.29
C ARG F 246 -22.61 3.44 -8.13
N LEU F 247 -23.73 4.01 -8.61
CA LEU F 247 -23.92 5.45 -8.56
C LEU F 247 -24.36 5.95 -7.18
N ILE F 248 -25.27 5.22 -6.52
CA ILE F 248 -25.86 5.73 -5.29
C ILE F 248 -24.83 5.88 -4.18
N ASP F 249 -23.90 4.94 -4.09
CA ASP F 249 -23.00 4.94 -2.95
C ASP F 249 -21.90 5.97 -3.11
N MET F 250 -21.87 6.70 -4.23
CA MET F 250 -21.03 7.86 -4.38
C MET F 250 -21.79 9.15 -4.20
N LEU F 251 -23.12 9.09 -4.34
CA LEU F 251 -24.00 10.16 -3.88
C LEU F 251 -24.20 10.11 -2.37
N GLU F 252 -24.00 8.95 -1.75
CA GLU F 252 -24.09 8.82 -0.31
C GLU F 252 -22.80 9.24 0.38
N ILE F 253 -21.66 9.20 -0.33
CA ILE F 253 -20.42 9.76 0.17
C ILE F 253 -20.20 11.17 -0.37
N GLY F 254 -21.08 11.64 -1.26
CA GLY F 254 -21.12 13.02 -1.68
C GLY F 254 -19.92 13.48 -2.47
N LYS F 255 -19.53 12.74 -3.51
CA LYS F 255 -18.51 13.22 -4.43
C LYS F 255 -19.09 13.62 -5.79
N THR F 256 -20.41 13.74 -5.88
CA THR F 256 -21.17 14.15 -7.06
C THR F 256 -22.57 14.50 -6.62
N ASN F 257 -23.23 15.32 -7.44
CA ASN F 257 -24.58 15.77 -7.18
C ASN F 257 -25.43 15.59 -8.43
N LEU F 258 -26.72 15.37 -8.22
CA LEU F 258 -27.68 15.33 -9.32
C LEU F 258 -28.50 16.60 -9.35
N LYS F 259 -27.87 17.74 -9.01
CA LYS F 259 -28.54 19.01 -8.85
C LYS F 259 -28.63 19.79 -10.15
N ARG F 260 -27.78 19.49 -11.10
CA ARG F 260 -27.83 20.08 -12.43
C ARG F 260 -28.38 19.14 -13.48
N VAL F 261 -28.79 17.93 -13.09
CA VAL F 261 -29.26 16.98 -14.10
C VAL F 261 -30.63 17.46 -14.58
N THR F 262 -30.67 17.92 -15.83
CA THR F 262 -31.90 18.37 -16.44
C THR F 262 -32.35 17.49 -17.59
N TYR F 263 -31.53 16.53 -18.03
CA TYR F 263 -31.84 15.72 -19.19
C TYR F 263 -31.46 14.28 -18.81
N LEU F 264 -32.46 13.54 -18.35
CA LEU F 264 -32.32 12.16 -17.89
C LEU F 264 -32.80 11.20 -18.97
N VAL F 265 -32.01 10.17 -19.25
CA VAL F 265 -32.38 9.16 -20.23
C VAL F 265 -32.10 7.79 -19.66
N LEU F 266 -32.99 6.83 -19.95
CA LEU F 266 -32.92 5.47 -19.44
C LEU F 266 -32.70 4.53 -20.61
N ASP F 267 -31.51 3.94 -20.71
CA ASP F 267 -31.24 3.00 -21.79
C ASP F 267 -31.52 1.59 -21.31
N GLU F 268 -32.29 0.84 -22.11
CA GLU F 268 -32.62 -0.56 -21.84
C GLU F 268 -33.29 -0.72 -20.48
N ALA F 269 -34.45 -0.07 -20.32
CA ALA F 269 -35.19 -0.16 -19.07
C ALA F 269 -35.81 -1.53 -18.86
N ASP F 270 -35.97 -2.31 -19.92
CA ASP F 270 -36.47 -3.68 -19.77
C ASP F 270 -35.46 -4.54 -19.02
N ARG F 271 -34.20 -4.51 -19.46
CA ARG F 271 -33.14 -5.19 -18.71
C ARG F 271 -33.04 -4.65 -17.29
N MET F 272 -33.21 -3.32 -17.12
CA MET F 272 -33.11 -2.71 -15.79
C MET F 272 -34.00 -3.39 -14.77
N LEU F 273 -35.18 -3.82 -15.20
CA LEU F 273 -36.15 -4.37 -14.26
C LEU F 273 -35.78 -5.78 -13.81
N ASP F 274 -34.99 -6.50 -14.59
CA ASP F 274 -34.65 -7.88 -14.29
C ASP F 274 -33.65 -8.02 -13.15
N MET F 275 -32.98 -6.94 -12.73
CA MET F 275 -32.03 -7.03 -11.63
C MET F 275 -32.55 -6.44 -10.33
N GLY F 276 -33.84 -6.13 -10.25
CA GLY F 276 -34.34 -5.47 -9.05
C GLY F 276 -33.69 -4.12 -8.79
N PHE F 277 -33.43 -3.35 -9.86
CA PHE F 277 -32.78 -2.05 -9.73
C PHE F 277 -33.75 -0.91 -9.49
N GLU F 278 -35.06 -1.11 -9.68
CA GLU F 278 -35.99 0.00 -9.47
C GLU F 278 -35.96 0.58 -8.06
N PRO F 279 -35.79 -0.20 -6.98
CA PRO F 279 -35.60 0.44 -5.67
C PRO F 279 -34.39 1.36 -5.63
N GLN F 280 -33.41 1.11 -6.51
CA GLN F 280 -32.22 1.95 -6.58
C GLN F 280 -32.37 3.13 -7.53
N ILE F 281 -33.18 3.00 -8.58
CA ILE F 281 -33.36 4.13 -9.49
C ILE F 281 -34.35 5.14 -8.92
N ARG F 282 -35.45 4.68 -8.31
CA ARG F 282 -36.40 5.63 -7.76
C ARG F 282 -35.77 6.43 -6.62
N LYS F 283 -34.81 5.82 -5.91
CA LYS F 283 -34.17 6.53 -4.81
C LYS F 283 -33.33 7.70 -5.32
N ILE F 284 -32.70 7.55 -6.49
CA ILE F 284 -31.89 8.65 -7.02
C ILE F 284 -32.70 9.57 -7.93
N VAL F 285 -33.74 9.05 -8.61
CA VAL F 285 -34.63 9.90 -9.37
C VAL F 285 -35.47 10.79 -8.45
N ASP F 286 -35.52 10.46 -7.16
CA ASP F 286 -36.12 11.38 -6.21
C ASP F 286 -35.13 12.44 -5.75
N GLN F 287 -33.91 12.43 -6.28
CA GLN F 287 -32.87 13.39 -5.96
C GLN F 287 -32.62 14.36 -7.10
N ILE F 288 -33.47 14.36 -8.13
CA ILE F 288 -33.29 15.21 -9.30
C ILE F 288 -34.49 16.15 -9.42
N ARG F 289 -34.25 17.33 -9.98
CA ARG F 289 -35.33 18.27 -10.24
C ARG F 289 -36.42 17.60 -11.09
N PRO F 290 -37.69 17.70 -10.69
CA PRO F 290 -38.75 16.97 -11.42
C PRO F 290 -39.09 17.53 -12.80
N ASP F 291 -38.66 18.74 -13.15
CA ASP F 291 -39.02 19.33 -14.44
C ASP F 291 -38.04 18.96 -15.54
N ARG F 292 -37.18 17.96 -15.34
CA ARG F 292 -36.23 17.57 -16.35
C ARG F 292 -36.96 16.89 -17.51
N GLN F 293 -36.20 16.50 -18.53
CA GLN F 293 -36.75 15.80 -19.68
C GLN F 293 -36.25 14.36 -19.63
N THR F 294 -37.17 13.41 -19.54
CA THR F 294 -36.83 12.01 -19.43
C THR F 294 -37.05 11.31 -20.76
N LEU F 295 -36.12 10.43 -21.13
CA LEU F 295 -36.16 9.72 -22.40
C LEU F 295 -35.98 8.22 -22.12
N MET F 296 -37.05 7.44 -22.24
CA MET F 296 -36.97 6.00 -22.05
C MET F 296 -36.57 5.28 -23.33
N TRP F 297 -35.83 4.19 -23.17
CA TRP F 297 -35.33 3.39 -24.28
C TRP F 297 -35.18 1.94 -23.83
N SER F 298 -35.61 1.02 -24.68
CA SER F 298 -35.51 -0.42 -24.43
C SER F 298 -35.84 -1.16 -25.72
N ALA F 299 -35.73 -2.48 -25.69
CA ALA F 299 -35.95 -3.28 -26.89
C ALA F 299 -37.31 -3.96 -26.93
N THR F 300 -37.85 -4.34 -25.77
CA THR F 300 -39.10 -5.06 -25.71
C THR F 300 -40.18 -4.13 -25.18
N TRP F 301 -41.41 -4.63 -25.16
CA TRP F 301 -42.56 -3.86 -24.67
C TRP F 301 -43.49 -4.75 -23.85
N PRO F 302 -43.01 -5.29 -22.74
CA PRO F 302 -43.87 -6.07 -21.84
C PRO F 302 -44.73 -5.13 -20.97
N LYS F 303 -45.49 -5.75 -20.08
CA LYS F 303 -46.37 -4.98 -19.19
C LYS F 303 -45.60 -4.16 -18.17
N GLU F 304 -44.34 -4.51 -17.89
CA GLU F 304 -43.62 -3.87 -16.78
C GLU F 304 -42.91 -2.59 -17.18
N VAL F 305 -42.52 -2.43 -18.45
CA VAL F 305 -42.00 -1.15 -18.90
C VAL F 305 -43.09 -0.10 -18.91
N LYS F 306 -44.31 -0.50 -19.28
CA LYS F 306 -45.42 0.45 -19.32
C LYS F 306 -45.80 0.92 -17.93
N GLN F 307 -45.57 0.08 -16.91
CA GLN F 307 -45.81 0.51 -15.55
C GLN F 307 -44.78 1.55 -15.12
N LEU F 308 -43.54 1.42 -15.59
CA LEU F 308 -42.50 2.36 -15.21
C LEU F 308 -42.66 3.69 -15.93
N ALA F 309 -43.23 3.67 -17.14
CA ALA F 309 -43.42 4.90 -17.91
C ALA F 309 -44.41 5.82 -17.21
N ALA F 310 -45.46 5.27 -16.62
CA ALA F 310 -46.50 6.08 -16.00
C ALA F 310 -46.03 6.72 -14.69
N ASP F 311 -44.97 6.20 -14.09
CA ASP F 311 -44.52 6.70 -12.80
C ASP F 311 -43.51 7.83 -12.90
N TYR F 312 -42.74 7.89 -13.99
CA TYR F 312 -41.70 8.91 -14.12
C TYR F 312 -41.92 9.90 -15.25
N LEU F 313 -42.68 9.55 -16.28
CA LEU F 313 -42.81 10.42 -17.44
C LEU F 313 -43.99 11.37 -17.31
N ASN F 314 -43.81 12.59 -17.83
CA ASN F 314 -44.86 13.61 -17.87
C ASN F 314 -45.34 13.69 -19.32
N ASP F 315 -46.57 13.21 -19.56
CA ASP F 315 -47.16 13.18 -20.90
C ASP F 315 -46.17 12.54 -21.87
N PRO F 316 -45.91 11.25 -21.75
CA PRO F 316 -44.92 10.59 -22.60
C PRO F 316 -45.44 10.34 -24.00
N ILE F 317 -44.50 10.24 -24.93
CA ILE F 317 -44.78 9.92 -26.33
C ILE F 317 -43.86 8.78 -26.73
N GLN F 318 -44.43 7.67 -27.16
CA GLN F 318 -43.61 6.49 -27.43
C GLN F 318 -43.44 6.29 -28.92
N VAL F 319 -42.25 5.85 -29.31
CA VAL F 319 -41.93 5.51 -30.69
C VAL F 319 -41.77 4.01 -30.79
N GLN F 320 -42.51 3.40 -31.72
CA GLN F 320 -42.39 1.98 -31.99
C GLN F 320 -41.89 1.76 -33.41
N VAL F 321 -40.71 1.17 -33.50
CA VAL F 321 -40.14 0.71 -34.76
C VAL F 321 -39.98 -0.80 -34.80
N GLY F 322 -39.56 -1.40 -33.69
CA GLY F 322 -39.40 -2.83 -33.65
C GLY F 322 -40.68 -3.56 -33.99
N SER F 323 -40.52 -4.85 -34.28
CA SER F 323 -41.60 -5.66 -34.83
C SER F 323 -41.22 -7.12 -34.68
N LEU F 324 -42.18 -7.92 -34.24
CA LEU F 324 -42.00 -9.34 -33.91
C LEU F 324 -41.14 -10.13 -34.88
N GLU F 325 -41.30 -9.89 -36.19
CA GLU F 325 -41.11 -10.95 -37.17
C GLU F 325 -39.63 -11.21 -37.47
N LEU F 326 -38.90 -11.50 -36.39
CA LEU F 326 -37.66 -12.26 -36.47
C LEU F 326 -37.89 -13.51 -37.30
N SER F 327 -37.13 -13.67 -38.38
CA SER F 327 -37.43 -14.76 -39.29
C SER F 327 -36.63 -16.03 -39.03
N ALA F 328 -35.55 -15.96 -38.23
CA ALA F 328 -34.84 -17.16 -37.80
C ALA F 328 -34.34 -17.95 -39.00
N SER F 329 -33.50 -17.29 -39.81
CA SER F 329 -33.15 -17.76 -41.15
C SER F 329 -32.96 -19.27 -41.19
N HIS F 330 -33.64 -19.90 -42.14
CA HIS F 330 -34.01 -21.31 -42.04
C HIS F 330 -32.83 -22.26 -42.17
N ASN F 331 -31.64 -21.76 -42.51
CA ASN F 331 -30.49 -22.63 -42.75
C ASN F 331 -29.63 -22.83 -41.51
N ILE F 332 -30.19 -22.69 -40.31
CA ILE F 332 -29.47 -22.88 -39.07
C ILE F 332 -30.16 -23.97 -38.27
N THR F 333 -29.41 -25.02 -37.90
CA THR F 333 -29.94 -26.09 -37.06
C THR F 333 -29.83 -25.68 -35.58
N GLN F 334 -30.98 -25.58 -34.92
CA GLN F 334 -31.06 -25.20 -33.51
C GLN F 334 -31.25 -26.45 -32.67
N ILE F 335 -30.48 -26.57 -31.58
CA ILE F 335 -30.34 -27.85 -30.88
C ILE F 335 -30.72 -27.76 -29.39
N VAL F 336 -31.48 -26.75 -28.98
CA VAL F 336 -31.39 -26.23 -27.61
C VAL F 336 -31.38 -27.36 -26.58
N GLU F 337 -30.45 -27.29 -25.63
CA GLU F 337 -30.23 -28.34 -24.64
C GLU F 337 -30.44 -27.82 -23.22
N VAL F 338 -31.28 -28.52 -22.46
CA VAL F 338 -31.51 -28.24 -21.04
C VAL F 338 -30.29 -28.70 -20.25
N VAL F 339 -29.55 -27.75 -19.69
CA VAL F 339 -28.33 -28.02 -18.91
C VAL F 339 -28.38 -27.19 -17.63
N SER F 340 -27.32 -27.31 -16.82
CA SER F 340 -27.25 -26.59 -15.55
C SER F 340 -25.90 -25.88 -15.38
N ASP F 341 -25.66 -25.31 -14.19
CA ASP F 341 -24.50 -24.45 -13.99
C ASP F 341 -23.20 -25.24 -14.03
N PHE F 342 -23.22 -26.48 -13.52
CA PHE F 342 -22.04 -27.31 -13.41
C PHE F 342 -21.77 -28.12 -14.68
N GLU F 343 -22.80 -28.34 -15.49
CA GLU F 343 -22.73 -29.29 -16.59
C GLU F 343 -21.95 -28.75 -17.77
N LYS F 344 -21.86 -27.43 -17.89
CA LYS F 344 -21.08 -26.81 -18.95
C LYS F 344 -19.61 -26.87 -18.57
N ARG F 345 -18.76 -26.47 -19.51
CA ARG F 345 -17.31 -26.59 -19.50
C ARG F 345 -16.89 -28.02 -19.79
N ASP F 346 -17.84 -28.94 -19.91
CA ASP F 346 -17.64 -30.32 -20.35
C ASP F 346 -18.42 -30.61 -21.62
N ARG F 347 -19.63 -30.05 -21.72
CA ARG F 347 -20.36 -30.08 -22.97
C ARG F 347 -19.65 -29.21 -24.00
N LEU F 348 -18.98 -28.15 -23.54
CA LEU F 348 -18.22 -27.32 -24.46
C LEU F 348 -17.00 -28.05 -24.99
N ASN F 349 -16.29 -28.82 -24.15
CA ASN F 349 -15.23 -29.68 -24.68
C ASN F 349 -15.82 -30.72 -25.62
N LYS F 350 -17.02 -31.20 -25.31
CA LYS F 350 -17.66 -32.20 -26.15
C LYS F 350 -18.00 -31.63 -27.51
N TYR F 351 -18.51 -30.40 -27.55
CA TYR F 351 -18.84 -29.76 -28.80
C TYR F 351 -17.65 -29.06 -29.46
N LEU F 352 -16.57 -28.80 -28.72
CA LEU F 352 -15.39 -28.23 -29.35
C LEU F 352 -14.56 -29.30 -30.04
N GLU F 353 -14.41 -30.47 -29.41
CA GLU F 353 -13.71 -31.54 -30.10
C GLU F 353 -14.55 -32.10 -31.24
N THR F 354 -15.88 -31.99 -31.15
CA THR F 354 -16.72 -32.36 -32.27
C THR F 354 -16.55 -31.36 -33.42
N ALA F 355 -16.35 -30.09 -33.08
CA ALA F 355 -16.01 -29.10 -34.10
C ALA F 355 -14.57 -29.28 -34.57
N SER F 356 -13.68 -29.70 -33.66
CA SER F 356 -12.26 -29.85 -33.98
C SER F 356 -12.01 -30.83 -35.12
N GLN F 357 -12.94 -31.75 -35.37
CA GLN F 357 -12.68 -32.78 -36.37
C GLN F 357 -12.69 -32.21 -37.77
N ASP F 358 -13.60 -31.28 -38.06
CA ASP F 358 -13.54 -30.54 -39.31
C ASP F 358 -12.37 -29.56 -39.29
N ASN F 359 -11.91 -29.19 -40.48
CA ASN F 359 -10.81 -28.24 -40.63
C ASN F 359 -10.95 -27.52 -41.96
N GLU F 360 -10.97 -26.18 -41.90
CA GLU F 360 -10.79 -25.48 -40.65
C GLU F 360 -12.11 -24.97 -40.12
N TYR F 361 -12.52 -25.50 -38.97
CA TYR F 361 -13.75 -25.04 -38.33
C TYR F 361 -13.55 -23.62 -37.79
N LYS F 362 -14.67 -22.95 -37.53
CA LYS F 362 -14.66 -21.57 -37.08
C LYS F 362 -15.82 -21.39 -36.10
N THR F 363 -15.52 -21.40 -34.82
CA THR F 363 -16.54 -21.45 -33.77
C THR F 363 -16.62 -20.11 -33.03
N LEU F 364 -17.83 -19.73 -32.65
CA LEU F 364 -18.10 -18.47 -31.95
C LEU F 364 -18.92 -18.76 -30.71
N ILE F 365 -18.32 -18.59 -29.55
CA ILE F 365 -19.02 -18.77 -28.28
C ILE F 365 -19.56 -17.41 -27.83
N PHE F 366 -20.76 -17.42 -27.27
CA PHE F 366 -21.44 -16.20 -26.86
C PHE F 366 -21.70 -16.19 -25.36
N ALA F 367 -21.42 -15.05 -24.73
CA ALA F 367 -21.75 -14.79 -23.34
C ALA F 367 -22.44 -13.44 -23.23
N SER F 368 -23.08 -13.20 -22.09
CA SER F 368 -23.81 -11.96 -21.89
C SER F 368 -23.10 -10.97 -20.99
N THR F 369 -22.03 -11.39 -20.31
CA THR F 369 -21.22 -10.50 -19.48
C THR F 369 -19.79 -10.50 -20.02
N LYS F 370 -18.97 -9.57 -19.53
CA LYS F 370 -17.59 -9.54 -19.98
C LYS F 370 -16.67 -10.42 -19.14
N ARG F 371 -17.02 -10.66 -17.88
CA ARG F 371 -16.20 -11.50 -17.02
C ARG F 371 -16.62 -12.96 -17.08
N MET F 372 -17.67 -13.28 -17.83
CA MET F 372 -17.88 -14.65 -18.23
C MET F 372 -17.05 -14.98 -19.46
N CYS F 373 -16.67 -13.95 -20.23
CA CYS F 373 -15.72 -14.14 -21.31
C CYS F 373 -14.30 -14.16 -20.78
N ASP F 374 -14.07 -13.48 -19.65
CA ASP F 374 -12.79 -13.64 -18.96
C ASP F 374 -12.69 -14.97 -18.26
N ASP F 375 -13.83 -15.60 -17.95
CA ASP F 375 -13.80 -16.93 -17.37
C ASP F 375 -13.66 -18.00 -18.45
N ILE F 376 -14.48 -17.92 -19.50
CA ILE F 376 -14.44 -18.95 -20.55
C ILE F 376 -13.08 -18.97 -21.20
N THR F 377 -12.55 -17.80 -21.58
CA THR F 377 -11.24 -17.76 -22.22
C THR F 377 -10.13 -18.23 -21.29
N LYS F 378 -10.25 -17.91 -20.00
CA LYS F 378 -9.27 -18.39 -19.04
C LYS F 378 -9.36 -19.89 -18.84
N TYR F 379 -10.43 -20.52 -19.32
CA TYR F 379 -10.58 -21.97 -19.21
C TYR F 379 -10.22 -22.72 -20.49
N LEU F 380 -10.58 -22.20 -21.67
CA LEU F 380 -10.19 -22.90 -22.89
C LEU F 380 -8.69 -22.91 -23.04
N ARG F 381 -8.04 -21.76 -22.81
CA ARG F 381 -6.60 -21.66 -23.00
C ARG F 381 -5.84 -22.59 -22.08
N GLU F 382 -6.37 -22.85 -20.88
CA GLU F 382 -5.70 -23.78 -19.98
C GLU F 382 -5.98 -25.23 -20.32
N ASP F 383 -7.09 -25.52 -21.01
CA ASP F 383 -7.34 -26.88 -21.46
C ASP F 383 -6.64 -27.20 -22.76
N GLY F 384 -6.05 -26.20 -23.42
CA GLY F 384 -5.37 -26.38 -24.67
C GLY F 384 -6.13 -25.92 -25.88
N TRP F 385 -7.06 -24.99 -25.74
CA TRP F 385 -7.87 -24.49 -26.85
C TRP F 385 -7.43 -23.08 -27.21
N PRO F 386 -7.18 -22.80 -28.49
CA PRO F 386 -6.92 -21.41 -28.89
C PRO F 386 -8.18 -20.56 -28.78
N ALA F 387 -8.11 -19.51 -27.96
CA ALA F 387 -9.29 -18.70 -27.68
C ALA F 387 -8.95 -17.22 -27.76
N LEU F 388 -9.87 -16.46 -28.36
CA LEU F 388 -9.79 -15.00 -28.39
C LEU F 388 -11.12 -14.42 -27.92
N ALA F 389 -11.06 -13.22 -27.36
CA ALA F 389 -12.21 -12.63 -26.70
C ALA F 389 -12.45 -11.22 -27.19
N ILE F 390 -13.72 -10.82 -27.20
CA ILE F 390 -14.12 -9.44 -27.49
C ILE F 390 -15.24 -9.06 -26.52
N HIS F 391 -15.05 -7.97 -25.80
CA HIS F 391 -16.04 -7.47 -24.85
C HIS F 391 -16.08 -5.95 -24.98
N GLY F 392 -16.86 -5.31 -24.11
CA GLY F 392 -17.06 -3.88 -24.21
C GLY F 392 -15.91 -3.05 -23.68
N ASP F 393 -15.27 -3.52 -22.60
CA ASP F 393 -14.14 -2.76 -22.06
C ASP F 393 -12.89 -2.88 -22.92
N LYS F 394 -12.98 -3.52 -24.09
CA LYS F 394 -11.92 -3.55 -25.07
C LYS F 394 -12.04 -2.38 -26.04
N ASP F 395 -10.92 -2.04 -26.67
CA ASP F 395 -10.85 -0.93 -27.61
C ASP F 395 -11.10 -1.45 -29.02
N GLN F 396 -11.90 -0.69 -29.79
CA GLN F 396 -12.29 -1.10 -31.13
C GLN F 396 -11.12 -1.66 -31.94
N ARG F 397 -10.04 -0.88 -32.10
CA ARG F 397 -8.87 -1.36 -32.83
C ARG F 397 -8.27 -2.60 -32.18
N GLU F 398 -8.42 -2.74 -30.86
CA GLU F 398 -8.03 -3.98 -30.20
C GLU F 398 -9.00 -5.10 -30.55
N ARG F 399 -10.30 -4.78 -30.63
CA ARG F 399 -11.31 -5.72 -31.05
C ARG F 399 -11.33 -5.95 -32.55
N ASP F 400 -10.73 -5.05 -33.33
CA ASP F 400 -10.72 -5.21 -34.78
C ASP F 400 -9.58 -6.11 -35.22
N TRP F 401 -8.52 -6.20 -34.43
CA TRP F 401 -7.47 -7.17 -34.73
C TRP F 401 -7.95 -8.58 -34.42
N VAL F 402 -8.76 -8.74 -33.37
CA VAL F 402 -9.31 -10.05 -33.05
C VAL F 402 -10.30 -10.47 -34.12
N LEU F 403 -11.08 -9.51 -34.65
CA LEU F 403 -11.98 -9.83 -35.75
C LEU F 403 -11.22 -10.15 -37.03
N GLN F 404 -10.05 -9.54 -37.24
CA GLN F 404 -9.31 -9.83 -38.47
C GLN F 404 -8.68 -11.21 -38.40
N GLU F 405 -8.23 -11.64 -37.23
CA GLU F 405 -7.57 -12.93 -37.10
C GLU F 405 -8.56 -14.07 -37.08
N PHE F 406 -9.83 -13.77 -36.86
CA PHE F 406 -10.86 -14.78 -36.90
C PHE F 406 -11.34 -15.05 -38.32
N ARG F 407 -11.15 -14.10 -39.24
CA ARG F 407 -11.57 -14.33 -40.62
C ARG F 407 -10.53 -15.11 -41.41
N ASN F 408 -9.23 -14.79 -41.25
CA ASN F 408 -8.22 -15.56 -41.97
C ASN F 408 -7.97 -16.93 -41.35
N GLY F 409 -8.74 -17.31 -40.34
CA GLY F 409 -8.62 -18.63 -39.76
C GLY F 409 -7.38 -18.87 -38.93
N ARG F 410 -6.87 -17.84 -38.24
CA ARG F 410 -5.66 -18.04 -37.45
C ARG F 410 -5.95 -18.74 -36.12
N SER F 411 -7.17 -18.60 -35.60
CA SER F 411 -7.60 -19.32 -34.42
C SER F 411 -9.08 -19.62 -34.66
N PRO F 412 -9.51 -20.87 -34.46
CA PRO F 412 -10.89 -21.23 -34.82
C PRO F 412 -11.93 -20.81 -33.79
N ILE F 413 -11.53 -20.44 -32.58
CA ILE F 413 -12.49 -20.13 -31.51
C ILE F 413 -12.37 -18.66 -31.13
N MET F 414 -13.52 -18.03 -30.92
CA MET F 414 -13.59 -16.67 -30.39
C MET F 414 -14.81 -16.55 -29.49
N VAL F 415 -14.61 -16.04 -28.28
CA VAL F 415 -15.70 -15.76 -27.36
C VAL F 415 -16.08 -14.30 -27.50
N ALA F 416 -17.37 -14.01 -27.39
CA ALA F 416 -17.85 -12.66 -27.66
C ALA F 416 -19.02 -12.35 -26.74
N THR F 417 -19.27 -11.06 -26.56
CA THR F 417 -20.46 -10.57 -25.88
C THR F 417 -21.44 -10.07 -26.92
N ASP F 418 -22.64 -9.72 -26.45
CA ASP F 418 -23.67 -9.26 -27.38
C ASP F 418 -23.34 -7.89 -27.94
N VAL F 419 -22.80 -7.01 -27.09
CA VAL F 419 -22.47 -5.66 -27.54
C VAL F 419 -21.24 -5.67 -28.44
N ALA F 420 -20.26 -6.53 -28.14
CA ALA F 420 -19.06 -6.59 -28.97
C ALA F 420 -19.34 -7.23 -30.32
N ALA F 421 -20.21 -8.25 -30.35
CA ALA F 421 -20.53 -8.95 -31.59
C ALA F 421 -21.78 -8.34 -32.24
N ARG F 422 -21.68 -7.04 -32.54
CA ARG F 422 -22.80 -6.26 -33.02
C ARG F 422 -22.46 -5.70 -34.40
N GLY F 423 -23.23 -6.12 -35.40
CA GLY F 423 -22.98 -5.75 -36.77
C GLY F 423 -21.63 -6.23 -37.29
N ILE F 424 -21.40 -7.54 -37.25
CA ILE F 424 -20.18 -8.15 -37.77
C ILE F 424 -20.55 -9.12 -38.87
N ASP F 425 -19.72 -9.15 -39.92
CA ASP F 425 -19.88 -10.08 -41.03
C ASP F 425 -18.59 -10.88 -41.14
N VAL F 426 -18.52 -11.99 -40.42
CA VAL F 426 -17.39 -12.89 -40.48
C VAL F 426 -17.87 -14.20 -41.11
N LYS F 427 -17.71 -14.34 -42.42
CA LYS F 427 -18.24 -15.51 -43.10
C LYS F 427 -17.30 -16.70 -42.93
N GLY F 428 -17.89 -17.88 -42.78
CA GLY F 428 -17.15 -19.09 -42.53
C GLY F 428 -17.36 -19.71 -41.16
N ILE F 429 -18.40 -19.30 -40.44
CA ILE F 429 -18.57 -19.64 -39.04
C ILE F 429 -19.32 -20.95 -38.92
N ASN F 430 -18.66 -21.97 -38.38
CA ASN F 430 -19.34 -23.18 -37.96
C ASN F 430 -19.65 -23.12 -36.46
N TYR F 431 -20.69 -23.85 -36.04
CA TYR F 431 -20.88 -24.18 -34.64
C TYR F 431 -20.93 -22.96 -33.71
N VAL F 432 -21.91 -22.08 -33.93
CA VAL F 432 -22.08 -20.96 -33.01
C VAL F 432 -22.64 -21.48 -31.69
N ILE F 433 -21.90 -21.24 -30.61
CA ILE F 433 -22.26 -21.78 -29.30
C ILE F 433 -22.74 -20.67 -28.40
N ASN F 434 -23.96 -20.82 -27.86
CA ASN F 434 -24.49 -19.91 -26.85
C ASN F 434 -24.26 -20.52 -25.47
N TYR F 435 -23.07 -20.28 -24.92
CA TYR F 435 -22.76 -20.79 -23.59
C TYR F 435 -23.69 -20.18 -22.55
N ASP F 436 -24.01 -18.90 -22.71
CA ASP F 436 -25.12 -18.25 -22.01
C ASP F 436 -26.26 -17.99 -22.97
N MET F 437 -27.41 -17.65 -22.39
CA MET F 437 -28.60 -17.28 -23.13
C MET F 437 -28.93 -15.81 -22.86
N PRO F 438 -29.39 -15.06 -23.84
CA PRO F 438 -29.63 -13.63 -23.59
C PRO F 438 -30.88 -13.40 -22.76
N GLY F 439 -31.18 -12.13 -22.48
CA GLY F 439 -32.36 -11.78 -21.72
C GLY F 439 -33.59 -11.67 -22.60
N ASN F 440 -33.37 -11.56 -23.90
CA ASN F 440 -34.44 -11.34 -24.87
C ASN F 440 -34.30 -12.33 -26.02
N ILE F 441 -35.32 -12.35 -26.88
CA ILE F 441 -35.27 -13.18 -28.08
C ILE F 441 -34.80 -12.38 -29.29
N GLU F 442 -34.44 -11.11 -29.11
CA GLU F 442 -33.85 -10.35 -30.20
C GLU F 442 -32.36 -10.61 -30.32
N ASP F 443 -31.70 -10.91 -29.20
CA ASP F 443 -30.27 -11.19 -29.27
C ASP F 443 -30.02 -12.63 -29.72
N TYR F 444 -30.90 -13.55 -29.32
CA TYR F 444 -30.74 -14.95 -29.73
C TYR F 444 -30.73 -15.09 -31.25
N VAL F 445 -31.73 -14.52 -31.91
CA VAL F 445 -31.78 -14.61 -33.37
C VAL F 445 -30.58 -13.90 -33.98
N HIS F 446 -30.14 -12.81 -33.36
CA HIS F 446 -28.95 -12.13 -33.85
C HIS F 446 -27.67 -12.88 -33.48
N ARG F 447 -27.65 -13.55 -32.32
CA ARG F 447 -26.54 -14.41 -31.97
C ARG F 447 -26.38 -15.53 -32.99
N ILE F 448 -27.44 -16.32 -33.18
CA ILE F 448 -27.38 -17.43 -34.13
C ILE F 448 -27.45 -16.95 -35.57
N GLY F 449 -27.92 -15.73 -35.81
CA GLY F 449 -27.99 -15.18 -37.16
C GLY F 449 -26.64 -15.01 -37.81
N ARG F 450 -25.56 -15.23 -37.07
CA ARG F 450 -24.21 -15.11 -37.57
C ARG F 450 -23.75 -16.34 -38.35
N THR F 451 -24.66 -17.24 -38.74
CA THR F 451 -24.26 -18.46 -39.44
C THR F 451 -25.16 -18.70 -40.64
N GLY F 452 -24.60 -18.51 -41.83
CA GLY F 452 -25.12 -18.97 -43.10
C GLY F 452 -25.81 -17.88 -43.89
N ARG F 453 -25.13 -17.32 -44.89
CA ARG F 453 -25.75 -16.45 -45.87
C ARG F 453 -25.74 -17.03 -47.28
N ALA F 454 -24.57 -17.42 -47.77
CA ALA F 454 -24.35 -17.95 -49.11
C ALA F 454 -24.38 -19.47 -49.15
N GLY F 455 -23.54 -20.13 -48.35
CA GLY F 455 -23.53 -21.57 -48.31
C GLY F 455 -24.82 -22.15 -47.79
N ALA F 456 -25.56 -21.39 -46.99
CA ALA F 456 -26.90 -21.73 -46.54
C ALA F 456 -26.91 -23.05 -45.76
N THR F 457 -26.14 -23.07 -44.67
CA THR F 457 -26.15 -24.17 -43.73
C THR F 457 -25.36 -23.74 -42.49
N GLY F 458 -25.79 -24.23 -41.34
CA GLY F 458 -25.12 -23.89 -40.11
C GLY F 458 -25.79 -24.59 -38.95
N THR F 459 -25.08 -24.60 -37.82
CA THR F 459 -25.62 -25.12 -36.57
C THR F 459 -25.37 -24.12 -35.45
N ALA F 460 -26.24 -24.16 -34.45
CA ALA F 460 -26.18 -23.23 -33.33
C ALA F 460 -26.42 -24.01 -32.05
N ILE F 461 -25.41 -24.12 -31.20
CA ILE F 461 -25.49 -24.89 -29.96
C ILE F 461 -25.74 -23.94 -28.80
N SER F 462 -26.91 -24.06 -28.16
CA SER F 462 -27.26 -23.23 -27.02
C SER F 462 -27.40 -24.08 -25.77
N PHE F 463 -27.01 -23.52 -24.63
CA PHE F 463 -27.05 -24.16 -23.33
C PHE F 463 -28.14 -23.49 -22.51
N PHE F 464 -29.25 -24.19 -22.30
CA PHE F 464 -30.45 -23.59 -21.72
C PHE F 464 -30.69 -24.16 -20.33
N THR F 465 -31.24 -23.32 -19.44
CA THR F 465 -31.44 -23.64 -18.04
C THR F 465 -32.73 -22.99 -17.57
N GLU F 466 -33.26 -23.48 -16.45
CA GLU F 466 -34.62 -23.13 -16.05
C GLU F 466 -34.78 -21.66 -15.69
N GLN F 467 -33.70 -20.97 -15.35
CA GLN F 467 -33.79 -19.53 -15.11
C GLN F 467 -33.83 -18.72 -16.40
N ASN F 468 -34.02 -19.38 -17.55
CA ASN F 468 -34.22 -18.73 -18.83
C ASN F 468 -35.54 -19.13 -19.49
N LYS F 469 -36.46 -19.76 -18.74
CA LYS F 469 -37.68 -20.29 -19.33
C LYS F 469 -38.60 -19.20 -19.87
N GLY F 470 -38.52 -17.98 -19.34
CA GLY F 470 -39.39 -16.91 -19.77
C GLY F 470 -39.33 -16.60 -21.25
N LEU F 471 -38.26 -17.03 -21.93
CA LEU F 471 -38.15 -16.87 -23.36
C LEU F 471 -38.33 -18.19 -24.11
N GLY F 472 -38.47 -19.30 -23.40
CA GLY F 472 -38.62 -20.58 -24.08
C GLY F 472 -39.86 -20.62 -24.94
N ALA F 473 -40.97 -20.07 -24.44
CA ALA F 473 -42.25 -20.16 -25.15
C ALA F 473 -42.16 -19.55 -26.53
N LYS F 474 -41.50 -18.39 -26.64
CA LYS F 474 -41.24 -17.82 -27.96
C LYS F 474 -39.99 -18.40 -28.59
N LEU F 475 -39.13 -19.09 -27.82
CA LEU F 475 -37.97 -19.74 -28.42
C LEU F 475 -38.39 -20.91 -29.29
N ILE F 476 -39.38 -21.71 -28.85
CA ILE F 476 -39.80 -22.83 -29.69
C ILE F 476 -40.44 -22.29 -30.96
N SER F 477 -41.13 -21.15 -30.88
CA SER F 477 -41.75 -20.59 -32.07
C SER F 477 -40.70 -20.04 -33.04
N ILE F 478 -39.49 -19.77 -32.55
CA ILE F 478 -38.39 -19.45 -33.45
C ILE F 478 -37.83 -20.72 -34.09
N MET F 479 -37.81 -21.81 -33.33
CA MET F 479 -37.44 -23.10 -33.90
C MET F 479 -38.56 -23.68 -34.74
N ARG F 480 -39.80 -23.36 -34.39
CA ARG F 480 -40.98 -23.94 -35.05
C ARG F 480 -41.29 -23.25 -36.37
N GLU F 481 -40.88 -21.99 -36.53
CA GLU F 481 -41.01 -21.35 -37.83
C GLU F 481 -39.88 -21.75 -38.77
N ALA F 482 -38.68 -21.95 -38.24
CA ALA F 482 -37.53 -22.37 -39.04
C ALA F 482 -37.50 -23.86 -39.26
N ASN F 483 -38.61 -24.54 -38.94
CA ASN F 483 -38.77 -25.97 -39.09
C ASN F 483 -37.58 -26.73 -38.52
N GLN F 484 -37.21 -26.39 -37.28
CA GLN F 484 -36.19 -27.12 -36.56
C GLN F 484 -36.84 -28.13 -35.63
N ASN F 485 -36.11 -29.20 -35.33
CA ASN F 485 -36.62 -30.19 -34.39
C ASN F 485 -36.55 -29.62 -32.98
N ILE F 486 -37.54 -29.97 -32.16
CA ILE F 486 -37.64 -29.49 -30.79
C ILE F 486 -37.54 -30.68 -29.86
N PRO F 487 -36.64 -30.67 -28.88
CA PRO F 487 -36.52 -31.80 -27.96
C PRO F 487 -37.71 -31.87 -27.03
N PRO F 488 -38.15 -33.08 -26.67
CA PRO F 488 -39.26 -33.20 -25.71
C PRO F 488 -39.01 -32.52 -24.38
N GLU F 489 -37.76 -32.26 -24.02
CA GLU F 489 -37.47 -31.61 -22.75
C GLU F 489 -37.46 -30.10 -22.87
N LEU F 490 -37.62 -29.57 -24.08
CA LEU F 490 -37.87 -28.14 -24.24
C LEU F 490 -39.35 -27.83 -24.31
N LEU F 491 -40.20 -28.84 -24.57
CA LEU F 491 -41.64 -28.63 -24.51
C LEU F 491 -42.12 -28.43 -23.08
N LYS F 492 -41.25 -28.61 -22.09
CA LYS F 492 -41.60 -28.34 -20.70
C LYS F 492 -41.78 -26.85 -20.45
N TYR F 493 -41.27 -26.01 -21.34
CA TYR F 493 -41.28 -24.56 -21.19
C TYR F 493 -42.12 -23.91 -22.29
N ASP F 494 -43.27 -24.51 -22.62
CA ASP F 494 -44.12 -24.03 -23.68
C ASP F 494 -45.53 -23.66 -23.23
N ARG F 495 -45.97 -24.11 -22.07
CA ARG F 495 -47.34 -23.82 -21.66
C ARG F 495 -47.48 -22.36 -21.23
N ARG F 496 -48.73 -21.87 -21.30
CA ARG F 496 -49.15 -20.51 -20.92
C ARG F 496 -48.03 -19.50 -20.66
#